data_7LJT
#
_entry.id   7LJT
#
_cell.length_a   82.251
_cell.length_b   158.861
_cell.length_c   162.100
_cell.angle_alpha   90.000
_cell.angle_beta   95.710
_cell.angle_gamma   90.000
#
_symmetry.space_group_name_H-M   'P 1 21 1'
#
loop_
_entity.id
_entity.type
_entity.pdbx_description
1 polymer 'Dihydropyrimidine dehydrogenase [NADP(+)]'
2 non-polymer 'IRON/SULFUR CLUSTER'
3 non-polymer 'FLAVIN-ADENINE DINUCLEOTIDE'
4 non-polymer 'FLAVIN MONONUCLEOTIDE'
5 non-polymer 5-ethynylpyrimidine-2,4(1H,3H)-dione
6 non-polymer 'NADP NICOTINAMIDE-ADENINE-DINUCLEOTIDE PHOSPHATE'
7 water water
#
_entity_poly.entity_id   1
_entity_poly.type   'polypeptide(L)'
_entity_poly.pdbx_seq_one_letter_code
;MAPVLSKDVADIESILALNPRTQSHAALHSTLAKKLDKKHWKRNPDKNCFHCEKLENNFDDIKHTTLGERGALREAMRCL
KCADAPCQKSCPTHLDIKSFITSISNKNYYGAAKMIFSDNPLGLTCGMVCPTSDLCVGGCNLYATEEGSINIGGLQQFAS
EVFKAMNIPQIRNPCLPSQEKMPEAYSAKIALLGAGPASISCASFLARLGYSDITIFEKQEYVGGLSTSEIPQFRLPYDV
VNFEIELMKDLGVKIICGKSLSENEITLNTLKEEGYKAAFIGIGLPEPKTDDIFQGLTQDQGFYTSKDFLPLVAKSSKAG
MCACHSPLPSIRGAVIVLGAGDTAFDCATSALRCGARRVFLVFRKGFVNIRAVPEEVELAKEEKCEFLPFLSPRKVIVKG
GRIVAVQFVRTEQDETGKWNEDEDQIVHLKADVVISAFGSVLRDPKVKEALSPIKFNRWDLPEVDPETMQTSEPWVFAGG
DIVGMANTTVESVNDGKQASWYIHKYIQAQYGASVSAKPELPLFYTPVDLVDISVEMAGLKFINPFGLASAAPTTSSSMI
RRAFEAGWGFALTKTFSLDKDIVTNVSPRIVRGTTSGPMYGPGQSSFLNIELISEKTAAYWCQSVTELKADFPDNIVIAS
IMCSYNKNDWMELSRKAEASGADALELNLSCPHGMGERGMGLACGQDPELVRNICRWVRQAVQIPFFAKLTPNVTDIVSI
ARAAKEGGADGVTATNTVSGLMGLKADGTPWPAVGAGKRTTYGGVSGTAIRPIALRAVTTIARALPGFPILATGGIDSAE
SGLQFLHSGASVLQVCSAVQNQDFTVIQDYCTGLKALLYLKSIEELQGWDGQSPGTESHQKGKPVPRIAELMGKKLPNFG
PYLEQRKKIIAEEKMRLKEQNAAFPPLERKPFIPKKPIPAIKDVIGKALQYLGTFGELSNIEQVVAVIDEEMCINCGKCY
MTCNDSGYQAIQFDPETHLPTVTDTCTGCTLCLSVCPIIDCIRMVSRTTPYEPKRGLPLAVNPVC
;
_entity_poly.pdbx_strand_id   A,B,C,D
#
# COMPACT_ATOMS: atom_id res chain seq x y z
N ALA A 2 14.22 -5.59 -54.82
CA ALA A 2 14.00 -4.39 -54.01
C ALA A 2 14.04 -3.13 -54.90
N PRO A 3 13.47 -2.05 -54.41
CA PRO A 3 13.68 -0.75 -55.05
C PRO A 3 14.76 0.03 -54.31
N VAL A 4 14.66 1.36 -54.29
CA VAL A 4 15.55 2.20 -53.49
C VAL A 4 14.90 2.38 -52.12
N LEU A 5 15.47 1.72 -51.12
CA LEU A 5 14.85 1.72 -49.79
C LEU A 5 14.95 3.08 -49.10
N SER A 6 15.97 3.88 -49.42
CA SER A 6 16.30 5.11 -48.71
C SER A 6 15.79 6.36 -49.41
N LYS A 7 14.80 6.23 -50.30
CA LYS A 7 14.12 7.34 -50.93
C LYS A 7 12.63 7.24 -50.64
N ASP A 8 11.97 8.40 -50.50
CA ASP A 8 10.53 8.41 -50.29
C ASP A 8 9.81 8.05 -51.58
N VAL A 9 8.85 7.14 -51.49
CA VAL A 9 7.92 6.90 -52.59
C VAL A 9 7.12 8.19 -52.89
N ALA A 10 6.59 8.26 -54.12
CA ALA A 10 5.80 9.41 -54.57
C ALA A 10 4.76 9.85 -53.52
N ASP A 11 4.03 8.90 -52.94
CA ASP A 11 2.96 9.29 -52.03
C ASP A 11 3.53 9.92 -50.77
N ILE A 12 4.67 9.43 -50.28
CA ILE A 12 5.30 10.06 -49.13
C ILE A 12 5.86 11.42 -49.52
N GLU A 13 6.52 11.50 -50.70
CA GLU A 13 7.03 12.78 -51.18
C GLU A 13 5.97 13.87 -51.14
N SER A 14 4.73 13.51 -51.50
CA SER A 14 3.70 14.53 -51.55
C SER A 14 3.17 14.87 -50.15
N ILE A 15 3.12 13.90 -49.22
CA ILE A 15 2.81 14.24 -47.83
C ILE A 15 3.84 15.23 -47.28
N LEU A 16 5.11 15.06 -47.65
CA LEU A 16 6.19 15.92 -47.19
C LEU A 16 6.23 17.28 -47.89
N ALA A 17 5.21 17.63 -48.67
CA ALA A 17 5.26 18.82 -49.53
C ALA A 17 5.52 20.10 -48.74
N LEU A 18 4.88 20.26 -47.59
CA LEU A 18 5.09 21.47 -46.79
C LEU A 18 6.18 21.33 -45.73
N ASN A 19 6.96 20.26 -45.75
CA ASN A 19 8.02 20.08 -44.76
C ASN A 19 9.13 21.11 -44.99
N PRO A 20 9.64 21.76 -43.93
CA PRO A 20 10.70 22.75 -44.12
C PRO A 20 11.94 22.16 -44.79
N ARG A 21 12.53 22.94 -45.69
CA ARG A 21 13.76 22.56 -46.37
C ARG A 21 14.74 23.73 -46.35
N THR A 22 16.03 23.41 -46.39
CA THR A 22 17.05 24.44 -46.34
C THR A 22 17.12 25.17 -47.68
N GLN A 23 17.48 26.45 -47.61
CA GLN A 23 17.37 27.38 -48.73
C GLN A 23 18.73 27.72 -49.28
N SER A 24 18.88 27.63 -50.60
CA SER A 24 20.11 28.01 -51.25
C SER A 24 20.01 29.34 -51.99
N HIS A 25 18.82 29.93 -52.07
CA HIS A 25 18.61 31.14 -52.86
C HIS A 25 17.54 32.00 -52.20
N ALA A 26 17.51 33.27 -52.60
CA ALA A 26 16.48 34.21 -52.15
C ALA A 26 15.21 34.05 -52.97
N ALA A 27 14.06 34.27 -52.32
CA ALA A 27 12.75 33.95 -52.90
C ALA A 27 12.16 35.12 -53.67
N LEU A 28 11.73 34.87 -54.91
CA LEU A 28 11.09 35.89 -55.74
C LEU A 28 9.57 35.81 -55.61
N HIS A 29 8.95 36.89 -55.14
CA HIS A 29 7.50 36.96 -55.04
C HIS A 29 7.11 38.40 -55.33
N SER A 30 6.31 38.67 -56.36
CA SER A 30 6.00 40.06 -56.68
C SER A 30 5.16 40.69 -55.59
N THR A 31 5.26 42.01 -55.49
CA THR A 31 4.53 42.73 -54.44
C THR A 31 3.03 42.56 -54.60
N LEU A 32 2.57 42.53 -55.86
CA LEU A 32 1.15 42.34 -56.12
C LEU A 32 0.68 40.97 -55.63
N ALA A 33 1.47 39.93 -55.89
CA ALA A 33 1.10 38.60 -55.42
C ALA A 33 1.08 38.55 -53.91
N LYS A 34 2.00 39.27 -53.26
CA LYS A 34 2.01 39.31 -51.81
C LYS A 34 0.76 40.01 -51.28
N LYS A 35 0.31 41.08 -51.94
CA LYS A 35 -0.90 41.76 -51.52
C LYS A 35 -2.11 40.84 -51.64
N LEU A 36 -2.18 40.04 -52.71
CA LEU A 36 -3.35 39.21 -52.93
C LEU A 36 -3.33 37.94 -52.10
N ASP A 37 -2.21 37.60 -51.44
CA ASP A 37 -2.12 36.41 -50.59
C ASP A 37 -2.22 36.72 -49.10
N LYS A 38 -1.87 37.94 -48.69
CA LYS A 38 -1.97 38.34 -47.30
C LYS A 38 -3.34 38.05 -46.71
N LYS A 39 -4.41 38.31 -47.48
CA LYS A 39 -5.77 38.14 -46.99
C LYS A 39 -6.04 36.69 -46.57
N HIS A 40 -5.39 35.72 -47.22
CA HIS A 40 -5.72 34.32 -46.93
C HIS A 40 -5.37 33.95 -45.49
N TRP A 41 -4.31 34.52 -44.91
CA TRP A 41 -3.78 34.09 -43.63
C TRP A 41 -4.15 35.01 -42.47
N LYS A 42 -4.90 36.08 -42.71
CA LYS A 42 -5.13 37.13 -41.72
C LYS A 42 -5.79 36.61 -40.45
N ARG A 43 -5.13 36.81 -39.31
CA ARG A 43 -5.66 36.45 -37.98
C ARG A 43 -6.33 37.60 -37.24
N ASN A 44 -5.80 38.83 -37.39
CA ASN A 44 -6.12 39.93 -36.48
C ASN A 44 -7.02 40.93 -37.20
N PRO A 45 -7.46 42.01 -36.55
CA PRO A 45 -8.28 42.99 -37.26
C PRO A 45 -7.56 43.59 -38.45
N ASP A 46 -8.36 43.97 -39.44
CA ASP A 46 -7.86 44.52 -40.69
C ASP A 46 -8.03 46.04 -40.66
N LYS A 47 -6.92 46.78 -40.74
CA LYS A 47 -7.01 48.23 -40.63
C LYS A 47 -7.95 48.81 -41.69
N ASN A 48 -8.12 48.11 -42.82
CA ASN A 48 -9.01 48.57 -43.89
C ASN A 48 -10.48 48.23 -43.63
N CYS A 49 -10.79 47.46 -42.60
CA CYS A 49 -12.18 47.05 -42.31
C CYS A 49 -12.91 48.21 -41.65
N PHE A 50 -13.78 48.87 -42.41
CA PHE A 50 -14.61 49.97 -41.91
C PHE A 50 -15.91 49.46 -41.29
N HIS A 51 -16.02 48.16 -41.00
CA HIS A 51 -17.33 47.51 -40.92
C HIS A 51 -17.34 46.54 -39.76
N CYS A 52 -18.12 46.85 -38.74
CA CYS A 52 -18.31 45.92 -37.62
C CYS A 52 -19.00 44.65 -38.11
N GLU A 53 -18.46 43.48 -37.72
CA GLU A 53 -19.22 42.26 -37.84
C GLU A 53 -20.53 42.38 -37.05
N LYS A 54 -21.49 41.51 -37.33
CA LYS A 54 -22.81 41.62 -36.71
C LYS A 54 -22.82 40.94 -35.35
N LEU A 55 -23.45 41.61 -34.37
CA LEU A 55 -23.41 41.16 -32.99
C LEU A 55 -24.79 41.14 -32.35
N GLU A 56 -25.83 41.38 -33.12
CA GLU A 56 -27.19 41.33 -32.60
C GLU A 56 -27.42 40.02 -31.87
N ASN A 57 -27.87 40.11 -30.62
CA ASN A 57 -28.19 38.97 -29.75
C ASN A 57 -26.98 38.09 -29.43
N ASN A 58 -25.75 38.59 -29.62
CA ASN A 58 -24.54 37.84 -29.32
C ASN A 58 -23.99 38.32 -27.97
N PHE A 59 -24.24 37.54 -26.92
CA PHE A 59 -23.81 37.89 -25.57
C PHE A 59 -22.62 37.05 -25.10
N ASP A 60 -21.81 36.54 -26.02
CA ASP A 60 -20.63 35.80 -25.62
C ASP A 60 -19.56 36.72 -25.07
N ASP A 61 -18.73 36.15 -24.21
CA ASP A 61 -17.58 36.79 -23.59
C ASP A 61 -16.68 37.44 -24.64
N ILE A 62 -16.51 38.76 -24.54
CA ILE A 62 -15.58 39.51 -25.36
C ILE A 62 -14.34 39.95 -24.60
N LYS A 63 -14.19 39.53 -23.34
CA LYS A 63 -13.07 40.00 -22.53
C LYS A 63 -11.74 39.54 -23.12
N HIS A 64 -10.80 40.47 -23.22
CA HIS A 64 -9.46 40.16 -23.67
C HIS A 64 -8.69 39.33 -22.66
N THR A 65 -9.08 39.38 -21.37
CA THR A 65 -8.28 38.80 -20.29
C THR A 65 -8.65 37.36 -19.91
N THR A 66 -9.73 36.79 -20.46
CA THR A 66 -10.11 35.41 -20.12
C THR A 66 -8.98 34.44 -20.47
N LEU A 67 -8.81 33.42 -19.61
CA LEU A 67 -7.73 32.44 -19.73
C LEU A 67 -8.30 31.03 -19.60
N GLY A 68 -7.73 30.12 -20.41
CA GLY A 68 -7.87 28.70 -20.17
C GLY A 68 -6.71 28.21 -19.34
N GLU A 69 -6.73 26.91 -19.01
CA GLU A 69 -5.67 26.38 -18.16
C GLU A 69 -4.30 26.55 -18.83
N ARG A 70 -4.21 26.22 -20.12
CA ARG A 70 -2.92 26.33 -20.80
C ARG A 70 -2.36 27.74 -20.71
N GLY A 71 -3.18 28.75 -21.02
CA GLY A 71 -2.75 30.12 -20.89
C GLY A 71 -2.49 30.58 -19.47
N ALA A 72 -3.26 30.06 -18.50
CA ALA A 72 -3.11 30.51 -17.12
C ALA A 72 -1.80 30.02 -16.52
N LEU A 73 -1.50 28.73 -16.71
CA LEU A 73 -0.24 28.16 -16.27
C LEU A 73 0.94 28.95 -16.83
N ARG A 74 0.90 29.28 -18.11
CA ARG A 74 2.02 29.98 -18.74
C ARG A 74 2.21 31.36 -18.13
N GLU A 75 1.12 32.12 -17.96
CA GLU A 75 1.23 33.45 -17.38
C GLU A 75 1.60 33.41 -15.88
N ALA A 76 1.04 32.45 -15.13
CA ALA A 76 1.43 32.31 -13.73
C ALA A 76 2.90 31.96 -13.58
N MET A 77 3.40 31.12 -14.47
CA MET A 77 4.82 30.75 -14.46
C MET A 77 5.69 32.00 -14.68
N ARG A 78 5.19 32.95 -15.47
CA ARG A 78 5.90 34.17 -15.84
C ARG A 78 6.00 35.19 -14.70
N CYS A 79 4.98 35.24 -13.84
CA CYS A 79 4.95 36.20 -12.73
C CYS A 79 6.20 36.02 -11.88
N LEU A 80 6.78 37.15 -11.43
CA LEU A 80 8.00 37.13 -10.62
C LEU A 80 7.72 36.79 -9.15
N LYS A 81 6.46 36.88 -8.72
CA LYS A 81 6.07 36.48 -7.36
C LYS A 81 6.87 37.28 -6.34
N CYS A 82 6.70 38.61 -6.43
CA CYS A 82 7.60 39.59 -5.86
C CYS A 82 7.42 39.73 -4.35
N ALA A 83 8.50 40.13 -3.67
CA ALA A 83 8.40 40.54 -2.27
C ALA A 83 7.67 41.86 -2.18
N ASP A 84 6.85 42.02 -1.13
CA ASP A 84 6.16 43.29 -0.83
C ASP A 84 5.49 43.84 -2.08
N ALA A 85 4.81 42.95 -2.80
CA ALA A 85 4.44 43.18 -4.19
C ALA A 85 3.66 44.47 -4.36
N PRO A 86 4.00 45.30 -5.35
CA PRO A 86 3.26 46.55 -5.57
C PRO A 86 1.89 46.31 -6.20
N CYS A 87 1.71 45.19 -6.93
CA CYS A 87 0.37 44.86 -7.41
C CYS A 87 -0.61 44.75 -6.23
N GLN A 88 -0.18 44.08 -5.16
CA GLN A 88 -0.99 43.99 -3.96
C GLN A 88 -1.18 45.37 -3.31
N LYS A 89 -0.12 46.18 -3.28
CA LYS A 89 -0.27 47.55 -2.79
C LYS A 89 -1.38 48.27 -3.53
N SER A 90 -1.48 48.04 -4.83
CA SER A 90 -2.41 48.72 -5.74
C SER A 90 -3.78 48.05 -5.84
N CYS A 91 -4.03 46.95 -5.07
CA CYS A 91 -5.33 46.29 -5.06
C CYS A 91 -6.15 46.82 -3.91
N PRO A 92 -7.35 47.35 -4.14
CA PRO A 92 -8.11 47.95 -3.01
C PRO A 92 -8.54 46.94 -1.94
N THR A 93 -8.63 45.64 -2.25
CA THR A 93 -8.86 44.65 -1.22
C THR A 93 -7.57 43.95 -0.76
N HIS A 94 -6.40 44.43 -1.22
CA HIS A 94 -5.10 43.95 -0.73
C HIS A 94 -4.88 42.45 -0.90
N LEU A 95 -5.32 41.89 -2.02
CA LEU A 95 -5.12 40.46 -2.24
C LEU A 95 -3.65 40.08 -2.25
N ASP A 96 -3.35 38.90 -1.69
CA ASP A 96 -2.00 38.34 -1.76
C ASP A 96 -1.80 37.75 -3.16
N ILE A 97 -1.54 38.65 -4.11
CA ILE A 97 -1.42 38.26 -5.52
C ILE A 97 -0.23 37.33 -5.72
N LYS A 98 0.92 37.65 -5.09
CA LYS A 98 2.07 36.75 -5.12
C LYS A 98 1.67 35.33 -4.78
N SER A 99 0.98 35.13 -3.66
CA SER A 99 0.65 33.79 -3.22
C SER A 99 -0.33 33.12 -4.18
N PHE A 100 -1.41 33.82 -4.56
CA PHE A 100 -2.43 33.12 -5.34
C PHE A 100 -1.92 32.78 -6.74
N ILE A 101 -1.09 33.64 -7.35
CA ILE A 101 -0.51 33.30 -8.64
C ILE A 101 0.54 32.20 -8.49
N THR A 102 1.29 32.21 -7.39
CA THR A 102 2.17 31.08 -7.08
C THR A 102 1.39 29.77 -7.08
N SER A 103 0.23 29.77 -6.43
CA SER A 103 -0.57 28.55 -6.38
C SER A 103 -1.04 28.13 -7.75
N ILE A 104 -1.43 29.09 -8.59
CA ILE A 104 -1.81 28.75 -9.97
C ILE A 104 -0.65 28.10 -10.72
N SER A 105 0.58 28.63 -10.57
CA SER A 105 1.72 28.03 -11.27
C SER A 105 1.98 26.59 -10.82
N ASN A 106 1.65 26.26 -9.58
CA ASN A 106 1.80 24.93 -9.00
C ASN A 106 0.58 24.02 -9.22
N LYS A 107 -0.38 24.45 -10.04
CA LYS A 107 -1.64 23.74 -10.35
C LYS A 107 -2.59 23.66 -9.17
N ASN A 108 -2.38 24.45 -8.12
CA ASN A 108 -3.23 24.38 -6.92
C ASN A 108 -4.32 25.45 -7.02
N TYR A 109 -5.32 25.16 -7.84
CA TYR A 109 -6.34 26.18 -8.08
C TYR A 109 -7.21 26.44 -6.86
N TYR A 110 -7.44 25.42 -6.00
CA TYR A 110 -8.19 25.65 -4.77
C TYR A 110 -7.46 26.63 -3.85
N GLY A 111 -6.15 26.44 -3.65
CA GLY A 111 -5.40 27.37 -2.82
C GLY A 111 -5.43 28.79 -3.34
N ALA A 112 -5.29 28.95 -4.66
CA ALA A 112 -5.38 30.29 -5.25
C ALA A 112 -6.74 30.91 -4.97
N ALA A 113 -7.82 30.16 -5.20
CA ALA A 113 -9.15 30.71 -4.96
C ALA A 113 -9.37 31.01 -3.49
N LYS A 114 -8.88 30.14 -2.59
CA LYS A 114 -9.05 30.41 -1.16
C LYS A 114 -8.37 31.72 -0.78
N MET A 115 -7.21 31.98 -1.34
CA MET A 115 -6.44 33.19 -1.06
C MET A 115 -7.17 34.41 -1.61
N ILE A 116 -7.83 34.25 -2.77
CA ILE A 116 -8.57 35.34 -3.39
C ILE A 116 -9.82 35.68 -2.57
N PHE A 117 -10.65 34.69 -2.28
CA PHE A 117 -11.89 34.98 -1.57
C PHE A 117 -11.65 35.34 -0.11
N SER A 118 -10.51 34.93 0.49
CA SER A 118 -10.20 35.38 1.85
C SER A 118 -10.26 36.89 1.96
N ASP A 119 -9.72 37.59 0.99
CA ASP A 119 -9.69 39.04 1.06
C ASP A 119 -10.74 39.70 0.16
N ASN A 120 -11.41 38.96 -0.71
CA ASN A 120 -12.41 39.52 -1.63
C ASN A 120 -13.54 38.52 -1.85
N PRO A 121 -14.69 38.68 -1.17
CA PRO A 121 -15.79 37.71 -1.31
C PRO A 121 -16.44 37.72 -2.68
N LEU A 122 -16.06 38.65 -3.56
CA LEU A 122 -16.55 38.72 -4.93
C LEU A 122 -15.38 38.52 -5.89
N GLY A 123 -14.53 37.55 -5.57
CA GLY A 123 -13.29 37.40 -6.28
C GLY A 123 -13.46 37.05 -7.75
N LEU A 124 -14.49 36.27 -8.09
CA LEU A 124 -14.68 35.93 -9.50
C LEU A 124 -15.19 37.14 -10.26
N THR A 125 -16.22 37.82 -9.72
CA THR A 125 -16.71 39.05 -10.33
C THR A 125 -15.57 40.02 -10.61
N CYS A 126 -14.70 40.22 -9.62
CA CYS A 126 -13.64 41.20 -9.77
C CYS A 126 -12.57 40.77 -10.77
N GLY A 127 -12.22 39.49 -10.83
CA GLY A 127 -11.24 39.09 -11.81
C GLY A 127 -11.75 39.35 -13.22
N MET A 128 -13.08 39.35 -13.37
CA MET A 128 -13.69 39.57 -14.65
C MET A 128 -13.77 41.07 -14.97
N VAL A 129 -14.10 41.91 -14.00
CA VAL A 129 -14.49 43.29 -14.31
C VAL A 129 -13.54 44.35 -13.76
N CYS A 130 -12.55 44.01 -12.95
CA CYS A 130 -11.66 45.05 -12.41
C CYS A 130 -10.94 45.80 -13.53
N PRO A 131 -10.97 47.15 -13.51
CA PRO A 131 -10.11 47.92 -14.42
C PRO A 131 -8.65 47.86 -14.00
N THR A 132 -8.00 46.70 -14.19
CA THR A 132 -6.70 46.43 -13.58
C THR A 132 -5.64 47.42 -14.01
N SER A 133 -5.75 47.98 -15.21
CA SER A 133 -4.75 48.95 -15.68
C SER A 133 -4.69 50.18 -14.77
N ASP A 134 -5.79 50.48 -14.09
CA ASP A 134 -5.84 51.56 -13.11
C ASP A 134 -5.63 51.07 -11.69
N LEU A 135 -5.48 49.76 -11.49
CA LEU A 135 -5.37 49.18 -10.17
C LEU A 135 -4.11 48.33 -10.04
N CYS A 136 -4.27 47.01 -9.85
CA CYS A 136 -3.14 46.13 -9.56
C CYS A 136 -2.15 46.05 -10.72
N VAL A 137 -2.66 45.88 -11.94
CA VAL A 137 -1.74 45.72 -13.06
C VAL A 137 -0.95 47.01 -13.30
N GLY A 138 -1.53 48.14 -12.91
CA GLY A 138 -0.83 49.41 -13.04
C GLY A 138 0.44 49.52 -12.20
N GLY A 139 0.57 48.72 -11.15
CA GLY A 139 1.78 48.69 -10.35
C GLY A 139 2.70 47.50 -10.59
N CYS A 140 2.44 46.67 -11.60
CA CYS A 140 3.18 45.42 -11.76
C CYS A 140 4.63 45.69 -12.18
N ASN A 141 5.57 45.11 -11.43
CA ASN A 141 6.98 45.27 -11.77
C ASN A 141 7.29 44.84 -13.20
N LEU A 142 6.59 43.83 -13.71
CA LEU A 142 6.90 43.32 -15.04
C LEU A 142 6.52 44.29 -16.16
N TYR A 143 5.84 45.40 -15.83
CA TYR A 143 5.72 46.49 -16.79
C TYR A 143 7.08 46.96 -17.28
N ALA A 144 8.12 46.80 -16.47
CA ALA A 144 9.45 47.24 -16.87
C ALA A 144 10.19 46.20 -17.70
N THR A 145 9.47 45.23 -18.27
CA THR A 145 10.01 44.33 -19.29
C THR A 145 9.26 44.52 -20.61
N GLU A 146 9.92 44.13 -21.72
CA GLU A 146 9.32 44.33 -23.04
C GLU A 146 8.02 43.54 -23.17
N GLU A 147 7.93 42.36 -22.54
CA GLU A 147 6.72 41.56 -22.64
C GLU A 147 5.59 42.05 -21.71
N GLY A 148 5.87 42.97 -20.77
CA GLY A 148 4.82 43.69 -20.07
C GLY A 148 4.24 43.01 -18.83
N SER A 149 3.30 43.73 -18.22
CA SER A 149 2.70 43.35 -16.94
C SER A 149 1.87 42.06 -17.04
N ILE A 150 1.62 41.48 -15.87
CA ILE A 150 0.92 40.22 -15.74
C ILE A 150 -0.57 40.44 -15.88
N ASN A 151 -1.26 39.49 -16.53
CA ASN A 151 -2.73 39.47 -16.62
C ASN A 151 -3.28 38.97 -15.29
N ILE A 152 -3.34 39.87 -14.30
CA ILE A 152 -3.74 39.46 -12.95
C ILE A 152 -5.22 39.13 -12.91
N GLY A 153 -6.05 39.95 -13.53
CA GLY A 153 -7.49 39.71 -13.47
C GLY A 153 -7.86 38.39 -14.10
N GLY A 154 -7.23 38.08 -15.24
CA GLY A 154 -7.52 36.81 -15.91
C GLY A 154 -7.07 35.63 -15.10
N LEU A 155 -5.93 35.75 -14.40
CA LEU A 155 -5.51 34.66 -13.54
C LEU A 155 -6.48 34.48 -12.37
N GLN A 156 -6.93 35.59 -11.77
CA GLN A 156 -7.92 35.52 -10.70
C GLN A 156 -9.23 34.90 -11.19
N GLN A 157 -9.65 35.25 -12.42
CA GLN A 157 -10.85 34.66 -13.00
C GLN A 157 -10.70 33.15 -13.13
N PHE A 158 -9.56 32.70 -13.69
CA PHE A 158 -9.37 31.30 -13.97
C PHE A 158 -9.44 30.45 -12.70
N ALA A 159 -8.68 30.84 -11.66
CA ALA A 159 -8.68 30.05 -10.42
C ALA A 159 -10.06 30.03 -9.79
N SER A 160 -10.73 31.19 -9.75
CA SER A 160 -12.06 31.26 -9.18
C SER A 160 -13.06 30.47 -10.01
N GLU A 161 -12.88 30.45 -11.34
CA GLU A 161 -13.78 29.69 -12.18
C GLU A 161 -13.60 28.20 -11.94
N VAL A 162 -12.35 27.77 -11.73
CA VAL A 162 -12.13 26.37 -11.38
C VAL A 162 -12.80 26.03 -10.07
N PHE A 163 -12.59 26.88 -9.05
CA PHE A 163 -13.17 26.63 -7.73
C PHE A 163 -14.69 26.59 -7.81
N LYS A 164 -15.27 27.44 -8.67
CA LYS A 164 -16.70 27.40 -8.87
C LYS A 164 -17.16 26.04 -9.38
N ALA A 165 -16.48 25.51 -10.42
CA ALA A 165 -16.88 24.22 -10.98
C ALA A 165 -16.76 23.11 -9.95
N MET A 166 -15.88 23.30 -8.96
CA MET A 166 -15.62 22.29 -7.95
C MET A 166 -16.85 22.07 -7.08
N ASN A 167 -17.71 23.10 -6.98
CA ASN A 167 -18.96 23.02 -6.21
C ASN A 167 -18.72 22.62 -4.77
N ILE A 168 -17.76 23.30 -4.16
CA ILE A 168 -17.45 23.17 -2.74
C ILE A 168 -18.09 24.35 -2.01
N PRO A 169 -18.86 24.12 -0.95
CA PRO A 169 -19.44 25.24 -0.19
C PRO A 169 -18.45 25.91 0.74
N GLN A 170 -18.77 27.14 1.11
CA GLN A 170 -18.10 27.83 2.20
C GLN A 170 -18.64 27.31 3.53
N ILE A 171 -17.77 27.15 4.52
CA ILE A 171 -18.18 26.75 5.86
C ILE A 171 -17.96 27.89 6.83
N ARG A 172 -18.77 27.87 7.88
CA ARG A 172 -18.56 28.71 9.05
C ARG A 172 -17.11 28.63 9.50
N ASN A 173 -16.53 29.79 9.86
CA ASN A 173 -15.19 29.93 10.41
C ASN A 173 -14.93 28.81 11.42
N PRO A 174 -13.97 27.91 11.19
CA PRO A 174 -13.80 26.75 12.07
C PRO A 174 -13.01 27.03 13.34
N CYS A 175 -12.50 28.25 13.52
CA CYS A 175 -11.88 28.62 14.78
C CYS A 175 -12.90 29.04 15.83
N LEU A 176 -14.12 29.40 15.41
CA LEU A 176 -15.14 29.88 16.34
C LEU A 176 -15.59 28.77 17.26
N PRO A 177 -16.10 29.12 18.44
CA PRO A 177 -16.84 28.13 19.23
C PRO A 177 -18.11 27.72 18.51
N SER A 178 -18.65 26.58 18.94
CA SER A 178 -19.96 26.15 18.44
C SER A 178 -21.01 27.20 18.75
N GLN A 179 -21.97 27.33 17.81
CA GLN A 179 -22.96 28.42 17.87
C GLN A 179 -23.61 28.56 19.23
N GLU A 180 -23.76 27.43 19.92
CA GLU A 180 -24.46 27.40 21.19
C GLU A 180 -23.72 28.19 22.26
N LYS A 181 -22.40 28.23 22.19
CA LYS A 181 -21.64 28.90 23.24
C LYS A 181 -20.91 30.13 22.73
N MET A 182 -21.50 30.79 21.72
CA MET A 182 -21.07 32.15 21.36
C MET A 182 -21.63 33.13 22.37
N PRO A 183 -20.88 34.18 22.71
CA PRO A 183 -21.42 35.25 23.55
C PRO A 183 -22.67 35.85 22.91
N GLU A 184 -23.52 36.39 23.79
CA GLU A 184 -24.81 36.93 23.38
C GLU A 184 -24.67 38.05 22.34
N ALA A 185 -23.54 38.76 22.36
CA ALA A 185 -23.34 39.87 21.45
C ALA A 185 -23.49 39.43 20.00
N TYR A 186 -23.06 38.22 19.68
CA TYR A 186 -23.07 37.77 18.29
C TYR A 186 -24.47 37.50 17.77
N SER A 187 -25.49 37.42 18.63
CA SER A 187 -26.86 37.25 18.19
C SER A 187 -27.57 38.58 17.94
N ALA A 188 -26.84 39.70 17.97
CA ALA A 188 -27.45 41.01 17.72
C ALA A 188 -28.00 41.11 16.31
N LYS A 189 -29.20 41.68 16.19
CA LYS A 189 -29.84 41.81 14.87
C LYS A 189 -29.13 42.88 14.04
N ILE A 190 -28.70 42.51 12.85
CA ILE A 190 -27.95 43.39 11.97
C ILE A 190 -28.70 43.53 10.65
N ALA A 191 -28.86 44.77 10.19
CA ALA A 191 -29.55 45.08 8.94
C ALA A 191 -28.59 45.72 7.96
N LEU A 192 -28.61 45.27 6.70
CA LEU A 192 -27.90 45.94 5.61
C LEU A 192 -28.90 46.29 4.53
N LEU A 193 -28.72 47.45 3.90
CA LEU A 193 -29.70 47.94 2.94
C LEU A 193 -29.07 47.88 1.55
N GLY A 194 -29.68 47.12 0.66
CA GLY A 194 -29.23 46.99 -0.72
C GLY A 194 -28.33 45.78 -0.86
N ALA A 195 -28.64 44.88 -1.79
CA ALA A 195 -27.86 43.65 -1.96
C ALA A 195 -26.88 43.76 -3.14
N GLY A 196 -26.02 44.79 -3.08
CA GLY A 196 -24.94 44.91 -4.03
C GLY A 196 -23.62 44.45 -3.44
N PRO A 197 -22.54 44.67 -4.17
CA PRO A 197 -21.20 44.28 -3.67
C PRO A 197 -20.86 44.79 -2.28
N ALA A 198 -21.17 46.06 -1.97
CA ALA A 198 -20.78 46.61 -0.68
C ALA A 198 -21.43 45.84 0.47
N SER A 199 -22.76 45.59 0.38
CA SER A 199 -23.44 44.86 1.45
C SER A 199 -23.12 43.36 1.43
N ILE A 200 -22.99 42.75 0.26
CA ILE A 200 -22.63 41.33 0.21
C ILE A 200 -21.28 41.11 0.89
N SER A 201 -20.34 42.02 0.68
CA SER A 201 -19.02 41.91 1.29
C SER A 201 -19.11 42.12 2.80
N CYS A 202 -19.83 43.17 3.22
CA CYS A 202 -19.99 43.47 4.64
C CYS A 202 -20.67 42.31 5.38
N ALA A 203 -21.80 41.82 4.88
CA ALA A 203 -22.48 40.70 5.52
C ALA A 203 -21.60 39.45 5.60
N SER A 204 -20.93 39.10 4.49
CA SER A 204 -19.99 37.99 4.49
C SER A 204 -18.98 38.10 5.63
N PHE A 205 -18.29 39.24 5.74
CA PHE A 205 -17.23 39.35 6.75
C PHE A 205 -17.80 39.37 8.16
N LEU A 206 -18.98 39.96 8.35
CA LEU A 206 -19.65 39.88 9.65
C LEU A 206 -20.03 38.45 9.99
N ALA A 207 -20.53 37.69 9.01
CA ALA A 207 -20.86 36.29 9.27
C ALA A 207 -19.61 35.49 9.62
N ARG A 208 -18.48 35.77 8.93
CA ARG A 208 -17.21 35.13 9.28
C ARG A 208 -16.84 35.34 10.74
N LEU A 209 -17.05 36.56 11.26
CA LEU A 209 -16.73 36.87 12.64
C LEU A 209 -17.63 36.14 13.63
N GLY A 210 -18.74 35.57 13.18
CA GLY A 210 -19.61 34.80 14.05
C GLY A 210 -21.02 35.34 14.21
N TYR A 211 -21.38 36.50 13.66
CA TYR A 211 -22.72 37.03 13.86
C TYR A 211 -23.75 36.16 13.17
N SER A 212 -24.85 35.86 13.88
CA SER A 212 -25.81 34.86 13.44
C SER A 212 -27.13 35.43 12.94
N ASP A 213 -27.32 36.74 12.96
CA ASP A 213 -28.63 37.30 12.58
C ASP A 213 -28.39 38.52 11.69
N ILE A 214 -28.06 38.23 10.43
CA ILE A 214 -27.68 39.25 9.45
C ILE A 214 -28.75 39.23 8.34
N THR A 215 -29.38 40.37 8.09
CA THR A 215 -30.39 40.46 7.05
C THR A 215 -30.06 41.60 6.08
N ILE A 216 -30.03 41.29 4.78
CA ILE A 216 -29.91 42.27 3.70
C ILE A 216 -31.31 42.54 3.15
N PHE A 217 -31.72 43.79 3.17
CA PHE A 217 -33.01 44.21 2.63
C PHE A 217 -32.78 44.84 1.26
N GLU A 218 -33.38 44.25 0.22
CA GLU A 218 -33.15 44.70 -1.15
C GLU A 218 -34.44 45.26 -1.75
N LYS A 219 -34.33 46.43 -2.36
CA LYS A 219 -35.49 47.07 -3.02
C LYS A 219 -36.03 46.22 -4.18
N GLN A 220 -35.17 45.74 -5.06
CA GLN A 220 -35.68 45.07 -6.24
C GLN A 220 -36.02 43.62 -5.94
N GLU A 221 -36.48 42.93 -6.98
CA GLU A 221 -36.74 41.51 -6.88
C GLU A 221 -35.51 40.67 -7.17
N TYR A 222 -34.42 41.30 -7.62
CA TYR A 222 -33.20 40.60 -7.99
C TYR A 222 -32.09 41.04 -7.02
N VAL A 223 -31.07 40.20 -6.88
CA VAL A 223 -29.95 40.51 -6.01
C VAL A 223 -28.70 40.66 -6.87
N GLY A 224 -27.72 41.38 -6.32
CA GLY A 224 -26.44 41.59 -6.97
C GLY A 224 -26.12 43.02 -7.33
N GLY A 225 -27.05 43.97 -7.18
CA GLY A 225 -26.75 45.35 -7.53
C GLY A 225 -26.40 45.50 -9.01
N LEU A 226 -25.45 46.40 -9.31
CA LEU A 226 -25.15 46.72 -10.70
C LEU A 226 -24.50 45.55 -11.42
N SER A 227 -23.86 44.65 -10.67
CA SER A 227 -23.33 43.43 -11.27
C SER A 227 -24.42 42.66 -11.99
N THR A 228 -25.65 42.73 -11.48
CA THR A 228 -26.81 42.08 -12.08
C THR A 228 -27.52 42.99 -13.08
N SER A 229 -27.87 44.23 -12.67
CA SER A 229 -28.78 45.04 -13.44
C SER A 229 -28.14 45.78 -14.62
N GLU A 230 -26.82 45.97 -14.65
CA GLU A 230 -26.28 46.81 -15.71
C GLU A 230 -25.00 46.32 -16.38
N ILE A 231 -24.06 45.76 -15.64
CA ILE A 231 -22.87 45.21 -16.31
C ILE A 231 -23.30 44.13 -17.29
N PRO A 232 -22.92 44.23 -18.57
CA PRO A 232 -23.46 43.32 -19.57
C PRO A 232 -23.06 41.86 -19.34
N GLN A 233 -23.92 40.96 -19.85
CA GLN A 233 -23.66 39.53 -19.81
C GLN A 233 -22.37 39.15 -20.53
N PHE A 234 -22.00 39.89 -21.58
CA PHE A 234 -20.82 39.53 -22.36
C PHE A 234 -19.51 39.97 -21.69
N ARG A 235 -19.59 40.61 -20.52
CA ARG A 235 -18.46 40.87 -19.63
C ARG A 235 -18.57 40.15 -18.29
N LEU A 236 -19.77 40.04 -17.72
CA LEU A 236 -19.97 39.34 -16.44
C LEU A 236 -21.19 38.42 -16.52
N PRO A 237 -21.01 37.12 -16.77
CA PRO A 237 -22.15 36.22 -16.81
C PRO A 237 -22.87 36.18 -15.47
N TYR A 238 -24.20 36.09 -15.53
CA TYR A 238 -25.00 36.21 -14.32
C TYR A 238 -24.76 35.07 -13.33
N ASP A 239 -24.38 33.88 -13.80
CA ASP A 239 -24.14 32.80 -12.86
C ASP A 239 -22.89 33.06 -11.99
N VAL A 240 -22.00 33.94 -12.41
CA VAL A 240 -20.93 34.37 -11.50
C VAL A 240 -21.52 35.03 -10.26
N VAL A 241 -22.42 36.01 -10.45
CA VAL A 241 -23.05 36.71 -9.34
C VAL A 241 -23.79 35.74 -8.44
N ASN A 242 -24.51 34.80 -9.05
CA ASN A 242 -25.28 33.82 -8.28
C ASN A 242 -24.37 32.97 -7.40
N PHE A 243 -23.25 32.50 -7.98
CA PHE A 243 -22.27 31.69 -7.26
C PHE A 243 -21.73 32.41 -6.05
N GLU A 244 -21.42 33.69 -6.17
CA GLU A 244 -20.89 34.44 -5.03
C GLU A 244 -21.97 34.66 -3.97
N ILE A 245 -23.22 34.92 -4.40
CA ILE A 245 -24.32 35.07 -3.46
C ILE A 245 -24.53 33.79 -2.65
N GLU A 246 -24.54 32.63 -3.33
CA GLU A 246 -24.75 31.38 -2.62
C GLU A 246 -23.61 31.06 -1.65
N LEU A 247 -22.39 31.53 -1.95
CA LEU A 247 -21.30 31.39 -1.00
C LEU A 247 -21.59 32.18 0.30
N MET A 248 -22.01 33.44 0.17
CA MET A 248 -22.59 34.16 1.31
C MET A 248 -23.63 33.37 2.06
N LYS A 249 -24.64 32.90 1.35
CA LYS A 249 -25.76 32.27 2.03
C LYS A 249 -25.32 31.03 2.79
N ASP A 250 -24.21 30.40 2.37
CA ASP A 250 -23.65 29.30 3.15
C ASP A 250 -23.35 29.71 4.59
N LEU A 251 -22.95 30.97 4.80
CA LEU A 251 -22.63 31.50 6.12
C LEU A 251 -23.87 31.92 6.92
N GLY A 252 -25.07 31.79 6.35
CA GLY A 252 -26.29 32.04 7.08
C GLY A 252 -26.90 33.42 6.91
N VAL A 253 -26.33 34.27 6.06
CA VAL A 253 -26.92 35.59 5.81
C VAL A 253 -28.26 35.43 5.12
N LYS A 254 -29.25 36.21 5.57
CA LYS A 254 -30.58 36.18 4.97
C LYS A 254 -30.77 37.40 4.08
N ILE A 255 -31.52 37.22 2.98
CA ILE A 255 -31.80 38.29 2.04
C ILE A 255 -33.31 38.40 1.87
N ILE A 256 -33.84 39.61 2.00
CA ILE A 256 -35.27 39.85 1.86
C ILE A 256 -35.46 40.92 0.79
N CYS A 257 -36.14 40.56 -0.30
CA CYS A 257 -36.37 41.46 -1.41
C CYS A 257 -37.74 42.11 -1.30
N GLY A 258 -37.89 43.23 -2.01
CA GLY A 258 -39.15 43.92 -2.09
C GLY A 258 -39.40 44.96 -1.03
N LYS A 259 -38.44 45.18 -0.13
CA LYS A 259 -38.58 46.14 0.95
C LYS A 259 -37.48 47.18 0.83
N SER A 260 -37.85 48.46 0.89
CA SER A 260 -36.95 49.55 0.57
C SER A 260 -36.64 50.39 1.80
N LEU A 261 -35.42 50.92 1.82
CA LEU A 261 -35.10 52.05 2.67
C LEU A 261 -35.83 53.27 2.13
N SER A 262 -36.93 53.65 2.78
CA SER A 262 -37.77 54.72 2.27
C SER A 262 -38.82 55.04 3.30
N GLU A 263 -39.27 56.30 3.29
CA GLU A 263 -40.40 56.74 4.10
C GLU A 263 -41.56 55.77 3.90
N ASN A 264 -42.27 55.46 4.98
CA ASN A 264 -43.39 54.52 4.95
C ASN A 264 -42.95 53.07 4.70
N GLU A 265 -41.65 52.83 4.54
CA GLU A 265 -41.12 51.44 4.49
C GLU A 265 -40.04 51.36 5.54
N ILE A 266 -38.83 50.96 5.19
CA ILE A 266 -37.75 50.82 6.17
C ILE A 266 -37.08 52.17 6.37
N THR A 267 -36.94 52.57 7.63
CA THR A 267 -36.19 53.76 8.00
C THR A 267 -35.30 53.42 9.19
N LEU A 268 -34.30 54.26 9.44
CA LEU A 268 -33.44 54.02 10.59
C LEU A 268 -34.27 53.97 11.86
N ASN A 269 -35.34 54.75 11.90
CA ASN A 269 -36.25 54.77 13.03
C ASN A 269 -36.98 53.44 13.20
N THR A 270 -37.52 52.90 12.10
CA THR A 270 -38.18 51.59 12.21
C THR A 270 -37.18 50.50 12.53
N LEU A 271 -35.94 50.60 12.02
CA LEU A 271 -34.92 49.62 12.39
C LEU A 271 -34.67 49.65 13.89
N LYS A 272 -34.45 50.85 14.43
CA LYS A 272 -34.21 50.99 15.87
C LYS A 272 -35.36 50.43 16.70
N GLU A 273 -36.60 50.79 16.34
CA GLU A 273 -37.76 50.36 17.11
C GLU A 273 -37.96 48.85 17.10
N GLU A 274 -37.53 48.18 16.04
CA GLU A 274 -37.60 46.72 15.97
C GLU A 274 -36.37 46.02 16.54
N GLY A 275 -35.51 46.74 17.24
CA GLY A 275 -34.43 46.07 17.94
C GLY A 275 -33.17 45.79 17.15
N TYR A 276 -33.04 46.36 15.95
CA TYR A 276 -31.78 46.20 15.20
C TYR A 276 -30.68 47.00 15.90
N LYS A 277 -29.50 46.37 16.02
CA LYS A 277 -28.39 47.00 16.73
C LYS A 277 -27.38 47.69 15.82
N ALA A 278 -27.43 47.45 14.52
CA ALA A 278 -26.49 48.09 13.61
C ALA A 278 -27.05 48.03 12.20
N ALA A 279 -26.61 48.96 11.35
CA ALA A 279 -27.12 49.05 9.99
C ALA A 279 -26.00 49.50 9.05
N PHE A 280 -25.94 48.88 7.87
CA PHE A 280 -25.00 49.26 6.84
C PHE A 280 -25.79 49.72 5.62
N ILE A 281 -25.59 50.97 5.21
CA ILE A 281 -26.27 51.52 4.04
C ILE A 281 -25.44 51.22 2.80
N GLY A 282 -25.96 50.38 1.91
CA GLY A 282 -25.25 50.04 0.69
C GLY A 282 -26.14 50.13 -0.55
N ILE A 283 -26.89 51.21 -0.67
CA ILE A 283 -27.95 51.26 -1.67
C ILE A 283 -27.45 51.87 -2.97
N GLY A 284 -26.14 52.16 -3.03
CA GLY A 284 -25.59 52.70 -4.28
C GLY A 284 -26.23 54.03 -4.68
N LEU A 285 -26.11 54.33 -5.98
CA LEU A 285 -26.68 55.54 -6.58
C LEU A 285 -27.83 55.13 -7.48
N PRO A 286 -29.08 55.20 -7.01
CA PRO A 286 -30.18 54.50 -7.68
C PRO A 286 -30.80 55.21 -8.88
N GLU A 287 -30.44 56.47 -9.15
CA GLU A 287 -31.16 57.25 -10.14
C GLU A 287 -30.22 57.81 -11.20
N PRO A 288 -30.73 58.04 -12.42
CA PRO A 288 -29.88 58.58 -13.48
C PRO A 288 -29.62 60.08 -13.31
N LYS A 289 -28.41 60.48 -13.63
CA LYS A 289 -28.14 61.90 -13.77
C LYS A 289 -28.74 62.38 -15.09
N THR A 290 -29.56 63.42 -15.03
CA THR A 290 -30.38 63.81 -16.17
C THR A 290 -30.00 65.19 -16.68
N ASP A 291 -30.55 65.53 -17.84
CA ASP A 291 -30.30 66.80 -18.51
C ASP A 291 -31.63 67.37 -18.93
N ASP A 292 -31.85 68.65 -18.60
CA ASP A 292 -33.14 69.31 -18.86
C ASP A 292 -33.56 69.24 -20.32
N ILE A 293 -32.60 69.22 -21.24
CA ILE A 293 -32.88 69.09 -22.67
C ILE A 293 -33.71 67.85 -23.00
N PHE A 294 -33.67 66.82 -22.16
CA PHE A 294 -34.33 65.56 -22.45
C PHE A 294 -35.67 65.41 -21.77
N GLN A 295 -36.13 66.43 -21.06
CA GLN A 295 -37.43 66.43 -20.39
C GLN A 295 -38.54 66.05 -21.37
N GLY A 296 -39.40 65.12 -20.93
CA GLY A 296 -40.57 64.74 -21.71
C GLY A 296 -40.35 63.64 -22.72
N LEU A 297 -39.11 63.30 -23.04
CA LEU A 297 -38.86 62.29 -24.06
C LEU A 297 -39.09 60.90 -23.47
N THR A 298 -39.62 60.00 -24.29
CA THR A 298 -40.02 58.67 -23.84
C THR A 298 -39.24 57.59 -24.58
N GLN A 299 -39.30 56.36 -24.04
CA GLN A 299 -38.71 55.23 -24.75
C GLN A 299 -39.38 55.02 -26.10
N ASP A 300 -40.69 55.24 -26.17
CA ASP A 300 -41.42 55.09 -27.43
C ASP A 300 -40.81 55.96 -28.51
N GLN A 301 -40.42 57.19 -28.15
CA GLN A 301 -39.73 58.09 -29.06
C GLN A 301 -38.28 57.66 -29.33
N GLY A 302 -37.73 56.79 -28.51
CA GLY A 302 -36.37 56.31 -28.66
C GLY A 302 -35.34 56.87 -27.68
N PHE A 303 -35.76 57.45 -26.56
CA PHE A 303 -34.85 57.99 -25.56
C PHE A 303 -34.79 57.09 -24.32
N TYR A 304 -33.57 56.86 -23.84
CA TYR A 304 -33.26 56.09 -22.63
C TYR A 304 -32.19 56.84 -21.85
N THR A 305 -32.22 56.72 -20.53
CA THR A 305 -30.99 56.87 -19.77
C THR A 305 -30.36 55.49 -19.61
N SER A 306 -29.08 55.48 -19.21
CA SER A 306 -28.43 54.20 -18.94
C SER A 306 -29.18 53.40 -17.88
N LYS A 307 -29.87 54.08 -16.97
CA LYS A 307 -30.63 53.41 -15.93
C LYS A 307 -31.90 52.77 -16.47
N ASP A 308 -32.41 53.23 -17.61
CA ASP A 308 -33.53 52.61 -18.31
C ASP A 308 -33.05 51.47 -19.20
N PHE A 309 -31.99 51.75 -19.97
CA PHE A 309 -31.58 50.88 -21.06
C PHE A 309 -30.85 49.63 -20.55
N LEU A 310 -29.77 49.83 -19.79
CA LEU A 310 -28.96 48.68 -19.40
C LEU A 310 -29.72 47.63 -18.58
N PRO A 311 -30.64 47.97 -17.66
CA PRO A 311 -31.45 46.91 -17.04
C PRO A 311 -32.39 46.22 -18.02
N LEU A 312 -32.82 46.89 -19.08
CA LEU A 312 -33.66 46.23 -20.07
C LEU A 312 -32.87 45.16 -20.82
N VAL A 313 -31.65 45.50 -21.25
CA VAL A 313 -30.81 44.50 -21.91
C VAL A 313 -30.45 43.38 -20.93
N ALA A 314 -30.13 43.75 -19.68
CA ALA A 314 -29.82 42.73 -18.68
C ALA A 314 -30.99 41.76 -18.49
N LYS A 315 -32.19 42.31 -18.22
CA LYS A 315 -33.37 41.47 -17.98
C LYS A 315 -33.58 40.44 -19.09
N SER A 316 -33.25 40.81 -20.32
CA SER A 316 -33.48 39.92 -21.44
C SER A 316 -32.35 38.93 -21.66
N SER A 317 -31.12 39.25 -21.25
CA SER A 317 -29.97 38.43 -21.57
C SER A 317 -29.44 37.60 -20.40
N LYS A 318 -29.88 37.85 -19.17
CA LYS A 318 -29.40 37.10 -18.02
C LYS A 318 -30.48 36.13 -17.55
N ALA A 319 -30.31 34.85 -17.87
CA ALA A 319 -31.26 33.82 -17.43
C ALA A 319 -31.22 33.70 -15.91
N GLY A 320 -32.37 33.91 -15.27
CA GLY A 320 -32.42 33.87 -13.83
C GLY A 320 -32.51 35.21 -13.14
N MET A 321 -32.50 36.32 -13.88
CA MET A 321 -32.72 37.61 -13.25
C MET A 321 -34.17 37.77 -12.81
N CYS A 322 -35.08 37.38 -13.68
CA CYS A 322 -36.50 37.68 -13.60
C CYS A 322 -37.28 36.41 -13.84
N ALA A 323 -38.59 36.45 -13.58
CA ALA A 323 -39.44 35.43 -14.18
C ALA A 323 -39.85 35.84 -15.59
N CYS A 324 -39.89 37.15 -15.86
CA CYS A 324 -40.24 37.68 -17.17
C CYS A 324 -39.16 37.38 -18.18
N HIS A 325 -39.40 36.41 -19.06
CA HIS A 325 -38.62 36.37 -20.30
C HIS A 325 -38.84 37.69 -21.06
N SER A 326 -37.89 38.68 -20.93
CA SER A 326 -37.90 40.04 -21.47
C SER A 326 -37.51 40.02 -22.95
N PRO A 327 -38.23 40.75 -23.82
CA PRO A 327 -37.79 40.87 -25.22
C PRO A 327 -36.69 41.92 -25.34
N LEU A 328 -35.69 41.61 -26.15
CA LEU A 328 -34.56 42.51 -26.29
C LEU A 328 -35.03 43.83 -26.92
N PRO A 329 -34.67 44.99 -26.38
CA PRO A 329 -35.12 46.25 -26.97
C PRO A 329 -34.70 46.36 -28.42
N SER A 330 -35.66 46.59 -29.31
CA SER A 330 -35.34 46.71 -30.72
C SER A 330 -34.79 48.12 -30.96
N ILE A 331 -33.51 48.17 -31.30
CA ILE A 331 -32.72 49.38 -31.39
C ILE A 331 -32.18 49.45 -32.81
N ARG A 332 -33.01 49.81 -33.76
CA ARG A 332 -32.57 49.75 -35.14
C ARG A 332 -32.19 51.16 -35.60
N GLY A 333 -31.20 51.22 -36.48
CA GLY A 333 -30.75 52.51 -36.96
C GLY A 333 -29.53 53.06 -36.24
N ALA A 334 -29.44 54.38 -36.16
CA ALA A 334 -28.28 55.04 -35.60
C ALA A 334 -28.54 55.36 -34.14
N VAL A 335 -27.59 54.97 -33.28
CA VAL A 335 -27.70 55.19 -31.84
C VAL A 335 -26.68 56.24 -31.40
N ILE A 336 -27.15 57.29 -30.72
CA ILE A 336 -26.26 58.25 -30.09
C ILE A 336 -26.21 57.94 -28.58
N VAL A 337 -25.01 57.71 -28.08
CA VAL A 337 -24.74 57.55 -26.64
C VAL A 337 -23.97 58.78 -26.18
N LEU A 338 -24.52 59.49 -25.20
CA LEU A 338 -23.96 60.74 -24.72
C LEU A 338 -23.14 60.49 -23.45
N GLY A 339 -21.88 60.87 -23.49
CA GLY A 339 -20.96 60.70 -22.39
C GLY A 339 -19.77 59.85 -22.78
N ALA A 340 -18.78 59.84 -21.87
CA ALA A 340 -17.55 59.11 -22.10
C ALA A 340 -16.98 58.56 -20.80
N GLY A 341 -17.80 58.40 -19.77
CA GLY A 341 -17.46 57.54 -18.68
C GLY A 341 -17.63 56.09 -19.11
N ASP A 342 -17.35 55.18 -18.18
CA ASP A 342 -17.37 53.78 -18.54
C ASP A 342 -18.80 53.26 -18.80
N THR A 343 -19.82 53.91 -18.27
CA THR A 343 -21.17 53.43 -18.52
C THR A 343 -21.54 53.63 -20.00
N ALA A 344 -21.12 54.77 -20.57
CA ALA A 344 -21.34 55.05 -21.99
C ALA A 344 -20.84 53.93 -22.88
N PHE A 345 -19.64 53.41 -22.60
CA PHE A 345 -19.10 52.37 -23.45
C PHE A 345 -19.91 51.08 -23.33
N ASP A 346 -20.42 50.76 -22.15
CA ASP A 346 -21.28 49.58 -22.01
C ASP A 346 -22.59 49.78 -22.77
N CYS A 347 -23.13 51.00 -22.76
CA CYS A 347 -24.33 51.29 -23.55
C CYS A 347 -24.04 51.12 -25.03
N ALA A 348 -22.85 51.53 -25.48
CA ALA A 348 -22.48 51.41 -26.89
C ALA A 348 -22.46 49.95 -27.31
N THR A 349 -21.66 49.12 -26.62
CA THR A 349 -21.56 47.71 -26.98
C THR A 349 -22.90 46.99 -26.82
N SER A 350 -23.68 47.35 -25.81
CA SER A 350 -24.99 46.71 -25.63
C SER A 350 -25.96 47.12 -26.73
N ALA A 351 -25.86 48.37 -27.23
CA ALA A 351 -26.70 48.81 -28.34
C ALA A 351 -26.48 47.93 -29.57
N LEU A 352 -25.23 47.55 -29.84
CA LEU A 352 -24.97 46.70 -30.99
C LEU A 352 -25.64 45.35 -30.84
N ARG A 353 -25.61 44.79 -29.63
CA ARG A 353 -26.29 43.53 -29.36
C ARG A 353 -27.80 43.63 -29.60
N CYS A 354 -28.36 44.83 -29.54
CA CYS A 354 -29.79 45.03 -29.78
C CYS A 354 -30.09 45.26 -31.26
N GLY A 355 -29.09 45.24 -32.12
CA GLY A 355 -29.29 45.42 -33.55
C GLY A 355 -28.99 46.79 -34.10
N ALA A 356 -28.32 47.65 -33.33
CA ALA A 356 -27.95 48.98 -33.83
C ALA A 356 -27.12 48.87 -35.12
N ARG A 357 -27.45 49.71 -36.10
CA ARG A 357 -26.65 49.72 -37.32
C ARG A 357 -25.36 50.54 -37.13
N ARG A 358 -25.42 51.61 -36.36
CA ARG A 358 -24.24 52.41 -36.03
C ARG A 358 -24.42 53.01 -34.65
N VAL A 359 -23.29 53.27 -34.00
CA VAL A 359 -23.27 53.83 -32.66
C VAL A 359 -22.29 55.00 -32.64
N PHE A 360 -22.75 56.15 -32.16
CA PHE A 360 -21.94 57.35 -31.97
C PHE A 360 -21.83 57.62 -30.48
N LEU A 361 -20.63 57.45 -29.92
CA LEU A 361 -20.28 58.02 -28.63
C LEU A 361 -19.94 59.49 -28.80
N VAL A 362 -20.73 60.37 -28.17
CA VAL A 362 -20.60 61.81 -28.34
C VAL A 362 -20.36 62.42 -26.98
N PHE A 363 -19.21 63.10 -26.82
CA PHE A 363 -18.87 63.67 -25.52
C PHE A 363 -18.48 65.14 -25.64
N ARG A 364 -18.59 65.84 -24.51
CA ARG A 364 -18.46 67.29 -24.47
C ARG A 364 -17.04 67.78 -24.26
N LYS A 365 -16.10 66.90 -23.94
CA LYS A 365 -14.71 67.32 -23.93
C LYS A 365 -13.94 66.62 -25.06
N GLY A 366 -12.61 66.53 -24.93
CA GLY A 366 -11.78 65.89 -25.91
C GLY A 366 -11.41 64.47 -25.53
N PHE A 367 -10.63 63.83 -26.41
CA PHE A 367 -10.19 62.46 -26.14
C PHE A 367 -9.30 62.38 -24.92
N VAL A 368 -8.38 63.34 -24.78
CA VAL A 368 -7.44 63.29 -23.67
C VAL A 368 -8.19 63.36 -22.36
N ASN A 369 -9.42 63.87 -22.39
CA ASN A 369 -10.25 64.02 -21.21
C ASN A 369 -11.12 62.82 -20.93
N ILE A 370 -11.10 61.78 -21.77
CA ILE A 370 -11.88 60.58 -21.49
C ILE A 370 -11.34 59.89 -20.24
N ARG A 371 -12.24 59.55 -19.33
CA ARG A 371 -11.90 58.97 -18.04
C ARG A 371 -12.02 57.45 -18.02
N ALA A 372 -12.68 56.87 -19.02
CA ALA A 372 -12.85 55.43 -19.08
C ALA A 372 -11.50 54.73 -19.17
N VAL A 373 -11.41 53.55 -18.58
CA VAL A 373 -10.16 52.82 -18.62
C VAL A 373 -9.94 52.34 -20.04
N PRO A 374 -8.71 52.26 -20.52
CA PRO A 374 -8.48 51.84 -21.91
C PRO A 374 -9.02 50.45 -22.25
N GLU A 375 -9.18 49.54 -21.27
CA GLU A 375 -9.77 48.25 -21.59
C GLU A 375 -11.21 48.41 -22.04
N GLU A 376 -11.95 49.32 -21.41
CA GLU A 376 -13.34 49.54 -21.73
C GLU A 376 -13.49 50.26 -23.07
N VAL A 377 -12.59 51.22 -23.35
CA VAL A 377 -12.64 51.93 -24.61
C VAL A 377 -12.29 51.00 -25.77
N GLU A 378 -11.28 50.14 -25.57
CA GLU A 378 -10.82 49.24 -26.63
C GLU A 378 -11.95 48.34 -27.14
N LEU A 379 -12.87 47.94 -26.26
CA LEU A 379 -13.97 47.09 -26.70
C LEU A 379 -14.91 47.83 -27.65
N ALA A 380 -15.21 49.09 -27.34
CA ALA A 380 -16.08 49.85 -28.24
C ALA A 380 -15.37 50.19 -29.54
N LYS A 381 -14.08 50.52 -29.46
CA LYS A 381 -13.37 50.86 -30.70
C LYS A 381 -13.20 49.64 -31.58
N GLU A 382 -12.90 48.48 -30.99
CA GLU A 382 -12.76 47.28 -31.82
C GLU A 382 -14.08 46.87 -32.46
N GLU A 383 -15.21 47.22 -31.85
CA GLU A 383 -16.50 46.91 -32.46
C GLU A 383 -16.99 48.02 -33.38
N LYS A 384 -16.11 48.96 -33.75
CA LYS A 384 -16.37 49.97 -34.79
C LYS A 384 -17.40 51.02 -34.38
N CYS A 385 -17.55 51.29 -33.08
CA CYS A 385 -18.24 52.52 -32.71
C CYS A 385 -17.47 53.74 -33.18
N GLU A 386 -18.21 54.83 -33.43
CA GLU A 386 -17.67 56.12 -33.78
C GLU A 386 -17.61 57.01 -32.54
N PHE A 387 -16.64 57.92 -32.53
CA PHE A 387 -16.41 58.80 -31.39
C PHE A 387 -16.44 60.24 -31.88
N LEU A 388 -17.18 61.09 -31.17
CA LEU A 388 -17.32 62.50 -31.54
C LEU A 388 -17.01 63.39 -30.33
N PRO A 389 -15.86 64.05 -30.32
CA PRO A 389 -15.50 64.91 -29.19
C PRO A 389 -16.01 66.34 -29.34
N PHE A 390 -15.95 67.08 -28.23
CA PHE A 390 -16.16 68.53 -28.22
C PHE A 390 -17.57 68.92 -28.65
N LEU A 391 -18.57 68.15 -28.23
CA LEU A 391 -19.95 68.41 -28.60
C LEU A 391 -20.84 68.36 -27.37
N SER A 392 -21.61 69.41 -27.15
CA SER A 392 -22.57 69.44 -26.07
C SER A 392 -23.98 69.48 -26.65
N PRO A 393 -24.87 68.57 -26.25
CA PRO A 393 -26.20 68.52 -26.88
C PRO A 393 -27.05 69.72 -26.52
N ARG A 394 -27.96 70.09 -27.45
CA ARG A 394 -28.81 71.25 -27.26
C ARG A 394 -30.28 70.97 -27.56
N LYS A 395 -30.58 70.28 -28.66
CA LYS A 395 -31.95 69.98 -29.05
C LYS A 395 -32.07 68.54 -29.49
N VAL A 396 -33.20 67.92 -29.19
CA VAL A 396 -33.55 66.60 -29.72
C VAL A 396 -34.76 66.78 -30.62
N ILE A 397 -34.59 66.45 -31.91
CA ILE A 397 -35.64 66.65 -32.92
C ILE A 397 -36.47 65.39 -33.05
N VAL A 398 -37.80 65.56 -33.02
CA VAL A 398 -38.75 64.45 -33.02
C VAL A 398 -39.75 64.66 -34.14
N LYS A 399 -39.99 63.62 -34.94
CA LYS A 399 -40.81 63.67 -36.12
C LYS A 399 -41.48 62.31 -36.28
N GLY A 400 -42.78 62.32 -36.55
CA GLY A 400 -43.50 61.06 -36.66
C GLY A 400 -43.47 60.23 -35.39
N GLY A 401 -43.41 60.88 -34.24
CA GLY A 401 -43.38 60.18 -32.97
C GLY A 401 -42.05 59.55 -32.63
N ARG A 402 -40.99 59.87 -33.37
CA ARG A 402 -39.69 59.26 -33.15
C ARG A 402 -38.61 60.32 -33.24
N ILE A 403 -37.56 60.15 -32.43
CA ILE A 403 -36.37 60.96 -32.59
C ILE A 403 -35.83 60.76 -33.99
N VAL A 404 -35.48 61.85 -34.66
CA VAL A 404 -34.85 61.78 -35.98
C VAL A 404 -33.48 62.43 -36.01
N ALA A 405 -33.10 63.19 -34.98
CA ALA A 405 -31.82 63.90 -34.96
C ALA A 405 -31.59 64.59 -33.61
N VAL A 406 -30.32 64.82 -33.28
CA VAL A 406 -29.90 65.62 -32.13
C VAL A 406 -28.95 66.69 -32.64
N GLN A 407 -29.15 67.94 -32.22
CA GLN A 407 -28.17 68.93 -32.65
C GLN A 407 -27.44 69.46 -31.42
N PHE A 408 -26.17 69.76 -31.64
CA PHE A 408 -25.19 70.08 -30.61
C PHE A 408 -24.57 71.42 -30.95
N VAL A 409 -23.84 71.98 -29.99
CA VAL A 409 -22.92 73.09 -30.24
C VAL A 409 -21.51 72.64 -29.88
N ARG A 410 -20.53 73.30 -30.50
CA ARG A 410 -19.13 72.97 -30.25
C ARG A 410 -18.66 73.51 -28.90
N THR A 411 -17.83 72.73 -28.21
CA THR A 411 -17.18 73.14 -26.97
C THR A 411 -15.69 73.42 -27.21
N GLU A 412 -15.07 74.11 -26.25
CA GLU A 412 -13.76 74.72 -26.43
C GLU A 412 -13.16 75.06 -25.07
N GLN A 413 -11.83 75.01 -24.99
CA GLN A 413 -11.10 75.48 -23.82
C GLN A 413 -10.36 76.77 -24.15
N ASP A 414 -10.04 77.53 -23.12
CA ASP A 414 -9.38 78.83 -23.23
C ASP A 414 -7.94 78.65 -22.71
N GLU A 415 -7.30 79.78 -22.41
CA GLU A 415 -6.15 79.85 -21.51
C GLU A 415 -6.45 79.29 -20.13
N THR A 416 -7.36 79.94 -19.39
CA THR A 416 -7.76 79.54 -18.03
C THR A 416 -8.09 78.07 -17.83
N GLY A 417 -8.13 77.28 -18.90
CA GLY A 417 -8.66 75.94 -18.76
C GLY A 417 -10.17 75.90 -18.55
N LYS A 418 -10.90 76.93 -19.00
CA LYS A 418 -12.35 76.95 -18.79
C LYS A 418 -13.07 76.61 -20.09
N TRP A 419 -14.13 75.80 -19.98
CA TRP A 419 -14.82 75.20 -21.13
C TRP A 419 -15.95 76.09 -21.62
N ASN A 420 -15.85 76.58 -22.86
CA ASN A 420 -16.88 77.41 -23.49
C ASN A 420 -17.60 76.66 -24.59
N GLU A 421 -18.80 77.14 -24.91
CA GLU A 421 -19.60 76.62 -26.00
C GLU A 421 -19.81 77.74 -27.01
N ASP A 422 -19.53 77.44 -28.27
CA ASP A 422 -19.62 78.41 -29.35
C ASP A 422 -20.98 78.26 -30.03
N GLU A 423 -21.82 79.27 -29.86
CA GLU A 423 -23.20 79.20 -30.35
C GLU A 423 -23.25 79.12 -31.86
N ASP A 424 -22.24 79.65 -32.52
CA ASP A 424 -22.20 79.74 -33.99
C ASP A 424 -21.66 78.47 -34.64
N GLN A 425 -21.42 77.43 -33.86
CA GLN A 425 -20.74 76.22 -34.33
C GLN A 425 -21.60 75.02 -33.93
N ILE A 426 -22.47 74.60 -34.84
CA ILE A 426 -23.54 73.66 -34.58
C ILE A 426 -23.34 72.39 -35.41
N VAL A 427 -23.75 71.27 -34.83
CA VAL A 427 -23.76 69.97 -35.51
C VAL A 427 -25.17 69.42 -35.43
N HIS A 428 -25.72 69.02 -36.56
CA HIS A 428 -27.02 68.37 -36.64
C HIS A 428 -26.75 66.92 -37.02
N LEU A 429 -26.88 66.01 -36.06
CA LEU A 429 -26.54 64.61 -36.26
C LEU A 429 -27.81 63.78 -36.37
N LYS A 430 -27.92 62.97 -37.42
CA LYS A 430 -29.08 62.10 -37.55
C LYS A 430 -28.98 60.92 -36.60
N ALA A 431 -30.10 60.59 -35.95
CA ALA A 431 -30.15 59.47 -35.03
C ALA A 431 -31.60 59.03 -34.81
N ASP A 432 -31.76 57.73 -34.57
CA ASP A 432 -33.05 57.16 -34.23
C ASP A 432 -33.19 56.84 -32.75
N VAL A 433 -32.08 56.64 -32.04
CA VAL A 433 -32.09 56.29 -30.63
C VAL A 433 -31.03 57.13 -29.92
N VAL A 434 -31.35 57.59 -28.71
CA VAL A 434 -30.48 58.41 -27.88
C VAL A 434 -30.44 57.80 -26.48
N ILE A 435 -29.24 57.60 -25.96
CA ILE A 435 -29.03 57.02 -24.63
C ILE A 435 -28.07 57.93 -23.88
N SER A 436 -28.53 58.57 -22.82
CA SER A 436 -27.67 59.41 -22.01
C SER A 436 -26.98 58.56 -20.96
N ALA A 437 -25.65 58.67 -20.89
CA ALA A 437 -24.85 58.00 -19.87
C ALA A 437 -24.12 59.03 -19.03
N PHE A 438 -24.86 59.91 -18.38
CA PHE A 438 -24.29 61.03 -17.66
C PHE A 438 -23.92 60.70 -16.21
N GLY A 439 -24.06 59.45 -15.79
CA GLY A 439 -23.79 59.09 -14.41
C GLY A 439 -25.06 58.86 -13.62
N SER A 440 -24.86 58.55 -12.34
CA SER A 440 -25.95 58.18 -11.44
C SER A 440 -25.89 58.99 -10.16
N VAL A 441 -27.02 59.08 -9.45
CA VAL A 441 -27.17 59.98 -8.31
C VAL A 441 -28.20 59.41 -7.35
N LEU A 442 -28.22 59.95 -6.13
CA LEU A 442 -29.25 59.65 -5.14
C LEU A 442 -30.10 60.89 -4.98
N ARG A 443 -31.34 60.86 -5.47
CA ARG A 443 -32.15 62.07 -5.46
C ARG A 443 -33.54 61.92 -4.83
N ASP A 444 -34.06 60.72 -4.67
CA ASP A 444 -35.39 60.52 -4.09
C ASP A 444 -35.49 61.14 -2.70
N PRO A 445 -36.37 62.12 -2.48
CA PRO A 445 -36.54 62.67 -1.12
C PRO A 445 -37.02 61.66 -0.10
N LYS A 446 -37.80 60.64 -0.51
CA LYS A 446 -38.26 59.63 0.44
C LYS A 446 -37.12 58.76 0.95
N VAL A 447 -36.12 58.50 0.10
CA VAL A 447 -34.98 57.70 0.52
C VAL A 447 -34.08 58.49 1.47
N LYS A 448 -33.75 59.73 1.11
CA LYS A 448 -32.90 60.52 2.01
C LYS A 448 -33.59 60.72 3.36
N GLU A 449 -34.88 61.03 3.32
CA GLU A 449 -35.63 61.20 4.57
C GLU A 449 -35.54 59.96 5.45
N ALA A 450 -35.59 58.77 4.85
CA ALA A 450 -35.50 57.55 5.64
C ALA A 450 -34.14 57.39 6.32
N LEU A 451 -33.15 58.21 5.94
CA LEU A 451 -31.82 58.17 6.55
C LEU A 451 -31.67 59.18 7.68
N SER A 452 -32.72 59.92 7.98
CA SER A 452 -32.68 60.89 9.07
C SER A 452 -32.35 60.20 10.39
N PRO A 453 -31.54 60.82 11.26
CA PRO A 453 -30.94 62.14 11.06
C PRO A 453 -29.45 62.16 10.66
N ILE A 454 -28.96 61.24 9.84
CA ILE A 454 -27.52 61.26 9.59
C ILE A 454 -27.13 62.47 8.75
N LYS A 455 -25.88 62.89 8.89
CA LYS A 455 -25.39 64.08 8.23
C LYS A 455 -24.96 63.76 6.80
N PHE A 456 -25.36 64.62 5.86
CA PHE A 456 -25.01 64.54 4.43
C PHE A 456 -24.08 65.70 4.06
N ASN A 457 -23.21 65.45 3.08
CA ASN A 457 -22.20 66.43 2.66
C ASN A 457 -22.66 67.21 1.43
N ARG A 458 -21.73 68.00 0.87
CA ARG A 458 -22.05 68.92 -0.21
C ARG A 458 -22.57 68.20 -1.44
N TRP A 459 -22.13 66.97 -1.67
CA TRP A 459 -22.63 66.19 -2.80
C TRP A 459 -23.94 65.47 -2.46
N ASP A 460 -24.58 65.85 -1.35
CA ASP A 460 -25.83 65.22 -0.90
C ASP A 460 -25.64 63.72 -0.70
N LEU A 461 -24.52 63.34 -0.09
CA LEU A 461 -24.27 61.93 0.19
C LEU A 461 -23.96 61.74 1.67
N PRO A 462 -24.30 60.57 2.22
CA PRO A 462 -23.99 60.30 3.64
C PRO A 462 -22.51 60.47 3.94
N GLU A 463 -22.20 61.30 4.94
CA GLU A 463 -20.80 61.44 5.33
C GLU A 463 -20.38 60.28 6.23
N VAL A 464 -19.19 59.74 5.98
CA VAL A 464 -18.63 58.69 6.80
C VAL A 464 -17.24 59.11 7.25
N ASP A 465 -16.84 58.61 8.40
CA ASP A 465 -15.43 58.58 8.72
C ASP A 465 -14.75 57.63 7.74
N PRO A 466 -13.74 58.07 7.00
CA PRO A 466 -13.19 57.23 5.91
C PRO A 466 -12.37 56.05 6.39
N GLU A 467 -12.02 55.99 7.67
CA GLU A 467 -11.33 54.82 8.18
C GLU A 467 -12.29 53.79 8.77
N THR A 468 -13.40 54.25 9.36
CA THR A 468 -14.35 53.35 10.04
C THR A 468 -15.65 53.13 9.27
N MET A 469 -15.93 53.96 8.25
CA MET A 469 -17.17 53.97 7.46
C MET A 469 -18.42 54.24 8.30
N GLN A 470 -18.23 54.84 9.47
CA GLN A 470 -19.33 55.21 10.38
C GLN A 470 -19.92 56.56 9.99
N THR A 471 -21.25 56.63 9.91
CA THR A 471 -21.95 57.89 9.70
C THR A 471 -21.93 58.69 11.00
N SER A 472 -22.64 59.83 11.02
CA SER A 472 -22.72 60.60 12.25
C SER A 472 -23.55 59.91 13.32
N GLU A 473 -24.34 58.90 12.96
CA GLU A 473 -24.98 58.05 13.97
C GLU A 473 -24.09 56.85 14.21
N PRO A 474 -23.65 56.60 15.45
CA PRO A 474 -22.60 55.59 15.67
C PRO A 474 -23.03 54.17 15.32
N TRP A 475 -24.33 53.88 15.28
CA TRP A 475 -24.78 52.53 14.94
C TRP A 475 -25.06 52.35 13.45
N VAL A 476 -24.82 53.38 12.62
CA VAL A 476 -25.11 53.34 11.20
C VAL A 476 -23.84 53.57 10.40
N PHE A 477 -23.52 52.63 9.51
CA PHE A 477 -22.35 52.62 8.68
C PHE A 477 -22.79 52.65 7.22
N ALA A 478 -21.88 53.04 6.31
CA ALA A 478 -22.26 53.14 4.90
C ALA A 478 -21.04 52.95 4.00
N GLY A 479 -21.29 52.45 2.79
CA GLY A 479 -20.19 52.15 1.89
C GLY A 479 -20.66 51.88 0.48
N GLY A 480 -19.70 51.92 -0.42
CA GLY A 480 -19.96 51.66 -1.82
C GLY A 480 -20.23 52.95 -2.59
N ASP A 481 -20.89 52.80 -3.75
CA ASP A 481 -21.22 53.96 -4.59
C ASP A 481 -21.89 55.08 -3.78
N ILE A 482 -22.72 54.70 -2.79
CA ILE A 482 -23.49 55.69 -2.03
C ILE A 482 -22.58 56.69 -1.29
N VAL A 483 -21.37 56.28 -0.90
CA VAL A 483 -20.46 57.19 -0.21
C VAL A 483 -19.66 58.05 -1.16
N GLY A 484 -19.65 57.74 -2.45
CA GLY A 484 -19.04 58.62 -3.44
C GLY A 484 -17.55 58.47 -3.59
N MET A 485 -16.94 57.55 -2.85
CA MET A 485 -15.50 57.33 -2.91
C MET A 485 -15.20 56.20 -3.89
N ALA A 486 -15.85 55.05 -3.68
CA ALA A 486 -15.67 53.89 -4.56
C ALA A 486 -16.09 54.20 -5.99
N ASN A 487 -15.27 53.77 -6.94
CA ASN A 487 -15.60 53.91 -8.34
C ASN A 487 -15.72 52.55 -9.02
N THR A 488 -15.59 51.45 -8.26
CA THR A 488 -15.38 50.12 -8.82
C THR A 488 -16.05 49.09 -7.92
N THR A 489 -16.22 47.88 -8.48
CA THR A 489 -16.75 46.78 -7.67
C THR A 489 -15.81 46.45 -6.52
N VAL A 490 -14.50 46.39 -6.79
CA VAL A 490 -13.54 45.96 -5.77
C VAL A 490 -13.45 46.97 -4.64
N GLU A 491 -13.58 48.26 -4.94
CA GLU A 491 -13.55 49.27 -3.89
C GLU A 491 -14.83 49.26 -3.07
N SER A 492 -15.96 48.90 -3.71
CA SER A 492 -17.20 48.71 -2.98
C SER A 492 -17.11 47.54 -2.02
N VAL A 493 -16.60 46.41 -2.50
CA VAL A 493 -16.32 45.26 -1.65
C VAL A 493 -15.45 45.68 -0.48
N ASN A 494 -14.40 46.47 -0.76
CA ASN A 494 -13.50 46.89 0.30
C ASN A 494 -14.19 47.81 1.29
N ASP A 495 -15.12 48.66 0.84
CA ASP A 495 -15.89 49.49 1.77
C ASP A 495 -16.67 48.64 2.78
N GLY A 496 -17.31 47.57 2.30
CA GLY A 496 -18.02 46.69 3.21
C GLY A 496 -17.07 45.93 4.12
N LYS A 497 -15.93 45.51 3.58
CA LYS A 497 -14.92 44.83 4.37
C LYS A 497 -14.42 45.74 5.51
N GLN A 498 -14.05 46.97 5.17
CA GLN A 498 -13.62 47.95 6.16
C GLN A 498 -14.68 48.18 7.22
N ALA A 499 -15.93 48.41 6.79
CA ALA A 499 -17.01 48.68 7.73
C ALA A 499 -17.27 47.51 8.67
N SER A 500 -17.00 46.27 8.23
CA SER A 500 -17.38 45.12 9.05
C SER A 500 -16.54 45.03 10.32
N TRP A 501 -15.26 45.41 10.26
CA TRP A 501 -14.48 45.39 11.48
C TRP A 501 -15.05 46.37 12.50
N TYR A 502 -15.43 47.56 12.05
CA TYR A 502 -15.87 48.58 12.99
C TYR A 502 -17.33 48.41 13.41
N ILE A 503 -18.16 47.77 12.57
CA ILE A 503 -19.46 47.36 13.08
C ILE A 503 -19.29 46.37 14.22
N HIS A 504 -18.37 45.42 14.03
CA HIS A 504 -18.06 44.45 15.07
C HIS A 504 -17.61 45.15 16.36
N LYS A 505 -16.69 46.11 16.23
CA LYS A 505 -16.23 46.88 17.37
C LYS A 505 -17.38 47.58 18.06
N TYR A 506 -18.25 48.24 17.29
CA TYR A 506 -19.40 48.94 17.85
C TYR A 506 -20.33 47.98 18.57
N ILE A 507 -20.69 46.86 17.93
CA ILE A 507 -21.69 45.99 18.54
C ILE A 507 -21.15 45.36 19.82
N GLN A 508 -19.89 44.91 19.79
CA GLN A 508 -19.33 44.29 20.98
C GLN A 508 -19.31 45.28 22.15
N ALA A 509 -18.97 46.54 21.87
CA ALA A 509 -18.98 47.57 22.91
C ALA A 509 -20.38 47.77 23.48
N GLN A 510 -21.41 47.67 22.64
CA GLN A 510 -22.78 47.84 23.12
C GLN A 510 -23.21 46.73 24.08
N TYR A 511 -22.60 45.55 23.99
CA TYR A 511 -22.84 44.48 24.94
C TYR A 511 -21.79 44.41 26.05
N GLY A 512 -20.93 45.43 26.16
CA GLY A 512 -19.96 45.48 27.24
C GLY A 512 -18.69 44.71 26.99
N ALA A 513 -18.34 44.45 25.74
CA ALA A 513 -17.19 43.64 25.40
C ALA A 513 -16.21 44.44 24.56
N SER A 514 -14.93 44.15 24.71
CA SER A 514 -13.91 44.82 23.93
C SER A 514 -13.51 43.94 22.76
N VAL A 515 -12.80 44.54 21.81
CA VAL A 515 -12.19 43.79 20.73
C VAL A 515 -10.71 44.17 20.67
N SER A 516 -9.93 43.38 19.93
CA SER A 516 -8.50 43.61 19.86
C SER A 516 -8.19 44.88 19.09
N ALA A 517 -7.12 45.56 19.49
CA ALA A 517 -6.78 46.82 18.85
C ALA A 517 -6.26 46.62 17.43
N LYS A 518 -5.77 45.42 17.10
CA LYS A 518 -5.40 45.17 15.71
C LYS A 518 -6.52 44.40 15.01
N PRO A 519 -7.02 44.88 13.87
CA PRO A 519 -8.14 44.19 13.20
C PRO A 519 -7.76 42.78 12.75
N GLU A 520 -8.60 41.81 13.09
CA GLU A 520 -8.40 40.40 12.75
C GLU A 520 -9.65 39.84 12.06
N LEU A 521 -9.89 40.24 10.80
CA LEU A 521 -10.96 39.59 10.05
C LEU A 521 -10.54 38.17 9.65
N PRO A 522 -11.46 37.20 9.72
CA PRO A 522 -11.09 35.83 9.39
C PRO A 522 -10.88 35.66 7.89
N LEU A 523 -10.13 34.63 7.55
CA LEU A 523 -9.97 34.16 6.18
C LEU A 523 -11.24 33.43 5.72
N PHE A 524 -11.16 32.89 4.51
CA PHE A 524 -12.26 32.16 3.85
C PHE A 524 -11.97 30.67 3.96
N TYR A 525 -12.97 29.88 4.38
CA TYR A 525 -12.78 28.47 4.67
C TYR A 525 -13.82 27.61 3.97
N THR A 526 -13.42 26.37 3.64
CA THR A 526 -14.30 25.35 3.06
C THR A 526 -14.02 24.03 3.76
N PRO A 527 -14.80 22.98 3.52
CA PRO A 527 -14.47 21.66 4.12
C PRO A 527 -13.09 21.11 3.71
N VAL A 528 -12.50 21.58 2.61
CA VAL A 528 -11.16 21.15 2.23
C VAL A 528 -10.16 21.46 3.33
N ASP A 529 -10.35 22.59 4.00
CA ASP A 529 -9.40 23.00 5.03
C ASP A 529 -9.39 22.05 6.22
N LEU A 530 -10.41 21.21 6.38
CA LEU A 530 -10.46 20.26 7.50
C LEU A 530 -9.80 18.93 7.18
N VAL A 531 -9.15 18.80 6.02
CA VAL A 531 -8.58 17.53 5.58
C VAL A 531 -7.27 17.29 6.33
N ASP A 532 -7.09 16.07 6.84
CA ASP A 532 -5.91 15.73 7.62
C ASP A 532 -4.78 15.30 6.68
N ILE A 533 -3.64 16.00 6.76
CA ILE A 533 -2.48 15.64 5.94
C ILE A 533 -1.32 15.25 6.84
N SER A 534 -1.61 14.69 8.01
CA SER A 534 -0.53 14.14 8.82
C SER A 534 -0.12 12.76 8.31
N VAL A 535 1.07 12.32 8.74
CA VAL A 535 1.59 11.03 8.30
C VAL A 535 2.55 10.52 9.37
N GLU A 536 2.53 9.20 9.60
CA GLU A 536 3.49 8.55 10.49
C GLU A 536 4.51 7.79 9.65
N MET A 537 5.78 7.89 10.03
CA MET A 537 6.83 7.14 9.36
C MET A 537 7.96 6.88 10.35
N ALA A 538 8.43 5.63 10.40
CA ALA A 538 9.57 5.23 11.22
C ALA A 538 9.37 5.59 12.70
N GLY A 539 8.12 5.44 13.18
CA GLY A 539 7.81 5.78 14.55
C GLY A 539 7.63 7.26 14.83
N LEU A 540 7.75 8.11 13.82
CA LEU A 540 7.67 9.55 14.01
C LEU A 540 6.37 10.06 13.39
N LYS A 541 5.75 11.02 14.06
CA LYS A 541 4.54 11.66 13.57
C LYS A 541 4.88 13.02 12.97
N PHE A 542 4.48 13.23 11.72
CA PHE A 542 4.64 14.50 11.02
C PHE A 542 3.30 15.20 10.86
N ILE A 543 3.24 16.48 11.20
CA ILE A 543 1.96 17.17 11.10
C ILE A 543 1.60 17.44 9.64
N ASN A 544 2.57 17.49 8.75
CA ASN A 544 2.32 17.41 7.31
C ASN A 544 3.56 16.80 6.67
N PRO A 545 3.48 16.34 5.42
CA PRO A 545 4.59 15.58 4.84
C PRO A 545 5.70 16.42 4.24
N PHE A 546 5.71 17.74 4.39
CA PHE A 546 6.70 18.58 3.72
C PHE A 546 7.77 19.06 4.70
N GLY A 547 9.03 18.98 4.27
CA GLY A 547 10.14 19.43 5.08
C GLY A 547 11.25 20.04 4.25
N LEU A 548 12.15 20.73 4.95
CA LEU A 548 13.31 21.34 4.32
C LEU A 548 14.44 20.33 4.27
N ALA A 549 14.96 20.09 3.07
CA ALA A 549 16.13 19.23 2.91
C ALA A 549 17.35 19.91 3.53
N SER A 550 18.38 19.10 3.77
CA SER A 550 19.65 19.62 4.27
C SER A 550 20.30 20.40 3.13
N ALA A 551 20.21 21.71 3.15
CA ALA A 551 20.69 22.50 2.02
C ALA A 551 20.79 23.97 2.43
N ALA A 552 20.94 24.85 1.43
CA ALA A 552 21.06 26.27 1.70
C ALA A 552 19.87 26.84 2.46
N PRO A 553 18.63 26.42 2.23
CA PRO A 553 17.54 26.92 3.08
C PRO A 553 17.68 26.55 4.55
N THR A 554 18.57 25.63 4.92
CA THR A 554 18.81 25.35 6.32
C THR A 554 20.23 25.75 6.71
N THR A 555 20.74 26.82 6.09
CA THR A 555 22.08 27.34 6.42
C THR A 555 22.20 27.71 7.90
N SER A 556 21.13 28.23 8.50
CA SER A 556 21.12 28.68 9.89
C SER A 556 19.89 28.14 10.59
N SER A 557 20.00 27.95 11.91
CA SER A 557 18.86 27.46 12.67
C SER A 557 17.76 28.51 12.79
N SER A 558 18.11 29.79 12.77
CA SER A 558 17.09 30.85 12.74
C SER A 558 16.21 30.73 11.49
N MET A 559 16.77 30.22 10.40
CA MET A 559 15.98 29.98 9.20
C MET A 559 14.97 28.86 9.42
N ILE A 560 15.42 27.76 10.03
CA ILE A 560 14.50 26.66 10.35
C ILE A 560 13.37 27.16 11.24
N ARG A 561 13.71 27.96 12.26
CA ARG A 561 12.68 28.50 13.15
C ARG A 561 11.60 29.23 12.34
N ARG A 562 12.02 30.05 11.37
CA ARG A 562 11.04 30.77 10.55
C ARG A 562 10.26 29.82 9.64
N ALA A 563 10.89 28.73 9.18
CA ALA A 563 10.14 27.76 8.39
C ALA A 563 9.06 27.08 9.22
N PHE A 564 9.36 26.72 10.47
CA PHE A 564 8.33 26.11 11.31
C PHE A 564 7.19 27.09 11.58
N GLU A 565 7.52 28.37 11.80
CA GLU A 565 6.50 29.41 11.96
C GLU A 565 5.64 29.55 10.70
N ALA A 566 6.20 29.24 9.53
CA ALA A 566 5.44 29.31 8.29
C ALA A 566 4.52 28.12 8.08
N GLY A 567 4.82 26.98 8.70
CA GLY A 567 4.00 25.80 8.55
C GLY A 567 4.74 24.51 8.16
N TRP A 568 6.06 24.53 8.01
CA TRP A 568 6.74 23.34 7.51
C TRP A 568 6.64 22.20 8.53
N GLY A 569 6.40 20.99 8.02
CA GLY A 569 6.25 19.85 8.92
C GLY A 569 7.52 19.47 9.64
N PHE A 570 8.65 19.50 8.92
CA PHE A 570 9.92 19.04 9.46
C PHE A 570 11.07 19.78 8.77
N ALA A 571 12.28 19.55 9.27
CA ALA A 571 13.44 20.18 8.66
C ALA A 571 14.70 19.39 9.00
N LEU A 572 15.65 19.44 8.08
CA LEU A 572 16.97 18.87 8.27
C LEU A 572 17.91 20.00 8.61
N THR A 573 18.83 19.78 9.54
CA THR A 573 19.94 20.71 9.63
C THR A 573 20.80 20.60 8.38
N LYS A 574 21.50 21.68 8.04
CA LYS A 574 22.62 21.54 7.12
C LYS A 574 23.58 20.49 7.67
N THR A 575 24.17 19.67 6.78
CA THR A 575 25.09 18.63 7.25
C THR A 575 26.22 19.26 8.06
N PHE A 576 26.46 18.73 9.27
CA PHE A 576 27.56 19.22 10.08
C PHE A 576 28.43 18.06 10.56
N SER A 577 29.60 18.38 11.09
CA SER A 577 30.59 17.36 11.43
C SER A 577 31.42 17.81 12.63
N LEU A 578 32.37 16.96 13.01
CA LEU A 578 33.19 17.22 14.20
C LEU A 578 34.19 18.32 13.92
N ASP A 579 34.72 18.93 14.99
CA ASP A 579 35.52 20.14 14.82
C ASP A 579 36.72 19.85 13.92
N LYS A 580 37.36 18.69 14.10
CA LYS A 580 38.53 18.37 13.30
C LYS A 580 38.24 18.35 11.80
N ASP A 581 36.98 18.21 11.38
CA ASP A 581 36.59 18.15 9.98
C ASP A 581 36.11 19.50 9.42
N ILE A 582 36.44 20.61 10.12
CA ILE A 582 36.02 21.95 9.71
C ILE A 582 36.45 22.26 8.28
N VAL A 583 35.56 22.92 7.51
CA VAL A 583 35.80 23.25 6.12
C VAL A 583 35.56 24.74 5.89
N THR A 584 35.89 25.17 4.66
CA THR A 584 35.80 26.57 4.26
C THR A 584 35.29 26.61 2.83
N ASN A 585 34.11 27.22 2.64
CA ASN A 585 33.49 27.26 1.32
C ASN A 585 34.26 28.18 0.38
N VAL A 586 34.16 27.89 -0.91
CA VAL A 586 34.65 28.78 -1.96
C VAL A 586 33.49 29.64 -2.46
N SER A 587 33.79 30.63 -3.29
CA SER A 587 32.72 31.34 -3.96
C SER A 587 33.21 31.86 -5.30
N PRO A 588 32.34 31.91 -6.32
CA PRO A 588 30.92 31.52 -6.36
C PRO A 588 30.72 30.02 -6.12
N ARG A 589 29.53 29.60 -5.69
CA ARG A 589 29.37 28.17 -5.47
C ARG A 589 27.98 27.62 -5.75
N ILE A 590 26.98 28.47 -6.05
CA ILE A 590 25.64 28.03 -6.45
C ILE A 590 25.22 28.84 -7.67
N VAL A 591 24.92 28.16 -8.77
CA VAL A 591 24.56 28.83 -10.02
C VAL A 591 23.26 28.26 -10.59
N ARG A 592 22.70 28.99 -11.54
CA ARG A 592 21.43 28.59 -12.15
C ARG A 592 21.65 27.51 -13.21
N GLY A 593 20.61 26.71 -13.42
CA GLY A 593 20.66 25.68 -14.43
C GLY A 593 20.44 26.26 -15.83
N THR A 594 21.07 25.59 -16.80
CA THR A 594 20.88 25.85 -18.22
C THR A 594 19.99 24.80 -18.86
N THR A 595 19.35 23.96 -18.03
CA THR A 595 18.59 22.79 -18.43
C THR A 595 17.30 23.12 -19.16
N SER A 596 16.85 24.39 -19.17
CA SER A 596 15.68 24.77 -19.98
C SER A 596 15.92 26.07 -20.74
N GLY A 597 17.15 26.33 -21.15
CA GLY A 597 17.44 27.45 -21.99
C GLY A 597 17.55 28.75 -21.22
N PRO A 598 17.71 29.86 -21.96
CA PRO A 598 17.97 31.17 -21.34
C PRO A 598 16.68 31.84 -20.85
N MET A 599 16.01 31.20 -19.91
CA MET A 599 14.87 31.76 -19.18
C MET A 599 15.36 32.12 -17.78
N TYR A 600 15.21 33.38 -17.40
CA TYR A 600 15.79 33.92 -16.19
C TYR A 600 14.69 34.32 -15.21
N GLY A 601 15.00 34.30 -13.92
CA GLY A 601 14.02 34.69 -12.93
C GLY A 601 13.32 33.50 -12.33
N PRO A 602 11.99 33.54 -12.26
CA PRO A 602 11.25 32.50 -11.50
C PRO A 602 11.34 31.11 -12.13
N GLY A 603 11.14 30.10 -11.28
CA GLY A 603 11.03 28.74 -11.78
C GLY A 603 12.24 28.19 -12.49
N GLN A 604 13.44 28.45 -11.99
CA GLN A 604 14.62 27.86 -12.60
C GLN A 604 14.49 26.34 -12.56
N SER A 605 14.82 25.68 -13.68
CA SER A 605 14.60 24.23 -13.75
C SER A 605 15.70 23.43 -13.05
N SER A 606 16.80 24.07 -12.67
CA SER A 606 17.81 23.39 -11.89
C SER A 606 18.78 24.42 -11.32
N PHE A 607 19.55 23.97 -10.32
CA PHE A 607 20.71 24.68 -9.82
C PHE A 607 21.87 23.69 -9.78
N LEU A 608 23.08 24.21 -9.80
CA LEU A 608 24.28 23.42 -9.58
C LEU A 608 25.03 24.05 -8.41
N ASN A 609 25.58 23.21 -7.53
CA ASN A 609 26.31 23.75 -6.40
C ASN A 609 27.61 22.99 -6.21
N ILE A 610 28.61 23.72 -5.70
CA ILE A 610 29.86 23.12 -5.25
C ILE A 610 30.05 23.51 -3.78
N GLU A 611 28.98 23.39 -2.99
CA GLU A 611 29.01 23.73 -1.58
C GLU A 611 29.41 22.52 -0.73
N LEU A 612 30.04 22.79 0.40
CA LEU A 612 30.51 21.75 1.30
C LEU A 612 29.47 21.52 2.40
N ILE A 613 29.89 20.92 3.53
CA ILE A 613 29.05 20.83 4.70
C ILE A 613 28.95 22.20 5.35
N SER A 614 28.15 22.28 6.41
CA SER A 614 27.97 23.52 7.15
C SER A 614 29.31 24.05 7.62
N GLU A 615 29.48 25.36 7.51
CA GLU A 615 30.65 25.97 8.09
C GLU A 615 30.47 26.22 9.58
N LYS A 616 29.27 25.97 10.10
CA LYS A 616 28.97 26.17 11.51
C LYS A 616 29.28 24.91 12.31
N THR A 617 29.68 25.10 13.56
CA THR A 617 30.21 24.01 14.38
C THR A 617 29.11 23.05 14.83
N ALA A 618 29.55 21.87 15.27
CA ALA A 618 28.62 20.91 15.85
C ALA A 618 27.97 21.46 17.10
N ALA A 619 28.72 22.24 17.89
CA ALA A 619 28.15 22.85 19.09
C ALA A 619 27.00 23.80 18.74
N TYR A 620 27.17 24.64 17.71
CA TYR A 620 26.07 25.49 17.26
C TYR A 620 24.87 24.66 16.86
N TRP A 621 25.09 23.59 16.07
CA TRP A 621 23.97 22.79 15.60
C TRP A 621 23.32 22.01 16.72
N CYS A 622 24.11 21.43 17.62
CA CYS A 622 23.53 20.65 18.71
C CYS A 622 22.74 21.55 19.65
N GLN A 623 23.28 22.71 20.00
CA GLN A 623 22.51 23.67 20.79
C GLN A 623 21.24 24.11 20.05
N SER A 624 21.35 24.34 18.74
CA SER A 624 20.21 24.82 17.97
C SER A 624 19.09 23.78 17.93
N VAL A 625 19.44 22.50 17.84
CA VAL A 625 18.42 21.46 17.79
C VAL A 625 17.67 21.39 19.12
N THR A 626 18.39 21.59 20.23
CA THR A 626 17.70 21.65 21.53
C THR A 626 16.70 22.80 21.58
N GLU A 627 17.07 23.97 21.05
CA GLU A 627 16.17 25.12 21.18
C GLU A 627 14.95 24.95 20.27
N LEU A 628 15.17 24.41 19.06
CA LEU A 628 14.04 24.22 18.15
C LEU A 628 13.06 23.17 18.69
N LYS A 629 13.56 22.07 19.25
CA LYS A 629 12.67 21.06 19.81
C LYS A 629 11.98 21.57 21.07
N ALA A 630 12.64 22.43 21.85
CA ALA A 630 11.96 23.02 23.00
C ALA A 630 10.79 23.87 22.56
N ASP A 631 10.95 24.64 21.48
CA ASP A 631 9.95 25.63 21.08
C ASP A 631 8.92 25.08 20.10
N PHE A 632 9.23 24.01 19.39
CA PHE A 632 8.34 23.45 18.38
C PHE A 632 8.26 21.94 18.57
N PRO A 633 7.67 21.49 19.68
CA PRO A 633 7.71 20.05 19.97
C PRO A 633 7.02 19.18 18.93
N ASP A 634 6.10 19.73 18.12
CA ASP A 634 5.40 18.94 17.12
C ASP A 634 6.09 18.93 15.76
N ASN A 635 7.13 19.74 15.56
CA ASN A 635 7.86 19.74 14.29
C ASN A 635 9.05 18.80 14.40
N ILE A 636 9.22 17.97 13.38
CA ILE A 636 10.31 17.00 13.36
C ILE A 636 11.60 17.74 12.98
N VAL A 637 12.62 17.61 13.80
CA VAL A 637 13.96 18.10 13.47
C VAL A 637 14.86 16.89 13.33
N ILE A 638 15.57 16.81 12.21
CA ILE A 638 16.46 15.71 11.87
C ILE A 638 17.85 16.29 11.69
N ALA A 639 18.81 15.82 12.47
CA ALA A 639 20.19 16.25 12.31
C ALA A 639 20.85 15.50 11.16
N SER A 640 21.39 16.25 10.20
CA SER A 640 22.20 15.66 9.15
C SER A 640 23.68 15.77 9.52
N ILE A 641 24.41 14.64 9.46
CA ILE A 641 25.79 14.55 9.95
C ILE A 641 26.67 13.78 8.97
N MET A 642 27.99 14.06 9.02
CA MET A 642 28.96 13.43 8.14
C MET A 642 30.29 13.21 8.85
N CYS A 643 30.83 12.01 8.78
CA CYS A 643 32.22 11.77 9.18
C CYS A 643 32.97 11.05 8.06
N SER A 644 34.29 10.97 8.22
CA SER A 644 35.06 10.07 7.39
C SER A 644 34.79 8.63 7.81
N TYR A 645 35.26 7.70 6.99
CA TYR A 645 35.06 6.28 7.27
C TYR A 645 35.86 5.94 8.53
N ASN A 646 35.25 6.20 9.68
CA ASN A 646 35.90 6.09 10.98
C ASN A 646 34.83 5.80 12.02
N LYS A 647 34.94 4.65 12.67
CA LYS A 647 33.90 4.18 13.58
C LYS A 647 33.72 5.11 14.78
N ASN A 648 34.84 5.46 15.45
CA ASN A 648 34.74 6.34 16.62
C ASN A 648 34.10 7.67 16.25
N ASP A 649 34.47 8.22 15.09
CA ASP A 649 33.89 9.49 14.64
C ASP A 649 32.39 9.38 14.43
N TRP A 650 31.92 8.35 13.71
CA TRP A 650 30.49 8.22 13.49
C TRP A 650 29.74 7.98 14.79
N MET A 651 30.36 7.29 15.75
CA MET A 651 29.66 7.03 17.00
C MET A 651 29.62 8.29 17.86
N GLU A 652 30.74 9.01 17.94
CA GLU A 652 30.79 10.27 18.69
C GLU A 652 29.77 11.27 18.15
N LEU A 653 29.82 11.56 16.85
CA LEU A 653 28.97 12.61 16.31
C LEU A 653 27.49 12.22 16.36
N SER A 654 27.17 10.95 16.09
CA SER A 654 25.78 10.56 16.15
C SER A 654 25.22 10.61 17.57
N ARG A 655 26.04 10.28 18.57
CA ARG A 655 25.57 10.42 19.95
C ARG A 655 25.39 11.87 20.34
N LYS A 656 26.28 12.75 19.89
CA LYS A 656 26.13 14.18 20.18
C LYS A 656 24.81 14.70 19.63
N ALA A 657 24.49 14.35 18.38
CA ALA A 657 23.25 14.83 17.78
C ALA A 657 22.02 14.24 18.49
N GLU A 658 22.10 12.96 18.88
CA GLU A 658 21.00 12.33 19.63
C GLU A 658 20.77 13.05 20.95
N ALA A 659 21.84 13.36 21.66
CA ALA A 659 21.71 13.99 22.98
C ALA A 659 21.09 15.37 22.90
N SER A 660 21.25 16.07 21.77
CA SER A 660 20.71 17.40 21.59
C SER A 660 19.19 17.43 21.48
N GLY A 661 18.56 16.28 21.25
CA GLY A 661 17.12 16.19 21.12
C GLY A 661 16.62 15.94 19.70
N ALA A 662 17.51 15.64 18.75
CA ALA A 662 17.08 15.35 17.38
C ALA A 662 16.06 14.22 17.37
N ASP A 663 14.97 14.41 16.63
CA ASP A 663 14.01 13.33 16.43
C ASP A 663 14.64 12.14 15.73
N ALA A 664 15.51 12.40 14.75
CA ALA A 664 16.18 11.38 13.96
C ALA A 664 17.46 11.98 13.41
N LEU A 665 18.30 11.11 12.83
CA LEU A 665 19.50 11.52 12.14
C LEU A 665 19.41 11.17 10.66
N GLU A 666 20.15 11.93 9.85
CA GLU A 666 20.33 11.65 8.42
C GLU A 666 21.82 11.57 8.16
N LEU A 667 22.30 10.42 7.70
CA LEU A 667 23.71 10.21 7.43
C LEU A 667 24.02 10.64 6.00
N ASN A 668 24.82 11.69 5.86
CA ASN A 668 25.25 12.16 4.53
C ASN A 668 26.39 11.27 4.07
N LEU A 669 26.11 10.40 3.10
CA LEU A 669 27.10 9.44 2.63
C LEU A 669 27.93 9.97 1.46
N SER A 670 28.35 11.24 1.48
CA SER A 670 29.10 11.89 0.40
C SER A 670 30.60 11.93 0.60
N CYS A 671 31.11 11.62 1.80
CA CYS A 671 32.56 11.68 2.04
C CYS A 671 33.34 10.73 1.12
N PRO A 672 34.53 11.14 0.69
CA PRO A 672 35.42 10.20 -0.02
C PRO A 672 36.06 9.18 0.93
N HIS A 673 36.54 8.08 0.33
CA HIS A 673 37.31 7.02 0.97
C HIS A 673 37.87 6.16 -0.14
N GLY A 674 39.10 5.65 0.06
CA GLY A 674 39.84 4.99 -1.02
C GLY A 674 39.96 5.86 -2.28
N MET A 675 40.53 5.33 -3.37
CA MET A 675 40.73 6.16 -4.57
C MET A 675 39.45 6.23 -5.41
N GLY A 676 38.86 5.09 -5.72
CA GLY A 676 37.46 5.09 -6.10
C GLY A 676 37.07 4.91 -7.55
N GLU A 677 37.17 3.67 -8.04
CA GLU A 677 36.46 3.24 -9.24
C GLU A 677 36.56 1.73 -9.42
N ARG A 678 36.54 1.00 -8.30
CA ARG A 678 36.43 -0.46 -8.33
C ARG A 678 35.03 -0.86 -8.79
N GLY A 679 34.43 -0.06 -9.68
CA GLY A 679 33.02 -0.12 -9.94
C GLY A 679 32.16 0.55 -8.88
N MET A 680 32.77 1.10 -7.82
CA MET A 680 31.99 1.65 -6.72
C MET A 680 32.46 3.02 -6.28
N GLY A 681 33.28 3.69 -7.06
CA GLY A 681 33.57 5.12 -6.94
C GLY A 681 34.22 5.57 -5.64
N LEU A 682 34.14 6.89 -5.43
CA LEU A 682 34.93 7.60 -4.42
C LEU A 682 34.16 7.80 -3.11
N ALA A 683 32.91 8.26 -3.18
CA ALA A 683 32.16 8.54 -1.96
C ALA A 683 31.67 7.25 -1.30
N CYS A 684 31.67 7.25 0.04
CA CYS A 684 31.15 6.10 0.80
C CYS A 684 29.78 5.66 0.31
N GLY A 685 28.93 6.60 -0.09
CA GLY A 685 27.59 6.23 -0.53
C GLY A 685 27.54 5.40 -1.81
N GLN A 686 28.65 5.26 -2.51
CA GLN A 686 28.68 4.50 -3.75
C GLN A 686 29.15 3.05 -3.56
N ASP A 687 29.44 2.64 -2.33
CA ASP A 687 29.95 1.29 -2.05
C ASP A 687 29.08 0.64 -0.98
N PRO A 688 28.35 -0.43 -1.30
CA PRO A 688 27.42 -1.02 -0.32
C PRO A 688 28.10 -1.51 0.95
N GLU A 689 29.32 -2.04 0.86
CA GLU A 689 29.99 -2.54 2.06
C GLU A 689 30.26 -1.40 3.04
N LEU A 690 30.69 -0.26 2.53
CA LEU A 690 30.94 0.89 3.39
C LEU A 690 29.63 1.38 4.01
N VAL A 691 28.55 1.42 3.24
CA VAL A 691 27.27 1.88 3.77
C VAL A 691 26.78 0.96 4.88
N ARG A 692 26.86 -0.36 4.66
CA ARG A 692 26.41 -1.29 5.68
C ARG A 692 27.17 -1.09 6.99
N ASN A 693 28.48 -0.86 6.89
CA ASN A 693 29.31 -0.72 8.08
C ASN A 693 29.02 0.57 8.82
N ILE A 694 28.90 1.69 8.11
CA ILE A 694 28.57 2.96 8.75
C ILE A 694 27.24 2.84 9.47
N CYS A 695 26.24 2.26 8.82
CA CYS A 695 24.94 2.15 9.46
C CYS A 695 25.01 1.24 10.69
N ARG A 696 25.85 0.21 10.67
CA ARG A 696 26.05 -0.61 11.86
C ARG A 696 26.65 0.21 12.98
N TRP A 697 27.64 1.04 12.67
CA TRP A 697 28.28 1.88 13.69
C TRP A 697 27.24 2.81 14.32
N VAL A 698 26.47 3.51 13.50
CA VAL A 698 25.49 4.44 14.04
C VAL A 698 24.41 3.71 14.83
N ARG A 699 24.03 2.50 14.38
CA ARG A 699 22.99 1.75 15.07
C ARG A 699 23.43 1.30 16.45
N GLN A 700 24.72 0.97 16.63
CA GLN A 700 25.23 0.63 17.97
C GLN A 700 25.21 1.84 18.88
N ALA A 701 25.29 3.04 18.33
CA ALA A 701 25.59 4.22 19.11
C ALA A 701 24.36 4.96 19.59
N VAL A 702 23.29 4.96 18.79
CA VAL A 702 22.11 5.75 19.09
C VAL A 702 20.90 4.83 19.10
N GLN A 703 19.87 5.26 19.81
CA GLN A 703 18.61 4.53 19.80
C GLN A 703 17.49 5.27 19.07
N ILE A 704 17.70 6.51 18.65
CA ILE A 704 16.70 7.22 17.85
C ILE A 704 16.79 6.70 16.42
N PRO A 705 15.75 6.84 15.60
CA PRO A 705 15.84 6.38 14.21
C PRO A 705 16.87 7.17 13.42
N PHE A 706 17.33 6.58 12.34
CA PHE A 706 18.22 7.32 11.46
C PHE A 706 18.04 6.81 10.05
N PHE A 707 18.35 7.68 9.10
CA PHE A 707 18.17 7.41 7.68
C PHE A 707 19.45 7.71 6.93
N ALA A 708 19.79 6.86 5.97
CA ALA A 708 20.95 7.06 5.10
C ALA A 708 20.52 7.82 3.85
N LYS A 709 21.19 8.95 3.60
CA LYS A 709 20.92 9.75 2.40
C LYS A 709 21.75 9.21 1.24
N LEU A 710 21.06 8.71 0.22
CA LEU A 710 21.70 8.04 -0.90
C LEU A 710 22.06 9.02 -2.02
N THR A 711 23.13 8.69 -2.73
CA THR A 711 23.44 9.45 -3.93
C THR A 711 22.86 8.74 -5.15
N PRO A 712 22.29 9.48 -6.11
CA PRO A 712 21.85 8.84 -7.35
C PRO A 712 23.00 8.44 -8.26
N ASN A 713 24.23 8.78 -7.91
CA ASN A 713 25.39 8.56 -8.77
C ASN A 713 25.97 7.16 -8.60
N VAL A 714 25.12 6.14 -8.79
CA VAL A 714 25.51 4.76 -8.58
C VAL A 714 24.85 3.88 -9.62
N THR A 715 25.55 2.80 -9.99
CA THR A 715 25.00 1.87 -10.97
C THR A 715 23.67 1.31 -10.49
N ASP A 716 23.62 0.88 -9.23
CA ASP A 716 22.45 0.20 -8.68
C ASP A 716 22.14 0.78 -7.30
N ILE A 717 21.24 1.77 -7.27
CA ILE A 717 20.93 2.42 -6.01
C ILE A 717 20.21 1.47 -5.04
N VAL A 718 19.56 0.42 -5.54
CA VAL A 718 18.85 -0.50 -4.66
C VAL A 718 19.82 -1.24 -3.77
N SER A 719 21.00 -1.59 -4.30
CA SER A 719 21.97 -2.33 -3.49
C SER A 719 22.47 -1.49 -2.32
N ILE A 720 22.55 -0.16 -2.50
CA ILE A 720 22.95 0.72 -1.40
C ILE A 720 21.85 0.81 -0.35
N ALA A 721 20.59 0.95 -0.78
CA ALA A 721 19.49 0.92 0.16
C ALA A 721 19.42 -0.39 0.92
N ARG A 722 19.62 -1.52 0.23
CA ARG A 722 19.58 -2.81 0.92
C ARG A 722 20.71 -2.91 1.94
N ALA A 723 21.90 -2.40 1.60
CA ALA A 723 23.03 -2.42 2.52
C ALA A 723 22.75 -1.58 3.77
N ALA A 724 22.24 -0.36 3.58
CA ALA A 724 21.84 0.46 4.73
C ALA A 724 20.86 -0.27 5.61
N LYS A 725 19.84 -0.89 5.00
CA LYS A 725 18.84 -1.64 5.75
C LYS A 725 19.49 -2.79 6.51
N GLU A 726 20.42 -3.51 5.87
CA GLU A 726 21.09 -4.59 6.58
C GLU A 726 21.89 -4.07 7.75
N GLY A 727 22.41 -2.84 7.64
CA GLY A 727 23.21 -2.27 8.70
C GLY A 727 22.43 -1.71 9.86
N GLY A 728 21.11 -1.61 9.73
CA GLY A 728 20.26 -1.17 10.81
C GLY A 728 19.57 0.16 10.61
N ALA A 729 19.72 0.78 9.43
CA ALA A 729 19.04 2.03 9.14
C ALA A 729 17.52 1.84 9.23
N ASP A 730 16.83 2.92 9.58
CA ASP A 730 15.37 2.89 9.66
C ASP A 730 14.72 3.41 8.40
N GLY A 731 15.51 3.88 7.43
CA GLY A 731 15.00 4.30 6.14
C GLY A 731 16.11 4.89 5.31
N VAL A 732 15.73 5.35 4.13
CA VAL A 732 16.67 6.01 3.23
C VAL A 732 16.08 7.32 2.72
N THR A 733 16.93 8.32 2.55
CA THR A 733 16.56 9.55 1.86
C THR A 733 17.00 9.45 0.40
N ALA A 734 16.06 9.55 -0.54
CA ALA A 734 16.34 9.35 -1.96
C ALA A 734 15.85 10.56 -2.75
N THR A 735 16.77 11.34 -3.33
CA THR A 735 18.23 11.11 -3.35
C THR A 735 18.94 12.45 -3.15
N ASN A 736 20.28 12.45 -3.08
CA ASN A 736 21.09 13.66 -3.15
C ASN A 736 21.19 14.15 -4.60
N THR A 737 22.09 15.11 -4.87
CA THR A 737 22.22 15.74 -6.17
C THR A 737 22.95 14.83 -7.17
N VAL A 738 22.71 15.10 -8.46
CA VAL A 738 23.36 14.38 -9.56
C VAL A 738 24.65 15.12 -9.91
N SER A 739 25.76 14.40 -10.05
CA SER A 739 26.99 15.12 -10.36
C SER A 739 26.94 15.60 -11.82
N GLY A 740 27.37 16.84 -12.02
CA GLY A 740 27.32 17.37 -13.38
C GLY A 740 28.22 18.58 -13.53
N LEU A 741 28.16 19.16 -14.73
CA LEU A 741 28.88 20.39 -15.06
C LEU A 741 27.88 21.22 -15.85
N MET A 742 27.58 22.42 -15.37
CA MET A 742 26.36 23.07 -15.84
C MET A 742 26.59 23.83 -17.12
N GLY A 743 27.84 23.94 -17.57
CA GLY A 743 28.11 24.57 -18.85
C GLY A 743 29.38 25.41 -18.85
N LEU A 744 29.75 25.91 -20.01
CA LEU A 744 30.93 26.74 -20.20
C LEU A 744 30.51 28.01 -20.94
N LYS A 745 31.25 29.10 -20.73
CA LYS A 745 31.08 30.24 -21.62
C LYS A 745 31.72 29.96 -22.97
N ALA A 746 31.46 30.86 -23.92
CA ALA A 746 31.96 30.64 -25.28
C ALA A 746 33.49 30.59 -25.32
N ASP A 747 34.17 31.24 -24.39
CA ASP A 747 35.63 31.18 -24.37
C ASP A 747 36.15 29.92 -23.65
N GLY A 748 35.28 29.04 -23.20
CA GLY A 748 35.73 27.82 -22.58
C GLY A 748 35.83 27.87 -21.07
N THR A 749 35.63 29.04 -20.44
CA THR A 749 35.74 29.06 -18.99
C THR A 749 34.44 28.56 -18.36
N PRO A 750 34.51 28.02 -17.16
CA PRO A 750 33.33 27.41 -16.57
C PRO A 750 32.50 28.38 -15.74
N TRP A 751 31.37 27.90 -15.27
CA TRP A 751 30.55 28.64 -14.34
C TRP A 751 29.88 27.63 -13.41
N PRO A 752 30.09 27.72 -12.08
CA PRO A 752 30.90 28.71 -11.34
C PRO A 752 32.41 28.72 -11.69
N ALA A 753 33.05 29.88 -11.60
CA ALA A 753 34.48 30.02 -11.84
C ALA A 753 35.11 30.66 -10.61
N VAL A 754 36.06 29.95 -10.00
CA VAL A 754 36.64 30.38 -8.74
C VAL A 754 38.03 30.97 -9.00
N GLY A 755 38.25 32.17 -8.48
CA GLY A 755 39.57 32.76 -8.50
C GLY A 755 39.92 33.41 -9.81
N ALA A 756 41.12 33.99 -9.84
CA ALA A 756 41.63 34.56 -11.08
C ALA A 756 41.86 33.48 -12.12
N GLY A 757 42.12 32.24 -11.68
CA GLY A 757 42.29 31.11 -12.58
C GLY A 757 41.01 30.62 -13.21
N LYS A 758 39.86 31.08 -12.73
CA LYS A 758 38.55 30.71 -13.26
C LYS A 758 38.38 29.18 -13.26
N ARG A 759 38.66 28.57 -12.11
CA ARG A 759 38.64 27.11 -12.02
C ARG A 759 37.30 26.61 -11.49
N THR A 760 37.05 25.32 -11.68
CA THR A 760 35.82 24.73 -11.17
C THR A 760 36.06 23.25 -10.89
N THR A 761 35.05 22.63 -10.29
CA THR A 761 35.03 21.19 -10.08
C THR A 761 33.60 20.71 -10.31
N TYR A 762 33.43 19.39 -10.48
CA TYR A 762 32.09 18.85 -10.67
C TYR A 762 31.20 19.20 -9.48
N GLY A 763 29.97 19.62 -9.78
CA GLY A 763 29.01 19.97 -8.75
C GLY A 763 27.82 19.03 -8.75
N GLY A 764 26.84 19.37 -7.92
CA GLY A 764 25.62 18.61 -7.81
C GLY A 764 24.46 19.40 -8.41
N VAL A 765 23.70 18.72 -9.27
CA VAL A 765 22.52 19.30 -9.92
C VAL A 765 21.31 18.95 -9.08
N SER A 766 20.44 19.94 -8.83
CA SER A 766 19.21 19.82 -8.04
C SER A 766 18.02 20.40 -8.82
N GLY A 767 16.81 20.17 -8.33
CA GLY A 767 15.64 20.84 -8.90
C GLY A 767 14.86 19.99 -9.88
N THR A 768 13.92 20.64 -10.58
CA THR A 768 12.98 19.83 -11.37
C THR A 768 13.66 19.07 -12.50
N ALA A 769 14.84 19.51 -12.95
CA ALA A 769 15.53 18.76 -14.01
C ALA A 769 15.99 17.39 -13.56
N ILE A 770 16.14 17.13 -12.25
CA ILE A 770 16.53 15.80 -11.78
C ILE A 770 15.35 15.02 -11.19
N ARG A 771 14.14 15.56 -11.27
CA ARG A 771 12.97 14.81 -10.77
C ARG A 771 12.81 13.43 -11.40
N PRO A 772 12.92 13.24 -12.73
CA PRO A 772 12.78 11.88 -13.27
C PRO A 772 13.76 10.89 -12.65
N ILE A 773 14.96 11.36 -12.29
CA ILE A 773 15.96 10.49 -11.69
C ILE A 773 15.57 10.13 -10.27
N ALA A 774 15.17 11.14 -9.48
CA ALA A 774 14.78 10.89 -8.10
C ALA A 774 13.52 10.03 -8.04
N LEU A 775 12.58 10.30 -8.95
CA LEU A 775 11.35 9.52 -9.02
C LEU A 775 11.64 8.06 -9.34
N ARG A 776 12.53 7.81 -10.32
CA ARG A 776 12.91 6.44 -10.62
C ARG A 776 13.55 5.76 -9.42
N ALA A 777 14.48 6.45 -8.74
CA ALA A 777 15.18 5.86 -7.59
C ALA A 777 14.19 5.48 -6.48
N VAL A 778 13.32 6.42 -6.11
CA VAL A 778 12.29 6.17 -5.11
C VAL A 778 11.43 4.98 -5.50
N THR A 779 11.01 4.93 -6.79
CA THR A 779 10.17 3.83 -7.26
C THR A 779 10.90 2.50 -7.17
N THR A 780 12.17 2.45 -7.61
CA THR A 780 12.85 1.17 -7.64
C THR A 780 13.13 0.66 -6.22
N ILE A 781 13.41 1.57 -5.28
CA ILE A 781 13.62 1.17 -3.89
C ILE A 781 12.31 0.66 -3.28
N ALA A 782 11.22 1.40 -3.48
CA ALA A 782 9.95 1.01 -2.87
C ALA A 782 9.46 -0.33 -3.40
N ARG A 783 9.75 -0.65 -4.67
CA ARG A 783 9.41 -1.96 -5.20
C ARG A 783 10.38 -3.06 -4.73
N ALA A 784 11.66 -2.72 -4.55
CA ALA A 784 12.63 -3.73 -4.14
C ALA A 784 12.59 -3.99 -2.64
N LEU A 785 12.34 -2.97 -1.84
CA LEU A 785 12.32 -3.09 -0.38
C LEU A 785 10.99 -2.54 0.13
N PRO A 786 9.89 -3.23 -0.14
CA PRO A 786 8.56 -2.70 0.26
C PRO A 786 8.49 -2.43 1.76
N GLY A 787 7.96 -1.27 2.10
CA GLY A 787 7.75 -0.89 3.49
C GLY A 787 8.93 -0.17 4.13
N PHE A 788 10.10 -0.25 3.53
CA PHE A 788 11.26 0.43 4.07
C PHE A 788 11.05 1.93 3.86
N PRO A 789 11.03 2.74 4.92
CA PRO A 789 10.63 4.14 4.76
C PRO A 789 11.53 4.90 3.80
N ILE A 790 10.90 5.78 3.01
CA ILE A 790 11.62 6.63 2.07
C ILE A 790 11.25 8.08 2.33
N LEU A 791 12.25 8.92 2.50
CA LEU A 791 12.14 10.37 2.42
C LEU A 791 12.59 10.80 1.03
N ALA A 792 11.69 11.39 0.26
CA ALA A 792 11.98 11.69 -1.14
C ALA A 792 12.53 13.10 -1.27
N THR A 793 13.50 13.28 -2.18
CA THR A 793 13.97 14.63 -2.49
C THR A 793 14.41 14.65 -3.94
N GLY A 794 14.16 15.78 -4.59
CA GLY A 794 14.67 15.95 -5.94
C GLY A 794 13.63 16.54 -6.87
N GLY A 795 13.47 17.86 -6.85
CA GLY A 795 12.58 18.54 -7.77
C GLY A 795 11.15 18.62 -7.31
N ILE A 796 10.89 18.48 -6.01
CA ILE A 796 9.53 18.61 -5.50
C ILE A 796 9.21 20.09 -5.35
N ASP A 797 8.13 20.56 -6.00
CA ASP A 797 7.87 22.00 -6.03
C ASP A 797 6.39 22.34 -5.96
N SER A 798 5.56 21.41 -5.54
CA SER A 798 4.11 21.60 -5.52
C SER A 798 3.50 20.41 -4.80
N ALA A 799 2.23 20.56 -4.47
CA ALA A 799 1.49 19.45 -3.89
C ALA A 799 1.27 18.37 -4.93
N GLU A 800 1.03 18.77 -6.18
CA GLU A 800 0.87 17.80 -7.24
C GLU A 800 2.11 16.94 -7.40
N SER A 801 3.30 17.55 -7.50
CA SER A 801 4.49 16.73 -7.67
C SER A 801 4.83 15.99 -6.38
N GLY A 802 4.53 16.58 -5.22
CA GLY A 802 4.67 15.83 -3.98
C GLY A 802 3.85 14.56 -3.96
N LEU A 803 2.60 14.62 -4.46
CA LEU A 803 1.75 13.42 -4.47
C LEU A 803 2.27 12.37 -5.43
N GLN A 804 2.99 12.78 -6.48
CA GLN A 804 3.61 11.81 -7.38
C GLN A 804 4.61 10.96 -6.62
N PHE A 805 5.40 11.60 -5.75
CA PHE A 805 6.38 10.88 -4.94
C PHE A 805 5.71 10.00 -3.87
N LEU A 806 4.66 10.50 -3.23
CA LEU A 806 3.90 9.66 -2.29
C LEU A 806 3.31 8.44 -2.98
N HIS A 807 2.63 8.66 -4.12
CA HIS A 807 2.12 7.56 -4.93
C HIS A 807 3.21 6.55 -5.26
N SER A 808 4.46 7.02 -5.39
CA SER A 808 5.57 6.19 -5.78
C SER A 808 6.30 5.54 -4.60
N GLY A 809 5.76 5.66 -3.38
CA GLY A 809 6.28 4.90 -2.25
C GLY A 809 6.94 5.70 -1.16
N ALA A 810 7.12 7.00 -1.34
CA ALA A 810 7.70 7.84 -0.30
C ALA A 810 6.65 8.22 0.74
N SER A 811 7.10 8.42 1.98
CA SER A 811 6.22 8.85 3.08
C SER A 811 6.28 10.35 3.36
N VAL A 812 7.44 11.00 3.19
CA VAL A 812 7.58 12.44 3.41
C VAL A 812 8.47 13.00 2.30
N LEU A 813 8.51 14.33 2.23
CA LEU A 813 8.93 15.04 1.02
C LEU A 813 9.85 16.18 1.43
N GLN A 814 11.10 16.14 0.99
CA GLN A 814 12.09 17.17 1.30
C GLN A 814 12.20 18.14 0.12
N VAL A 815 12.32 19.43 0.43
CA VAL A 815 12.37 20.49 -0.58
C VAL A 815 13.62 21.33 -0.35
N CYS A 816 14.30 21.69 -1.45
CA CYS A 816 15.34 22.72 -1.40
C CYS A 816 15.15 23.74 -2.52
N SER A 817 15.18 23.26 -3.78
CA SER A 817 15.29 24.16 -4.91
C SER A 817 14.04 25.03 -5.08
N ALA A 818 12.86 24.47 -4.80
CA ALA A 818 11.64 25.29 -4.91
C ALA A 818 11.63 26.45 -3.92
N VAL A 819 12.28 26.29 -2.76
CA VAL A 819 12.45 27.39 -1.82
C VAL A 819 13.50 28.39 -2.34
N GLN A 820 14.60 27.88 -2.88
CA GLN A 820 15.61 28.76 -3.49
C GLN A 820 15.01 29.61 -4.61
N ASN A 821 14.09 29.01 -5.40
CA ASN A 821 13.35 29.74 -6.42
C ASN A 821 12.31 30.71 -5.84
N GLN A 822 12.05 30.65 -4.53
CA GLN A 822 10.93 31.43 -3.98
C GLN A 822 11.23 31.88 -2.55
N ASP A 823 10.46 31.37 -1.58
CA ASP A 823 10.62 31.66 -0.15
C ASP A 823 9.90 30.56 0.64
N PHE A 824 9.98 30.64 1.98
CA PHE A 824 9.40 29.60 2.83
C PHE A 824 7.88 29.50 2.70
N THR A 825 7.19 30.57 2.28
CA THR A 825 5.72 30.53 2.36
C THR A 825 5.07 29.65 1.30
N VAL A 826 5.86 29.02 0.39
CA VAL A 826 5.27 28.03 -0.50
C VAL A 826 4.66 26.89 0.29
N ILE A 827 5.03 26.74 1.57
CA ILE A 827 4.47 25.66 2.38
C ILE A 827 2.95 25.78 2.44
N GLN A 828 2.43 27.01 2.51
CA GLN A 828 0.98 27.14 2.60
C GLN A 828 0.32 26.68 1.30
N ASP A 829 0.98 26.95 0.18
CA ASP A 829 0.48 26.41 -1.09
C ASP A 829 0.51 24.89 -1.10
N TYR A 830 1.58 24.28 -0.59
CA TYR A 830 1.68 22.83 -0.67
C TYR A 830 0.63 22.16 0.21
N CYS A 831 0.34 22.75 1.37
CA CYS A 831 -0.60 22.12 2.30
C CYS A 831 -2.03 22.19 1.78
N THR A 832 -2.49 23.38 1.35
CA THR A 832 -3.82 23.48 0.78
C THR A 832 -3.95 22.70 -0.52
N GLY A 833 -2.88 22.65 -1.31
CA GLY A 833 -2.92 21.86 -2.53
C GLY A 833 -3.11 20.39 -2.22
N LEU A 834 -2.39 19.87 -1.23
CA LEU A 834 -2.51 18.46 -0.91
C LEU A 834 -3.88 18.16 -0.31
N LYS A 835 -4.40 19.05 0.53
CA LYS A 835 -5.75 18.88 1.07
C LYS A 835 -6.77 18.77 -0.07
N ALA A 836 -6.66 19.65 -1.06
CA ALA A 836 -7.61 19.66 -2.17
C ALA A 836 -7.50 18.39 -3.01
N LEU A 837 -6.29 17.93 -3.30
CA LEU A 837 -6.13 16.72 -4.10
C LEU A 837 -6.79 15.52 -3.41
N LEU A 838 -6.62 15.39 -2.09
CA LEU A 838 -7.26 14.29 -1.36
C LEU A 838 -8.77 14.46 -1.29
N TYR A 839 -9.24 15.66 -0.94
CA TYR A 839 -10.67 15.93 -0.91
C TYR A 839 -11.35 15.55 -2.23
N LEU A 840 -10.78 15.96 -3.37
CA LEU A 840 -11.43 15.71 -4.65
C LEU A 840 -11.54 14.23 -4.99
N LYS A 841 -10.68 13.37 -4.45
CA LYS A 841 -10.78 11.93 -4.70
C LYS A 841 -12.07 11.32 -4.15
N SER A 842 -12.77 12.04 -3.27
CA SER A 842 -14.02 11.57 -2.72
C SER A 842 -15.24 12.05 -3.50
N ILE A 843 -15.04 12.91 -4.51
CA ILE A 843 -16.13 13.57 -5.23
C ILE A 843 -16.41 12.81 -6.53
N GLU A 844 -17.56 12.12 -6.56
CA GLU A 844 -17.95 11.33 -7.73
C GLU A 844 -18.06 12.18 -8.99
N GLU A 845 -18.64 13.39 -8.89
CA GLU A 845 -18.97 14.20 -10.06
C GLU A 845 -17.75 14.70 -10.81
N LEU A 846 -16.59 14.79 -10.13
CA LEU A 846 -15.36 15.33 -10.68
C LEU A 846 -14.40 14.22 -11.08
N GLN A 847 -14.91 13.01 -11.21
CA GLN A 847 -14.06 11.87 -11.51
C GLN A 847 -13.37 12.01 -12.86
N GLY A 848 -13.93 12.81 -13.79
CA GLY A 848 -13.28 13.09 -15.08
C GLY A 848 -12.10 14.06 -15.05
N TRP A 849 -11.90 14.79 -13.96
CA TRP A 849 -10.79 15.73 -13.83
C TRP A 849 -9.48 14.99 -13.54
N ASP A 850 -8.36 15.67 -13.80
CA ASP A 850 -7.03 15.19 -13.39
C ASP A 850 -6.60 16.07 -12.22
N GLY A 851 -6.78 15.55 -11.00
CA GLY A 851 -6.49 16.37 -9.84
C GLY A 851 -7.39 17.59 -9.83
N GLN A 852 -6.78 18.76 -9.72
CA GLN A 852 -7.57 19.99 -9.75
C GLN A 852 -7.83 20.50 -11.16
N SER A 853 -7.43 19.75 -12.20
CA SER A 853 -7.56 20.21 -13.60
C SER A 853 -8.86 19.69 -14.20
N PRO A 854 -9.79 20.55 -14.60
CA PRO A 854 -11.00 20.04 -15.28
C PRO A 854 -10.61 19.38 -16.59
N GLY A 855 -11.44 18.48 -17.09
CA GLY A 855 -11.23 17.97 -18.42
C GLY A 855 -11.27 19.08 -19.45
N THR A 856 -10.32 19.03 -20.39
CA THR A 856 -10.15 20.10 -21.36
C THR A 856 -11.28 20.06 -22.38
N GLU A 857 -12.08 21.11 -22.41
CA GLU A 857 -13.10 21.23 -23.43
C GLU A 857 -12.54 21.97 -24.65
N SER A 858 -13.13 21.69 -25.80
CA SER A 858 -12.68 22.29 -27.05
C SER A 858 -12.81 23.80 -26.99
N HIS A 859 -11.70 24.50 -27.22
CA HIS A 859 -11.64 25.95 -27.03
C HIS A 859 -10.71 26.59 -28.06
N GLN A 860 -10.88 27.92 -28.20
CA GLN A 860 -9.88 28.82 -28.77
C GLN A 860 -9.68 29.97 -27.80
N LYS A 861 -8.41 30.30 -27.53
CA LYS A 861 -8.02 31.32 -26.54
C LYS A 861 -8.74 31.14 -25.22
N GLY A 862 -8.97 29.88 -24.85
CA GLY A 862 -9.64 29.62 -23.59
C GLY A 862 -11.14 29.88 -23.57
N LYS A 863 -11.74 30.20 -24.69
CA LYS A 863 -13.18 30.31 -24.75
C LYS A 863 -13.74 29.11 -25.48
N PRO A 864 -14.72 28.42 -24.91
CA PRO A 864 -15.30 27.23 -25.58
C PRO A 864 -15.78 27.56 -26.98
N VAL A 865 -15.40 26.70 -27.93
CA VAL A 865 -15.87 26.89 -29.30
C VAL A 865 -17.37 26.71 -29.29
N PRO A 866 -18.11 27.42 -30.17
CA PRO A 866 -19.54 27.16 -30.34
C PRO A 866 -19.88 25.78 -30.86
N ARG A 867 -20.54 24.96 -30.04
CA ARG A 867 -21.08 23.68 -30.51
C ARG A 867 -22.29 23.98 -31.40
N ILE A 868 -21.99 24.24 -32.68
CA ILE A 868 -22.99 24.44 -33.73
C ILE A 868 -22.64 23.48 -34.86
N ALA A 869 -23.66 22.86 -35.45
CA ALA A 869 -23.43 21.80 -36.43
C ALA A 869 -22.69 22.31 -37.66
N GLU A 870 -23.28 23.29 -38.36
CA GLU A 870 -22.63 23.91 -39.51
C GLU A 870 -21.27 24.53 -39.15
N LEU A 871 -20.91 24.60 -37.88
CA LEU A 871 -19.59 25.08 -37.54
C LEU A 871 -18.56 23.95 -37.42
N MET A 872 -19.04 22.72 -37.24
CA MET A 872 -18.22 21.55 -36.91
C MET A 872 -17.97 20.67 -38.13
N GLY A 873 -16.72 20.21 -38.28
CA GLY A 873 -16.33 19.32 -39.34
C GLY A 873 -16.27 19.94 -40.72
N LYS A 874 -16.46 21.25 -40.82
CA LYS A 874 -16.57 21.96 -42.09
C LYS A 874 -15.25 22.47 -42.64
N LYS A 875 -14.13 22.21 -41.97
CA LYS A 875 -12.80 22.67 -42.39
C LYS A 875 -12.74 24.20 -42.42
N LEU A 876 -13.04 24.80 -41.26
CA LEU A 876 -13.06 26.26 -41.14
C LEU A 876 -12.07 26.63 -40.04
N PRO A 877 -10.78 26.76 -40.37
CA PRO A 877 -9.83 27.27 -39.38
C PRO A 877 -10.13 28.72 -39.04
N ASN A 878 -9.52 29.19 -37.96
CA ASN A 878 -9.82 30.51 -37.40
C ASN A 878 -8.96 31.63 -37.99
N PHE A 879 -8.88 31.69 -39.31
CA PHE A 879 -8.19 32.80 -39.95
C PHE A 879 -8.74 32.98 -41.36
N GLY A 880 -8.46 34.16 -41.93
CA GLY A 880 -8.68 34.40 -43.33
C GLY A 880 -10.15 34.36 -43.72
N PRO A 881 -10.42 33.94 -44.96
CA PRO A 881 -11.83 33.82 -45.38
C PRO A 881 -12.60 32.80 -44.59
N TYR A 882 -11.90 31.82 -43.98
CA TYR A 882 -12.58 30.80 -43.18
C TYR A 882 -13.08 31.38 -41.85
N LEU A 883 -12.33 32.30 -41.24
CA LEU A 883 -12.83 32.95 -40.02
C LEU A 883 -14.09 33.75 -40.31
N GLU A 884 -14.10 34.48 -41.43
CA GLU A 884 -15.26 35.29 -41.81
C GLU A 884 -16.51 34.43 -42.01
N GLN A 885 -16.35 33.23 -42.56
CA GLN A 885 -17.50 32.33 -42.68
C GLN A 885 -17.98 31.88 -41.30
N ARG A 886 -17.04 31.53 -40.41
CA ARG A 886 -17.43 31.15 -39.04
C ARG A 886 -18.21 32.27 -38.38
N LYS A 887 -17.80 33.52 -38.61
CA LYS A 887 -18.50 34.65 -38.01
C LYS A 887 -19.91 34.79 -38.56
N LYS A 888 -20.09 34.58 -39.88
CA LYS A 888 -21.44 34.61 -40.44
C LYS A 888 -22.31 33.52 -39.84
N ILE A 889 -21.81 32.29 -39.81
CA ILE A 889 -22.57 31.16 -39.27
C ILE A 889 -22.94 31.40 -37.80
N ILE A 890 -21.99 31.92 -37.01
CA ILE A 890 -22.26 32.16 -35.59
C ILE A 890 -23.33 33.24 -35.42
N ALA A 891 -23.28 34.28 -36.24
CA ALA A 891 -24.25 35.36 -36.11
C ALA A 891 -25.63 34.96 -36.61
N GLU A 892 -25.69 34.11 -37.64
CA GLU A 892 -26.98 33.56 -38.05
C GLU A 892 -27.59 32.71 -36.94
N GLU A 893 -26.77 31.91 -36.26
CA GLU A 893 -27.30 31.05 -35.22
C GLU A 893 -27.81 31.88 -34.04
N LYS A 894 -27.05 32.90 -33.64
CA LYS A 894 -27.51 33.84 -32.61
C LYS A 894 -28.87 34.43 -32.97
N MET A 895 -29.09 34.67 -34.27
CA MET A 895 -30.32 35.27 -34.74
C MET A 895 -31.49 34.28 -34.71
N ARG A 896 -31.21 33.00 -34.98
CA ARG A 896 -32.24 31.99 -34.86
C ARG A 896 -32.62 31.75 -33.40
N LEU A 897 -31.61 31.79 -32.50
CA LEU A 897 -31.86 31.78 -31.07
C LEU A 897 -32.65 33.00 -30.60
N LYS A 898 -32.76 34.04 -31.43
CA LYS A 898 -33.53 35.21 -31.04
C LYS A 898 -35.00 35.01 -31.34
N GLU A 899 -35.33 34.69 -32.60
CA GLU A 899 -36.72 34.63 -33.03
C GLU A 899 -37.49 33.49 -32.36
N GLN A 900 -36.81 32.52 -31.75
CA GLN A 900 -37.43 31.67 -30.74
C GLN A 900 -36.85 32.10 -29.39
N ASN A 901 -37.69 32.70 -28.56
CA ASN A 901 -37.24 33.25 -27.28
C ASN A 901 -37.69 32.32 -26.15
N ALA A 902 -37.00 31.18 -26.05
CA ALA A 902 -37.28 30.22 -24.98
C ALA A 902 -36.02 30.00 -24.15
N ALA A 903 -35.98 28.89 -23.42
CA ALA A 903 -34.81 28.46 -22.66
C ALA A 903 -34.37 29.48 -21.61
N PHE A 904 -34.92 29.40 -20.41
CA PHE A 904 -34.42 30.14 -19.25
C PHE A 904 -34.26 29.20 -18.05
N PRO A 905 -33.40 28.19 -18.15
CA PRO A 905 -33.24 27.27 -17.04
C PRO A 905 -31.82 27.28 -16.50
N PRO A 906 -31.42 28.33 -15.76
CA PRO A 906 -30.10 28.30 -15.11
C PRO A 906 -30.16 27.37 -13.90
N LEU A 907 -29.33 26.32 -13.95
CA LEU A 907 -29.38 25.29 -12.93
C LEU A 907 -29.24 25.89 -11.54
N GLU A 908 -30.09 25.45 -10.61
CA GLU A 908 -29.84 25.81 -9.22
C GLU A 908 -28.57 25.12 -8.73
N ARG A 909 -27.93 25.75 -7.75
CA ARG A 909 -26.57 25.42 -7.40
C ARG A 909 -26.58 24.65 -6.08
N LYS A 910 -26.01 23.45 -6.07
CA LYS A 910 -25.98 22.63 -4.88
C LYS A 910 -24.65 21.88 -4.82
N PRO A 911 -24.02 21.85 -3.65
CA PRO A 911 -22.63 21.39 -3.55
C PRO A 911 -22.50 19.88 -3.69
N PHE A 912 -21.38 19.44 -4.27
CA PHE A 912 -21.07 18.02 -4.34
C PHE A 912 -20.73 17.49 -2.95
N ILE A 913 -21.27 16.32 -2.62
CA ILE A 913 -21.09 15.69 -1.31
C ILE A 913 -20.02 14.61 -1.46
N PRO A 914 -19.05 14.50 -0.56
CA PRO A 914 -18.11 13.38 -0.63
C PRO A 914 -18.84 12.05 -0.39
N LYS A 915 -18.59 11.07 -1.26
CA LYS A 915 -19.29 9.80 -1.19
C LYS A 915 -18.53 8.70 -0.45
N LYS A 916 -17.21 8.67 -0.53
CA LYS A 916 -16.38 7.85 0.34
C LYS A 916 -15.58 8.75 1.27
N PRO A 917 -14.98 8.19 2.33
CA PRO A 917 -14.14 9.01 3.22
C PRO A 917 -12.98 9.65 2.46
N ILE A 918 -12.49 10.76 2.98
CA ILE A 918 -11.37 11.43 2.31
C ILE A 918 -10.09 10.63 2.57
N PRO A 919 -9.34 10.27 1.53
CA PRO A 919 -8.07 9.55 1.74
C PRO A 919 -7.11 10.32 2.64
N ALA A 920 -6.48 9.59 3.57
CA ALA A 920 -5.33 10.04 4.32
C ALA A 920 -4.05 9.80 3.51
N ILE A 921 -2.93 10.33 4.01
CA ILE A 921 -1.66 10.13 3.30
C ILE A 921 -1.31 8.65 3.26
N LYS A 922 -1.52 7.94 4.37
CA LYS A 922 -1.28 6.49 4.35
C LYS A 922 -2.13 5.78 3.29
N ASP A 923 -3.23 6.39 2.84
CA ASP A 923 -4.07 5.80 1.80
C ASP A 923 -3.37 5.80 0.44
N VAL A 924 -2.65 6.87 0.12
CA VAL A 924 -2.13 7.01 -1.24
C VAL A 924 -0.73 6.42 -1.40
N ILE A 925 -0.01 6.18 -0.30
CA ILE A 925 1.40 5.84 -0.41
C ILE A 925 1.60 4.55 -1.19
N GLY A 926 2.39 4.62 -2.25
CA GLY A 926 2.73 3.43 -2.99
C GLY A 926 1.66 2.91 -3.93
N LYS A 927 0.55 3.63 -4.12
CA LYS A 927 -0.57 3.05 -4.87
C LYS A 927 -0.34 3.06 -6.38
N ALA A 928 0.69 3.74 -6.87
CA ALA A 928 0.97 3.71 -8.29
C ALA A 928 1.96 2.61 -8.68
N LEU A 929 2.62 2.01 -7.70
CA LEU A 929 3.72 1.07 -8.00
C LEU A 929 3.23 -0.14 -8.78
N GLN A 930 1.96 -0.53 -8.60
CA GLN A 930 1.41 -1.66 -9.33
C GLN A 930 1.38 -1.44 -10.84
N TYR A 931 1.42 -0.18 -11.30
CA TYR A 931 1.43 0.09 -12.73
C TYR A 931 2.81 -0.13 -13.34
N LEU A 932 3.86 -0.10 -12.52
CA LEU A 932 5.20 -0.40 -13.02
C LEU A 932 5.35 -1.89 -13.33
N GLY A 933 6.17 -2.18 -14.32
CA GLY A 933 6.44 -3.56 -14.66
C GLY A 933 7.67 -3.64 -15.52
N THR A 934 7.99 -4.86 -15.93
CA THR A 934 9.07 -5.04 -16.90
C THR A 934 8.55 -4.72 -18.29
N PHE A 935 9.48 -4.50 -19.22
CA PHE A 935 9.04 -4.28 -20.59
C PHE A 935 8.15 -5.43 -21.06
N GLY A 936 8.47 -6.66 -20.64
CA GLY A 936 7.73 -7.82 -21.09
C GLY A 936 6.31 -7.87 -20.60
N GLU A 937 5.98 -7.11 -19.56
CA GLU A 937 4.60 -7.04 -19.13
C GLU A 937 3.83 -5.89 -19.78
N LEU A 938 4.47 -5.17 -20.71
CA LEU A 938 3.81 -4.14 -21.51
C LEU A 938 3.16 -4.79 -22.73
N SER A 939 1.89 -4.49 -22.96
CA SER A 939 1.18 -5.09 -24.09
C SER A 939 1.63 -4.47 -25.41
N ASN A 940 1.98 -5.33 -26.36
CA ASN A 940 2.21 -4.90 -27.75
C ASN A 940 1.04 -5.23 -28.66
N ILE A 941 -0.09 -5.67 -28.11
CA ILE A 941 -1.29 -5.92 -28.91
C ILE A 941 -2.23 -4.71 -28.87
N GLU A 942 -2.27 -4.00 -27.74
CA GLU A 942 -3.07 -2.80 -27.57
C GLU A 942 -2.26 -1.58 -27.98
N GLN A 943 -2.25 -1.30 -29.28
CA GLN A 943 -1.61 -0.10 -29.81
C GLN A 943 -2.59 1.07 -29.87
N VAL A 944 -2.04 2.28 -29.94
CA VAL A 944 -2.84 3.49 -30.07
C VAL A 944 -2.43 4.24 -31.36
N VAL A 945 -3.25 5.24 -31.71
CA VAL A 945 -2.99 6.17 -32.79
C VAL A 945 -3.33 7.57 -32.26
N ALA A 946 -2.75 8.59 -32.88
CA ALA A 946 -3.09 9.96 -32.52
C ALA A 946 -4.34 10.43 -33.29
N VAL A 947 -5.06 11.35 -32.67
CA VAL A 947 -6.24 11.97 -33.28
C VAL A 947 -6.27 13.43 -32.83
N ILE A 948 -6.54 14.33 -33.78
CA ILE A 948 -6.41 15.77 -33.57
C ILE A 948 -7.80 16.41 -33.57
N ASP A 949 -8.03 17.31 -32.61
CA ASP A 949 -9.28 18.06 -32.51
C ASP A 949 -9.10 19.36 -33.29
N GLU A 950 -9.65 19.38 -34.51
CA GLU A 950 -9.51 20.53 -35.40
C GLU A 950 -9.99 21.83 -34.77
N GLU A 951 -10.92 21.77 -33.81
CA GLU A 951 -11.41 23.02 -33.25
C GLU A 951 -10.43 23.63 -32.25
N MET A 952 -9.50 22.84 -31.71
CA MET A 952 -8.52 23.39 -30.77
C MET A 952 -7.19 23.75 -31.44
N CYS A 953 -6.95 23.27 -32.65
CA CYS A 953 -5.67 23.43 -33.32
C CYS A 953 -5.38 24.91 -33.59
N ILE A 954 -4.11 25.30 -33.54
CA ILE A 954 -3.73 26.65 -33.93
C ILE A 954 -2.78 26.64 -35.15
N ASN A 955 -2.75 25.53 -35.89
CA ASN A 955 -2.28 25.47 -37.28
C ASN A 955 -0.77 25.68 -37.43
N CYS A 956 0.00 25.35 -36.39
CA CYS A 956 1.44 25.54 -36.42
C CYS A 956 2.17 24.46 -37.20
N GLY A 957 1.57 23.27 -37.37
CA GLY A 957 2.24 22.21 -38.10
C GLY A 957 3.39 21.52 -37.37
N LYS A 958 3.52 21.73 -36.05
CA LYS A 958 4.61 21.09 -35.31
C LYS A 958 4.44 19.57 -35.26
N CYS A 959 3.19 19.10 -35.13
CA CYS A 959 2.94 17.66 -35.19
C CYS A 959 3.45 17.10 -36.52
N TYR A 960 3.19 17.82 -37.60
CA TYR A 960 3.62 17.44 -38.95
C TYR A 960 5.13 17.37 -39.06
N MET A 961 5.86 18.45 -38.71
CA MET A 961 7.32 18.38 -38.77
C MET A 961 7.91 17.35 -37.80
N THR A 962 7.29 17.14 -36.64
CA THR A 962 7.84 16.13 -35.75
C THR A 962 7.63 14.73 -36.32
N CYS A 963 6.45 14.43 -36.87
CA CYS A 963 6.29 13.12 -37.50
C CYS A 963 7.13 13.01 -38.77
N ASN A 964 7.42 14.12 -39.46
CA ASN A 964 8.17 14.03 -40.71
C ASN A 964 9.65 13.73 -40.46
N ASP A 965 10.29 14.49 -39.57
CA ASP A 965 11.72 14.34 -39.31
C ASP A 965 12.02 13.60 -38.01
N SER A 966 11.01 13.07 -37.31
CA SER A 966 11.25 12.26 -36.12
C SER A 966 10.29 11.08 -36.03
N GLY A 967 9.51 10.81 -37.08
CA GLY A 967 8.49 9.78 -37.02
C GLY A 967 8.27 9.00 -38.32
N TYR A 968 7.00 8.95 -38.75
CA TYR A 968 6.55 7.97 -39.73
C TYR A 968 5.80 8.62 -40.89
N GLN A 969 5.97 9.94 -41.04
CA GLN A 969 5.40 10.73 -42.13
C GLN A 969 3.91 10.40 -42.33
N ALA A 970 3.19 10.39 -41.20
CA ALA A 970 1.82 9.91 -41.13
C ALA A 970 0.77 11.02 -41.09
N ILE A 971 1.18 12.28 -41.07
CA ILE A 971 0.26 13.41 -40.94
C ILE A 971 0.19 14.21 -42.24
N GLN A 972 -1.04 14.47 -42.70
CA GLN A 972 -1.30 15.36 -43.82
C GLN A 972 -1.54 16.78 -43.29
N PHE A 973 -0.79 17.76 -43.83
CA PHE A 973 -0.90 19.15 -43.43
C PHE A 973 -1.47 19.91 -44.63
N ASP A 974 -2.71 20.38 -44.51
CA ASP A 974 -3.40 20.95 -45.68
C ASP A 974 -2.79 22.29 -46.07
N PRO A 975 -2.45 22.51 -47.33
CA PRO A 975 -1.76 23.74 -47.73
C PRO A 975 -2.61 25.01 -47.69
N GLU A 976 -3.94 24.92 -47.72
CA GLU A 976 -4.79 26.11 -47.66
C GLU A 976 -5.33 26.40 -46.26
N THR A 977 -5.73 25.37 -45.51
CA THR A 977 -6.26 25.56 -44.15
C THR A 977 -5.21 25.40 -43.04
N HIS A 978 -4.04 24.86 -43.36
CA HIS A 978 -3.05 24.52 -42.33
C HIS A 978 -3.68 23.68 -41.20
N LEU A 979 -4.59 22.83 -41.55
CA LEU A 979 -5.13 21.88 -40.58
C LEU A 979 -4.47 20.53 -40.79
N PRO A 980 -4.01 19.86 -39.73
CA PRO A 980 -3.44 18.53 -39.84
C PRO A 980 -4.48 17.42 -39.68
N THR A 981 -4.18 16.27 -40.30
CA THR A 981 -4.98 15.06 -40.12
C THR A 981 -4.06 13.86 -39.99
N VAL A 982 -4.19 13.09 -38.90
CA VAL A 982 -3.42 11.87 -38.73
C VAL A 982 -3.99 10.79 -39.64
N THR A 983 -3.10 10.06 -40.32
CA THR A 983 -3.53 9.01 -41.24
C THR A 983 -3.24 7.64 -40.63
N ASP A 984 -3.70 6.60 -41.34
CA ASP A 984 -3.68 5.24 -40.78
C ASP A 984 -2.27 4.66 -40.67
N THR A 985 -1.25 5.36 -41.15
CA THR A 985 0.11 4.88 -41.00
C THR A 985 0.71 5.28 -39.66
N CYS A 986 -0.05 5.99 -38.82
CA CYS A 986 0.37 6.31 -37.46
C CYS A 986 0.76 5.06 -36.68
N THR A 987 1.83 5.16 -35.88
CA THR A 987 2.30 4.08 -35.02
C THR A 987 2.00 4.34 -33.55
N GLY A 988 1.41 5.49 -33.23
CA GLY A 988 1.16 5.83 -31.85
C GLY A 988 2.38 6.19 -31.05
N CYS A 989 3.50 6.52 -31.71
CA CYS A 989 4.74 6.80 -30.98
C CYS A 989 4.57 7.91 -29.95
N THR A 990 3.67 8.86 -30.23
CA THR A 990 3.17 9.92 -29.33
C THR A 990 4.06 11.16 -29.35
N LEU A 991 5.03 11.22 -30.28
CA LEU A 991 5.83 12.45 -30.38
C LEU A 991 4.97 13.68 -30.68
N CYS A 992 4.01 13.55 -31.60
CA CYS A 992 3.23 14.73 -32.01
C CYS A 992 2.48 15.34 -30.84
N LEU A 993 1.71 14.52 -30.12
CA LEU A 993 1.09 14.99 -28.88
C LEU A 993 2.12 15.67 -27.97
N SER A 994 3.31 15.11 -27.87
CA SER A 994 4.30 15.64 -26.92
C SER A 994 4.79 17.04 -27.30
N VAL A 995 4.77 17.43 -28.59
CA VAL A 995 5.27 18.74 -29.00
C VAL A 995 4.15 19.73 -29.27
N CYS A 996 2.88 19.31 -29.22
CA CYS A 996 1.79 20.20 -29.57
C CYS A 996 1.61 21.25 -28.47
N PRO A 997 1.40 22.52 -28.85
CA PRO A 997 1.28 23.59 -27.84
C PRO A 997 -0.07 23.70 -27.16
N ILE A 998 -1.11 23.03 -27.66
CA ILE A 998 -2.44 23.12 -27.08
C ILE A 998 -2.69 21.87 -26.25
N ILE A 999 -2.94 22.03 -24.95
CA ILE A 999 -3.12 20.89 -24.07
C ILE A 999 -4.31 20.08 -24.55
N ASP A 1000 -4.06 18.81 -24.84
CA ASP A 1000 -5.09 17.83 -25.17
C ASP A 1000 -5.74 18.11 -26.51
N CYS A 1001 -5.13 18.95 -27.35
CA CYS A 1001 -5.63 19.08 -28.72
C CYS A 1001 -5.47 17.75 -29.45
N ILE A 1002 -4.36 17.05 -29.21
CA ILE A 1002 -4.12 15.70 -29.71
C ILE A 1002 -4.34 14.73 -28.56
N ARG A 1003 -5.05 13.63 -28.85
CA ARG A 1003 -5.27 12.55 -27.89
C ARG A 1003 -4.85 11.23 -28.52
N MET A 1004 -4.32 10.33 -27.69
CA MET A 1004 -4.04 8.96 -28.08
C MET A 1004 -5.28 8.10 -27.79
N VAL A 1005 -5.81 7.43 -28.83
CA VAL A 1005 -7.00 6.61 -28.69
C VAL A 1005 -6.66 5.19 -29.16
N SER A 1006 -7.48 4.23 -28.72
CA SER A 1006 -7.32 2.85 -29.17
C SER A 1006 -7.32 2.76 -30.69
N ARG A 1007 -6.36 2.01 -31.24
CA ARG A 1007 -6.31 1.76 -32.68
C ARG A 1007 -7.39 0.77 -33.10
N THR A 1008 -8.20 1.15 -34.08
CA THR A 1008 -9.29 0.28 -34.55
C THR A 1008 -9.03 -0.36 -35.91
N THR A 1009 -7.92 -0.07 -36.56
CA THR A 1009 -7.60 -0.70 -37.85
C THR A 1009 -6.47 -1.70 -37.68
N PRO A 1010 -6.31 -2.64 -38.62
CA PRO A 1010 -5.21 -3.62 -38.49
C PRO A 1010 -3.86 -2.93 -38.40
N TYR A 1011 -2.97 -3.51 -37.60
CA TYR A 1011 -1.66 -2.93 -37.31
C TYR A 1011 -0.55 -3.89 -37.74
N GLU A 1012 0.30 -3.44 -38.66
CA GLU A 1012 1.52 -4.13 -39.04
C GLU A 1012 2.74 -3.27 -38.71
N PRO A 1013 3.66 -3.72 -37.85
CA PRO A 1013 4.92 -3.00 -37.69
C PRO A 1013 5.60 -2.82 -39.04
N LYS A 1014 6.31 -1.70 -39.19
CA LYS A 1014 6.98 -1.37 -40.44
C LYS A 1014 8.38 -1.98 -40.43
N ARG A 1015 8.60 -3.01 -41.23
CA ARG A 1015 9.86 -3.74 -41.21
C ARG A 1015 10.80 -3.37 -42.34
N GLY A 1016 10.37 -2.53 -43.29
CA GLY A 1016 11.21 -2.04 -44.37
C GLY A 1016 11.71 -3.06 -45.36
N LEU A 1017 12.07 -4.25 -44.87
CA LEU A 1017 12.77 -5.33 -45.59
C LEU A 1017 13.17 -5.04 -47.04
N PRO B 3 23.56 32.77 24.30
CA PRO B 3 22.38 33.34 23.63
C PRO B 3 21.55 32.29 22.92
N VAL B 4 20.35 32.67 22.47
CA VAL B 4 19.52 31.77 21.69
C VAL B 4 20.08 31.77 20.27
N LEU B 5 20.73 30.67 19.89
CA LEU B 5 21.36 30.64 18.57
C LEU B 5 20.33 30.53 17.44
N SER B 6 19.17 29.93 17.70
CA SER B 6 18.18 29.70 16.65
C SER B 6 17.21 30.87 16.46
N LYS B 7 17.55 32.04 16.98
CA LYS B 7 16.72 33.22 16.80
C LYS B 7 17.56 34.36 16.25
N ASP B 8 17.00 35.13 15.32
CA ASP B 8 17.71 36.26 14.74
C ASP B 8 17.78 37.42 15.72
N VAL B 9 18.92 38.12 15.72
CA VAL B 9 19.09 39.29 16.57
C VAL B 9 18.30 40.44 15.95
N ALA B 10 18.18 41.57 16.67
CA ALA B 10 17.35 42.68 16.18
C ALA B 10 17.76 43.13 14.78
N ASP B 11 19.04 43.44 14.58
CA ASP B 11 19.52 43.90 13.29
C ASP B 11 19.09 42.99 12.13
N ILE B 12 19.12 41.68 12.32
CA ILE B 12 18.70 40.78 11.25
C ILE B 12 17.19 40.74 11.14
N GLU B 13 16.49 40.84 12.28
CA GLU B 13 15.04 40.90 12.24
C GLU B 13 14.57 42.14 11.47
N SER B 14 15.35 43.21 11.52
CA SER B 14 15.01 44.44 10.81
C SER B 14 15.21 44.26 9.31
N ILE B 15 16.34 43.67 8.90
CA ILE B 15 16.58 43.48 7.47
C ILE B 15 15.53 42.58 6.84
N LEU B 16 14.92 41.69 7.63
CA LEU B 16 13.89 40.78 7.13
C LEU B 16 12.48 41.38 7.16
N ALA B 17 12.34 42.69 7.36
CA ALA B 17 11.02 43.26 7.63
C ALA B 17 10.06 43.02 6.48
N LEU B 18 10.55 43.11 5.23
CA LEU B 18 9.72 42.94 4.05
C LEU B 18 9.64 41.49 3.57
N ASN B 19 10.22 40.54 4.30
CA ASN B 19 10.25 39.16 3.85
C ASN B 19 8.85 38.53 3.97
N PRO B 20 8.42 37.73 3.00
CA PRO B 20 7.06 37.20 3.04
C PRO B 20 6.82 36.28 4.24
N ARG B 21 5.61 36.36 4.79
CA ARG B 21 5.18 35.52 5.89
C ARG B 21 3.75 35.05 5.61
N THR B 22 3.42 33.85 6.08
CA THR B 22 2.08 33.29 5.92
C THR B 22 1.11 34.06 6.79
N GLN B 23 0.07 34.64 6.21
CA GLN B 23 -0.81 35.47 7.02
C GLN B 23 -1.98 34.62 7.54
N SER B 24 -2.50 35.05 8.68
CA SER B 24 -3.56 34.33 9.37
C SER B 24 -4.87 35.10 9.40
N HIS B 25 -4.91 36.32 8.85
CA HIS B 25 -6.15 37.07 8.81
C HIS B 25 -6.24 37.84 7.49
N ALA B 26 -7.47 38.17 7.10
CA ALA B 26 -7.69 39.15 6.06
C ALA B 26 -7.16 40.52 6.49
N ALA B 27 -6.75 41.32 5.50
CA ALA B 27 -6.09 42.60 5.76
C ALA B 27 -7.10 43.74 5.76
N LEU B 28 -6.93 44.68 6.70
CA LEU B 28 -7.77 45.87 6.74
C LEU B 28 -7.01 47.08 6.20
N HIS B 29 -7.49 47.64 5.09
CA HIS B 29 -6.97 48.89 4.56
C HIS B 29 -8.13 49.66 3.93
N SER B 30 -8.33 50.91 4.34
CA SER B 30 -9.47 51.68 3.86
C SER B 30 -9.31 52.02 2.37
N THR B 31 -10.47 52.26 1.74
CA THR B 31 -10.47 52.59 0.32
C THR B 31 -9.72 53.90 0.06
N LEU B 32 -9.94 54.91 0.90
CA LEU B 32 -9.21 56.17 0.81
C LEU B 32 -7.70 55.94 0.96
N ALA B 33 -7.28 55.21 2.00
CA ALA B 33 -5.86 54.94 2.18
C ALA B 33 -5.28 54.26 0.95
N LYS B 34 -6.03 53.34 0.34
CA LYS B 34 -5.57 52.66 -0.87
C LYS B 34 -5.49 53.62 -2.06
N LYS B 35 -6.39 54.60 -2.14
CA LYS B 35 -6.35 55.57 -3.23
C LYS B 35 -5.06 56.38 -3.20
N LEU B 36 -4.65 56.83 -2.00
CA LEU B 36 -3.42 57.61 -1.89
C LEU B 36 -2.18 56.75 -2.15
N ASP B 37 -2.22 55.47 -1.80
CA ASP B 37 -1.03 54.65 -1.89
C ASP B 37 -0.80 54.13 -3.31
N LYS B 38 -1.85 54.14 -4.14
CA LYS B 38 -1.73 53.61 -5.49
C LYS B 38 -0.70 54.38 -6.31
N LYS B 39 -0.63 55.69 -6.11
CA LYS B 39 0.23 56.52 -6.94
C LYS B 39 1.71 56.28 -6.64
N HIS B 40 2.03 55.81 -5.43
CA HIS B 40 3.43 55.60 -5.08
C HIS B 40 4.07 54.51 -5.94
N TRP B 41 3.29 53.55 -6.41
CA TRP B 41 3.83 52.38 -7.06
C TRP B 41 3.59 52.35 -8.57
N LYS B 42 2.95 53.38 -9.13
CA LYS B 42 2.41 53.33 -10.48
C LYS B 42 3.49 53.23 -11.55
N ARG B 43 3.34 52.26 -12.46
CA ARG B 43 4.29 52.05 -13.55
C ARG B 43 3.80 52.57 -14.90
N ASN B 44 2.51 52.45 -15.20
CA ASN B 44 1.98 52.69 -16.54
C ASN B 44 1.31 54.07 -16.61
N PRO B 45 0.82 54.50 -17.78
CA PRO B 45 0.16 55.82 -17.84
C PRO B 45 -1.06 55.88 -16.94
N ASP B 46 -1.28 57.06 -16.38
CA ASP B 46 -2.43 57.35 -15.56
C ASP B 46 -3.58 57.83 -16.43
N LYS B 47 -4.72 57.15 -16.36
CA LYS B 47 -5.87 57.50 -17.19
C LYS B 47 -6.44 58.88 -16.86
N ASN B 48 -6.13 59.41 -15.68
CA ASN B 48 -6.59 60.74 -15.25
C ASN B 48 -5.68 61.88 -15.71
N CYS B 49 -4.53 61.59 -16.33
CA CYS B 49 -3.60 62.63 -16.74
C CYS B 49 -3.89 63.03 -18.18
N PHE B 50 -4.16 64.32 -18.40
CA PHE B 50 -4.49 64.84 -19.73
C PHE B 50 -3.34 65.61 -20.36
N HIS B 51 -2.21 65.72 -19.66
CA HIS B 51 -1.11 66.60 -20.07
C HIS B 51 0.00 65.78 -20.71
N CYS B 52 0.42 66.18 -21.93
CA CYS B 52 1.57 65.55 -22.55
C CYS B 52 2.82 65.82 -21.71
N GLU B 53 3.65 64.79 -21.52
CA GLU B 53 4.95 64.98 -20.90
C GLU B 53 5.86 65.72 -21.88
N LYS B 54 6.76 66.57 -21.35
CA LYS B 54 7.51 67.44 -22.25
C LYS B 54 8.50 66.60 -23.09
N LEU B 55 8.36 66.69 -24.41
CA LEU B 55 9.19 65.90 -25.33
C LEU B 55 10.07 66.76 -26.22
N GLU B 56 10.27 68.03 -25.87
CA GLU B 56 10.97 68.94 -26.76
C GLU B 56 12.42 68.47 -26.96
N ASN B 57 12.80 68.33 -28.23
CA ASN B 57 14.16 67.93 -28.61
C ASN B 57 14.55 66.58 -27.99
N ASN B 58 13.55 65.74 -27.66
CA ASN B 58 13.78 64.36 -27.22
C ASN B 58 13.57 63.41 -28.39
N PHE B 59 14.65 62.89 -28.96
CA PHE B 59 14.55 61.99 -30.10
C PHE B 59 14.89 60.54 -29.72
N ASP B 60 14.69 60.20 -28.46
CA ASP B 60 14.98 58.85 -28.00
C ASP B 60 13.94 57.85 -28.51
N ASP B 61 14.36 56.59 -28.60
CA ASP B 61 13.58 55.53 -29.23
C ASP B 61 12.24 55.38 -28.51
N ILE B 62 11.12 55.52 -29.23
CA ILE B 62 9.80 55.39 -28.61
C ILE B 62 9.09 54.12 -29.06
N LYS B 63 9.78 53.23 -29.75
CA LYS B 63 9.17 52.02 -30.26
C LYS B 63 8.82 51.07 -29.11
N HIS B 64 7.59 50.55 -29.14
CA HIS B 64 7.18 49.54 -28.17
C HIS B 64 7.77 48.15 -28.44
N THR B 65 8.38 47.95 -29.61
CA THR B 65 8.85 46.63 -30.04
C THR B 65 10.36 46.44 -29.87
N THR B 66 11.10 47.45 -29.44
CA THR B 66 12.54 47.29 -29.25
C THR B 66 12.81 46.27 -28.14
N LEU B 67 13.73 45.34 -28.42
CA LEU B 67 14.14 44.30 -27.48
C LEU B 67 15.63 44.37 -27.16
N GLY B 68 15.97 44.13 -25.87
CA GLY B 68 17.31 43.72 -25.50
C GLY B 68 17.45 42.19 -25.56
N GLU B 69 18.65 41.72 -25.20
CA GLU B 69 18.93 40.30 -25.37
C GLU B 69 18.04 39.43 -24.50
N ARG B 70 17.85 39.81 -23.22
CA ARG B 70 16.98 39.03 -22.34
C ARG B 70 15.57 38.90 -22.91
N GLY B 71 14.98 40.02 -23.33
CA GLY B 71 13.64 39.97 -23.87
C GLY B 71 13.57 39.29 -25.23
N ALA B 72 14.59 39.46 -26.07
CA ALA B 72 14.60 38.78 -27.37
C ALA B 72 14.67 37.27 -27.20
N LEU B 73 15.53 36.78 -26.29
CA LEU B 73 15.65 35.35 -26.10
C LEU B 73 14.33 34.76 -25.63
N ARG B 74 13.63 35.48 -24.75
CA ARG B 74 12.35 35.00 -24.26
C ARG B 74 11.34 34.91 -25.38
N GLU B 75 11.23 35.97 -26.18
CA GLU B 75 10.23 35.96 -27.23
C GLU B 75 10.60 34.95 -28.31
N ALA B 76 11.88 34.79 -28.62
CA ALA B 76 12.28 33.81 -29.63
C ALA B 76 11.95 32.39 -29.19
N MET B 77 12.15 32.05 -27.90
CA MET B 77 11.76 30.72 -27.44
C MET B 77 10.25 30.54 -27.46
N ARG B 78 9.49 31.63 -27.39
CA ARG B 78 8.03 31.53 -27.40
C ARG B 78 7.47 31.20 -28.78
N CYS B 79 8.14 31.64 -29.84
CA CYS B 79 7.69 31.38 -31.20
C CYS B 79 7.59 29.88 -31.44
N LEU B 80 6.49 29.45 -32.07
CA LEU B 80 6.28 28.04 -32.40
C LEU B 80 7.13 27.56 -33.58
N LYS B 81 7.75 28.45 -34.34
CA LYS B 81 8.65 28.07 -35.43
C LYS B 81 7.93 27.11 -36.39
N CYS B 82 6.85 27.65 -36.99
CA CYS B 82 5.81 26.89 -37.67
C CYS B 82 6.23 26.41 -39.06
N ALA B 83 5.60 25.32 -39.50
CA ALA B 83 5.76 24.84 -40.87
C ALA B 83 4.99 25.74 -41.83
N ASP B 84 5.55 25.93 -43.04
CA ASP B 84 4.87 26.71 -44.07
C ASP B 84 4.25 27.98 -43.47
N ALA B 85 5.06 28.68 -42.68
CA ALA B 85 4.57 29.64 -41.70
C ALA B 85 3.74 30.75 -42.34
N PRO B 86 2.60 31.10 -41.75
CA PRO B 86 1.76 32.17 -42.32
C PRO B 86 2.36 33.56 -42.16
N CYS B 87 3.24 33.76 -41.19
CA CYS B 87 3.92 35.06 -41.08
C CYS B 87 4.82 35.32 -42.29
N GLN B 88 5.51 34.28 -42.76
CA GLN B 88 6.38 34.42 -43.92
C GLN B 88 5.56 34.67 -45.19
N LYS B 89 4.40 34.01 -45.30
CA LYS B 89 3.50 34.27 -46.41
C LYS B 89 3.04 35.73 -46.41
N SER B 90 2.87 36.32 -45.23
CA SER B 90 2.41 37.69 -45.08
C SER B 90 3.55 38.70 -45.04
N CYS B 91 4.80 38.26 -45.26
CA CYS B 91 5.95 39.17 -45.38
C CYS B 91 6.20 39.50 -46.85
N PRO B 92 6.16 40.78 -47.24
CA PRO B 92 6.41 41.10 -48.66
C PRO B 92 7.77 40.63 -49.18
N THR B 93 8.81 40.54 -48.35
CA THR B 93 10.08 40.02 -48.87
C THR B 93 10.25 38.52 -48.59
N HIS B 94 9.20 37.85 -48.10
CA HIS B 94 9.21 36.41 -47.89
C HIS B 94 10.34 35.95 -46.97
N LEU B 95 10.57 36.69 -45.89
CA LEU B 95 11.60 36.29 -44.92
C LEU B 95 11.26 34.94 -44.29
N ASP B 96 12.26 34.06 -44.20
CA ASP B 96 12.16 32.84 -43.41
C ASP B 96 12.20 33.18 -41.93
N ILE B 97 11.04 33.59 -41.42
CA ILE B 97 10.91 34.00 -40.02
C ILE B 97 11.12 32.81 -39.08
N LYS B 98 10.57 31.64 -39.42
CA LYS B 98 10.83 30.42 -38.66
C LYS B 98 12.32 30.23 -38.41
N SER B 99 13.12 30.37 -39.47
CA SER B 99 14.54 30.08 -39.35
C SER B 99 15.28 31.16 -38.56
N PHE B 100 15.02 32.44 -38.85
CA PHE B 100 15.82 33.45 -38.15
C PHE B 100 15.43 33.51 -36.66
N ILE B 101 14.15 33.33 -36.33
CA ILE B 101 13.77 33.30 -34.92
C ILE B 101 14.35 32.07 -34.22
N THR B 102 14.32 30.91 -34.87
CA THR B 102 15.02 29.75 -34.32
C THR B 102 16.48 30.10 -34.01
N SER B 103 17.18 30.71 -34.97
CA SER B 103 18.57 31.12 -34.75
C SER B 103 18.70 32.02 -33.51
N ILE B 104 17.81 32.99 -33.35
CA ILE B 104 17.85 33.82 -32.15
C ILE B 104 17.68 32.98 -30.87
N SER B 105 16.71 32.07 -30.85
CA SER B 105 16.51 31.28 -29.63
C SER B 105 17.73 30.41 -29.35
N ASN B 106 18.55 30.14 -30.36
CA ASN B 106 19.76 29.36 -30.20
C ASN B 106 20.99 30.22 -29.93
N LYS B 107 20.82 31.54 -29.72
CA LYS B 107 21.90 32.50 -29.46
C LYS B 107 22.78 32.75 -30.69
N ASN B 108 22.29 32.36 -31.88
CA ASN B 108 23.06 32.46 -33.11
C ASN B 108 22.61 33.72 -33.85
N TYR B 109 23.03 34.88 -33.35
CA TYR B 109 22.49 36.12 -33.90
C TYR B 109 23.06 36.42 -35.29
N TYR B 110 24.29 36.00 -35.57
CA TYR B 110 24.82 36.11 -36.94
C TYR B 110 23.92 35.36 -37.94
N GLY B 111 23.62 34.09 -37.64
CA GLY B 111 22.81 33.31 -38.56
C GLY B 111 21.42 33.89 -38.75
N ALA B 112 20.86 34.52 -37.72
CA ALA B 112 19.57 35.19 -37.88
C ALA B 112 19.69 36.38 -38.83
N ALA B 113 20.66 37.25 -38.61
CA ALA B 113 20.86 38.39 -39.49
C ALA B 113 21.11 37.96 -40.93
N LYS B 114 21.94 36.94 -41.13
CA LYS B 114 22.24 36.46 -42.49
C LYS B 114 20.97 36.01 -43.21
N MET B 115 20.10 35.29 -42.51
CA MET B 115 18.82 34.84 -43.08
C MET B 115 17.94 36.05 -43.40
N ILE B 116 17.96 37.06 -42.53
CA ILE B 116 17.18 38.27 -42.74
C ILE B 116 17.69 39.05 -43.94
N PHE B 117 19.00 39.34 -43.97
CA PHE B 117 19.52 40.15 -45.08
C PHE B 117 19.58 39.38 -46.37
N SER B 118 19.49 38.04 -46.31
CA SER B 118 19.44 37.26 -47.55
C SER B 118 18.23 37.64 -48.39
N ASP B 119 17.06 37.79 -47.77
CA ASP B 119 15.85 38.15 -48.50
C ASP B 119 15.47 39.63 -48.39
N ASN B 120 16.15 40.42 -47.57
CA ASN B 120 15.81 41.83 -47.36
C ASN B 120 17.07 42.60 -46.97
N PRO B 121 17.71 43.29 -47.91
CA PRO B 121 18.94 44.03 -47.60
C PRO B 121 18.73 45.27 -46.76
N LEU B 122 17.50 45.66 -46.46
CA LEU B 122 17.20 46.71 -45.48
C LEU B 122 16.60 46.12 -44.20
N GLY B 123 17.16 45.01 -43.73
CA GLY B 123 16.52 44.22 -42.68
C GLY B 123 16.41 44.91 -41.34
N LEU B 124 17.41 45.73 -40.99
CA LEU B 124 17.34 46.44 -39.72
C LEU B 124 16.34 47.59 -39.81
N THR B 125 16.34 48.31 -40.94
CA THR B 125 15.31 49.33 -41.17
C THR B 125 13.92 48.73 -41.04
N CYS B 126 13.67 47.62 -41.72
CA CYS B 126 12.31 47.06 -41.72
C CYS B 126 11.93 46.52 -40.34
N GLY B 127 12.86 45.85 -39.65
CA GLY B 127 12.59 45.44 -38.29
C GLY B 127 12.07 46.58 -37.44
N MET B 128 12.67 47.77 -37.62
CA MET B 128 12.29 48.95 -36.86
C MET B 128 10.94 49.52 -37.30
N VAL B 129 10.63 49.53 -38.60
CA VAL B 129 9.55 50.36 -39.13
C VAL B 129 8.43 49.58 -39.82
N CYS B 130 8.59 48.31 -40.15
CA CYS B 130 7.48 47.58 -40.77
C CYS B 130 6.22 47.73 -39.91
N PRO B 131 5.05 48.00 -40.51
CA PRO B 131 3.79 48.00 -39.72
C PRO B 131 3.26 46.58 -39.58
N THR B 132 3.94 45.82 -38.72
CA THR B 132 3.82 44.36 -38.78
C THR B 132 2.38 43.90 -38.56
N SER B 133 1.53 44.71 -37.93
CA SER B 133 0.17 44.27 -37.71
C SER B 133 -0.60 44.13 -39.02
N ASP B 134 -0.19 44.87 -40.05
CA ASP B 134 -0.76 44.73 -41.38
C ASP B 134 0.11 43.86 -42.29
N LEU B 135 1.11 43.19 -41.73
CA LEU B 135 1.97 42.32 -42.53
C LEU B 135 2.19 40.98 -41.82
N CYS B 136 3.45 40.68 -41.47
CA CYS B 136 3.80 39.35 -40.98
C CYS B 136 3.03 39.00 -39.71
N VAL B 137 3.03 39.91 -38.74
CA VAL B 137 2.40 39.65 -37.43
C VAL B 137 0.90 39.43 -37.57
N GLY B 138 0.26 40.07 -38.55
CA GLY B 138 -1.16 39.90 -38.77
C GLY B 138 -1.55 38.49 -39.14
N GLY B 139 -0.59 37.66 -39.57
CA GLY B 139 -0.87 36.27 -39.88
C GLY B 139 -0.34 35.28 -38.87
N CYS B 140 0.20 35.73 -37.73
CA CYS B 140 0.90 34.85 -36.81
C CYS B 140 -0.06 33.90 -36.12
N ASN B 141 0.27 32.60 -36.13
CA ASN B 141 -0.59 31.62 -35.49
C ASN B 141 -0.77 31.87 -34.00
N LEU B 142 0.22 32.48 -33.34
CA LEU B 142 0.07 32.67 -31.89
C LEU B 142 -0.95 33.75 -31.55
N TYR B 143 -1.51 34.45 -32.54
CA TYR B 143 -2.69 35.28 -32.29
C TYR B 143 -3.82 34.46 -31.67
N ALA B 144 -3.89 33.17 -31.98
CA ALA B 144 -4.91 32.31 -31.41
C ALA B 144 -4.57 31.87 -29.99
N THR B 145 -3.65 32.54 -29.28
CA THR B 145 -3.44 32.31 -27.86
C THR B 145 -3.70 33.60 -27.08
N GLU B 146 -4.06 33.44 -25.81
CA GLU B 146 -4.27 34.60 -24.94
C GLU B 146 -3.04 35.51 -24.92
N GLU B 147 -1.84 34.93 -24.87
CA GLU B 147 -0.64 35.77 -24.80
C GLU B 147 -0.30 36.41 -26.16
N GLY B 148 -0.93 36.00 -27.26
CA GLY B 148 -0.89 36.78 -28.48
C GLY B 148 0.32 36.53 -29.37
N SER B 149 0.36 37.31 -30.45
CA SER B 149 1.31 37.13 -31.54
C SER B 149 2.74 37.50 -31.15
N ILE B 150 3.68 36.97 -31.92
CA ILE B 150 5.12 37.17 -31.70
C ILE B 150 5.53 38.55 -32.20
N ASN B 151 6.40 39.22 -31.43
CA ASN B 151 6.98 40.51 -31.82
C ASN B 151 8.08 40.27 -32.87
N ILE B 152 7.62 40.01 -34.10
CA ILE B 152 8.55 39.65 -35.17
C ILE B 152 9.48 40.81 -35.48
N GLY B 153 8.93 42.02 -35.57
CA GLY B 153 9.75 43.15 -35.93
C GLY B 153 10.89 43.39 -34.96
N GLY B 154 10.60 43.34 -33.65
CA GLY B 154 11.63 43.56 -32.66
C GLY B 154 12.70 42.49 -32.68
N LEU B 155 12.32 41.23 -32.93
CA LEU B 155 13.31 40.17 -33.05
C LEU B 155 14.21 40.41 -34.25
N GLN B 156 13.62 40.80 -35.39
CA GLN B 156 14.41 41.17 -36.55
C GLN B 156 15.35 42.33 -36.22
N GLN B 157 14.83 43.37 -35.58
CA GLN B 157 15.67 44.50 -35.15
C GLN B 157 16.82 44.04 -34.25
N PHE B 158 16.53 43.16 -33.27
CA PHE B 158 17.56 42.75 -32.31
C PHE B 158 18.70 42.02 -33.01
N ALA B 159 18.39 40.93 -33.71
CA ALA B 159 19.42 40.16 -34.40
C ALA B 159 20.26 41.05 -35.32
N SER B 160 19.60 41.98 -36.01
CA SER B 160 20.27 42.87 -36.96
C SER B 160 21.12 43.92 -36.27
N GLU B 161 20.69 44.42 -35.10
CA GLU B 161 21.54 45.32 -34.32
C GLU B 161 22.82 44.63 -33.87
N VAL B 162 22.73 43.37 -33.40
CA VAL B 162 23.93 42.67 -32.97
C VAL B 162 24.89 42.51 -34.13
N PHE B 163 24.39 42.10 -35.30
CA PHE B 163 25.24 41.94 -36.47
C PHE B 163 25.87 43.27 -36.85
N LYS B 164 25.10 44.36 -36.77
CA LYS B 164 25.66 45.68 -37.01
C LYS B 164 26.83 45.96 -36.07
N ALA B 165 26.70 45.61 -34.78
CA ALA B 165 27.79 45.88 -33.83
C ALA B 165 29.00 45.02 -34.11
N MET B 166 28.79 43.86 -34.72
CA MET B 166 29.88 42.98 -35.13
C MET B 166 30.84 43.69 -36.08
N ASN B 167 30.35 44.65 -36.87
CA ASN B 167 31.16 45.33 -37.89
C ASN B 167 31.81 44.36 -38.85
N ILE B 168 30.98 43.50 -39.42
CA ILE B 168 31.40 42.49 -40.39
C ILE B 168 30.91 42.96 -41.76
N PRO B 169 31.74 42.98 -42.78
CA PRO B 169 31.29 43.44 -44.10
C PRO B 169 30.65 42.32 -44.92
N GLN B 170 29.76 42.74 -45.82
CA GLN B 170 29.29 41.85 -46.86
C GLN B 170 30.43 41.57 -47.83
N ILE B 171 30.47 40.35 -48.36
CA ILE B 171 31.43 39.99 -49.40
C ILE B 171 30.70 39.71 -50.71
N ARG B 172 31.49 39.78 -51.78
CA ARG B 172 31.08 39.28 -53.08
C ARG B 172 30.60 37.84 -52.94
N ASN B 173 29.43 37.57 -53.49
CA ASN B 173 28.90 36.23 -53.68
C ASN B 173 30.04 35.24 -53.95
N PRO B 174 30.34 34.33 -53.01
CA PRO B 174 31.50 33.44 -53.22
C PRO B 174 31.26 32.34 -54.25
N CYS B 175 30.04 32.15 -54.73
CA CYS B 175 29.81 31.20 -55.80
C CYS B 175 30.13 31.78 -57.15
N LEU B 176 30.54 33.04 -57.20
CA LEU B 176 30.78 33.64 -58.49
C LEU B 176 32.19 33.29 -58.95
N PRO B 177 32.43 33.23 -60.26
CA PRO B 177 33.81 33.23 -60.74
C PRO B 177 34.51 34.53 -60.36
N SER B 178 35.84 34.48 -60.34
CA SER B 178 36.67 35.67 -60.20
C SER B 178 36.25 36.74 -61.21
N GLN B 179 36.47 38.02 -60.86
CA GLN B 179 36.02 39.12 -61.72
C GLN B 179 36.52 38.92 -63.16
N GLU B 180 37.83 38.88 -63.34
CA GLU B 180 38.54 38.33 -64.51
C GLU B 180 37.74 37.45 -65.45
N LYS B 181 37.11 36.42 -64.90
CA LYS B 181 36.51 35.35 -65.69
C LYS B 181 35.03 35.56 -65.91
N MET B 182 34.50 36.70 -65.50
CA MET B 182 33.09 36.95 -65.59
C MET B 182 32.76 37.24 -67.07
N PRO B 183 31.64 36.74 -67.59
CA PRO B 183 31.30 37.05 -68.99
C PRO B 183 31.11 38.54 -69.21
N GLU B 184 31.20 38.97 -70.46
CA GLU B 184 31.21 40.42 -70.74
C GLU B 184 29.87 41.07 -70.39
N ALA B 185 28.79 40.30 -70.38
CA ALA B 185 27.48 40.88 -70.09
C ALA B 185 27.41 41.48 -68.68
N TYR B 186 28.22 40.98 -67.75
CA TYR B 186 28.17 41.45 -66.38
C TYR B 186 28.86 42.79 -66.19
N SER B 187 29.54 43.31 -67.21
CA SER B 187 30.11 44.66 -67.18
C SER B 187 29.19 45.69 -67.81
N ALA B 188 27.94 45.32 -68.13
CA ALA B 188 26.97 46.27 -68.66
C ALA B 188 26.80 47.45 -67.69
N LYS B 189 26.76 48.67 -68.25
CA LYS B 189 26.54 49.86 -67.45
C LYS B 189 25.07 49.95 -67.05
N ILE B 190 24.81 49.99 -65.75
CA ILE B 190 23.46 49.98 -65.20
C ILE B 190 23.27 51.27 -64.40
N ALA B 191 22.16 51.96 -64.65
CA ALA B 191 21.80 53.17 -63.90
C ALA B 191 20.56 52.91 -63.07
N LEU B 192 20.57 53.42 -61.84
CA LEU B 192 19.40 53.47 -60.98
C LEU B 192 19.18 54.91 -60.57
N LEU B 193 17.92 55.31 -60.49
CA LEU B 193 17.58 56.69 -60.21
C LEU B 193 16.94 56.76 -58.83
N GLY B 194 17.55 57.52 -57.93
CA GLY B 194 17.01 57.72 -56.60
C GLY B 194 17.60 56.73 -55.63
N ALA B 195 18.13 57.20 -54.51
CA ALA B 195 18.85 56.36 -53.55
C ALA B 195 17.96 55.97 -52.36
N GLY B 196 16.78 55.41 -52.64
CA GLY B 196 15.91 54.97 -51.60
C GLY B 196 15.91 53.46 -51.47
N PRO B 197 15.07 52.94 -50.57
CA PRO B 197 14.90 51.48 -50.44
C PRO B 197 14.74 50.72 -51.75
N ALA B 198 13.91 51.19 -52.68
CA ALA B 198 13.71 50.45 -53.93
C ALA B 198 15.03 50.26 -54.69
N SER B 199 15.76 51.35 -54.91
CA SER B 199 17.01 51.26 -55.66
C SER B 199 18.12 50.54 -54.88
N ILE B 200 18.17 50.71 -53.55
CA ILE B 200 19.22 50.04 -52.77
C ILE B 200 19.05 48.53 -52.84
N SER B 201 17.80 48.06 -52.75
CA SER B 201 17.54 46.63 -52.88
C SER B 201 17.95 46.15 -54.26
N CYS B 202 17.45 46.82 -55.29
CA CYS B 202 17.72 46.42 -56.66
C CYS B 202 19.21 46.38 -56.94
N ALA B 203 19.91 47.46 -56.58
CA ALA B 203 21.35 47.49 -56.84
C ALA B 203 22.09 46.40 -56.08
N SER B 204 21.62 46.07 -54.86
CA SER B 204 22.27 45.04 -54.07
C SER B 204 22.14 43.68 -54.74
N PHE B 205 20.91 43.32 -55.14
CA PHE B 205 20.70 42.02 -55.75
C PHE B 205 21.39 41.93 -57.11
N LEU B 206 21.37 43.03 -57.88
CA LEU B 206 22.15 43.06 -59.11
C LEU B 206 23.63 42.80 -58.84
N ALA B 207 24.17 43.42 -57.79
CA ALA B 207 25.57 43.17 -57.44
C ALA B 207 25.79 41.73 -56.98
N ARG B 208 24.86 41.18 -56.19
CA ARG B 208 24.95 39.76 -55.83
C ARG B 208 25.08 38.86 -57.06
N LEU B 209 24.34 39.17 -58.12
CA LEU B 209 24.38 38.39 -59.35
C LEU B 209 25.69 38.53 -60.12
N GLY B 210 26.54 39.49 -59.76
CA GLY B 210 27.84 39.63 -60.37
C GLY B 210 28.05 40.84 -61.26
N TYR B 211 27.10 41.77 -61.32
CA TYR B 211 27.25 42.95 -62.15
C TYR B 211 28.22 43.91 -61.48
N SER B 212 29.16 44.44 -62.26
CA SER B 212 30.32 45.15 -61.73
C SER B 212 30.30 46.65 -62.02
N ASP B 213 29.27 47.16 -62.74
CA ASP B 213 29.21 48.59 -63.08
C ASP B 213 27.78 49.08 -62.84
N ILE B 214 27.50 49.38 -61.58
CA ILE B 214 26.18 49.77 -61.08
C ILE B 214 26.30 51.15 -60.44
N THR B 215 25.51 52.10 -60.92
CA THR B 215 25.55 53.45 -60.37
C THR B 215 24.15 53.89 -59.97
N ILE B 216 24.01 54.35 -58.72
CA ILE B 216 22.81 55.04 -58.25
C ILE B 216 23.03 56.55 -58.34
N PHE B 217 22.21 57.23 -59.14
CA PHE B 217 22.23 58.69 -59.22
C PHE B 217 21.16 59.25 -58.28
N GLU B 218 21.58 60.05 -57.29
CA GLU B 218 20.70 60.60 -56.26
C GLU B 218 20.61 62.12 -56.38
N LYS B 219 19.39 62.64 -56.35
CA LYS B 219 19.17 64.07 -56.44
C LYS B 219 19.81 64.81 -55.27
N GLN B 220 19.46 64.43 -54.04
CA GLN B 220 19.86 65.18 -52.86
C GLN B 220 21.34 64.93 -52.55
N GLU B 221 21.84 65.58 -51.50
CA GLU B 221 23.17 65.30 -51.00
C GLU B 221 23.18 64.28 -49.87
N TYR B 222 22.05 63.67 -49.53
CA TYR B 222 21.95 62.61 -48.56
C TYR B 222 21.36 61.40 -49.28
N VAL B 223 21.55 60.20 -48.70
CA VAL B 223 21.05 58.95 -49.28
C VAL B 223 20.11 58.26 -48.30
N GLY B 224 19.29 57.36 -48.84
CA GLY B 224 18.36 56.56 -48.07
C GLY B 224 16.90 56.90 -48.30
N GLY B 225 16.60 57.94 -49.07
CA GLY B 225 15.21 58.27 -49.30
C GLY B 225 14.48 58.70 -48.04
N LEU B 226 13.17 58.39 -48.03
CA LEU B 226 12.30 58.75 -46.91
C LEU B 226 12.79 58.18 -45.58
N SER B 227 13.50 57.04 -45.61
CA SER B 227 14.11 56.53 -44.38
C SER B 227 14.98 57.59 -43.73
N THR B 228 15.65 58.39 -44.55
CA THR B 228 16.50 59.48 -44.07
C THR B 228 15.73 60.78 -43.96
N SER B 229 15.02 61.20 -45.02
CA SER B 229 14.49 62.55 -45.04
C SER B 229 13.22 62.74 -44.21
N GLU B 230 12.45 61.68 -43.91
CA GLU B 230 11.18 61.91 -43.21
C GLU B 230 10.87 60.99 -42.03
N ILE B 231 11.22 59.71 -42.08
CA ILE B 231 10.89 58.86 -40.93
C ILE B 231 11.62 59.37 -39.69
N PRO B 232 10.93 59.61 -38.57
CA PRO B 232 11.59 60.26 -37.42
C PRO B 232 12.78 59.48 -36.85
N GLN B 233 13.75 60.25 -36.36
CA GLN B 233 14.89 59.66 -35.66
C GLN B 233 14.44 58.81 -34.46
N PHE B 234 13.31 59.15 -33.82
CA PHE B 234 12.89 58.39 -32.65
C PHE B 234 12.15 57.10 -33.02
N ARG B 235 11.96 56.83 -34.30
CA ARG B 235 11.59 55.50 -34.76
C ARG B 235 12.71 54.80 -35.50
N LEU B 236 13.48 55.52 -36.32
CA LEU B 236 14.53 54.92 -37.14
C LEU B 236 15.79 55.78 -37.06
N PRO B 237 16.80 55.37 -36.29
CA PRO B 237 18.01 56.19 -36.16
C PRO B 237 18.78 56.20 -37.46
N TYR B 238 19.35 57.38 -37.79
CA TYR B 238 20.02 57.50 -39.08
C TYR B 238 21.19 56.54 -39.22
N ASP B 239 21.86 56.14 -38.13
CA ASP B 239 23.00 55.27 -38.36
C ASP B 239 22.56 53.87 -38.80
N VAL B 240 21.29 53.49 -38.62
CA VAL B 240 20.78 52.30 -39.27
C VAL B 240 20.87 52.44 -40.79
N VAL B 241 20.39 53.57 -41.32
CA VAL B 241 20.43 53.80 -42.77
C VAL B 241 21.87 53.72 -43.29
N ASN B 242 22.78 54.47 -42.64
CA ASN B 242 24.18 54.46 -43.03
C ASN B 242 24.75 53.04 -43.01
N PHE B 243 24.33 52.24 -42.04
CA PHE B 243 24.80 50.87 -41.93
C PHE B 243 24.41 50.06 -43.17
N GLU B 244 23.16 50.20 -43.61
CA GLU B 244 22.71 49.38 -44.72
C GLU B 244 23.25 49.89 -46.06
N ILE B 245 23.57 51.18 -46.16
CA ILE B 245 24.23 51.70 -47.37
C ILE B 245 25.65 51.13 -47.47
N GLU B 246 26.37 51.06 -46.37
CA GLU B 246 27.74 50.57 -46.45
C GLU B 246 27.79 49.09 -46.79
N LEU B 247 26.81 48.31 -46.36
CA LEU B 247 26.78 46.91 -46.78
C LEU B 247 26.65 46.79 -48.29
N MET B 248 25.75 47.57 -48.88
CA MET B 248 25.63 47.59 -50.35
C MET B 248 26.91 48.06 -51.01
N LYS B 249 27.57 49.06 -50.44
CA LYS B 249 28.82 49.55 -51.04
C LYS B 249 29.94 48.53 -50.97
N ASP B 250 29.88 47.59 -50.02
CA ASP B 250 30.84 46.50 -49.96
C ASP B 250 30.83 45.67 -51.24
N LEU B 251 29.69 45.65 -51.94
CA LEU B 251 29.50 44.90 -53.18
C LEU B 251 30.00 45.63 -54.41
N GLY B 252 30.33 46.92 -54.29
CA GLY B 252 30.87 47.68 -55.39
C GLY B 252 29.90 48.65 -56.03
N VAL B 253 28.68 48.76 -55.50
CA VAL B 253 27.72 49.70 -56.05
C VAL B 253 28.23 51.12 -55.83
N LYS B 254 28.13 51.95 -56.86
CA LYS B 254 28.56 53.35 -56.77
C LYS B 254 27.34 54.23 -56.51
N ILE B 255 27.56 55.35 -55.83
CA ILE B 255 26.52 56.34 -55.58
C ILE B 255 27.08 57.70 -55.94
N ILE B 256 26.36 58.43 -56.78
CA ILE B 256 26.75 59.77 -57.17
C ILE B 256 25.62 60.70 -56.76
N CYS B 257 25.92 61.60 -55.83
CA CYS B 257 24.91 62.47 -55.26
C CYS B 257 24.81 63.73 -56.11
N GLY B 258 23.72 64.48 -55.92
CA GLY B 258 23.53 65.71 -56.66
C GLY B 258 23.23 65.54 -58.13
N LYS B 259 22.79 64.36 -58.57
CA LYS B 259 22.34 64.18 -59.94
C LYS B 259 20.89 63.74 -60.00
N SER B 260 20.12 64.41 -60.86
CA SER B 260 18.67 64.28 -60.95
C SER B 260 18.25 63.74 -62.30
N LEU B 261 17.25 62.85 -62.27
CA LEU B 261 16.39 62.60 -63.42
C LEU B 261 15.53 63.83 -63.68
N SER B 262 15.83 64.55 -64.77
CA SER B 262 15.08 65.75 -65.07
C SER B 262 15.43 66.22 -66.47
N GLU B 263 14.47 66.87 -67.13
CA GLU B 263 14.61 67.12 -68.57
C GLU B 263 15.93 67.78 -68.91
N ASN B 264 16.47 68.61 -68.02
CA ASN B 264 17.71 69.31 -68.31
C ASN B 264 18.96 68.58 -67.79
N GLU B 265 18.80 67.44 -67.12
CA GLU B 265 19.95 66.67 -66.65
C GLU B 265 19.86 65.22 -67.15
N ILE B 266 19.61 64.27 -66.24
CA ILE B 266 19.52 62.87 -66.64
C ILE B 266 18.15 62.58 -67.25
N THR B 267 18.15 62.09 -68.50
CA THR B 267 16.96 61.60 -69.17
C THR B 267 17.23 60.19 -69.68
N LEU B 268 16.17 59.48 -70.05
CA LEU B 268 16.36 58.19 -70.70
C LEU B 268 17.20 58.34 -71.96
N ASN B 269 16.98 59.41 -72.72
CA ASN B 269 17.79 59.68 -73.90
C ASN B 269 19.26 59.80 -73.56
N THR B 270 19.61 60.64 -72.56
CA THR B 270 21.02 60.81 -72.25
C THR B 270 21.62 59.52 -71.72
N LEU B 271 20.87 58.78 -70.89
CA LEU B 271 21.34 57.47 -70.45
C LEU B 271 21.65 56.58 -71.64
N LYS B 272 20.83 56.65 -72.69
CA LYS B 272 21.07 55.83 -73.87
C LYS B 272 22.25 56.36 -74.69
N GLU B 273 22.41 57.69 -74.78
CA GLU B 273 23.59 58.22 -75.50
C GLU B 273 24.89 57.85 -74.79
N GLU B 274 24.88 57.76 -73.46
CA GLU B 274 26.11 57.48 -72.72
C GLU B 274 26.40 56.00 -72.52
N GLY B 275 25.61 55.10 -73.11
CA GLY B 275 25.96 53.69 -73.12
C GLY B 275 25.35 52.85 -72.04
N TYR B 276 24.43 53.38 -71.25
CA TYR B 276 23.79 52.57 -70.22
C TYR B 276 22.89 51.53 -70.87
N LYS B 277 22.91 50.31 -70.33
CA LYS B 277 22.16 49.22 -70.94
C LYS B 277 20.83 48.94 -70.27
N ALA B 278 20.63 49.39 -69.04
CA ALA B 278 19.36 49.23 -68.36
C ALA B 278 19.24 50.31 -67.29
N ALA B 279 18.01 50.65 -66.94
CA ALA B 279 17.73 51.69 -65.94
C ALA B 279 16.61 51.24 -65.02
N PHE B 280 16.75 51.55 -63.72
CA PHE B 280 15.72 51.32 -62.72
C PHE B 280 15.29 52.65 -62.13
N ILE B 281 14.01 52.95 -62.20
CA ILE B 281 13.47 54.22 -61.69
C ILE B 281 12.90 53.95 -60.29
N GLY B 282 13.58 54.50 -59.28
CA GLY B 282 13.13 54.43 -57.91
C GLY B 282 13.17 55.78 -57.22
N ILE B 283 12.62 56.82 -57.86
CA ILE B 283 12.67 58.16 -57.31
C ILE B 283 11.52 58.47 -56.36
N GLY B 284 10.67 57.49 -56.05
CA GLY B 284 9.58 57.74 -55.12
C GLY B 284 8.59 58.80 -55.63
N LEU B 285 7.85 59.38 -54.67
CA LEU B 285 6.86 60.43 -54.94
C LEU B 285 7.36 61.74 -54.34
N PRO B 286 8.04 62.58 -55.12
CA PRO B 286 8.89 63.63 -54.52
C PRO B 286 8.16 64.92 -54.09
N GLU B 287 6.88 65.08 -54.36
CA GLU B 287 6.24 66.38 -54.11
C GLU B 287 5.00 66.20 -53.26
N PRO B 288 4.61 67.23 -52.51
CA PRO B 288 3.44 67.10 -51.64
C PRO B 288 2.15 67.19 -52.44
N LYS B 289 1.15 66.44 -52.02
CA LYS B 289 -0.20 66.71 -52.50
C LYS B 289 -0.70 67.98 -51.83
N THR B 290 -1.08 68.96 -52.63
CA THR B 290 -1.45 70.27 -52.10
C THR B 290 -2.93 70.54 -52.32
N ASP B 291 -3.41 71.59 -51.64
CA ASP B 291 -4.77 72.05 -51.78
C ASP B 291 -4.78 73.55 -52.08
N ASP B 292 -5.76 73.97 -52.88
CA ASP B 292 -5.86 75.38 -53.25
C ASP B 292 -6.06 76.27 -52.04
N ILE B 293 -6.62 75.74 -50.95
CA ILE B 293 -6.93 76.53 -49.77
C ILE B 293 -5.66 77.14 -49.17
N PHE B 294 -4.51 76.51 -49.40
CA PHE B 294 -3.27 76.89 -48.75
C PHE B 294 -2.28 77.59 -49.68
N GLN B 295 -2.69 77.96 -50.90
CA GLN B 295 -1.73 78.54 -51.84
C GLN B 295 -1.20 79.87 -51.33
N GLY B 296 0.11 80.09 -51.50
CA GLY B 296 0.72 81.32 -51.05
C GLY B 296 1.09 81.39 -49.57
N LEU B 297 0.76 80.38 -48.76
CA LEU B 297 1.14 80.39 -47.36
C LEU B 297 2.60 79.97 -47.20
N THR B 298 3.37 80.74 -46.44
CA THR B 298 4.78 80.46 -46.22
C THR B 298 4.98 79.72 -44.89
N GLN B 299 6.11 79.01 -44.79
CA GLN B 299 6.51 78.44 -43.50
C GLN B 299 6.52 79.50 -42.41
N ASP B 300 6.94 80.73 -42.76
CA ASP B 300 7.03 81.76 -41.73
C ASP B 300 5.66 82.23 -41.25
N GLN B 301 4.61 82.09 -42.08
CA GLN B 301 3.27 82.34 -41.57
C GLN B 301 2.75 81.19 -40.74
N GLY B 302 3.39 80.02 -40.82
CA GLY B 302 3.04 78.89 -39.99
C GLY B 302 2.58 77.64 -40.73
N PHE B 303 2.66 77.64 -42.05
CA PHE B 303 2.14 76.55 -42.87
C PHE B 303 3.25 75.69 -43.47
N TYR B 304 3.09 74.37 -43.37
CA TYR B 304 4.01 73.39 -43.96
C TYR B 304 3.19 72.28 -44.59
N THR B 305 3.68 71.74 -45.70
CA THR B 305 3.29 70.38 -46.05
C THR B 305 4.21 69.41 -45.32
N SER B 306 3.78 68.15 -45.26
CA SER B 306 4.64 67.13 -44.68
C SER B 306 5.99 67.07 -45.38
N LYS B 307 6.01 67.37 -46.68
CA LYS B 307 7.25 67.43 -47.44
C LYS B 307 8.14 68.61 -47.06
N ASP B 308 7.59 69.66 -46.45
CA ASP B 308 8.41 70.74 -45.89
C ASP B 308 8.82 70.47 -44.44
N PHE B 309 7.90 69.94 -43.64
CA PHE B 309 8.13 69.86 -42.20
C PHE B 309 9.06 68.71 -41.83
N LEU B 310 8.74 67.50 -42.26
CA LEU B 310 9.51 66.34 -41.80
C LEU B 310 10.98 66.39 -42.20
N PRO B 311 11.36 66.82 -43.41
CA PRO B 311 12.79 66.95 -43.71
C PRO B 311 13.50 67.97 -42.85
N LEU B 312 12.84 69.07 -42.49
CA LEU B 312 13.45 70.03 -41.56
C LEU B 312 13.79 69.37 -40.23
N VAL B 313 12.86 68.58 -39.70
CA VAL B 313 13.10 67.94 -38.40
C VAL B 313 14.19 66.89 -38.53
N ALA B 314 14.14 66.08 -39.59
CA ALA B 314 15.17 65.08 -39.82
C ALA B 314 16.55 65.71 -39.98
N LYS B 315 16.65 66.81 -40.73
CA LYS B 315 17.95 67.44 -40.89
C LYS B 315 18.52 67.92 -39.56
N SER B 316 17.67 68.38 -38.65
CA SER B 316 18.15 68.91 -37.39
C SER B 316 18.55 67.81 -36.40
N SER B 317 17.86 66.69 -36.43
CA SER B 317 18.02 65.66 -35.41
C SER B 317 18.86 64.47 -35.86
N LYS B 318 19.16 64.34 -37.16
CA LYS B 318 19.87 63.18 -37.72
C LYS B 318 21.30 63.57 -38.03
N ALA B 319 22.19 63.33 -37.07
CA ALA B 319 23.59 63.70 -37.24
C ALA B 319 24.19 62.96 -38.43
N GLY B 320 24.85 63.71 -39.31
CA GLY B 320 25.50 63.13 -40.47
C GLY B 320 24.66 63.08 -41.72
N MET B 321 23.34 63.28 -41.61
CA MET B 321 22.49 63.44 -42.79
C MET B 321 23.05 64.49 -43.73
N CYS B 322 23.41 65.67 -43.17
CA CYS B 322 23.85 66.84 -43.91
C CYS B 322 25.22 67.34 -43.42
N ALA B 323 25.89 68.07 -44.31
CA ALA B 323 27.04 68.87 -43.91
C ALA B 323 26.60 70.05 -43.05
N CYS B 324 25.48 70.69 -43.42
CA CYS B 324 24.91 71.74 -42.59
C CYS B 324 24.29 71.17 -41.32
N HIS B 325 24.81 71.60 -40.17
CA HIS B 325 24.01 71.62 -38.95
C HIS B 325 22.87 72.62 -39.10
N SER B 326 21.68 72.22 -38.67
CA SER B 326 20.51 73.06 -38.88
C SER B 326 19.63 73.02 -37.63
N PRO B 327 18.91 74.10 -37.33
CA PRO B 327 18.10 74.14 -36.11
C PRO B 327 16.78 73.42 -36.27
N LEU B 328 16.17 73.17 -35.12
CA LEU B 328 14.86 72.56 -35.02
C LEU B 328 13.80 73.63 -35.25
N PRO B 329 12.81 73.39 -36.11
CA PRO B 329 11.82 74.43 -36.40
C PRO B 329 11.17 74.98 -35.14
N SER B 330 10.84 76.28 -35.19
CA SER B 330 10.28 76.99 -34.05
C SER B 330 8.77 76.85 -34.09
N ILE B 331 8.29 75.71 -33.59
CA ILE B 331 6.86 75.39 -33.66
C ILE B 331 6.28 75.62 -32.27
N ARG B 332 5.80 76.83 -32.01
CA ARG B 332 5.33 77.22 -30.70
C ARG B 332 3.84 77.47 -30.76
N GLY B 333 3.11 76.93 -29.79
CA GLY B 333 1.69 77.18 -29.74
C GLY B 333 0.86 75.98 -30.16
N ALA B 334 -0.33 76.25 -30.69
CA ALA B 334 -1.23 75.19 -31.10
C ALA B 334 -0.93 74.78 -32.53
N VAL B 335 -0.92 73.47 -32.78
CA VAL B 335 -0.58 72.90 -34.09
C VAL B 335 -1.75 72.07 -34.59
N ILE B 336 -2.18 72.34 -35.81
CA ILE B 336 -3.16 71.52 -36.51
C ILE B 336 -2.43 70.70 -37.56
N VAL B 337 -2.59 69.38 -37.50
CA VAL B 337 -2.14 68.47 -38.55
C VAL B 337 -3.36 68.01 -39.34
N LEU B 338 -3.30 68.15 -40.66
CA LEU B 338 -4.41 67.79 -41.54
C LEU B 338 -4.18 66.41 -42.16
N GLY B 339 -5.12 65.51 -41.94
CA GLY B 339 -5.05 64.16 -42.46
C GLY B 339 -4.95 63.13 -41.35
N ALA B 340 -5.18 61.87 -41.76
CA ALA B 340 -5.22 60.74 -40.86
C ALA B 340 -4.42 59.57 -41.41
N GLY B 341 -3.56 59.83 -42.38
CA GLY B 341 -2.64 58.82 -42.83
C GLY B 341 -1.48 58.72 -41.87
N ASP B 342 -0.60 57.79 -42.18
CA ASP B 342 0.53 57.54 -41.29
C ASP B 342 1.52 58.70 -41.26
N THR B 343 1.61 59.51 -42.33
CA THR B 343 2.47 60.70 -42.29
C THR B 343 1.94 61.73 -41.30
N ALA B 344 0.62 61.82 -41.15
CA ALA B 344 0.04 62.82 -40.26
C ALA B 344 0.45 62.54 -38.81
N PHE B 345 0.54 61.27 -38.45
CA PHE B 345 0.88 60.91 -37.09
C PHE B 345 2.35 61.19 -36.79
N ASP B 346 3.23 60.98 -37.78
CA ASP B 346 4.62 61.35 -37.63
C ASP B 346 4.78 62.87 -37.55
N CYS B 347 3.95 63.59 -38.31
CA CYS B 347 3.93 65.05 -38.19
C CYS B 347 3.51 65.47 -36.77
N ALA B 348 2.50 64.81 -36.21
CA ALA B 348 2.00 65.15 -34.88
C ALA B 348 3.04 64.90 -33.80
N THR B 349 3.69 63.73 -33.85
CA THR B 349 4.70 63.43 -32.85
C THR B 349 5.95 64.30 -33.01
N SER B 350 6.39 64.53 -34.26
CA SER B 350 7.56 65.40 -34.50
C SER B 350 7.29 66.83 -34.06
N ALA B 351 6.04 67.30 -34.19
CA ALA B 351 5.72 68.65 -33.75
C ALA B 351 5.93 68.81 -32.25
N LEU B 352 5.67 67.75 -31.48
CA LEU B 352 5.94 67.81 -30.05
C LEU B 352 7.43 67.98 -29.78
N ARG B 353 8.28 67.34 -30.59
CA ARG B 353 9.71 67.47 -30.39
C ARG B 353 10.21 68.89 -30.68
N CYS B 354 9.48 69.65 -31.51
CA CYS B 354 9.81 71.02 -31.84
C CYS B 354 9.23 72.04 -30.85
N GLY B 355 8.58 71.60 -29.79
CA GLY B 355 8.08 72.51 -28.77
C GLY B 355 6.62 72.91 -28.87
N ALA B 356 5.81 72.16 -29.61
CA ALA B 356 4.39 72.48 -29.69
C ALA B 356 3.73 72.33 -28.32
N ARG B 357 2.85 73.28 -28.00
CA ARG B 357 2.05 73.22 -26.77
C ARG B 357 0.88 72.27 -26.90
N ARG B 358 0.30 72.15 -28.09
CA ARG B 358 -0.90 71.36 -28.29
C ARG B 358 -0.94 70.89 -29.74
N VAL B 359 -1.26 69.61 -29.97
CA VAL B 359 -1.35 69.08 -31.32
C VAL B 359 -2.74 68.49 -31.55
N PHE B 360 -3.40 68.99 -32.60
CA PHE B 360 -4.69 68.48 -33.06
C PHE B 360 -4.47 67.76 -34.38
N LEU B 361 -4.92 66.52 -34.47
CA LEU B 361 -5.05 65.81 -35.74
C LEU B 361 -6.50 65.94 -36.21
N VAL B 362 -6.70 66.59 -37.36
CA VAL B 362 -8.03 66.88 -37.88
C VAL B 362 -8.19 66.18 -39.23
N PHE B 363 -9.18 65.29 -39.33
CA PHE B 363 -9.41 64.50 -40.53
C PHE B 363 -10.86 64.56 -40.98
N ARG B 364 -11.08 64.36 -42.27
CA ARG B 364 -12.40 64.63 -42.87
C ARG B 364 -13.37 63.46 -42.75
N LYS B 365 -12.91 62.26 -42.39
CA LYS B 365 -13.79 61.13 -42.16
C LYS B 365 -13.81 60.78 -40.66
N GLY B 366 -14.29 59.58 -40.33
CA GLY B 366 -14.41 59.17 -38.95
C GLY B 366 -13.22 58.36 -38.44
N PHE B 367 -13.32 57.94 -37.17
CA PHE B 367 -12.29 57.08 -36.61
C PHE B 367 -12.26 55.73 -37.29
N VAL B 368 -13.43 55.21 -37.64
CA VAL B 368 -13.49 53.93 -38.35
C VAL B 368 -12.86 53.99 -39.74
N ASN B 369 -12.52 55.19 -40.24
CA ASN B 369 -11.92 55.35 -41.56
C ASN B 369 -10.43 55.68 -41.51
N ILE B 370 -9.85 55.84 -40.33
CA ILE B 370 -8.40 56.04 -40.26
C ILE B 370 -7.70 54.85 -40.89
N ARG B 371 -6.83 55.11 -41.85
CA ARG B 371 -6.14 54.04 -42.55
C ARG B 371 -4.82 53.71 -41.87
N ALA B 372 -4.37 54.61 -41.00
CA ALA B 372 -3.13 54.46 -40.27
C ALA B 372 -3.11 53.15 -39.49
N VAL B 373 -1.94 52.52 -39.46
CA VAL B 373 -1.77 51.30 -38.68
C VAL B 373 -1.83 51.68 -37.20
N PRO B 374 -2.36 50.80 -36.34
CA PRO B 374 -2.50 51.15 -34.91
C PRO B 374 -1.19 51.36 -34.17
N GLU B 375 -0.12 50.64 -34.53
CA GLU B 375 1.24 50.99 -34.08
C GLU B 375 1.39 52.50 -34.03
N GLU B 376 1.16 53.10 -35.20
CA GLU B 376 1.39 54.52 -35.43
C GLU B 376 0.39 55.36 -34.65
N VAL B 377 -0.87 54.93 -34.63
CA VAL B 377 -1.91 55.70 -33.95
C VAL B 377 -1.62 55.76 -32.44
N GLU B 378 -1.11 54.67 -31.87
CA GLU B 378 -0.89 54.62 -30.42
C GLU B 378 0.13 55.64 -29.95
N LEU B 379 1.20 55.82 -30.73
CA LEU B 379 2.24 56.77 -30.35
C LEU B 379 1.68 58.17 -30.19
N ALA B 380 0.86 58.62 -31.14
CA ALA B 380 0.22 59.91 -30.99
C ALA B 380 -0.74 59.92 -29.81
N LYS B 381 -1.47 58.82 -29.60
CA LYS B 381 -2.42 58.82 -28.50
C LYS B 381 -1.71 58.86 -27.15
N GLU B 382 -0.65 58.07 -27.00
CA GLU B 382 0.04 58.06 -25.70
C GLU B 382 0.75 59.39 -25.44
N GLU B 383 1.03 60.19 -26.48
CA GLU B 383 1.60 61.51 -26.30
C GLU B 383 0.54 62.61 -26.27
N LYS B 384 -0.72 62.24 -26.01
CA LYS B 384 -1.83 63.18 -25.74
C LYS B 384 -2.11 64.14 -26.90
N CYS B 385 -1.92 63.70 -28.14
CA CYS B 385 -2.46 64.46 -29.26
C CYS B 385 -3.99 64.46 -29.17
N GLU B 386 -4.61 65.49 -29.71
CA GLU B 386 -6.06 65.51 -29.82
C GLU B 386 -6.47 65.14 -31.24
N PHE B 387 -7.65 64.53 -31.34
CA PHE B 387 -8.19 64.01 -32.60
C PHE B 387 -9.54 64.65 -32.87
N LEU B 388 -9.73 65.18 -34.07
CA LEU B 388 -11.01 65.75 -34.49
C LEU B 388 -11.45 65.13 -35.82
N PRO B 389 -12.52 64.34 -35.83
CA PRO B 389 -13.03 63.76 -37.08
C PRO B 389 -14.10 64.62 -37.74
N PHE B 390 -14.50 64.17 -38.94
CA PHE B 390 -15.63 64.73 -39.69
C PHE B 390 -15.49 66.24 -39.92
N LEU B 391 -14.27 66.68 -40.23
CA LEU B 391 -13.99 68.08 -40.46
C LEU B 391 -13.16 68.23 -41.73
N SER B 392 -13.65 69.04 -42.66
CA SER B 392 -12.95 69.34 -43.90
C SER B 392 -12.48 70.79 -43.91
N PRO B 393 -11.22 71.08 -44.26
CA PRO B 393 -10.77 72.48 -44.22
C PRO B 393 -11.46 73.30 -45.30
N ARG B 394 -11.74 74.57 -44.96
CA ARG B 394 -12.33 75.49 -45.90
C ARG B 394 -11.50 76.76 -46.12
N LYS B 395 -10.76 77.21 -45.10
CA LYS B 395 -10.13 78.52 -45.14
C LYS B 395 -9.17 78.66 -43.97
N VAL B 396 -8.00 79.22 -44.24
CA VAL B 396 -6.99 79.54 -43.23
C VAL B 396 -7.07 81.03 -42.94
N ILE B 397 -7.20 81.38 -41.67
CA ILE B 397 -7.28 82.77 -41.23
C ILE B 397 -5.87 83.28 -40.93
N VAL B 398 -5.50 84.36 -41.62
CA VAL B 398 -4.19 84.97 -41.49
C VAL B 398 -4.40 86.41 -41.05
N LYS B 399 -3.80 86.77 -39.91
CA LYS B 399 -3.85 88.12 -39.37
C LYS B 399 -2.44 88.53 -38.95
N GLY B 400 -2.07 89.76 -39.26
CA GLY B 400 -0.76 90.25 -38.86
C GLY B 400 0.38 89.40 -39.39
N GLY B 401 0.19 88.75 -40.52
CA GLY B 401 1.27 87.99 -41.10
C GLY B 401 1.48 86.61 -40.52
N ARG B 402 0.53 86.09 -39.75
CA ARG B 402 0.67 84.71 -39.31
C ARG B 402 -0.70 84.06 -39.20
N ILE B 403 -0.71 82.74 -39.40
CA ILE B 403 -1.93 81.96 -39.21
C ILE B 403 -2.42 82.15 -37.79
N VAL B 404 -3.73 82.34 -37.63
CA VAL B 404 -4.35 82.37 -36.32
C VAL B 404 -5.47 81.35 -36.16
N ALA B 405 -6.05 80.83 -37.25
CA ALA B 405 -7.13 79.86 -37.13
C ALA B 405 -7.35 79.18 -38.47
N VAL B 406 -8.02 78.02 -38.44
CA VAL B 406 -8.51 77.34 -39.63
C VAL B 406 -10.02 77.14 -39.47
N GLN B 407 -10.78 77.45 -40.53
CA GLN B 407 -12.22 77.17 -40.49
C GLN B 407 -12.49 75.88 -41.23
N PHE B 408 -13.40 75.07 -40.68
CA PHE B 408 -13.74 73.77 -41.21
C PHE B 408 -15.24 73.70 -41.47
N VAL B 409 -15.65 72.68 -42.24
CA VAL B 409 -17.05 72.31 -42.37
C VAL B 409 -17.18 70.84 -41.99
N ARG B 410 -18.31 70.49 -41.40
CA ARG B 410 -18.54 69.11 -41.02
C ARG B 410 -18.86 68.25 -42.24
N THR B 411 -18.32 67.05 -42.24
CA THR B 411 -18.69 66.03 -43.22
C THR B 411 -19.56 64.97 -42.55
N GLU B 412 -20.11 64.10 -43.39
CA GLU B 412 -20.95 63.01 -42.91
C GLU B 412 -21.20 62.06 -44.08
N GLN B 413 -21.63 60.85 -43.73
CA GLN B 413 -21.84 59.80 -44.71
C GLN B 413 -23.32 59.54 -44.85
N ASP B 414 -23.79 59.44 -46.10
CA ASP B 414 -25.22 59.37 -46.36
C ASP B 414 -25.73 57.94 -46.50
N GLU B 415 -26.70 57.75 -47.39
CA GLU B 415 -27.28 56.45 -47.73
C GLU B 415 -26.25 55.61 -48.46
N THR B 416 -25.96 56.01 -49.71
CA THR B 416 -24.89 55.46 -50.54
C THR B 416 -23.65 55.11 -49.72
N GLY B 417 -23.27 56.02 -48.81
CA GLY B 417 -21.97 56.01 -48.20
C GLY B 417 -21.02 56.99 -48.84
N LYS B 418 -21.43 57.63 -49.93
CA LYS B 418 -20.73 58.80 -50.46
C LYS B 418 -20.66 59.88 -49.39
N TRP B 419 -19.62 60.68 -49.44
CA TRP B 419 -19.41 61.69 -48.42
C TRP B 419 -19.95 63.03 -48.89
N ASN B 420 -20.56 63.77 -47.96
CA ASN B 420 -21.08 65.11 -48.20
C ASN B 420 -20.34 66.12 -47.34
N GLU B 421 -20.65 67.39 -47.57
CA GLU B 421 -20.10 68.48 -46.79
C GLU B 421 -21.27 69.35 -46.30
N ASP B 422 -21.23 69.76 -45.04
CA ASP B 422 -22.33 70.53 -44.46
C ASP B 422 -21.94 72.00 -44.34
N GLU B 423 -22.39 72.79 -45.32
CA GLU B 423 -22.03 74.22 -45.37
C GLU B 423 -22.44 74.97 -44.12
N ASP B 424 -23.60 74.64 -43.55
CA ASP B 424 -24.12 75.33 -42.40
C ASP B 424 -23.41 74.99 -41.10
N GLN B 425 -22.57 73.96 -41.07
CA GLN B 425 -22.02 73.41 -39.83
C GLN B 425 -20.51 73.60 -39.85
N ILE B 426 -20.05 74.65 -39.17
CA ILE B 426 -18.68 75.12 -39.25
C ILE B 426 -18.00 74.97 -37.90
N VAL B 427 -16.66 74.88 -37.94
CA VAL B 427 -15.82 74.91 -36.76
C VAL B 427 -14.70 75.92 -37.02
N HIS B 428 -14.51 76.83 -36.09
CA HIS B 428 -13.44 77.82 -36.15
C HIS B 428 -12.40 77.43 -35.09
N LEU B 429 -11.30 76.84 -35.54
CA LEU B 429 -10.29 76.24 -34.67
C LEU B 429 -9.05 77.12 -34.63
N LYS B 430 -8.65 77.56 -33.42
CA LYS B 430 -7.46 78.39 -33.31
C LYS B 430 -6.20 77.56 -33.54
N ALA B 431 -5.23 78.18 -34.20
CA ALA B 431 -3.96 77.49 -34.46
C ALA B 431 -2.91 78.53 -34.80
N ASP B 432 -1.66 78.22 -34.44
CA ASP B 432 -0.53 79.02 -34.89
C ASP B 432 0.26 78.34 -36.01
N VAL B 433 0.08 77.05 -36.20
CA VAL B 433 0.83 76.26 -37.19
C VAL B 433 -0.13 75.27 -37.82
N VAL B 434 0.00 75.07 -39.13
CA VAL B 434 -0.78 74.09 -39.88
C VAL B 434 0.17 73.22 -40.69
N ILE B 435 0.04 71.90 -40.55
CA ILE B 435 0.83 70.95 -41.33
C ILE B 435 -0.12 70.04 -42.10
N SER B 436 -0.10 70.15 -43.43
CA SER B 436 -0.90 69.28 -44.27
C SER B 436 -0.15 67.98 -44.54
N ALA B 437 -0.83 66.86 -44.29
CA ALA B 437 -0.31 65.53 -44.58
C ALA B 437 -1.24 64.80 -45.54
N PHE B 438 -1.43 65.36 -46.73
CA PHE B 438 -2.40 64.86 -47.71
C PHE B 438 -1.82 63.78 -48.62
N GLY B 439 -0.61 63.31 -48.34
CA GLY B 439 0.08 62.39 -49.23
C GLY B 439 1.10 63.09 -50.11
N SER B 440 1.53 62.37 -51.15
CA SER B 440 2.61 62.82 -52.03
C SER B 440 2.30 62.39 -53.47
N VAL B 441 2.91 63.10 -54.43
CA VAL B 441 2.69 62.85 -55.87
C VAL B 441 4.00 63.04 -56.64
N LEU B 442 3.93 62.70 -57.93
CA LEU B 442 4.92 63.09 -58.92
C LEU B 442 4.23 64.03 -59.89
N ARG B 443 4.63 65.31 -59.89
CA ARG B 443 3.91 66.37 -60.57
C ARG B 443 4.82 67.15 -61.51
N ASP B 444 6.10 67.24 -61.16
CA ASP B 444 7.06 68.11 -61.85
C ASP B 444 7.12 67.76 -63.34
N PRO B 445 6.74 68.67 -64.24
CA PRO B 445 6.76 68.33 -65.67
C PRO B 445 8.13 67.97 -66.17
N LYS B 446 9.19 68.62 -65.66
CA LYS B 446 10.54 68.37 -66.13
C LYS B 446 11.03 66.97 -65.78
N VAL B 447 10.60 66.44 -64.63
CA VAL B 447 10.94 65.07 -64.26
C VAL B 447 10.14 64.08 -65.09
N LYS B 448 8.84 64.35 -65.28
CA LYS B 448 8.00 63.49 -66.10
C LYS B 448 8.52 63.42 -67.54
N GLU B 449 8.99 64.55 -68.08
CA GLU B 449 9.44 64.57 -69.46
C GLU B 449 10.74 63.79 -69.64
N ALA B 450 11.57 63.72 -68.61
CA ALA B 450 12.79 62.94 -68.65
C ALA B 450 12.53 61.44 -68.75
N LEU B 451 11.30 61.02 -68.44
CA LEU B 451 10.92 59.62 -68.54
C LEU B 451 10.22 59.30 -69.84
N SER B 452 10.14 60.27 -70.75
CA SER B 452 9.62 60.01 -72.09
C SER B 452 10.48 58.95 -72.77
N PRO B 453 9.87 57.99 -73.49
CA PRO B 453 8.43 57.92 -73.73
C PRO B 453 7.68 56.78 -73.01
N ILE B 454 7.99 56.48 -71.75
CA ILE B 454 7.30 55.36 -71.11
C ILE B 454 5.84 55.72 -70.85
N LYS B 455 4.99 54.71 -70.85
CA LYS B 455 3.57 54.92 -70.71
C LYS B 455 3.24 55.16 -69.24
N PHE B 456 2.37 56.15 -68.98
CA PHE B 456 1.85 56.42 -67.65
C PHE B 456 0.40 55.94 -67.57
N ASN B 457 -0.04 55.59 -66.36
CA ASN B 457 -1.42 55.17 -66.19
C ASN B 457 -2.27 56.34 -65.70
N ARG B 458 -3.54 56.06 -65.40
CA ARG B 458 -4.45 57.12 -64.98
C ARG B 458 -4.16 57.64 -63.58
N TRP B 459 -3.40 56.90 -62.76
CA TRP B 459 -2.87 57.45 -61.53
C TRP B 459 -1.72 58.40 -61.78
N ASP B 460 -1.36 58.59 -63.05
CA ASP B 460 -0.28 59.50 -63.47
C ASP B 460 1.08 59.08 -62.90
N LEU B 461 1.37 57.78 -62.93
CA LEU B 461 2.60 57.15 -62.50
C LEU B 461 3.01 56.18 -63.59
N PRO B 462 4.30 55.83 -63.69
CA PRO B 462 4.73 54.91 -64.74
C PRO B 462 4.04 53.56 -64.63
N GLU B 463 3.62 53.03 -65.77
CA GLU B 463 2.97 51.73 -65.84
C GLU B 463 4.00 50.62 -65.97
N VAL B 464 3.89 49.57 -65.13
CA VAL B 464 4.77 48.42 -65.20
C VAL B 464 3.98 47.12 -65.23
N ASP B 465 4.62 46.08 -65.77
CA ASP B 465 4.15 44.72 -65.59
C ASP B 465 4.34 44.32 -64.11
N PRO B 466 3.28 44.01 -63.37
CA PRO B 466 3.46 43.71 -61.93
C PRO B 466 4.40 42.53 -61.65
N GLU B 467 4.56 41.58 -62.57
CA GLU B 467 5.47 40.46 -62.32
C GLU B 467 6.94 40.84 -62.54
N THR B 468 7.24 41.64 -63.57
CA THR B 468 8.63 41.89 -63.95
C THR B 468 9.15 43.28 -63.61
N MET B 469 8.26 44.23 -63.29
CA MET B 469 8.60 45.62 -62.98
C MET B 469 9.07 46.38 -64.21
N GLN B 470 8.86 45.82 -65.41
CA GLN B 470 9.30 46.44 -66.66
C GLN B 470 8.29 47.49 -67.13
N THR B 471 8.80 48.67 -67.49
CA THR B 471 7.99 49.72 -68.10
C THR B 471 7.71 49.37 -69.56
N SER B 472 7.07 50.29 -70.29
CA SER B 472 6.82 50.05 -71.71
C SER B 472 8.11 50.11 -72.54
N GLU B 473 9.18 50.69 -71.99
CA GLU B 473 10.49 50.59 -72.61
C GLU B 473 11.21 49.36 -72.05
N PRO B 474 11.53 48.36 -72.88
CA PRO B 474 12.01 47.09 -72.31
C PRO B 474 13.28 47.24 -71.49
N TRP B 475 14.05 48.30 -71.66
CA TRP B 475 15.29 48.45 -70.91
C TRP B 475 15.11 49.30 -69.65
N VAL B 476 13.90 49.77 -69.37
CA VAL B 476 13.63 50.61 -68.21
C VAL B 476 12.65 49.89 -67.29
N PHE B 477 13.01 49.82 -66.00
CA PHE B 477 12.20 49.21 -64.97
C PHE B 477 11.88 50.27 -63.91
N ALA B 478 10.92 49.96 -63.05
CA ALA B 478 10.56 50.91 -62.00
C ALA B 478 9.94 50.15 -60.83
N GLY B 479 10.06 50.73 -59.63
CA GLY B 479 9.57 50.10 -58.42
C GLY B 479 9.51 51.09 -57.27
N GLY B 480 8.82 50.68 -56.22
CA GLY B 480 8.71 51.53 -55.03
C GLY B 480 7.49 52.42 -55.06
N ASP B 481 7.58 53.54 -54.33
CA ASP B 481 6.43 54.44 -54.28
C ASP B 481 6.04 54.95 -55.67
N ILE B 482 7.01 55.13 -56.56
CA ILE B 482 6.73 55.71 -57.88
C ILE B 482 5.78 54.83 -58.70
N VAL B 483 5.72 53.53 -58.42
CA VAL B 483 4.79 52.65 -59.13
C VAL B 483 3.43 52.62 -58.44
N GLY B 484 3.35 52.98 -57.17
CA GLY B 484 2.09 53.17 -56.52
C GLY B 484 1.49 51.94 -55.90
N MET B 485 2.17 50.80 -55.96
CA MET B 485 1.64 49.63 -55.26
C MET B 485 2.20 49.54 -53.85
N ALA B 486 3.52 49.70 -53.73
CA ALA B 486 4.18 49.67 -52.43
C ALA B 486 3.69 50.79 -51.53
N ASN B 487 3.28 50.43 -50.30
CA ASN B 487 2.90 51.38 -49.26
C ASN B 487 3.90 51.44 -48.12
N THR B 488 4.97 50.65 -48.17
CA THR B 488 5.82 50.40 -47.03
C THR B 488 7.26 50.26 -47.50
N THR B 489 8.19 50.39 -46.56
CA THR B 489 9.60 50.20 -46.89
C THR B 489 9.85 48.80 -47.46
N VAL B 490 9.27 47.78 -46.84
CA VAL B 490 9.58 46.40 -47.20
C VAL B 490 9.02 46.05 -48.59
N GLU B 491 7.83 46.58 -48.91
CA GLU B 491 7.31 46.41 -50.26
C GLU B 491 8.19 47.09 -51.30
N SER B 492 8.75 48.26 -50.96
CA SER B 492 9.62 48.91 -51.91
C SER B 492 10.92 48.14 -52.11
N VAL B 493 11.48 47.61 -51.01
CA VAL B 493 12.60 46.67 -51.10
C VAL B 493 12.23 45.50 -52.01
N ASN B 494 11.02 44.96 -51.84
CA ASN B 494 10.62 43.80 -52.63
C ASN B 494 10.49 44.17 -54.11
N ASP B 495 10.05 45.40 -54.41
CA ASP B 495 9.98 45.85 -55.80
C ASP B 495 11.34 45.84 -56.47
N GLY B 496 12.37 46.34 -55.77
CA GLY B 496 13.71 46.34 -56.35
C GLY B 496 14.24 44.92 -56.51
N LYS B 497 14.00 44.08 -55.50
CA LYS B 497 14.35 42.66 -55.56
C LYS B 497 13.71 41.99 -56.79
N GLN B 498 12.39 42.18 -56.99
CA GLN B 498 11.71 41.57 -58.12
C GLN B 498 12.28 42.08 -59.44
N ALA B 499 12.45 43.39 -59.54
CA ALA B 499 13.03 43.99 -60.75
C ALA B 499 14.42 43.44 -61.04
N SER B 500 15.21 43.13 -60.01
CA SER B 500 16.59 42.72 -60.22
C SER B 500 16.68 41.48 -61.10
N TRP B 501 15.83 40.46 -60.85
CA TRP B 501 15.89 39.27 -61.67
C TRP B 501 15.55 39.56 -63.13
N TYR B 502 14.59 40.45 -63.37
CA TYR B 502 14.17 40.65 -64.76
C TYR B 502 15.08 41.61 -65.51
N ILE B 503 15.69 42.57 -64.82
CA ILE B 503 16.77 43.36 -65.40
C ILE B 503 17.90 42.43 -65.83
N HIS B 504 18.27 41.51 -64.96
CA HIS B 504 19.31 40.54 -65.26
C HIS B 504 18.94 39.72 -66.48
N LYS B 505 17.71 39.23 -66.53
CA LYS B 505 17.22 38.50 -67.70
C LYS B 505 17.33 39.34 -68.95
N TYR B 506 16.97 40.63 -68.86
CA TYR B 506 16.99 41.47 -70.04
C TYR B 506 18.41 41.72 -70.52
N ILE B 507 19.33 41.98 -69.60
CA ILE B 507 20.69 42.34 -70.01
C ILE B 507 21.39 41.14 -70.61
N GLN B 508 21.26 39.97 -69.98
CA GLN B 508 21.83 38.76 -70.55
C GLN B 508 21.32 38.52 -71.97
N ALA B 509 20.02 38.72 -72.19
CA ALA B 509 19.46 38.51 -73.52
C ALA B 509 19.98 39.53 -74.53
N GLN B 510 20.35 40.73 -74.07
CA GLN B 510 20.91 41.72 -75.00
C GLN B 510 22.32 41.34 -75.44
N TYR B 511 23.04 40.57 -74.61
CA TYR B 511 24.35 40.03 -74.95
C TYR B 511 24.28 38.65 -75.57
N GLY B 512 23.08 38.13 -75.84
CA GLY B 512 22.93 36.84 -76.48
C GLY B 512 22.95 35.64 -75.55
N ALA B 513 22.64 35.83 -74.27
CA ALA B 513 22.71 34.75 -73.29
C ALA B 513 21.38 34.62 -72.56
N SER B 514 21.02 33.39 -72.25
CA SER B 514 19.77 33.08 -71.58
C SER B 514 20.03 32.87 -70.08
N VAL B 515 18.93 32.87 -69.31
CA VAL B 515 18.96 32.56 -67.89
C VAL B 515 17.95 31.45 -67.63
N SER B 516 18.01 30.87 -66.44
CA SER B 516 17.09 29.80 -66.10
C SER B 516 15.67 30.33 -65.99
N ALA B 517 14.70 29.50 -66.42
CA ALA B 517 13.29 29.83 -66.25
C ALA B 517 12.85 29.79 -64.81
N LYS B 518 13.68 29.27 -63.90
CA LYS B 518 13.44 29.39 -62.48
C LYS B 518 14.28 30.54 -61.93
N PRO B 519 13.67 31.64 -61.50
CA PRO B 519 14.44 32.73 -60.87
C PRO B 519 15.17 32.32 -59.61
N GLU B 520 16.43 32.76 -59.48
CA GLU B 520 17.33 32.35 -58.39
C GLU B 520 18.31 33.46 -58.00
N LEU B 521 17.86 34.31 -57.08
CA LEU B 521 18.71 35.37 -56.55
C LEU B 521 19.61 34.81 -55.46
N PRO B 522 20.87 35.25 -55.39
CA PRO B 522 21.78 34.72 -54.37
C PRO B 522 21.41 35.18 -52.97
N LEU B 523 21.91 34.41 -51.99
CA LEU B 523 21.79 34.81 -50.61
C LEU B 523 22.80 35.92 -50.29
N PHE B 524 22.84 36.30 -49.02
CA PHE B 524 23.73 37.31 -48.48
C PHE B 524 24.90 36.62 -47.81
N TYR B 525 26.12 37.14 -48.01
CA TYR B 525 27.32 36.48 -47.55
C TYR B 525 28.29 37.48 -46.91
N THR B 526 29.01 36.98 -45.91
CA THR B 526 30.08 37.69 -45.21
C THR B 526 31.28 36.76 -45.10
N PRO B 527 32.43 37.26 -44.64
CA PRO B 527 33.58 36.36 -44.43
C PRO B 527 33.32 35.24 -43.47
N VAL B 528 32.35 35.38 -42.54
CA VAL B 528 32.03 34.29 -41.63
C VAL B 528 31.70 33.02 -42.40
N ASP B 529 31.01 33.16 -43.54
CA ASP B 529 30.59 31.95 -44.25
C ASP B 529 31.74 31.18 -44.87
N LEU B 530 32.94 31.76 -44.95
CA LEU B 530 34.09 31.02 -45.46
C LEU B 530 34.84 30.23 -44.40
N VAL B 531 34.40 30.27 -43.14
CA VAL B 531 35.12 29.59 -42.05
C VAL B 531 34.99 28.07 -42.21
N ASP B 532 36.12 27.38 -42.03
CA ASP B 532 36.16 25.93 -42.13
C ASP B 532 35.77 25.29 -40.80
N ILE B 533 34.68 24.50 -40.80
CA ILE B 533 34.23 23.77 -39.61
C ILE B 533 34.28 22.25 -39.83
N SER B 534 35.17 21.79 -40.71
CA SER B 534 35.37 20.35 -40.79
C SER B 534 36.25 19.88 -39.63
N VAL B 535 36.26 18.56 -39.40
CA VAL B 535 37.05 17.98 -38.33
C VAL B 535 37.37 16.54 -38.70
N GLU B 536 38.51 16.06 -38.22
CA GLU B 536 38.98 14.70 -38.45
C GLU B 536 38.96 13.94 -37.13
N MET B 537 38.32 12.77 -37.13
CA MET B 537 38.20 11.92 -35.94
C MET B 537 38.30 10.46 -36.31
N ALA B 538 39.15 9.72 -35.59
CA ALA B 538 39.31 8.27 -35.77
C ALA B 538 39.50 7.90 -37.24
N GLY B 539 40.30 8.71 -37.94
CA GLY B 539 40.64 8.52 -39.34
C GLY B 539 39.58 8.94 -40.32
N LEU B 540 38.45 9.46 -39.84
CA LEU B 540 37.32 9.85 -40.66
C LEU B 540 37.28 11.36 -40.82
N LYS B 541 36.81 11.80 -42.00
CA LYS B 541 36.68 13.23 -42.30
C LYS B 541 35.22 13.64 -42.24
N PHE B 542 34.91 14.58 -41.35
CA PHE B 542 33.56 15.11 -41.19
C PHE B 542 33.48 16.50 -41.79
N ILE B 543 32.53 16.73 -42.71
CA ILE B 543 32.46 18.04 -43.34
C ILE B 543 31.96 19.09 -42.35
N ASN B 544 31.14 18.70 -41.38
CA ASN B 544 30.86 19.51 -40.21
C ASN B 544 30.67 18.58 -39.02
N PRO B 545 30.77 19.08 -37.78
CA PRO B 545 30.79 18.17 -36.61
C PRO B 545 29.42 17.71 -36.12
N PHE B 546 28.35 18.06 -36.80
CA PHE B 546 27.00 17.75 -36.33
C PHE B 546 26.44 16.52 -37.03
N GLY B 547 25.79 15.65 -36.25
CA GLY B 547 25.14 14.48 -36.82
C GLY B 547 23.92 14.06 -36.03
N LEU B 548 23.10 13.23 -36.66
CA LEU B 548 21.90 12.71 -36.01
C LEU B 548 22.27 11.49 -35.18
N ALA B 549 21.82 11.49 -33.93
CA ALA B 549 22.02 10.33 -33.07
C ALA B 549 21.17 9.16 -33.54
N SER B 550 21.54 7.97 -33.07
CA SER B 550 20.74 6.77 -33.32
C SER B 550 19.46 6.92 -32.53
N ALA B 551 18.36 7.26 -33.22
CA ALA B 551 17.11 7.56 -32.52
C ALA B 551 15.97 7.86 -33.50
N ALA B 552 14.87 8.38 -32.95
CA ALA B 552 13.66 8.62 -33.75
C ALA B 552 13.90 9.44 -35.02
N PRO B 553 14.74 10.48 -35.04
CA PRO B 553 15.01 11.15 -36.33
C PRO B 553 15.68 10.27 -37.36
N THR B 554 16.27 9.14 -36.97
CA THR B 554 16.81 8.20 -37.95
C THR B 554 15.97 6.92 -38.01
N THR B 555 14.66 7.07 -37.79
CA THR B 555 13.76 5.91 -37.85
C THR B 555 13.81 5.23 -39.21
N SER B 556 14.02 5.99 -40.29
CA SER B 556 14.02 5.47 -41.65
C SER B 556 15.20 6.04 -42.42
N SER B 557 15.78 5.22 -43.30
CA SER B 557 16.92 5.71 -44.07
C SER B 557 16.55 6.80 -45.05
N SER B 558 15.27 6.87 -45.47
CA SER B 558 14.82 8.01 -46.27
C SER B 558 14.90 9.32 -45.49
N MET B 559 14.81 9.26 -44.14
CA MET B 559 14.98 10.48 -43.36
C MET B 559 16.44 10.87 -43.26
N ILE B 560 17.35 9.89 -43.16
CA ILE B 560 18.78 10.22 -43.20
C ILE B 560 19.14 10.86 -44.54
N ARG B 561 18.54 10.38 -45.64
CA ARG B 561 18.78 11.00 -46.94
C ARG B 561 18.44 12.50 -46.91
N ARG B 562 17.23 12.84 -46.46
CA ARG B 562 16.83 14.24 -46.42
C ARG B 562 17.68 15.05 -45.45
N ALA B 563 18.13 14.42 -44.35
CA ALA B 563 19.04 15.11 -43.45
C ALA B 563 20.33 15.50 -44.17
N PHE B 564 20.89 14.59 -44.97
CA PHE B 564 22.13 14.89 -45.69
C PHE B 564 21.91 15.97 -46.74
N GLU B 565 20.76 15.93 -47.41
CA GLU B 565 20.42 16.98 -48.38
C GLU B 565 20.30 18.34 -47.70
N ALA B 566 19.89 18.36 -46.42
CA ALA B 566 19.79 19.62 -45.70
C ALA B 566 21.14 20.13 -45.18
N GLY B 567 22.15 19.26 -45.02
CA GLY B 567 23.47 19.71 -44.60
C GLY B 567 24.16 18.99 -43.45
N TRP B 568 23.48 18.03 -42.81
CA TRP B 568 24.05 17.31 -41.67
C TRP B 568 25.34 16.59 -42.05
N GLY B 569 26.36 16.72 -41.20
CA GLY B 569 27.65 16.12 -41.51
C GLY B 569 27.66 14.61 -41.46
N PHE B 570 26.91 14.01 -40.52
CA PHE B 570 26.86 12.56 -40.41
C PHE B 570 25.56 12.11 -39.79
N ALA B 571 25.36 10.79 -39.77
CA ALA B 571 24.16 10.24 -39.18
C ALA B 571 24.42 8.83 -38.69
N LEU B 572 23.68 8.45 -37.67
CA LEU B 572 23.65 7.10 -37.15
C LEU B 572 22.40 6.39 -37.66
N THR B 573 22.54 5.13 -38.06
CA THR B 573 21.32 4.35 -38.23
C THR B 573 20.69 4.16 -36.86
N LYS B 574 19.37 4.03 -36.85
CA LYS B 574 18.69 3.48 -35.69
C LYS B 574 19.29 2.13 -35.38
N THR B 575 19.36 1.79 -34.07
CA THR B 575 19.99 0.53 -33.69
C THR B 575 19.23 -0.66 -34.30
N PHE B 576 19.97 -1.57 -34.94
CA PHE B 576 19.34 -2.74 -35.53
C PHE B 576 20.10 -4.00 -35.14
N SER B 577 19.40 -5.13 -35.25
CA SER B 577 19.90 -6.41 -34.77
C SER B 577 19.70 -7.48 -35.83
N LEU B 578 20.12 -8.71 -35.50
CA LEU B 578 19.84 -9.86 -36.33
C LEU B 578 18.36 -10.20 -36.32
N ASP B 579 17.94 -10.96 -37.33
CA ASP B 579 16.53 -11.34 -37.47
C ASP B 579 16.03 -12.09 -36.23
N LYS B 580 16.90 -12.92 -35.63
CA LYS B 580 16.54 -13.65 -34.42
C LYS B 580 16.04 -12.72 -33.32
N ASP B 581 16.53 -11.47 -33.28
CA ASP B 581 16.27 -10.55 -32.18
C ASP B 581 15.23 -9.49 -32.53
N ILE B 582 14.33 -9.79 -33.48
CA ILE B 582 13.29 -8.84 -33.88
C ILE B 582 12.43 -8.44 -32.70
N VAL B 583 12.07 -7.16 -32.63
CA VAL B 583 11.25 -6.63 -31.55
C VAL B 583 10.01 -5.98 -32.12
N THR B 584 9.05 -5.68 -31.23
CA THR B 584 7.82 -4.98 -31.58
C THR B 584 7.60 -3.87 -30.55
N ASN B 585 7.64 -2.62 -31.00
CA ASN B 585 7.45 -1.50 -30.10
C ASN B 585 6.02 -1.46 -29.56
N VAL B 586 5.87 -0.79 -28.42
CA VAL B 586 4.58 -0.52 -27.84
C VAL B 586 4.24 0.95 -28.10
N SER B 587 3.01 1.32 -27.75
CA SER B 587 2.57 2.68 -27.92
C SER B 587 1.52 2.93 -26.85
N PRO B 588 1.47 4.14 -26.26
CA PRO B 588 2.36 5.29 -26.46
C PRO B 588 3.80 4.99 -25.99
N ARG B 589 4.83 5.69 -26.50
CA ARG B 589 6.19 5.32 -26.11
C ARG B 589 7.19 6.48 -26.02
N ILE B 590 6.80 7.68 -26.46
CA ILE B 590 7.64 8.87 -26.33
C ILE B 590 6.77 10.01 -25.80
N VAL B 591 7.19 10.62 -24.68
CA VAL B 591 6.39 11.66 -24.02
C VAL B 591 7.26 12.86 -23.73
N ARG B 592 6.62 14.02 -23.58
CA ARG B 592 7.34 15.24 -23.27
C ARG B 592 7.86 15.21 -21.84
N GLY B 593 9.00 15.85 -21.62
CA GLY B 593 9.53 15.96 -20.29
C GLY B 593 8.76 16.95 -19.44
N THR B 594 8.67 16.63 -18.14
CA THR B 594 8.06 17.53 -17.18
C THR B 594 9.10 18.37 -16.44
N THR B 595 10.32 18.44 -16.99
CA THR B 595 11.48 18.91 -16.25
C THR B 595 11.55 20.44 -16.12
N SER B 596 10.73 21.18 -16.87
CA SER B 596 10.65 22.63 -16.72
C SER B 596 9.18 23.10 -16.58
N GLY B 597 8.31 22.27 -16.01
CA GLY B 597 6.96 22.69 -15.69
C GLY B 597 6.01 22.61 -16.87
N PRO B 598 4.77 23.11 -16.69
CA PRO B 598 3.74 22.98 -17.73
C PRO B 598 3.88 24.02 -18.84
N MET B 599 5.00 23.95 -19.56
CA MET B 599 5.25 24.73 -20.77
C MET B 599 5.15 23.81 -21.99
N TYR B 600 4.12 24.01 -22.79
CA TYR B 600 3.85 23.16 -23.95
C TYR B 600 4.38 23.79 -25.23
N GLY B 601 4.67 22.93 -26.20
CA GLY B 601 5.04 23.38 -27.52
C GLY B 601 6.54 23.39 -27.71
N PRO B 602 7.08 24.46 -28.27
CA PRO B 602 8.50 24.43 -28.69
C PRO B 602 9.42 24.35 -27.49
N GLY B 603 10.60 23.79 -27.73
CA GLY B 603 11.64 23.81 -26.71
C GLY B 603 11.40 22.97 -25.48
N GLN B 604 10.86 21.76 -25.64
CA GLN B 604 10.71 20.88 -24.50
C GLN B 604 12.08 20.60 -23.89
N SER B 605 12.17 20.71 -22.56
CA SER B 605 13.46 20.54 -21.90
C SER B 605 13.86 19.08 -21.75
N SER B 606 12.97 18.14 -22.03
CA SER B 606 13.38 16.74 -22.10
C SER B 606 12.31 15.94 -22.81
N PHE B 607 12.65 14.70 -23.14
CA PHE B 607 11.70 13.67 -23.50
C PHE B 607 12.01 12.44 -22.67
N LEU B 608 11.02 11.57 -22.53
CA LEU B 608 11.24 10.20 -22.05
C LEU B 608 10.73 9.23 -23.09
N ASN B 609 11.48 8.14 -23.31
CA ASN B 609 11.07 7.13 -24.28
C ASN B 609 11.21 5.73 -23.70
N ILE B 610 10.33 4.84 -24.14
CA ILE B 610 10.46 3.41 -23.85
C ILE B 610 10.53 2.66 -25.18
N GLU B 611 11.25 3.24 -26.15
CA GLU B 611 11.38 2.63 -27.46
C GLU B 611 12.51 1.60 -27.47
N LEU B 612 12.32 0.53 -28.25
CA LEU B 612 13.35 -0.50 -28.38
C LEU B 612 14.25 -0.20 -29.59
N ILE B 613 14.93 -1.24 -30.10
CA ILE B 613 15.72 -1.15 -31.33
C ILE B 613 14.80 -1.00 -32.53
N SER B 614 15.38 -0.69 -33.70
CA SER B 614 14.59 -0.53 -34.91
C SER B 614 13.69 -1.73 -35.14
N GLU B 615 12.47 -1.48 -35.59
CA GLU B 615 11.63 -2.58 -36.06
C GLU B 615 11.96 -3.00 -37.48
N LYS B 616 12.90 -2.33 -38.13
CA LYS B 616 13.30 -2.67 -39.49
C LYS B 616 14.47 -3.65 -39.46
N THR B 617 14.52 -4.51 -40.49
CA THR B 617 15.45 -5.63 -40.48
C THR B 617 16.87 -5.16 -40.82
N ALA B 618 17.83 -6.03 -40.50
CA ALA B 618 19.22 -5.75 -40.85
C ALA B 618 19.43 -5.71 -42.37
N ALA B 619 18.64 -6.48 -43.13
CA ALA B 619 18.73 -6.41 -44.59
C ALA B 619 18.37 -5.03 -45.10
N TYR B 620 17.31 -4.43 -44.56
CA TYR B 620 16.90 -3.07 -44.94
C TYR B 620 18.01 -2.07 -44.67
N TRP B 621 18.51 -2.05 -43.43
CA TRP B 621 19.51 -1.07 -43.03
C TRP B 621 20.81 -1.24 -43.80
N CYS B 622 21.18 -2.48 -44.12
CA CYS B 622 22.44 -2.71 -44.83
C CYS B 622 22.31 -2.26 -46.29
N GLN B 623 21.20 -2.60 -46.96
CA GLN B 623 20.96 -2.04 -48.29
C GLN B 623 20.92 -0.51 -48.24
N SER B 624 20.21 0.03 -47.25
CA SER B 624 20.13 1.48 -47.08
C SER B 624 21.50 2.13 -46.90
N VAL B 625 22.35 1.56 -46.05
CA VAL B 625 23.68 2.15 -45.87
C VAL B 625 24.43 2.19 -47.19
N THR B 626 24.34 1.12 -47.99
CA THR B 626 25.00 1.10 -49.29
C THR B 626 24.44 2.18 -50.19
N GLU B 627 23.12 2.34 -50.23
CA GLU B 627 22.53 3.38 -51.07
C GLU B 627 23.00 4.76 -50.62
N LEU B 628 22.97 5.01 -49.31
CA LEU B 628 23.35 6.30 -48.76
C LEU B 628 24.81 6.62 -49.04
N LYS B 629 25.70 5.65 -48.87
CA LYS B 629 27.11 5.93 -49.10
C LYS B 629 27.42 6.09 -50.58
N ALA B 630 26.57 5.53 -51.46
CA ALA B 630 26.75 5.73 -52.89
C ALA B 630 26.41 7.15 -53.29
N ASP B 631 25.30 7.67 -52.76
CA ASP B 631 24.82 8.99 -53.11
C ASP B 631 25.47 10.11 -52.32
N PHE B 632 26.02 9.83 -51.14
CA PHE B 632 26.60 10.86 -50.25
C PHE B 632 27.97 10.37 -49.76
N PRO B 633 28.96 10.31 -50.65
CA PRO B 633 30.28 9.81 -50.23
C PRO B 633 30.93 10.68 -49.16
N ASP B 634 30.65 11.98 -49.15
CA ASP B 634 31.32 12.85 -48.20
C ASP B 634 30.64 12.89 -46.83
N ASN B 635 29.41 12.37 -46.70
CA ASN B 635 28.67 12.33 -45.44
C ASN B 635 28.90 11.00 -44.72
N ILE B 636 29.24 11.08 -43.45
CA ILE B 636 29.62 9.90 -42.68
C ILE B 636 28.38 9.15 -42.23
N VAL B 637 28.34 7.85 -42.50
CA VAL B 637 27.25 6.99 -42.05
C VAL B 637 27.82 5.98 -41.07
N ILE B 638 27.25 5.94 -39.86
CA ILE B 638 27.66 5.00 -38.81
C ILE B 638 26.48 4.07 -38.56
N ALA B 639 26.73 2.76 -38.61
CA ALA B 639 25.69 1.78 -38.33
C ALA B 639 25.71 1.44 -36.84
N SER B 640 24.58 1.67 -36.17
CA SER B 640 24.39 1.27 -34.78
C SER B 640 23.80 -0.13 -34.73
N ILE B 641 24.41 -1.02 -33.95
CA ILE B 641 24.03 -2.43 -33.89
C ILE B 641 24.00 -2.91 -32.44
N MET B 642 23.17 -3.93 -32.19
CA MET B 642 23.06 -4.57 -30.88
C MET B 642 22.89 -6.08 -31.06
N CYS B 643 23.59 -6.84 -30.22
CA CYS B 643 23.38 -8.26 -30.04
C CYS B 643 23.27 -8.56 -28.55
N SER B 644 22.81 -9.75 -28.21
CA SER B 644 22.91 -10.22 -26.83
C SER B 644 24.35 -10.64 -26.56
N TYR B 645 24.62 -11.13 -25.35
CA TYR B 645 26.01 -11.43 -24.95
C TYR B 645 26.42 -12.73 -25.62
N ASN B 646 26.90 -12.62 -26.85
CA ASN B 646 27.13 -13.80 -27.68
C ASN B 646 28.15 -13.43 -28.74
N LYS B 647 29.30 -14.11 -28.75
CA LYS B 647 30.39 -13.70 -29.60
C LYS B 647 30.06 -13.89 -31.08
N ASN B 648 29.34 -14.96 -31.43
CA ASN B 648 29.08 -15.20 -32.84
C ASN B 648 28.11 -14.18 -33.41
N ASP B 649 27.16 -13.71 -32.61
CA ASP B 649 26.20 -12.75 -33.11
C ASP B 649 26.84 -11.38 -33.33
N TRP B 650 27.66 -10.94 -32.38
CA TRP B 650 28.34 -9.64 -32.52
C TRP B 650 29.29 -9.67 -33.72
N MET B 651 30.01 -10.77 -33.93
CA MET B 651 30.88 -10.84 -35.10
C MET B 651 30.08 -10.93 -36.40
N GLU B 652 28.99 -11.71 -36.41
CA GLU B 652 28.15 -11.78 -37.61
C GLU B 652 27.59 -10.42 -37.97
N LEU B 653 26.98 -9.73 -37.00
CA LEU B 653 26.26 -8.49 -37.31
C LEU B 653 27.20 -7.36 -37.70
N SER B 654 28.33 -7.22 -37.02
CA SER B 654 29.28 -6.17 -37.39
C SER B 654 29.82 -6.39 -38.79
N ARG B 655 30.17 -7.63 -39.13
CA ARG B 655 30.71 -7.90 -40.47
C ARG B 655 29.68 -7.59 -41.54
N LYS B 656 28.42 -7.92 -41.27
CA LYS B 656 27.34 -7.59 -42.19
C LYS B 656 27.26 -6.08 -42.41
N ALA B 657 27.39 -5.30 -41.34
CA ALA B 657 27.31 -3.85 -41.47
C ALA B 657 28.55 -3.26 -42.12
N GLU B 658 29.74 -3.77 -41.76
CA GLU B 658 30.96 -3.37 -42.45
C GLU B 658 30.83 -3.61 -43.95
N ALA B 659 30.38 -4.81 -44.33
CA ALA B 659 30.28 -5.19 -45.72
C ALA B 659 29.40 -4.24 -46.53
N SER B 660 28.46 -3.55 -45.88
CA SER B 660 27.51 -2.69 -46.56
C SER B 660 28.07 -1.32 -46.90
N GLY B 661 29.23 -0.95 -46.36
CA GLY B 661 29.82 0.34 -46.61
C GLY B 661 29.76 1.36 -45.48
N ALA B 662 29.31 0.97 -44.29
CA ALA B 662 29.38 1.88 -43.15
C ALA B 662 30.80 2.42 -43.00
N ASP B 663 30.91 3.73 -42.77
CA ASP B 663 32.21 4.29 -42.41
C ASP B 663 32.68 3.76 -41.06
N ALA B 664 31.75 3.42 -40.18
CA ALA B 664 32.08 2.98 -38.83
C ALA B 664 30.83 2.35 -38.23
N LEU B 665 31.02 1.68 -37.09
CA LEU B 665 29.93 1.11 -36.31
C LEU B 665 29.85 1.79 -34.95
N GLU B 666 28.63 1.79 -34.39
CA GLU B 666 28.42 2.18 -33.00
C GLU B 666 27.78 1.01 -32.29
N LEU B 667 28.36 0.60 -31.16
CA LEU B 667 27.90 -0.56 -30.40
C LEU B 667 26.94 -0.11 -29.31
N ASN B 668 25.69 -0.52 -29.41
CA ASN B 668 24.67 -0.13 -28.43
C ASN B 668 24.68 -1.14 -27.30
N LEU B 669 25.08 -0.70 -26.11
CA LEU B 669 25.34 -1.59 -24.99
C LEU B 669 24.13 -1.77 -24.07
N SER B 670 22.92 -1.48 -24.56
CA SER B 670 21.72 -1.49 -23.74
C SER B 670 21.07 -2.87 -23.58
N CYS B 671 21.59 -3.93 -24.21
CA CYS B 671 20.96 -5.23 -24.08
C CYS B 671 21.14 -5.80 -22.67
N PRO B 672 20.10 -6.39 -22.08
CA PRO B 672 20.28 -7.11 -20.81
C PRO B 672 21.04 -8.41 -20.97
N HIS B 673 21.76 -8.79 -19.91
CA HIS B 673 22.62 -9.97 -19.90
C HIS B 673 22.03 -11.16 -19.14
N GLY B 674 22.87 -11.88 -18.40
CA GLY B 674 22.45 -13.11 -17.74
C GLY B 674 21.87 -13.00 -16.34
N MET B 675 22.74 -13.10 -15.33
CA MET B 675 22.29 -13.33 -13.96
C MET B 675 21.95 -12.05 -13.20
N GLY B 676 22.63 -10.95 -13.48
CA GLY B 676 22.54 -9.76 -12.63
C GLY B 676 23.61 -9.77 -11.56
N GLU B 677 23.67 -10.87 -10.80
CA GLU B 677 24.84 -11.25 -10.02
C GLU B 677 25.12 -10.33 -8.85
N ARG B 678 25.82 -9.23 -9.08
CA ARG B 678 26.44 -8.45 -8.01
C ARG B 678 25.84 -7.05 -7.96
N GLY B 679 24.51 -6.97 -8.10
CA GLY B 679 23.81 -5.71 -8.13
C GLY B 679 24.51 -4.64 -8.94
N MET B 680 24.89 -4.99 -10.16
CA MET B 680 25.70 -4.09 -10.99
C MET B 680 24.96 -3.83 -12.29
N GLY B 681 23.65 -3.62 -12.16
CA GLY B 681 22.80 -3.36 -13.31
C GLY B 681 22.47 -4.64 -14.05
N LEU B 682 21.56 -4.50 -15.00
CA LEU B 682 21.16 -5.61 -15.85
C LEU B 682 21.61 -5.43 -17.29
N ALA B 683 22.13 -4.25 -17.65
CA ALA B 683 22.60 -3.98 -19.01
C ALA B 683 24.07 -4.35 -19.16
N CYS B 684 24.38 -4.98 -20.29
CA CYS B 684 25.76 -5.22 -20.70
C CYS B 684 26.65 -4.00 -20.48
N GLY B 685 26.15 -2.82 -20.83
CA GLY B 685 26.96 -1.62 -20.76
C GLY B 685 27.30 -1.14 -19.37
N GLN B 686 26.77 -1.79 -18.33
CA GLN B 686 27.04 -1.41 -16.95
C GLN B 686 28.21 -2.18 -16.34
N ASP B 687 28.71 -3.20 -17.02
CA ASP B 687 29.76 -4.08 -16.48
C ASP B 687 31.00 -3.98 -17.35
N PRO B 688 32.11 -3.42 -16.85
CA PRO B 688 33.28 -3.22 -17.71
C PRO B 688 33.79 -4.50 -18.33
N GLU B 689 33.63 -5.64 -17.65
CA GLU B 689 34.11 -6.91 -18.19
C GLU B 689 33.32 -7.35 -19.42
N LEU B 690 32.02 -7.06 -19.44
CA LEU B 690 31.23 -7.41 -20.62
C LEU B 690 31.53 -6.46 -21.78
N VAL B 691 31.63 -5.16 -21.49
CA VAL B 691 32.01 -4.18 -22.51
C VAL B 691 33.34 -4.56 -23.16
N ARG B 692 34.34 -4.89 -22.35
CA ARG B 692 35.65 -5.17 -22.91
C ARG B 692 35.59 -6.38 -23.83
N ASN B 693 34.84 -7.41 -23.42
CA ASN B 693 34.67 -8.62 -24.24
C ASN B 693 33.93 -8.31 -25.53
N ILE B 694 32.83 -7.57 -25.45
CA ILE B 694 32.05 -7.26 -26.65
C ILE B 694 32.91 -6.52 -27.67
N CYS B 695 33.67 -5.54 -27.20
CA CYS B 695 34.55 -4.78 -28.08
C CYS B 695 35.61 -5.66 -28.71
N ARG B 696 36.23 -6.53 -27.91
CA ARG B 696 37.21 -7.48 -28.45
C ARG B 696 36.63 -8.29 -29.60
N TRP B 697 35.40 -8.78 -29.43
CA TRP B 697 34.74 -9.54 -30.49
C TRP B 697 34.63 -8.72 -31.78
N VAL B 698 34.04 -7.53 -31.68
CA VAL B 698 33.87 -6.74 -32.89
C VAL B 698 35.23 -6.36 -33.50
N ARG B 699 36.21 -6.05 -32.65
CA ARG B 699 37.53 -5.68 -33.14
C ARG B 699 38.15 -6.79 -33.97
N GLN B 700 37.97 -8.05 -33.52
CA GLN B 700 38.39 -9.20 -34.33
C GLN B 700 37.66 -9.26 -35.66
N ALA B 701 36.40 -8.83 -35.71
CA ALA B 701 35.57 -9.14 -36.86
C ALA B 701 35.70 -8.13 -37.99
N VAL B 702 35.87 -6.85 -37.66
CA VAL B 702 35.82 -5.76 -38.64
C VAL B 702 37.12 -4.96 -38.59
N GLN B 703 37.35 -4.22 -39.67
CA GLN B 703 38.52 -3.37 -39.82
C GLN B 703 38.20 -1.88 -39.83
N ILE B 704 36.94 -1.51 -40.00
CA ILE B 704 36.53 -0.11 -39.90
C ILE B 704 36.55 0.30 -38.43
N PRO B 705 36.57 1.60 -38.12
CA PRO B 705 36.47 2.02 -36.72
C PRO B 705 35.12 1.66 -36.13
N PHE B 706 35.09 1.55 -34.81
CA PHE B 706 33.84 1.32 -34.11
C PHE B 706 33.93 2.03 -32.77
N PHE B 707 32.77 2.52 -32.31
CA PHE B 707 32.66 3.25 -31.06
C PHE B 707 31.63 2.56 -30.15
N ALA B 708 31.93 2.49 -28.86
CA ALA B 708 30.99 1.93 -27.91
C ALA B 708 30.16 3.07 -27.33
N LYS B 709 28.83 2.93 -27.40
CA LYS B 709 27.92 3.94 -26.84
C LYS B 709 27.68 3.65 -25.37
N LEU B 710 28.04 4.61 -24.52
CA LEU B 710 28.11 4.38 -23.09
C LEU B 710 26.83 4.86 -22.42
N THR B 711 26.38 4.12 -21.42
CA THR B 711 25.28 4.57 -20.60
C THR B 711 25.79 5.51 -19.50
N PRO B 712 25.05 6.57 -19.20
CA PRO B 712 25.33 7.37 -18.00
C PRO B 712 24.91 6.69 -16.71
N ASN B 713 24.18 5.56 -16.78
CA ASN B 713 23.60 4.94 -15.59
C ASN B 713 24.59 3.95 -14.96
N VAL B 714 25.73 4.50 -14.55
CA VAL B 714 26.82 3.72 -13.95
C VAL B 714 27.48 4.59 -12.90
N THR B 715 28.10 3.92 -11.90
CA THR B 715 28.84 4.64 -10.86
C THR B 715 30.00 5.42 -11.47
N ASP B 716 30.80 4.81 -12.33
CA ASP B 716 31.93 5.51 -12.93
C ASP B 716 32.05 5.16 -14.40
N ILE B 717 31.64 6.10 -15.25
CA ILE B 717 31.64 5.88 -16.69
C ILE B 717 33.06 5.74 -17.24
N VAL B 718 34.05 6.35 -16.58
CA VAL B 718 35.44 6.19 -17.03
C VAL B 718 35.84 4.71 -17.00
N SER B 719 35.28 3.90 -16.09
CA SER B 719 35.57 2.48 -16.10
C SER B 719 35.11 1.81 -17.39
N ILE B 720 33.91 2.12 -17.86
CA ILE B 720 33.44 1.43 -19.05
C ILE B 720 34.08 2.03 -20.31
N ALA B 721 34.38 3.34 -20.29
CA ALA B 721 35.17 3.93 -21.36
C ALA B 721 36.51 3.24 -21.50
N ARG B 722 37.25 3.07 -20.40
CA ARG B 722 38.54 2.43 -20.51
C ARG B 722 38.41 0.95 -20.89
N ALA B 723 37.36 0.27 -20.46
CA ALA B 723 37.15 -1.11 -20.90
C ALA B 723 36.97 -1.18 -22.40
N ALA B 724 36.23 -0.22 -22.96
CA ALA B 724 36.03 -0.17 -24.40
C ALA B 724 37.35 0.02 -25.12
N LYS B 725 38.17 0.96 -24.64
CA LYS B 725 39.49 1.19 -25.22
C LYS B 725 40.34 -0.06 -25.12
N GLU B 726 40.34 -0.69 -23.93
CA GLU B 726 41.06 -1.94 -23.72
C GLU B 726 40.56 -3.05 -24.64
N GLY B 727 39.31 -2.97 -25.06
CA GLY B 727 38.77 -3.98 -25.95
C GLY B 727 39.05 -3.72 -27.41
N GLY B 728 39.56 -2.55 -27.76
CA GLY B 728 39.88 -2.28 -29.15
C GLY B 728 39.09 -1.18 -29.79
N ALA B 729 38.13 -0.57 -29.07
CA ALA B 729 37.28 0.44 -29.67
C ALA B 729 38.10 1.64 -30.10
N ASP B 730 37.63 2.32 -31.14
CA ASP B 730 38.35 3.49 -31.65
C ASP B 730 37.88 4.79 -31.01
N GLY B 731 36.84 4.74 -30.18
CA GLY B 731 36.32 5.90 -29.49
C GLY B 731 35.11 5.44 -28.71
N VAL B 732 34.48 6.38 -28.01
CA VAL B 732 33.24 6.08 -27.30
C VAL B 732 32.25 7.20 -27.59
N THR B 733 30.97 6.85 -27.56
CA THR B 733 29.90 7.84 -27.67
C THR B 733 29.32 8.07 -26.29
N ALA B 734 29.28 9.34 -25.86
CA ALA B 734 28.89 9.70 -24.50
C ALA B 734 27.89 10.84 -24.57
N THR B 735 26.64 10.61 -24.18
CA THR B 735 26.14 9.36 -23.55
C THR B 735 24.76 8.97 -24.07
N ASN B 736 24.30 7.76 -23.76
CA ASN B 736 22.92 7.36 -24.04
C ASN B 736 22.02 8.09 -23.05
N THR B 737 20.76 7.66 -22.92
CA THR B 737 19.80 8.38 -22.09
C THR B 737 19.87 7.96 -20.62
N VAL B 738 19.39 8.86 -19.76
CA VAL B 738 19.43 8.65 -18.31
C VAL B 738 18.19 7.88 -17.87
N SER B 739 18.37 6.87 -17.03
CA SER B 739 17.25 6.09 -16.51
C SER B 739 16.29 6.98 -15.71
N GLY B 740 15.01 6.97 -16.07
CA GLY B 740 14.10 7.88 -15.41
C GLY B 740 12.65 7.48 -15.52
N LEU B 741 11.82 8.25 -14.80
CA LEU B 741 10.36 8.17 -14.85
C LEU B 741 9.82 9.59 -14.91
N MET B 742 8.99 9.88 -15.90
CA MET B 742 8.52 11.24 -16.14
C MET B 742 7.31 11.63 -15.30
N GLY B 743 6.79 10.75 -14.48
CA GLY B 743 5.82 11.17 -13.50
C GLY B 743 4.47 10.52 -13.71
N LEU B 744 3.51 10.98 -12.91
CA LEU B 744 2.22 10.35 -12.76
C LEU B 744 1.14 11.41 -12.80
N LYS B 745 -0.01 11.01 -13.33
CA LYS B 745 -1.20 11.84 -13.17
C LYS B 745 -1.64 11.79 -11.72
N ALA B 746 -2.62 12.64 -11.39
CA ALA B 746 -3.03 12.77 -9.99
C ALA B 746 -3.70 11.51 -9.44
N ASP B 747 -4.26 10.66 -10.29
CA ASP B 747 -4.84 9.43 -9.80
C ASP B 747 -3.83 8.29 -9.75
N GLY B 748 -2.57 8.57 -10.03
CA GLY B 748 -1.50 7.59 -9.92
C GLY B 748 -1.12 6.90 -11.20
N THR B 749 -1.79 7.21 -12.31
CA THR B 749 -1.47 6.42 -13.48
C THR B 749 -0.32 7.06 -14.26
N PRO B 750 0.57 6.26 -14.82
CA PRO B 750 1.80 6.79 -15.40
C PRO B 750 1.54 7.37 -16.79
N TRP B 751 2.58 7.94 -17.36
CA TRP B 751 2.62 8.45 -18.72
C TRP B 751 4.06 8.34 -19.22
N PRO B 752 4.33 7.49 -20.23
CA PRO B 752 3.34 6.74 -21.00
C PRO B 752 2.61 5.63 -20.23
N ALA B 753 1.34 5.41 -20.59
CA ALA B 753 0.54 4.33 -20.02
C ALA B 753 0.09 3.45 -21.18
N VAL B 754 0.42 2.15 -21.09
CA VAL B 754 0.31 1.20 -22.20
C VAL B 754 -0.82 0.23 -21.91
N GLY B 755 -1.74 0.11 -22.86
CA GLY B 755 -2.82 -0.85 -22.73
C GLY B 755 -3.85 -0.43 -21.70
N ALA B 756 -4.86 -1.30 -21.56
CA ALA B 756 -5.93 -1.08 -20.60
C ALA B 756 -5.41 -1.11 -19.16
N GLY B 757 -4.36 -1.90 -18.88
CA GLY B 757 -3.83 -1.89 -17.52
C GLY B 757 -3.05 -0.65 -17.14
N LYS B 758 -2.85 0.27 -18.08
CA LYS B 758 -2.14 1.52 -17.84
C LYS B 758 -0.74 1.27 -17.28
N ARG B 759 -0.03 0.32 -17.90
CA ARG B 759 1.30 -0.07 -17.44
C ARG B 759 2.38 0.83 -18.04
N THR B 760 3.46 1.03 -17.29
CA THR B 760 4.67 1.61 -17.84
C THR B 760 5.89 0.83 -17.35
N THR B 761 7.07 1.26 -17.77
CA THR B 761 8.34 0.75 -17.32
C THR B 761 9.30 1.92 -17.27
N TYR B 762 10.45 1.73 -16.65
CA TYR B 762 11.41 2.83 -16.60
C TYR B 762 11.92 3.13 -18.00
N GLY B 763 12.07 4.41 -18.31
CA GLY B 763 12.47 4.81 -19.64
C GLY B 763 13.75 5.60 -19.66
N GLY B 764 14.10 6.18 -20.80
CA GLY B 764 15.30 6.98 -20.96
C GLY B 764 14.96 8.45 -21.16
N VAL B 765 15.57 9.29 -20.33
CA VAL B 765 15.43 10.75 -20.41
C VAL B 765 16.50 11.30 -21.35
N SER B 766 16.08 12.16 -22.29
CA SER B 766 16.98 12.81 -23.26
C SER B 766 16.75 14.32 -23.23
N GLY B 767 17.60 15.06 -23.93
CA GLY B 767 17.36 16.49 -24.08
C GLY B 767 18.20 17.33 -23.14
N THR B 768 17.85 18.61 -23.05
CA THR B 768 18.73 19.54 -22.38
C THR B 768 18.75 19.35 -20.86
N ALA B 769 17.75 18.68 -20.28
CA ALA B 769 17.79 18.38 -18.84
C ALA B 769 18.91 17.42 -18.46
N ILE B 770 19.43 16.62 -19.40
CA ILE B 770 20.57 15.74 -19.10
C ILE B 770 21.90 16.30 -19.60
N ARG B 771 21.91 17.50 -20.15
CA ARG B 771 23.18 18.10 -20.57
C ARG B 771 24.23 18.20 -19.49
N PRO B 772 23.93 18.63 -18.26
CA PRO B 772 24.97 18.58 -17.19
C PRO B 772 25.58 17.19 -17.01
N ILE B 773 24.79 16.13 -17.22
CA ILE B 773 25.27 14.77 -16.99
C ILE B 773 26.21 14.33 -18.11
N ALA B 774 25.80 14.54 -19.37
CA ALA B 774 26.65 14.17 -20.49
C ALA B 774 27.89 15.05 -20.56
N LEU B 775 27.75 16.33 -20.21
CA LEU B 775 28.91 17.21 -20.19
C LEU B 775 29.92 16.77 -19.13
N ARG B 776 29.44 16.35 -17.95
CA ARG B 776 30.36 15.79 -16.97
C ARG B 776 31.03 14.52 -17.49
N ALA B 777 30.27 13.67 -18.21
CA ALA B 777 30.83 12.40 -18.69
C ALA B 777 31.93 12.64 -19.74
N VAL B 778 31.66 13.54 -20.69
CA VAL B 778 32.66 13.83 -21.73
C VAL B 778 33.94 14.36 -21.11
N THR B 779 33.81 15.40 -20.26
CA THR B 779 34.97 15.96 -19.59
C THR B 779 35.72 14.91 -18.78
N THR B 780 35.00 14.02 -18.10
CA THR B 780 35.70 13.07 -17.23
C THR B 780 36.43 12.00 -18.06
N ILE B 781 35.83 11.57 -19.17
CA ILE B 781 36.53 10.66 -20.07
C ILE B 781 37.69 11.39 -20.75
N ALA B 782 37.52 12.67 -21.08
CA ALA B 782 38.56 13.39 -21.79
C ALA B 782 39.79 13.60 -20.90
N ARG B 783 39.60 13.83 -19.61
CA ARG B 783 40.77 13.94 -18.75
C ARG B 783 41.41 12.59 -18.44
N ALA B 784 40.64 11.50 -18.40
CA ALA B 784 41.25 10.23 -18.02
C ALA B 784 41.91 9.53 -19.19
N LEU B 785 41.41 9.76 -20.41
CA LEU B 785 41.88 9.09 -21.61
C LEU B 785 42.22 10.15 -22.65
N PRO B 786 43.29 10.91 -22.43
CA PRO B 786 43.61 12.05 -23.32
C PRO B 786 43.77 11.61 -24.77
N GLY B 787 43.07 12.30 -25.66
CA GLY B 787 43.16 12.03 -27.08
C GLY B 787 42.23 10.95 -27.60
N PHE B 788 41.66 10.15 -26.70
CA PHE B 788 40.68 9.14 -27.06
C PHE B 788 39.44 9.81 -27.65
N PRO B 789 39.06 9.50 -28.90
CA PRO B 789 37.96 10.22 -29.54
C PRO B 789 36.62 10.05 -28.82
N ILE B 790 35.90 11.15 -28.65
CA ILE B 790 34.59 11.15 -28.00
C ILE B 790 33.56 11.74 -28.96
N LEU B 791 32.45 11.04 -29.15
CA LEU B 791 31.30 11.54 -29.88
C LEU B 791 30.25 11.93 -28.84
N ALA B 792 29.92 13.23 -28.77
CA ALA B 792 29.11 13.73 -27.67
C ALA B 792 27.63 13.61 -27.98
N THR B 793 26.84 13.32 -26.94
CA THR B 793 25.40 13.15 -27.06
C THR B 793 24.77 13.57 -25.74
N GLY B 794 23.76 14.44 -25.80
CA GLY B 794 23.05 14.79 -24.57
C GLY B 794 22.69 16.25 -24.45
N GLY B 795 21.56 16.66 -25.01
CA GLY B 795 21.10 18.02 -24.89
C GLY B 795 21.73 19.02 -25.83
N ILE B 796 22.36 18.59 -26.91
CA ILE B 796 22.98 19.52 -27.85
C ILE B 796 21.89 20.13 -28.72
N ASP B 797 21.74 21.45 -28.67
CA ASP B 797 20.61 22.07 -29.37
C ASP B 797 21.00 23.40 -30.02
N SER B 798 22.27 23.63 -30.29
CA SER B 798 22.76 24.91 -30.80
C SER B 798 24.25 24.80 -31.06
N ALA B 799 24.77 25.72 -31.88
CA ALA B 799 26.21 25.81 -32.05
C ALA B 799 26.90 26.07 -30.71
N GLU B 800 26.28 26.90 -29.88
CA GLU B 800 26.88 27.30 -28.61
C GLU B 800 27.02 26.10 -27.67
N SER B 801 25.92 25.34 -27.48
CA SER B 801 26.02 24.13 -26.66
C SER B 801 26.96 23.10 -27.30
N GLY B 802 26.93 22.98 -28.64
CA GLY B 802 27.89 22.11 -29.29
C GLY B 802 29.33 22.47 -28.97
N LEU B 803 29.64 23.77 -28.94
CA LEU B 803 31.01 24.21 -28.68
C LEU B 803 31.44 23.89 -27.26
N GLN B 804 30.50 23.94 -26.30
CA GLN B 804 30.77 23.50 -24.94
C GLN B 804 31.23 22.04 -24.95
N PHE B 805 30.59 21.18 -25.74
CA PHE B 805 31.03 19.78 -25.80
C PHE B 805 32.38 19.65 -26.49
N LEU B 806 32.64 20.42 -27.56
CA LEU B 806 33.96 20.41 -28.17
C LEU B 806 35.03 20.87 -27.19
N HIS B 807 34.76 21.97 -26.47
CA HIS B 807 35.69 22.47 -25.45
C HIS B 807 35.98 21.43 -24.36
N SER B 808 35.07 20.49 -24.13
CA SER B 808 35.20 19.48 -23.10
C SER B 808 35.87 18.20 -23.56
N GLY B 809 36.23 18.07 -24.85
CA GLY B 809 37.00 16.93 -25.34
C GLY B 809 36.35 16.16 -26.48
N ALA B 810 35.07 16.38 -26.77
CA ALA B 810 34.43 15.71 -27.90
C ALA B 810 34.94 16.27 -29.22
N SER B 811 34.91 15.43 -30.26
CA SER B 811 35.25 15.87 -31.61
C SER B 811 34.04 16.07 -32.51
N VAL B 812 32.96 15.30 -32.32
CA VAL B 812 31.75 15.45 -33.11
C VAL B 812 30.55 15.39 -32.18
N LEU B 813 29.39 15.79 -32.71
CA LEU B 813 28.24 16.20 -31.91
C LEU B 813 26.97 15.54 -32.42
N GLN B 814 26.41 14.60 -31.66
CA GLN B 814 25.19 13.91 -32.07
C GLN B 814 23.97 14.61 -31.48
N VAL B 815 22.88 14.68 -32.27
CA VAL B 815 21.67 15.39 -31.88
C VAL B 815 20.46 14.48 -32.08
N CYS B 816 19.55 14.44 -31.09
CA CYS B 816 18.26 13.81 -31.26
C CYS B 816 17.11 14.74 -30.84
N SER B 817 17.03 15.07 -29.55
CA SER B 817 15.86 15.77 -29.03
C SER B 817 15.66 17.15 -29.68
N ALA B 818 16.74 17.85 -30.02
CA ALA B 818 16.59 19.14 -30.69
C ALA B 818 15.90 19.00 -32.05
N VAL B 819 16.07 17.87 -32.73
CA VAL B 819 15.34 17.67 -33.98
C VAL B 819 13.92 17.27 -33.69
N GLN B 820 13.72 16.43 -32.64
CA GLN B 820 12.35 16.11 -32.21
C GLN B 820 11.56 17.38 -31.90
N ASN B 821 12.23 18.38 -31.30
CA ASN B 821 11.60 19.67 -31.00
C ASN B 821 11.38 20.52 -32.24
N GLN B 822 11.94 20.14 -33.39
CA GLN B 822 11.89 20.98 -34.58
C GLN B 822 11.85 20.15 -35.86
N ASP B 823 12.94 20.18 -36.64
CA ASP B 823 13.04 19.51 -37.93
C ASP B 823 14.52 19.52 -38.37
N PHE B 824 14.79 18.89 -39.51
CA PHE B 824 16.17 18.74 -39.95
C PHE B 824 16.85 20.07 -40.28
N THR B 825 16.09 21.13 -40.59
CA THR B 825 16.76 22.36 -41.06
C THR B 825 17.54 23.09 -39.96
N VAL B 826 17.47 22.65 -38.70
CA VAL B 826 18.28 23.29 -37.66
C VAL B 826 19.78 23.14 -37.97
N ILE B 827 20.14 22.24 -38.88
CA ILE B 827 21.56 22.08 -39.22
C ILE B 827 22.13 23.38 -39.79
N GLN B 828 21.32 24.15 -40.51
CA GLN B 828 21.86 25.38 -41.09
C GLN B 828 22.16 26.39 -39.99
N ASP B 829 21.31 26.41 -38.95
CA ASP B 829 21.60 27.23 -37.77
C ASP B 829 22.90 26.79 -37.11
N TYR B 830 23.08 25.49 -36.93
CA TYR B 830 24.22 24.98 -36.19
C TYR B 830 25.53 25.29 -36.89
N CYS B 831 25.51 25.24 -38.23
CA CYS B 831 26.72 25.46 -39.02
C CYS B 831 27.11 26.93 -39.06
N THR B 832 26.18 27.83 -39.43
CA THR B 832 26.49 29.26 -39.42
C THR B 832 26.80 29.75 -38.00
N GLY B 833 26.17 29.16 -37.00
CA GLY B 833 26.47 29.54 -35.62
C GLY B 833 27.90 29.18 -35.23
N LEU B 834 28.35 27.98 -35.61
CA LEU B 834 29.70 27.57 -35.28
C LEU B 834 30.74 28.37 -36.05
N LYS B 835 30.45 28.68 -37.32
CA LYS B 835 31.34 29.57 -38.08
C LYS B 835 31.46 30.92 -37.37
N ALA B 836 30.33 31.51 -36.97
CA ALA B 836 30.36 32.82 -36.32
C ALA B 836 31.13 32.77 -35.00
N LEU B 837 30.97 31.71 -34.22
CA LEU B 837 31.68 31.64 -32.94
C LEU B 837 33.18 31.55 -33.14
N LEU B 838 33.64 30.79 -34.14
CA LEU B 838 35.06 30.69 -34.40
C LEU B 838 35.60 31.99 -34.98
N TYR B 839 34.88 32.58 -35.93
CA TYR B 839 35.32 33.84 -36.53
C TYR B 839 35.45 34.93 -35.47
N LEU B 840 34.49 35.01 -34.53
CA LEU B 840 34.52 36.07 -33.53
C LEU B 840 35.75 35.97 -32.61
N LYS B 841 36.29 34.76 -32.44
CA LYS B 841 37.51 34.59 -31.65
C LYS B 841 38.69 35.35 -32.25
N SER B 842 38.60 35.75 -33.52
CA SER B 842 39.71 36.44 -34.18
C SER B 842 39.63 37.96 -34.08
N ILE B 843 38.57 38.49 -33.50
CA ILE B 843 38.26 39.92 -33.51
C ILE B 843 38.60 40.49 -32.14
N GLU B 844 39.73 41.19 -32.01
CA GLU B 844 40.06 41.90 -30.76
C GLU B 844 38.98 42.83 -30.27
N GLU B 845 38.40 43.64 -31.15
CA GLU B 845 37.40 44.60 -30.71
C GLU B 845 36.20 43.95 -30.02
N LEU B 846 36.00 42.64 -30.17
CA LEU B 846 34.86 41.97 -29.56
C LEU B 846 35.25 41.03 -28.41
N GLN B 847 36.43 41.19 -27.82
CA GLN B 847 36.86 40.22 -26.81
C GLN B 847 35.97 40.25 -25.58
N GLY B 848 35.42 41.43 -25.25
CA GLY B 848 34.47 41.57 -24.15
C GLY B 848 33.15 40.82 -24.34
N TRP B 849 32.87 40.32 -25.53
CA TRP B 849 31.62 39.61 -25.75
C TRP B 849 31.74 38.16 -25.24
N ASP B 850 30.58 37.58 -24.92
CA ASP B 850 30.48 36.14 -24.64
C ASP B 850 29.88 35.51 -25.89
N GLY B 851 30.73 34.93 -26.72
CA GLY B 851 30.27 34.38 -27.99
C GLY B 851 29.71 35.50 -28.85
N GLN B 852 28.43 35.36 -29.21
CA GLN B 852 27.75 36.32 -30.06
C GLN B 852 26.94 37.34 -29.25
N SER B 853 27.06 37.31 -27.92
CA SER B 853 26.35 38.25 -27.06
C SER B 853 27.21 39.45 -26.74
N PRO B 854 26.80 40.66 -27.07
CA PRO B 854 27.53 41.83 -26.56
C PRO B 854 27.52 41.84 -25.03
N GLY B 855 28.51 42.51 -24.47
CA GLY B 855 28.46 42.83 -23.05
C GLY B 855 27.14 43.53 -22.74
N THR B 856 26.47 43.12 -21.67
CA THR B 856 25.22 43.75 -21.27
C THR B 856 25.50 45.12 -20.68
N GLU B 857 24.84 46.14 -21.21
CA GLU B 857 24.97 47.46 -20.61
C GLU B 857 23.66 47.87 -19.96
N SER B 858 23.71 48.97 -19.20
CA SER B 858 22.58 49.38 -18.39
C SER B 858 21.39 49.71 -19.28
N HIS B 859 20.27 49.04 -19.02
CA HIS B 859 19.09 49.23 -19.83
C HIS B 859 17.84 49.10 -18.97
N GLN B 860 16.74 49.66 -19.47
CA GLN B 860 15.40 49.28 -19.02
C GLN B 860 14.56 48.98 -20.26
N LYS B 861 13.89 47.82 -20.25
CA LYS B 861 13.11 47.36 -21.40
C LYS B 861 13.97 47.28 -22.66
N GLY B 862 15.24 46.93 -22.49
CA GLY B 862 16.15 46.84 -23.61
C GLY B 862 16.57 48.16 -24.21
N LYS B 863 16.27 49.28 -23.54
CA LYS B 863 16.68 50.59 -24.02
C LYS B 863 17.75 51.14 -23.10
N PRO B 864 18.84 51.69 -23.64
CA PRO B 864 19.93 52.18 -22.79
C PRO B 864 19.48 53.26 -21.82
N VAL B 865 19.88 53.08 -20.57
CA VAL B 865 19.66 54.09 -19.51
C VAL B 865 20.42 55.35 -19.87
N PRO B 866 19.80 56.53 -19.79
CA PRO B 866 20.55 57.77 -20.02
C PRO B 866 21.64 57.90 -18.96
N ARG B 867 22.87 58.09 -19.41
CA ARG B 867 23.97 58.29 -18.46
C ARG B 867 24.12 59.79 -18.25
N ILE B 868 23.20 60.33 -17.44
CA ILE B 868 23.18 61.73 -17.03
C ILE B 868 23.71 61.79 -15.60
N ALA B 869 24.30 62.93 -15.24
CA ALA B 869 24.82 63.09 -13.87
C ALA B 869 23.70 63.08 -12.85
N GLU B 870 22.63 63.85 -13.11
CA GLU B 870 21.59 64.09 -12.12
C GLU B 870 20.68 62.88 -11.91
N LEU B 871 20.68 61.91 -12.82
CA LEU B 871 19.87 60.70 -12.68
C LEU B 871 20.53 59.59 -11.89
N MET B 872 21.81 59.70 -11.56
CA MET B 872 22.59 58.52 -11.17
C MET B 872 23.18 58.68 -9.78
N GLY B 873 23.08 57.61 -8.99
CA GLY B 873 23.43 57.65 -7.58
C GLY B 873 22.32 58.16 -6.70
N LYS B 874 21.11 58.36 -7.26
CA LYS B 874 20.11 59.19 -6.60
C LYS B 874 18.82 58.47 -6.23
N LYS B 875 18.81 57.13 -6.20
CA LYS B 875 17.70 56.40 -5.60
C LYS B 875 16.37 56.70 -6.27
N LEU B 876 16.36 56.65 -7.61
CA LEU B 876 15.15 56.94 -8.38
C LEU B 876 14.77 55.68 -9.14
N PRO B 877 13.94 54.82 -8.57
CA PRO B 877 13.44 53.66 -9.32
C PRO B 877 12.44 54.13 -10.36
N ASN B 878 12.06 53.19 -11.25
CA ASN B 878 11.25 53.54 -12.42
C ASN B 878 9.76 53.36 -12.17
N PHE B 879 9.23 53.97 -11.12
CA PHE B 879 7.80 53.93 -10.86
C PHE B 879 7.43 55.13 -9.99
N GLY B 880 6.14 55.49 -10.05
CA GLY B 880 5.58 56.44 -9.12
C GLY B 880 6.19 57.82 -9.25
N PRO B 881 6.31 58.55 -8.12
CA PRO B 881 6.86 59.90 -8.19
C PRO B 881 8.33 59.91 -8.54
N TYR B 882 9.05 58.81 -8.28
CA TYR B 882 10.45 58.74 -8.69
C TYR B 882 10.56 58.76 -10.20
N LEU B 883 9.67 58.07 -10.89
CA LEU B 883 9.65 58.11 -12.35
C LEU B 883 9.39 59.52 -12.85
N GLU B 884 8.41 60.22 -12.25
CA GLU B 884 8.15 61.61 -12.62
C GLU B 884 9.41 62.45 -12.54
N GLN B 885 10.16 62.29 -11.44
CA GLN B 885 11.39 63.06 -11.29
C GLN B 885 12.43 62.67 -12.35
N ARG B 886 12.51 61.38 -12.68
CA ARG B 886 13.44 60.96 -13.73
C ARG B 886 13.10 61.62 -15.06
N LYS B 887 11.81 61.69 -15.41
CA LYS B 887 11.41 62.26 -16.68
C LYS B 887 11.64 63.75 -16.72
N LYS B 888 11.45 64.42 -15.57
CA LYS B 888 11.78 65.84 -15.46
C LYS B 888 13.27 66.08 -15.65
N ILE B 889 14.12 65.22 -15.08
CA ILE B 889 15.57 65.35 -15.26
C ILE B 889 15.95 65.14 -16.72
N ILE B 890 15.43 64.08 -17.35
CA ILE B 890 15.77 63.81 -18.74
C ILE B 890 15.33 64.96 -19.63
N ALA B 891 14.13 65.51 -19.38
CA ALA B 891 13.58 66.53 -20.27
C ALA B 891 14.41 67.81 -20.22
N GLU B 892 14.86 68.22 -19.03
CA GLU B 892 15.67 69.43 -18.90
C GLU B 892 17.04 69.25 -19.54
N GLU B 893 17.59 68.03 -19.51
CA GLU B 893 18.84 67.73 -20.21
C GLU B 893 18.66 67.77 -21.73
N LYS B 894 17.54 67.25 -22.24
CA LYS B 894 17.26 67.41 -23.67
C LYS B 894 17.23 68.89 -24.06
N MET B 895 16.67 69.74 -23.21
CA MET B 895 16.67 71.17 -23.48
C MET B 895 18.08 71.74 -23.42
N ARG B 896 18.83 71.39 -22.38
CA ARG B 896 20.24 71.75 -22.32
C ARG B 896 21.00 71.20 -23.53
N LEU B 897 20.54 70.08 -24.07
CA LEU B 897 21.12 69.45 -25.26
C LEU B 897 20.77 70.18 -26.57
N LYS B 898 19.85 71.16 -26.54
CA LYS B 898 19.47 71.89 -27.76
C LYS B 898 20.46 73.00 -28.06
N GLU B 899 21.16 73.50 -27.04
CA GLU B 899 22.25 74.46 -27.23
C GLU B 899 23.63 73.83 -27.12
N GLN B 900 23.87 73.06 -26.06
CA GLN B 900 25.09 72.25 -25.99
C GLN B 900 25.10 71.28 -27.16
N ASN B 901 25.30 71.81 -28.37
CA ASN B 901 24.81 71.25 -29.61
C ASN B 901 25.99 70.76 -30.46
N ALA B 902 26.17 69.45 -30.53
CA ALA B 902 27.23 68.85 -31.36
C ALA B 902 26.63 67.81 -32.29
N ALA B 903 27.28 67.63 -33.44
CA ALA B 903 26.88 66.61 -34.42
C ALA B 903 28.01 66.37 -35.41
N PHE B 904 29.15 67.02 -35.17
CA PHE B 904 30.31 66.92 -36.04
C PHE B 904 31.38 65.89 -35.60
N PRO B 905 31.13 65.00 -34.64
CA PRO B 905 32.00 63.84 -34.53
C PRO B 905 31.23 62.55 -34.79
N PRO B 906 30.87 62.26 -36.05
CA PRO B 906 30.37 60.93 -36.36
C PRO B 906 31.50 59.92 -36.36
N LEU B 907 31.35 58.85 -37.13
CA LEU B 907 32.33 57.77 -37.13
C LEU B 907 32.25 57.08 -38.47
N GLU B 908 33.27 57.27 -39.31
CA GLU B 908 33.43 56.40 -40.46
C GLU B 908 33.26 54.96 -39.99
N ARG B 909 32.45 54.20 -40.70
CA ARG B 909 32.13 52.85 -40.29
C ARG B 909 33.08 51.95 -41.06
N LYS B 910 34.14 51.49 -40.39
CA LYS B 910 35.07 50.57 -41.03
C LYS B 910 35.06 49.25 -40.29
N PRO B 911 35.08 48.13 -41.00
CA PRO B 911 34.84 46.85 -40.34
C PRO B 911 36.03 46.41 -39.51
N PHE B 912 35.76 45.57 -38.53
CA PHE B 912 36.82 44.93 -37.79
C PHE B 912 37.48 43.86 -38.66
N ILE B 913 38.81 43.92 -38.77
CA ILE B 913 39.56 42.88 -39.46
C ILE B 913 40.05 41.86 -38.44
N PRO B 914 40.04 40.57 -38.75
CA PRO B 914 40.68 39.60 -37.85
C PRO B 914 42.12 40.02 -37.59
N LYS B 915 42.51 40.02 -36.31
CA LYS B 915 43.89 40.33 -35.91
C LYS B 915 44.55 39.12 -35.23
N LYS B 916 44.02 37.94 -35.50
CA LYS B 916 44.66 36.66 -35.16
C LYS B 916 43.98 35.59 -36.01
N PRO B 917 44.64 34.46 -36.22
CA PRO B 917 44.05 33.46 -37.12
C PRO B 917 42.77 32.88 -36.51
N ILE B 918 41.90 32.45 -37.41
CA ILE B 918 40.59 31.92 -37.02
C ILE B 918 40.75 30.46 -36.63
N PRO B 919 40.30 30.05 -35.45
CA PRO B 919 40.56 28.68 -34.99
C PRO B 919 39.79 27.66 -35.81
N ALA B 920 40.41 26.50 -36.01
CA ALA B 920 39.70 25.34 -36.52
C ALA B 920 39.20 24.50 -35.35
N ILE B 921 38.32 23.52 -35.64
CA ILE B 921 37.76 22.67 -34.59
C ILE B 921 38.87 22.00 -33.80
N LYS B 922 39.91 21.52 -34.48
CA LYS B 922 40.98 20.85 -33.76
C LYS B 922 41.69 21.79 -32.78
N ASP B 923 41.66 23.09 -33.04
CA ASP B 923 42.28 24.05 -32.14
C ASP B 923 41.49 24.28 -30.87
N VAL B 924 40.18 23.96 -30.85
CA VAL B 924 39.36 24.24 -29.67
C VAL B 924 39.07 23.00 -28.85
N ILE B 925 39.19 21.80 -29.43
CA ILE B 925 38.81 20.57 -28.75
C ILE B 925 39.58 20.45 -27.43
N GLY B 926 38.85 20.36 -26.32
CA GLY B 926 39.48 20.11 -25.04
C GLY B 926 40.11 21.31 -24.36
N LYS B 927 39.86 22.54 -24.82
CA LYS B 927 40.51 23.68 -24.18
C LYS B 927 39.95 23.98 -22.79
N ALA B 928 38.73 23.53 -22.46
CA ALA B 928 38.15 23.82 -21.15
C ALA B 928 38.78 23.00 -20.03
N LEU B 929 39.42 21.89 -20.38
CA LEU B 929 39.85 20.95 -19.35
C LEU B 929 40.85 21.60 -18.40
N GLN B 930 41.59 22.61 -18.85
CA GLN B 930 42.56 23.24 -17.97
C GLN B 930 41.91 23.89 -16.75
N TYR B 931 40.62 24.24 -16.81
CA TYR B 931 39.95 24.90 -15.70
C TYR B 931 39.29 23.92 -14.74
N LEU B 932 39.32 22.62 -15.05
CA LEU B 932 38.68 21.59 -14.27
C LEU B 932 39.68 20.91 -13.36
N GLY B 933 39.27 20.67 -12.11
CA GLY B 933 40.13 20.03 -11.15
C GLY B 933 39.35 19.56 -9.94
N THR B 934 40.09 19.09 -8.94
CA THR B 934 39.51 18.70 -7.67
C THR B 934 38.99 19.92 -6.92
N PHE B 935 38.28 19.66 -5.81
CA PHE B 935 37.84 20.78 -4.99
C PHE B 935 38.99 21.46 -4.27
N GLY B 936 40.03 20.71 -3.90
CA GLY B 936 41.17 21.27 -3.21
C GLY B 936 42.01 22.21 -4.05
N GLU B 937 41.81 22.22 -5.38
CA GLU B 937 42.55 23.11 -6.27
C GLU B 937 41.86 24.46 -6.45
N LEU B 938 40.68 24.65 -5.87
CA LEU B 938 39.97 25.92 -5.97
C LEU B 938 40.43 26.83 -4.85
N SER B 939 40.54 28.12 -5.14
CA SER B 939 41.01 29.07 -4.13
C SER B 939 39.89 29.39 -3.13
N ASN B 940 40.22 29.39 -1.84
CA ASN B 940 39.29 29.94 -0.85
C ASN B 940 39.81 31.25 -0.27
N ILE B 941 40.94 31.74 -0.78
CA ILE B 941 41.38 33.09 -0.45
C ILE B 941 40.65 34.10 -1.32
N GLU B 942 40.41 33.77 -2.58
CA GLU B 942 39.83 34.68 -3.57
C GLU B 942 38.31 34.57 -3.51
N GLN B 943 37.73 35.30 -2.56
CA GLN B 943 36.27 35.29 -2.37
C GLN B 943 35.62 36.43 -3.16
N VAL B 944 34.34 36.26 -3.46
CA VAL B 944 33.58 37.27 -4.21
C VAL B 944 32.39 37.73 -3.37
N VAL B 945 31.80 38.87 -3.78
CA VAL B 945 30.52 39.33 -3.27
C VAL B 945 29.65 39.75 -4.45
N ALA B 946 28.35 39.85 -4.19
CA ALA B 946 27.38 40.31 -5.19
C ALA B 946 27.28 41.82 -5.15
N VAL B 947 27.03 42.42 -6.32
CA VAL B 947 26.78 43.86 -6.42
C VAL B 947 25.71 44.09 -7.48
N ILE B 948 24.78 44.99 -7.19
CA ILE B 948 23.55 45.13 -7.96
C ILE B 948 23.58 46.46 -8.70
N ASP B 949 23.32 46.43 -10.00
CA ASP B 949 23.18 47.66 -10.78
C ASP B 949 21.75 48.16 -10.61
N GLU B 950 21.61 49.20 -9.78
CA GLU B 950 20.29 49.78 -9.49
C GLU B 950 19.55 50.20 -10.76
N GLU B 951 20.27 50.70 -11.77
CA GLU B 951 19.60 51.19 -12.97
C GLU B 951 18.95 50.08 -13.79
N MET B 952 19.41 48.83 -13.71
CA MET B 952 18.77 47.74 -14.43
C MET B 952 17.74 46.96 -13.62
N CYS B 953 17.64 47.24 -12.32
CA CYS B 953 16.76 46.50 -11.44
C CYS B 953 15.30 46.76 -11.78
N ILE B 954 14.48 45.73 -11.73
CA ILE B 954 13.03 45.91 -11.88
C ILE B 954 12.29 45.57 -10.58
N ASN B 955 12.99 45.61 -9.45
CA ASN B 955 12.39 45.85 -8.13
C ASN B 955 11.53 44.70 -7.63
N CYS B 956 11.83 43.47 -8.07
CA CYS B 956 11.02 42.32 -7.71
C CYS B 956 11.34 41.74 -6.32
N GLY B 957 12.55 41.96 -5.80
CA GLY B 957 12.91 41.45 -4.48
C GLY B 957 13.27 39.98 -4.44
N LYS B 958 13.43 39.31 -5.58
CA LYS B 958 13.75 37.88 -5.54
C LYS B 958 15.14 37.64 -4.94
N CYS B 959 16.11 38.51 -5.25
CA CYS B 959 17.42 38.40 -4.63
C CYS B 959 17.30 38.44 -3.13
N TYR B 960 16.40 39.30 -2.63
CA TYR B 960 16.17 39.47 -1.20
C TYR B 960 15.51 38.25 -0.58
N MET B 961 14.45 37.74 -1.22
CA MET B 961 13.77 36.56 -0.70
C MET B 961 14.68 35.32 -0.73
N THR B 962 15.47 35.18 -1.79
CA THR B 962 16.40 34.04 -1.87
C THR B 962 17.48 34.14 -0.77
N CYS B 963 18.07 35.32 -0.58
CA CYS B 963 19.07 35.45 0.47
C CYS B 963 18.46 35.26 1.86
N ASN B 964 17.20 35.67 2.05
CA ASN B 964 16.53 35.54 3.34
C ASN B 964 16.24 34.08 3.69
N ASP B 965 15.68 33.32 2.75
CA ASP B 965 15.25 31.96 3.05
C ASP B 965 16.17 30.88 2.46
N SER B 966 17.22 31.26 1.71
CA SER B 966 18.18 30.29 1.23
C SER B 966 19.63 30.76 1.34
N GLY B 967 19.90 31.75 2.19
CA GLY B 967 21.21 32.36 2.27
C GLY B 967 21.54 33.01 3.58
N TYR B 968 21.97 34.27 3.53
CA TYR B 968 22.71 34.85 4.65
C TYR B 968 22.10 36.16 5.12
N GLN B 969 20.87 36.47 4.69
CA GLN B 969 20.18 37.67 5.13
C GLN B 969 21.05 38.91 4.92
N ALA B 970 21.70 38.98 3.76
CA ALA B 970 22.72 40.01 3.52
C ALA B 970 22.23 41.20 2.69
N ILE B 971 20.97 41.19 2.25
CA ILE B 971 20.46 42.17 1.30
C ILE B 971 19.41 43.05 1.99
N GLN B 972 19.59 44.36 1.93
CA GLN B 972 18.57 45.32 2.36
C GLN B 972 17.63 45.62 1.19
N PHE B 973 16.31 45.51 1.43
CA PHE B 973 15.28 45.83 0.44
C PHE B 973 14.51 47.06 0.92
N ASP B 974 14.58 48.15 0.16
CA ASP B 974 14.04 49.43 0.65
C ASP B 974 12.51 49.42 0.60
N PRO B 975 11.83 49.78 1.69
CA PRO B 975 10.35 49.77 1.66
C PRO B 975 9.72 50.81 0.74
N GLU B 976 10.39 51.92 0.43
CA GLU B 976 9.83 52.95 -0.45
C GLU B 976 10.22 52.80 -1.92
N THR B 977 11.47 52.45 -2.21
CA THR B 977 11.94 52.39 -3.58
C THR B 977 12.01 50.96 -4.13
N HIS B 978 11.86 49.96 -3.27
CA HIS B 978 12.01 48.55 -3.66
C HIS B 978 13.35 48.32 -4.35
N LEU B 979 14.39 49.04 -3.90
CA LEU B 979 15.74 48.83 -4.37
C LEU B 979 16.54 48.00 -3.38
N PRO B 980 17.20 46.94 -3.84
CA PRO B 980 18.07 46.14 -2.99
C PRO B 980 19.51 46.65 -2.95
N THR B 981 20.16 46.44 -1.80
CA THR B 981 21.58 46.73 -1.64
C THR B 981 22.25 45.56 -0.93
N VAL B 982 23.27 44.96 -1.56
CA VAL B 982 24.04 43.89 -0.92
C VAL B 982 24.95 44.50 0.14
N THR B 983 24.88 43.96 1.37
CA THR B 983 25.72 44.46 2.45
C THR B 983 26.97 43.61 2.58
N ASP B 984 27.84 44.01 3.51
CA ASP B 984 29.12 43.35 3.73
C ASP B 984 28.99 41.93 4.28
N THR B 985 27.82 41.50 4.78
CA THR B 985 27.68 40.13 5.26
C THR B 985 27.56 39.12 4.12
N CYS B 986 27.50 39.58 2.86
CA CYS B 986 27.48 38.70 1.71
C CYS B 986 28.62 37.68 1.77
N THR B 987 28.31 36.43 1.46
CA THR B 987 29.28 35.36 1.37
C THR B 987 29.68 35.04 -0.07
N GLY B 988 29.02 35.66 -1.05
CA GLY B 988 29.31 35.33 -2.43
C GLY B 988 28.73 34.03 -2.91
N CYS B 989 27.74 33.47 -2.19
CA CYS B 989 27.23 32.15 -2.56
C CYS B 989 26.74 32.13 -3.99
N THR B 990 26.13 33.23 -4.46
CA THR B 990 25.74 33.55 -5.84
C THR B 990 24.32 33.08 -6.16
N LEU B 991 23.53 32.72 -5.12
CA LEU B 991 22.13 32.42 -5.37
C LEU B 991 21.37 33.61 -5.92
N CYS B 992 21.61 34.81 -5.38
CA CYS B 992 20.81 35.97 -5.78
C CYS B 992 20.96 36.24 -7.27
N LEU B 993 22.20 36.28 -7.76
CA LEU B 993 22.44 36.42 -9.19
C LEU B 993 21.74 35.33 -9.98
N SER B 994 21.67 34.11 -9.42
CA SER B 994 21.12 32.98 -10.16
C SER B 994 19.60 33.07 -10.34
N VAL B 995 18.91 33.76 -9.43
CA VAL B 995 17.45 33.91 -9.53
C VAL B 995 17.00 35.25 -10.13
N CYS B 996 17.90 36.18 -10.37
CA CYS B 996 17.49 37.50 -10.85
C CYS B 996 16.96 37.41 -12.28
N PRO B 997 15.82 38.06 -12.59
CA PRO B 997 15.30 37.98 -13.96
C PRO B 997 16.03 38.87 -14.97
N ILE B 998 16.88 39.80 -14.55
CA ILE B 998 17.58 40.68 -15.48
C ILE B 998 19.00 40.17 -15.65
N ILE B 999 19.33 39.73 -16.88
CA ILE B 999 20.68 39.25 -17.18
C ILE B 999 21.69 40.32 -16.83
N ASP B 1000 22.65 39.99 -15.96
CA ASP B 1000 23.82 40.79 -15.60
C ASP B 1000 23.44 42.00 -14.73
N CYS B 1001 22.21 42.06 -14.21
CA CYS B 1001 21.88 43.09 -13.23
C CYS B 1001 22.74 42.93 -11.97
N ILE B 1002 22.88 41.70 -11.49
CA ILE B 1002 23.78 41.36 -10.39
C ILE B 1002 25.06 40.76 -10.96
N ARG B 1003 26.21 41.25 -10.47
CA ARG B 1003 27.51 40.68 -10.81
C ARG B 1003 28.26 40.30 -9.54
N MET B 1004 28.98 39.17 -9.60
CA MET B 1004 30.02 38.85 -8.62
C MET B 1004 31.34 39.57 -8.90
N VAL B 1005 31.87 40.25 -7.87
CA VAL B 1005 33.12 40.98 -7.94
C VAL B 1005 34.00 40.56 -6.77
N SER B 1006 35.32 40.78 -6.92
CA SER B 1006 36.26 40.44 -5.87
C SER B 1006 35.92 41.18 -4.59
N ARG B 1007 35.93 40.45 -3.47
CA ARG B 1007 35.73 41.04 -2.15
C ARG B 1007 36.94 41.88 -1.75
N THR B 1008 36.68 43.08 -1.20
CA THR B 1008 37.75 43.98 -0.76
C THR B 1008 37.81 44.17 0.75
N THR B 1009 36.75 43.86 1.48
CA THR B 1009 36.77 43.88 2.94
C THR B 1009 37.25 42.55 3.48
N PRO B 1010 37.72 42.51 4.74
CA PRO B 1010 38.10 41.22 5.34
C PRO B 1010 36.92 40.25 5.37
N TYR B 1011 37.24 38.97 5.22
CA TYR B 1011 36.26 37.90 5.12
C TYR B 1011 36.42 36.95 6.29
N GLU B 1012 35.29 36.53 6.86
CA GLU B 1012 35.29 35.58 7.96
C GLU B 1012 34.14 34.58 7.79
N PRO B 1013 34.42 33.29 7.63
CA PRO B 1013 33.32 32.32 7.56
C PRO B 1013 32.46 32.42 8.81
N LYS B 1014 31.15 32.24 8.63
CA LYS B 1014 30.22 32.28 9.75
C LYS B 1014 30.20 30.91 10.44
N ARG B 1015 30.60 30.87 11.70
CA ARG B 1015 30.74 29.61 12.43
C ARG B 1015 29.66 29.38 13.49
N GLY B 1016 28.77 30.34 13.71
CA GLY B 1016 27.68 30.12 14.64
C GLY B 1016 28.09 30.30 16.09
N LEU B 1017 28.99 29.45 16.56
CA LEU B 1017 29.67 29.56 17.83
C LEU B 1017 31.17 29.51 17.56
N PRO B 1018 32.00 30.05 18.47
CA PRO B 1018 33.47 29.96 18.42
C PRO B 1018 34.01 28.53 18.35
N PRO C 3 -34.92 -12.42 56.43
CA PRO C 3 -33.67 -13.15 56.18
C PRO C 3 -32.70 -12.43 55.27
N VAL C 4 -31.47 -12.94 55.23
CA VAL C 4 -30.46 -12.45 54.32
C VAL C 4 -30.62 -13.23 53.02
N LEU C 5 -31.11 -12.56 51.98
CA LEU C 5 -31.33 -13.25 50.71
C LEU C 5 -30.01 -13.61 50.02
N SER C 6 -28.97 -12.79 50.17
CA SER C 6 -27.71 -12.97 49.46
C SER C 6 -26.72 -13.92 50.13
N LYS C 7 -27.14 -14.66 51.16
CA LYS C 7 -26.31 -15.73 51.73
C LYS C 7 -26.93 -17.10 51.59
N ASP C 8 -26.06 -18.08 51.30
CA ASP C 8 -26.45 -19.49 51.27
C ASP C 8 -26.89 -19.97 52.66
N VAL C 9 -28.08 -20.58 52.72
CA VAL C 9 -28.55 -21.22 53.93
C VAL C 9 -27.68 -22.45 54.18
N ALA C 10 -27.84 -23.03 55.39
CA ALA C 10 -26.92 -24.06 55.87
C ALA C 10 -26.82 -25.23 54.90
N ASP C 11 -27.96 -25.75 54.43
CA ASP C 11 -27.88 -26.97 53.63
C ASP C 11 -27.27 -26.69 52.26
N ILE C 12 -27.35 -25.45 51.77
CA ILE C 12 -26.69 -25.13 50.51
C ILE C 12 -25.20 -24.92 50.74
N GLU C 13 -24.83 -24.27 51.85
CA GLU C 13 -23.42 -24.19 52.19
C GLU C 13 -22.82 -25.59 52.27
N SER C 14 -23.55 -26.53 52.87
CA SER C 14 -23.05 -27.90 52.93
C SER C 14 -22.91 -28.49 51.53
N ILE C 15 -23.85 -28.20 50.61
CA ILE C 15 -23.73 -28.80 49.29
C ILE C 15 -22.54 -28.22 48.52
N LEU C 16 -22.15 -26.97 48.82
CA LEU C 16 -21.01 -26.28 48.23
C LEU C 16 -19.66 -26.66 48.85
N ALA C 17 -19.62 -27.68 49.73
CA ALA C 17 -18.40 -27.99 50.50
C ALA C 17 -17.19 -28.29 49.60
N LEU C 18 -17.39 -28.90 48.45
CA LEU C 18 -16.28 -29.26 47.59
C LEU C 18 -16.11 -28.27 46.42
N ASN C 19 -16.88 -27.19 46.39
CA ASN C 19 -16.75 -26.20 45.34
C ASN C 19 -15.39 -25.48 45.44
N PRO C 20 -14.74 -25.19 44.32
CA PRO C 20 -13.43 -24.51 44.37
C PRO C 20 -13.54 -23.14 45.01
N ARG C 21 -12.51 -22.76 45.78
CA ARG C 21 -12.43 -21.42 46.34
C ARG C 21 -11.01 -20.89 46.14
N THR C 22 -10.89 -19.56 46.23
CA THR C 22 -9.56 -18.95 46.21
C THR C 22 -8.81 -19.17 47.51
N GLN C 23 -7.55 -19.58 47.39
CA GLN C 23 -6.72 -19.89 48.55
C GLN C 23 -5.84 -18.68 48.86
N SER C 24 -5.68 -18.37 50.14
CA SER C 24 -4.79 -17.28 50.51
C SER C 24 -3.49 -17.75 51.16
N HIS C 25 -3.32 -19.05 51.38
CA HIS C 25 -2.15 -19.62 52.01
C HIS C 25 -1.76 -20.93 51.35
N ALA C 26 -0.54 -21.39 51.63
CA ALA C 26 -0.11 -22.71 51.20
C ALA C 26 -0.70 -23.77 52.12
N ALA C 27 -0.82 -24.99 51.60
CA ALA C 27 -1.58 -26.05 52.26
C ALA C 27 -0.66 -26.99 53.03
N LEU C 28 -1.01 -27.30 54.28
CA LEU C 28 -0.20 -28.16 55.14
C LEU C 28 -0.78 -29.58 55.14
N HIS C 29 -0.04 -30.54 54.58
CA HIS C 29 -0.38 -31.97 54.63
C HIS C 29 0.91 -32.75 54.80
N SER C 30 0.99 -33.57 55.83
CA SER C 30 2.24 -34.28 56.09
C SER C 30 2.47 -35.37 55.04
N THR C 31 3.75 -35.74 54.88
CA THR C 31 4.12 -36.79 53.92
C THR C 31 3.44 -38.11 54.26
N LEU C 32 3.38 -38.44 55.56
CA LEU C 32 2.68 -39.65 55.99
C LEU C 32 1.23 -39.63 55.53
N ALA C 33 0.51 -38.55 55.82
CA ALA C 33 -0.91 -38.47 55.48
C ALA C 33 -1.13 -38.56 53.98
N LYS C 34 -0.22 -37.98 53.20
CA LYS C 34 -0.31 -38.02 51.75
C LYS C 34 -0.13 -39.45 51.22
N LYS C 35 0.85 -40.18 51.76
CA LYS C 35 1.04 -41.58 51.40
C LYS C 35 -0.24 -42.39 51.62
N LEU C 36 -0.91 -42.20 52.75
CA LEU C 36 -2.13 -42.95 52.99
C LEU C 36 -3.23 -42.53 52.03
N ASP C 37 -3.39 -41.23 51.79
CA ASP C 37 -4.47 -40.77 50.94
C ASP C 37 -4.30 -41.21 49.50
N LYS C 38 -3.05 -41.35 49.03
CA LYS C 38 -2.77 -41.74 47.64
C LYS C 38 -3.59 -42.95 47.19
N LYS C 39 -3.66 -43.98 48.04
CA LYS C 39 -4.36 -45.21 47.71
C LYS C 39 -5.84 -44.97 47.40
N HIS C 40 -6.45 -43.94 48.00
CA HIS C 40 -7.89 -43.79 47.86
C HIS C 40 -8.31 -43.41 46.44
N TRP C 41 -7.48 -42.66 45.73
CA TRP C 41 -7.84 -42.08 44.44
C TRP C 41 -7.23 -42.80 43.24
N LYS C 42 -6.48 -43.87 43.47
CA LYS C 42 -5.57 -44.38 42.44
C LYS C 42 -6.30 -44.97 41.25
N ARG C 43 -5.92 -44.54 40.04
CA ARG C 43 -6.55 -44.98 38.80
C ARG C 43 -5.74 -46.02 38.04
N ASN C 44 -4.43 -45.88 37.99
CA ASN C 44 -3.59 -46.69 37.11
C ASN C 44 -2.91 -47.79 37.91
N PRO C 45 -2.22 -48.73 37.25
CA PRO C 45 -1.53 -49.80 37.99
C PRO C 45 -0.62 -49.23 39.07
N ASP C 46 -0.57 -49.95 40.19
CA ASP C 46 0.27 -49.62 41.32
C ASP C 46 1.58 -50.35 41.14
N LYS C 47 2.69 -49.61 41.14
CA LYS C 47 3.96 -50.28 40.88
C LYS C 47 4.36 -51.25 41.99
N ASN C 48 3.70 -51.20 43.16
CA ASN C 48 4.09 -52.04 44.27
C ASN C 48 3.28 -53.33 44.38
N CYS C 49 2.26 -53.51 43.53
CA CYS C 49 1.50 -54.76 43.48
C CYS C 49 2.25 -55.75 42.61
N PHE C 50 2.48 -56.96 43.13
CA PHE C 50 3.26 -57.97 42.44
C PHE C 50 2.44 -59.14 41.86
N HIS C 51 1.29 -59.47 42.46
CA HIS C 51 0.57 -60.66 42.04
C HIS C 51 -0.22 -60.40 40.75
N CYS C 52 -0.61 -61.49 40.08
CA CYS C 52 -1.60 -61.41 39.01
C CYS C 52 -2.97 -61.09 39.59
N GLU C 53 -3.74 -60.23 38.90
CA GLU C 53 -5.15 -60.09 39.24
C GLU C 53 -5.92 -61.29 38.68
N LYS C 54 -7.06 -61.60 39.29
CA LYS C 54 -7.76 -62.81 38.91
C LYS C 54 -8.45 -62.62 37.57
N LEU C 55 -8.06 -63.44 36.59
CA LEU C 55 -8.54 -63.36 35.22
C LEU C 55 -9.14 -64.67 34.72
N GLU C 56 -9.29 -65.66 35.59
CA GLU C 56 -9.77 -66.97 35.17
C GLU C 56 -11.16 -66.84 34.53
N ASN C 57 -11.28 -67.33 33.30
CA ASN C 57 -12.50 -67.29 32.49
C ASN C 57 -12.94 -65.87 32.15
N ASN C 58 -12.02 -64.91 32.16
CA ASN C 58 -12.34 -63.52 31.83
C ASN C 58 -11.81 -63.23 30.44
N PHE C 59 -12.70 -63.23 29.44
CA PHE C 59 -12.28 -62.98 28.06
C PHE C 59 -12.73 -61.61 27.55
N ASP C 60 -12.93 -60.67 28.47
CA ASP C 60 -13.22 -59.28 28.15
C ASP C 60 -12.12 -58.71 27.27
N ASP C 61 -12.52 -57.82 26.36
CA ASP C 61 -11.59 -57.05 25.54
C ASP C 61 -10.57 -56.33 26.41
N ILE C 62 -9.29 -56.62 26.21
CA ILE C 62 -8.22 -55.94 26.92
C ILE C 62 -7.39 -55.03 26.01
N LYS C 63 -7.83 -54.77 24.77
CA LYS C 63 -7.05 -53.90 23.89
C LYS C 63 -7.03 -52.47 24.42
N HIS C 64 -5.83 -51.88 24.47
CA HIS C 64 -5.72 -50.45 24.80
C HIS C 64 -6.20 -49.54 23.67
N THR C 65 -6.47 -50.09 22.49
CA THR C 65 -6.76 -49.29 21.30
C THR C 65 -8.26 -49.15 21.01
N THR C 66 -9.11 -49.92 21.69
CA THR C 66 -10.56 -49.88 21.47
C THR C 66 -11.12 -48.49 21.77
N LEU C 67 -11.92 -47.97 20.84
CA LEU C 67 -12.51 -46.63 20.96
C LEU C 67 -14.03 -46.72 20.95
N GLY C 68 -14.66 -45.89 21.80
CA GLY C 68 -16.06 -45.55 21.65
C GLY C 68 -16.24 -44.26 20.83
N GLU C 69 -17.49 -43.84 20.66
CA GLU C 69 -17.73 -42.72 19.75
C GLU C 69 -17.05 -41.44 20.24
N ARG C 70 -17.17 -41.14 21.53
CA ARG C 70 -16.55 -39.94 22.07
C ARG C 70 -15.03 -39.95 21.82
N GLY C 71 -14.37 -41.06 22.16
CA GLY C 71 -12.92 -41.16 21.93
C GLY C 71 -12.56 -41.13 20.46
N ALA C 72 -13.36 -41.78 19.61
CA ALA C 72 -13.06 -41.83 18.18
C ALA C 72 -13.19 -40.45 17.55
N LEU C 73 -14.19 -39.70 17.96
CA LEU C 73 -14.39 -38.37 17.42
C LEU C 73 -13.25 -37.45 17.81
N ARG C 74 -12.83 -37.48 19.08
CA ARG C 74 -11.68 -36.68 19.51
C ARG C 74 -10.43 -37.05 18.72
N GLU C 75 -10.17 -38.35 18.60
CA GLU C 75 -8.92 -38.76 17.95
C GLU C 75 -8.96 -38.51 16.45
N ALA C 76 -10.12 -38.70 15.81
CA ALA C 76 -10.20 -38.42 14.38
C ALA C 76 -10.03 -36.92 14.11
N MET C 77 -10.50 -36.07 15.03
CA MET C 77 -10.30 -34.63 14.78
C MET C 77 -8.84 -34.24 14.96
N ARG C 78 -8.08 -35.02 15.72
CA ARG C 78 -6.67 -34.74 15.99
C ARG C 78 -5.80 -35.03 14.78
N CYS C 79 -6.19 -36.01 13.96
CA CYS C 79 -5.41 -36.42 12.80
C CYS C 79 -5.27 -35.26 11.79
N LEU C 80 -4.04 -35.02 11.36
CA LEU C 80 -3.72 -33.96 10.41
C LEU C 80 -4.25 -34.24 9.00
N LYS C 81 -4.71 -35.47 8.72
CA LYS C 81 -5.24 -35.85 7.41
C LYS C 81 -4.28 -35.40 6.28
N CYS C 82 -3.08 -36.00 6.31
CA CYS C 82 -1.93 -35.49 5.57
C CYS C 82 -1.98 -35.82 4.07
N ALA C 83 -1.33 -34.99 3.27
CA ALA C 83 -1.08 -35.32 1.87
C ALA C 83 -0.10 -36.49 1.76
N ASP C 84 -0.31 -37.33 0.74
CA ASP C 84 0.64 -38.40 0.43
C ASP C 84 1.06 -39.16 1.69
N ALA C 85 0.08 -39.46 2.54
CA ALA C 85 0.33 -39.72 3.96
C ALA C 85 1.24 -40.94 4.18
N PRO C 86 2.24 -40.82 5.07
CA PRO C 86 3.18 -41.94 5.29
C PRO C 86 2.57 -43.09 6.07
N CYS C 87 1.48 -42.86 6.81
CA CYS C 87 0.78 -43.97 7.44
C CYS C 87 0.22 -44.92 6.38
N GLN C 88 -0.35 -44.36 5.30
CA GLN C 88 -0.87 -45.18 4.20
C GLN C 88 0.26 -45.89 3.48
N LYS C 89 1.37 -45.17 3.22
CA LYS C 89 2.56 -45.80 2.64
C LYS C 89 3.03 -46.99 3.48
N SER C 90 2.83 -46.95 4.80
CA SER C 90 3.28 -48.01 5.69
C SER C 90 2.18 -49.04 5.98
N CYS C 91 1.03 -48.93 5.33
CA CYS C 91 -0.03 -49.95 5.48
C CYS C 91 0.09 -50.98 4.35
N PRO C 92 0.26 -52.27 4.65
CA PRO C 92 0.44 -53.25 3.58
C PRO C 92 -0.73 -53.32 2.59
N THR C 93 -1.97 -53.01 2.99
CA THR C 93 -3.07 -52.95 2.03
C THR C 93 -3.29 -51.54 1.50
N HIS C 94 -2.42 -50.60 1.83
CA HIS C 94 -2.48 -49.25 1.26
C HIS C 94 -3.81 -48.54 1.55
N LEU C 95 -4.36 -48.73 2.76
CA LEU C 95 -5.61 -48.04 3.09
C LEU C 95 -5.46 -46.54 2.99
N ASP C 96 -6.46 -45.87 2.41
CA ASP C 96 -6.52 -44.41 2.40
C ASP C 96 -6.94 -43.93 3.79
N ILE C 97 -5.97 -43.92 4.70
CA ILE C 97 -6.20 -43.54 6.09
C ILE C 97 -6.67 -42.09 6.20
N LYS C 98 -6.05 -41.19 5.43
CA LYS C 98 -6.45 -39.79 5.44
C LYS C 98 -7.96 -39.67 5.18
N SER C 99 -8.46 -40.40 4.19
CA SER C 99 -9.87 -40.30 3.85
C SER C 99 -10.76 -40.95 4.91
N PHE C 100 -10.41 -42.15 5.39
CA PHE C 100 -11.35 -42.80 6.32
C PHE C 100 -11.35 -42.10 7.67
N ILE C 101 -10.24 -41.51 8.10
CA ILE C 101 -10.25 -40.74 9.34
C ILE C 101 -10.97 -39.40 9.13
N THR C 102 -10.81 -38.77 7.97
CA THR C 102 -11.62 -37.58 7.69
C THR C 102 -13.10 -37.90 7.84
N SER C 103 -13.54 -39.04 7.28
CA SER C 103 -14.94 -39.41 7.36
C SER C 103 -15.41 -39.63 8.81
N ILE C 104 -14.60 -40.30 9.63
CA ILE C 104 -14.97 -40.44 11.05
C ILE C 104 -15.13 -39.07 11.71
N SER C 105 -14.18 -38.16 11.47
CA SER C 105 -14.25 -36.84 12.08
C SER C 105 -15.53 -36.09 11.68
N ASN C 106 -16.08 -36.38 10.51
CA ASN C 106 -17.30 -35.75 10.03
C ASN C 106 -18.55 -36.56 10.38
N LYS C 107 -18.42 -37.61 11.20
CA LYS C 107 -19.52 -38.48 11.66
C LYS C 107 -20.04 -39.41 10.57
N ASN C 108 -19.27 -39.60 9.48
CA ASN C 108 -19.71 -40.43 8.37
C ASN C 108 -19.05 -41.80 8.51
N TYR C 109 -19.56 -42.61 9.44
CA TYR C 109 -18.92 -43.89 9.72
C TYR C 109 -19.12 -44.88 8.58
N TYR C 110 -20.21 -44.75 7.81
CA TYR C 110 -20.37 -45.57 6.61
C TYR C 110 -19.31 -45.25 5.57
N GLY C 111 -19.13 -43.97 5.26
CA GLY C 111 -18.05 -43.59 4.35
C GLY C 111 -16.69 -44.12 4.78
N ALA C 112 -16.39 -44.06 6.08
CA ALA C 112 -15.12 -44.62 6.58
C ALA C 112 -15.03 -46.11 6.33
N ALA C 113 -16.05 -46.87 6.79
CA ALA C 113 -16.03 -48.32 6.63
C ALA C 113 -15.87 -48.70 5.17
N LYS C 114 -16.60 -48.04 4.29
CA LYS C 114 -16.52 -48.34 2.87
C LYS C 114 -15.10 -48.11 2.35
N MET C 115 -14.45 -47.05 2.83
CA MET C 115 -13.11 -46.76 2.34
C MET C 115 -12.16 -47.83 2.84
N ILE C 116 -12.37 -48.30 4.08
CA ILE C 116 -11.52 -49.31 4.67
C ILE C 116 -11.68 -50.65 3.97
N PHE C 117 -12.92 -51.11 3.80
CA PHE C 117 -13.14 -52.42 3.21
C PHE C 117 -12.84 -52.44 1.71
N SER C 118 -12.84 -51.28 1.05
CA SER C 118 -12.46 -51.22 -0.34
C SER C 118 -11.05 -51.80 -0.53
N ASP C 119 -10.13 -51.45 0.36
CA ASP C 119 -8.76 -51.91 0.22
C ASP C 119 -8.41 -53.10 1.11
N ASN C 120 -9.24 -53.40 2.12
CA ASN C 120 -8.98 -54.51 3.05
C ASN C 120 -10.30 -55.13 3.44
N PRO C 121 -10.66 -56.29 2.86
CA PRO C 121 -11.95 -56.92 3.18
C PRO C 121 -12.02 -57.56 4.56
N LEU C 122 -10.94 -57.56 5.32
CA LEU C 122 -10.93 -57.93 6.73
C LEU C 122 -10.66 -56.70 7.58
N GLY C 123 -11.29 -55.58 7.19
CA GLY C 123 -11.01 -54.30 7.83
C GLY C 123 -11.22 -54.28 9.33
N LEU C 124 -12.22 -55.02 9.83
CA LEU C 124 -12.50 -54.99 11.26
C LEU C 124 -11.46 -55.82 12.01
N THR C 125 -11.22 -57.05 11.55
CA THR C 125 -10.16 -57.86 12.12
C THR C 125 -8.85 -57.07 12.24
N CYS C 126 -8.44 -56.42 11.14
CA CYS C 126 -7.13 -55.78 11.15
C CYS C 126 -7.10 -54.57 12.08
N GLY C 127 -8.18 -53.78 12.12
CA GLY C 127 -8.25 -52.72 13.10
C GLY C 127 -7.98 -53.21 14.52
N MET C 128 -8.47 -54.40 14.84
CA MET C 128 -8.26 -54.95 16.17
C MET C 128 -6.88 -55.61 16.36
N VAL C 129 -6.29 -56.24 15.35
CA VAL C 129 -5.08 -57.04 15.58
C VAL C 129 -3.82 -56.50 14.93
N CYS C 130 -3.91 -55.48 14.08
CA CYS C 130 -2.68 -55.02 13.41
C CYS C 130 -1.66 -54.58 14.45
N PRO C 131 -0.43 -55.05 14.36
CA PRO C 131 0.64 -54.47 15.21
C PRO C 131 1.11 -53.14 14.61
N THR C 132 0.26 -52.13 14.81
CA THR C 132 0.39 -50.87 14.08
C THR C 132 1.70 -50.16 14.34
N SER C 133 2.31 -50.36 15.52
CA SER C 133 3.58 -49.71 15.82
C SER C 133 4.68 -50.11 14.85
N ASP C 134 4.56 -51.28 14.23
CA ASP C 134 5.46 -51.76 13.18
C ASP C 134 4.90 -51.54 11.77
N LEU C 135 3.73 -50.90 11.65
CA LEU C 135 3.11 -50.69 10.34
C LEU C 135 2.67 -49.23 10.19
N CYS C 136 1.37 -48.97 10.07
CA CYS C 136 0.89 -47.63 9.74
C CYS C 136 1.27 -46.61 10.82
N VAL C 137 1.13 -46.97 12.09
CA VAL C 137 1.36 -45.98 13.13
C VAL C 137 2.86 -45.64 13.26
N GLY C 138 3.74 -46.57 12.85
CA GLY C 138 5.17 -46.28 12.90
C GLY C 138 5.64 -45.21 11.92
N GLY C 139 4.79 -44.84 10.95
CA GLY C 139 5.14 -43.78 10.02
C GLY C 139 4.34 -42.51 10.24
N CYS C 140 3.51 -42.47 11.27
CA CYS C 140 2.58 -41.35 11.44
C CYS C 140 3.33 -40.05 11.75
N ASN C 141 2.98 -38.98 11.02
CA ASN C 141 3.65 -37.70 11.18
C ASN C 141 3.48 -37.14 12.61
N LEU C 142 2.39 -37.48 13.30
CA LEU C 142 2.19 -36.88 14.61
C LEU C 142 3.06 -37.53 15.69
N TYR C 143 3.84 -38.56 15.34
CA TYR C 143 4.93 -38.99 16.21
C TYR C 143 5.85 -37.85 16.57
N ALA C 144 5.98 -36.86 15.69
CA ALA C 144 6.84 -35.71 15.92
C ALA C 144 6.20 -34.65 16.80
N THR C 145 5.11 -34.98 17.50
CA THR C 145 4.54 -34.10 18.53
C THR C 145 4.56 -34.81 19.89
N GLU C 146 4.57 -33.99 20.94
CA GLU C 146 4.60 -34.55 22.29
C GLU C 146 3.43 -35.51 22.51
N GLU C 147 2.24 -35.18 21.98
CA GLU C 147 1.09 -36.04 22.23
C GLU C 147 1.12 -37.32 21.41
N GLY C 148 1.94 -37.39 20.33
CA GLY C 148 2.22 -38.67 19.67
C GLY C 148 1.27 -39.06 18.54
N SER C 149 1.58 -40.22 17.96
CA SER C 149 0.90 -40.73 16.76
C SER C 149 -0.59 -40.97 17.01
N ILE C 150 -1.34 -41.01 15.91
CA ILE C 150 -2.77 -41.32 15.91
C ILE C 150 -3.00 -42.81 16.17
N ASN C 151 -4.06 -43.12 16.92
CA ASN C 151 -4.54 -44.49 17.13
C ASN C 151 -5.30 -44.92 15.88
N ILE C 152 -4.53 -45.24 14.84
CA ILE C 152 -5.14 -45.59 13.55
C ILE C 152 -5.99 -46.86 13.69
N GLY C 153 -5.42 -47.89 14.34
CA GLY C 153 -6.13 -49.16 14.46
C GLY C 153 -7.46 -49.02 15.17
N GLY C 154 -7.50 -48.24 16.26
CA GLY C 154 -8.74 -48.08 17.00
C GLY C 154 -9.81 -47.36 16.20
N LEU C 155 -9.41 -46.33 15.45
CA LEU C 155 -10.35 -45.64 14.57
C LEU C 155 -10.91 -46.57 13.49
N GLN C 156 -10.04 -47.38 12.89
CA GLN C 156 -10.51 -48.36 11.90
C GLN C 156 -11.51 -49.30 12.55
N GLN C 157 -11.20 -49.77 13.76
CA GLN C 157 -12.12 -50.66 14.46
C GLN C 157 -13.46 -49.99 14.72
N PHE C 158 -13.45 -48.75 15.20
CA PHE C 158 -14.72 -48.11 15.55
C PHE C 158 -15.61 -47.97 14.32
N ALA C 159 -15.08 -47.37 13.24
CA ALA C 159 -15.87 -47.19 12.03
C ALA C 159 -16.40 -48.52 11.50
N SER C 160 -15.58 -49.57 11.57
CA SER C 160 -16.00 -50.87 11.08
C SER C 160 -17.04 -51.52 12.01
N GLU C 161 -16.97 -51.23 13.31
CA GLU C 161 -17.97 -51.72 14.26
C GLU C 161 -19.33 -51.09 14.00
N VAL C 162 -19.37 -49.78 13.75
CA VAL C 162 -20.65 -49.12 13.48
C VAL C 162 -21.28 -49.72 12.23
N PHE C 163 -20.48 -49.90 11.18
CA PHE C 163 -21.00 -50.45 9.93
C PHE C 163 -21.55 -51.85 10.15
N LYS C 164 -20.86 -52.65 10.96
CA LYS C 164 -21.37 -53.99 11.29
C LYS C 164 -22.74 -53.91 11.96
N ALA C 165 -22.90 -53.00 12.92
CA ALA C 165 -24.18 -52.84 13.60
C ALA C 165 -25.27 -52.36 12.67
N MET C 166 -24.88 -51.71 11.60
CA MET C 166 -25.81 -51.19 10.60
C MET C 166 -26.46 -52.32 9.83
N ASN C 167 -25.80 -53.48 9.74
CA ASN C 167 -26.39 -54.70 9.18
C ASN C 167 -26.75 -54.51 7.70
N ILE C 168 -25.76 -54.05 6.93
CA ILE C 168 -25.92 -53.72 5.52
C ILE C 168 -25.11 -54.71 4.70
N PRO C 169 -25.66 -55.31 3.67
CA PRO C 169 -24.91 -56.32 2.91
C PRO C 169 -24.01 -55.68 1.87
N GLN C 170 -22.97 -56.42 1.49
CA GLN C 170 -22.20 -56.10 0.30
C GLN C 170 -23.00 -56.47 -0.93
N ILE C 171 -22.92 -55.63 -1.96
CA ILE C 171 -23.57 -55.93 -3.21
C ILE C 171 -22.53 -56.14 -4.27
N ARG C 172 -22.93 -56.90 -5.29
CA ARG C 172 -22.19 -57.02 -6.53
C ARG C 172 -21.77 -55.65 -7.02
N ASN C 173 -20.56 -55.61 -7.52
CA ASN C 173 -19.99 -54.43 -8.15
C ASN C 173 -21.05 -53.85 -9.11
N PRO C 174 -21.52 -52.62 -8.89
CA PRO C 174 -22.60 -52.10 -9.73
C PRO C 174 -22.15 -51.59 -11.08
N CYS C 175 -20.83 -51.57 -11.34
CA CYS C 175 -20.32 -51.18 -12.65
C CYS C 175 -20.32 -52.34 -13.63
N LEU C 176 -20.57 -53.56 -13.14
CA LEU C 176 -20.54 -54.77 -13.94
C LEU C 176 -21.80 -54.87 -14.78
N PRO C 177 -21.75 -55.52 -15.94
CA PRO C 177 -22.99 -55.89 -16.61
C PRO C 177 -23.73 -56.96 -15.81
N SER C 178 -24.98 -57.19 -16.18
CA SER C 178 -25.76 -58.23 -15.51
C SER C 178 -25.12 -59.60 -15.72
N GLN C 179 -25.37 -60.52 -14.78
CA GLN C 179 -24.63 -61.78 -14.78
C GLN C 179 -24.78 -62.50 -16.12
N GLU C 180 -25.96 -62.44 -16.72
CA GLU C 180 -26.20 -63.11 -17.99
C GLU C 180 -25.40 -62.52 -19.14
N LYS C 181 -24.90 -61.29 -19.00
CA LYS C 181 -24.18 -60.64 -20.08
C LYS C 181 -22.67 -60.62 -19.87
N MET C 182 -22.16 -61.32 -18.84
CA MET C 182 -20.73 -61.41 -18.58
C MET C 182 -20.08 -62.36 -19.57
N PRO C 183 -18.87 -62.04 -20.05
CA PRO C 183 -18.13 -62.97 -20.92
C PRO C 183 -17.93 -64.33 -20.28
N GLU C 184 -17.78 -65.36 -21.13
CA GLU C 184 -17.68 -66.72 -20.62
C GLU C 184 -16.46 -66.91 -19.71
N ALA C 185 -15.41 -66.12 -19.93
CA ALA C 185 -14.23 -66.23 -19.07
C ALA C 185 -14.59 -66.07 -17.59
N TYR C 186 -15.61 -65.28 -17.28
CA TYR C 186 -15.92 -65.04 -15.88
C TYR C 186 -16.66 -66.20 -15.21
N SER C 187 -17.01 -67.25 -15.95
CA SER C 187 -17.53 -68.48 -15.36
C SER C 187 -16.44 -69.52 -15.09
N ALA C 188 -15.17 -69.16 -15.28
CA ALA C 188 -14.07 -70.09 -15.00
C ALA C 188 -14.13 -70.59 -13.56
N LYS C 189 -14.02 -71.90 -13.39
CA LYS C 189 -13.99 -72.51 -12.06
C LYS C 189 -12.68 -72.17 -11.37
N ILE C 190 -12.78 -71.55 -10.19
CA ILE C 190 -11.64 -71.10 -9.40
C ILE C 190 -11.68 -71.81 -8.04
N ALA C 191 -10.53 -72.33 -7.61
CA ALA C 191 -10.42 -73.02 -6.33
C ALA C 191 -9.43 -72.31 -5.43
N LEU C 192 -9.78 -72.18 -4.15
CA LEU C 192 -8.87 -71.65 -3.15
C LEU C 192 -8.74 -72.66 -2.01
N LEU C 193 -7.54 -72.81 -1.47
CA LEU C 193 -7.28 -73.80 -0.44
C LEU C 193 -6.99 -73.07 0.87
N GLY C 194 -7.80 -73.37 1.89
CA GLY C 194 -7.70 -72.73 3.19
C GLY C 194 -8.67 -71.56 3.30
N ALA C 195 -9.45 -71.50 4.38
CA ALA C 195 -10.35 -70.38 4.59
C ALA C 195 -9.79 -69.42 5.64
N GLY C 196 -8.55 -69.00 5.43
CA GLY C 196 -7.91 -67.98 6.24
C GLY C 196 -7.92 -66.62 5.57
N PRO C 197 -7.27 -65.63 6.20
CA PRO C 197 -7.35 -64.26 5.66
C PRO C 197 -6.91 -64.13 4.19
N ALA C 198 -5.89 -64.87 3.78
CA ALA C 198 -5.36 -64.72 2.42
C ALA C 198 -6.37 -65.19 1.39
N SER C 199 -7.06 -66.31 1.66
CA SER C 199 -8.04 -66.79 0.70
C SER C 199 -9.31 -65.94 0.74
N ILE C 200 -9.80 -65.62 1.94
CA ILE C 200 -10.97 -64.76 2.07
C ILE C 200 -10.78 -63.47 1.28
N SER C 201 -9.60 -62.86 1.41
CA SER C 201 -9.30 -61.67 0.62
C SER C 201 -9.26 -61.96 -0.88
N CYS C 202 -8.51 -63.00 -1.29
CA CYS C 202 -8.37 -63.30 -2.71
C CYS C 202 -9.74 -63.57 -3.35
N ALA C 203 -10.57 -64.36 -2.69
CA ALA C 203 -11.89 -64.68 -3.25
C ALA C 203 -12.77 -63.45 -3.35
N SER C 204 -12.69 -62.54 -2.36
CA SER C 204 -13.49 -61.32 -2.39
C SER C 204 -13.16 -60.50 -3.63
N PHE C 205 -11.87 -60.19 -3.83
CA PHE C 205 -11.47 -59.36 -4.96
C PHE C 205 -11.80 -60.03 -6.29
N LEU C 206 -11.65 -61.36 -6.38
CA LEU C 206 -12.05 -62.06 -7.59
C LEU C 206 -13.54 -61.92 -7.84
N ALA C 207 -14.36 -62.03 -6.78
CA ALA C 207 -15.80 -61.85 -6.94
C ALA C 207 -16.16 -60.42 -7.31
N ARG C 208 -15.45 -59.43 -6.76
CA ARG C 208 -15.67 -58.04 -7.20
C ARG C 208 -15.47 -57.89 -8.69
N LEU C 209 -14.43 -58.55 -9.23
CA LEU C 209 -14.15 -58.43 -10.66
C LEU C 209 -15.23 -59.11 -11.52
N GLY C 210 -16.06 -59.96 -10.93
CA GLY C 210 -17.21 -60.53 -11.61
C GLY C 210 -17.18 -62.04 -11.76
N TYR C 211 -16.15 -62.74 -11.27
CA TYR C 211 -16.10 -64.19 -11.35
C TYR C 211 -17.24 -64.79 -10.52
N SER C 212 -17.96 -65.75 -11.11
CA SER C 212 -19.19 -66.26 -10.53
C SER C 212 -19.09 -67.71 -10.03
N ASP C 213 -17.90 -68.34 -10.09
CA ASP C 213 -17.78 -69.76 -9.68
C ASP C 213 -16.48 -69.92 -8.87
N ILE C 214 -16.55 -69.50 -7.60
CA ILE C 214 -15.41 -69.45 -6.70
C ILE C 214 -15.70 -70.32 -5.49
N THR C 215 -14.80 -71.25 -5.18
CA THR C 215 -14.98 -72.16 -4.06
C THR C 215 -13.71 -72.19 -3.20
N ILE C 216 -13.86 -71.88 -1.92
CA ILE C 216 -12.82 -72.09 -0.92
C ILE C 216 -13.01 -73.46 -0.28
N PHE C 217 -11.97 -74.29 -0.30
CA PHE C 217 -11.96 -75.60 0.35
C PHE C 217 -11.15 -75.51 1.64
N GLU C 218 -11.82 -75.80 2.77
CA GLU C 218 -11.24 -75.68 4.10
C GLU C 218 -11.13 -77.05 4.76
N LYS C 219 -9.96 -77.32 5.38
CA LYS C 219 -9.74 -78.63 5.96
C LYS C 219 -10.58 -78.84 7.21
N GLN C 220 -10.68 -77.82 8.07
CA GLN C 220 -11.31 -77.97 9.37
C GLN C 220 -12.82 -77.72 9.29
N GLU C 221 -13.47 -77.83 10.43
CA GLU C 221 -14.89 -77.58 10.60
C GLU C 221 -15.21 -76.11 10.80
N TYR C 222 -14.22 -75.26 11.03
CA TYR C 222 -14.46 -73.85 11.26
C TYR C 222 -13.81 -73.06 10.12
N VAL C 223 -14.15 -71.79 9.99
CA VAL C 223 -13.59 -70.92 8.96
C VAL C 223 -12.94 -69.73 9.66
N GLY C 224 -11.96 -69.14 8.99
CA GLY C 224 -11.26 -67.99 9.51
C GLY C 224 -9.78 -68.23 9.77
N GLY C 225 -9.31 -69.47 9.67
CA GLY C 225 -7.91 -69.72 9.92
C GLY C 225 -7.53 -69.36 11.35
N LEU C 226 -6.33 -68.78 11.48
CA LEU C 226 -5.80 -68.46 12.79
C LEU C 226 -6.64 -67.40 13.51
N SER C 227 -7.24 -66.48 12.76
CA SER C 227 -8.16 -65.51 13.36
C SER C 227 -9.21 -66.19 14.22
N THR C 228 -9.63 -67.38 13.81
CA THR C 228 -10.61 -68.16 14.55
C THR C 228 -9.93 -69.12 15.54
N SER C 229 -8.94 -69.88 15.07
CA SER C 229 -8.43 -70.99 15.87
C SER C 229 -7.39 -70.61 16.91
N GLU C 230 -6.70 -69.46 16.79
CA GLU C 230 -5.66 -69.17 17.78
C GLU C 230 -5.61 -67.74 18.30
N ILE C 231 -5.99 -66.72 17.55
CA ILE C 231 -5.96 -65.37 18.12
C ILE C 231 -7.01 -65.26 19.24
N PRO C 232 -6.64 -64.82 20.45
CA PRO C 232 -7.55 -64.94 21.60
C PRO C 232 -8.77 -64.05 21.50
N GLN C 233 -9.87 -64.55 22.05
CA GLN C 233 -11.14 -63.83 22.05
C GLN C 233 -11.03 -62.45 22.69
N PHE C 234 -10.13 -62.28 23.68
CA PHE C 234 -10.00 -60.99 24.37
C PHE C 234 -9.20 -59.98 23.55
N ARG C 235 -8.68 -60.37 22.39
CA ARG C 235 -8.23 -59.42 21.39
C ARG C 235 -9.15 -59.37 20.18
N LEU C 236 -9.69 -60.51 19.75
CA LEU C 236 -10.44 -60.60 18.50
C LEU C 236 -11.67 -61.45 18.74
N PRO C 237 -12.82 -60.80 18.99
CA PRO C 237 -14.07 -61.56 19.17
C PRO C 237 -14.40 -62.36 17.91
N TYR C 238 -14.95 -63.56 18.11
CA TYR C 238 -15.20 -64.40 16.94
C TYR C 238 -16.30 -63.83 16.04
N ASP C 239 -17.22 -63.02 16.57
CA ASP C 239 -18.29 -62.51 15.71
C ASP C 239 -17.77 -61.52 14.66
N VAL C 240 -16.61 -60.91 14.92
CA VAL C 240 -15.95 -60.09 13.88
C VAL C 240 -15.63 -60.93 12.66
N VAL C 241 -14.96 -62.08 12.88
CA VAL C 241 -14.57 -62.96 11.78
C VAL C 241 -15.80 -63.43 11.00
N ASN C 242 -16.84 -63.87 11.73
CA ASN C 242 -18.07 -64.28 11.06
C ASN C 242 -18.63 -63.15 10.22
N PHE C 243 -18.56 -61.91 10.71
CA PHE C 243 -19.11 -60.78 9.99
C PHE C 243 -18.37 -60.55 8.66
N GLU C 244 -17.05 -60.69 8.67
CA GLU C 244 -16.31 -60.45 7.43
C GLU C 244 -16.53 -61.56 6.42
N ILE C 245 -16.69 -62.79 6.91
CA ILE C 245 -16.95 -63.90 6.00
C ILE C 245 -18.35 -63.78 5.39
N GLU C 246 -19.33 -63.30 6.17
CA GLU C 246 -20.68 -63.10 5.63
C GLU C 246 -20.69 -62.04 4.51
N LEU C 247 -19.93 -60.95 4.68
CA LEU C 247 -19.82 -59.97 3.59
C LEU C 247 -19.27 -60.63 2.35
N MET C 248 -18.29 -61.52 2.52
CA MET C 248 -17.78 -62.27 1.40
C MET C 248 -18.86 -63.08 0.73
N LYS C 249 -19.60 -63.86 1.53
CA LYS C 249 -20.65 -64.69 0.94
C LYS C 249 -21.70 -63.88 0.20
N ASP C 250 -21.86 -62.59 0.52
CA ASP C 250 -22.80 -61.76 -0.23
C ASP C 250 -22.42 -61.69 -1.71
N LEU C 251 -21.14 -61.83 -2.03
CA LEU C 251 -20.67 -61.76 -3.42
C LEU C 251 -20.76 -63.11 -4.13
N GLY C 252 -21.22 -64.17 -3.44
CA GLY C 252 -21.43 -65.45 -4.06
C GLY C 252 -20.34 -66.49 -3.84
N VAL C 253 -19.23 -66.14 -3.21
CA VAL C 253 -18.19 -67.11 -2.91
C VAL C 253 -18.79 -68.26 -2.10
N LYS C 254 -18.38 -69.48 -2.42
CA LYS C 254 -18.83 -70.67 -1.71
C LYS C 254 -17.70 -71.18 -0.83
N ILE C 255 -18.07 -71.79 0.30
CA ILE C 255 -17.11 -72.38 1.21
C ILE C 255 -17.54 -73.80 1.51
N ILE C 256 -16.63 -74.75 1.33
CA ILE C 256 -16.87 -76.16 1.64
C ILE C 256 -15.83 -76.60 2.68
N CYS C 257 -16.32 -76.99 3.85
CA CYS C 257 -15.48 -77.47 4.94
C CYS C 257 -15.31 -78.98 4.86
N GLY C 258 -14.29 -79.47 5.57
CA GLY C 258 -14.00 -80.89 5.53
C GLY C 258 -13.24 -81.36 4.31
N LYS C 259 -12.63 -80.45 3.55
CA LYS C 259 -11.95 -80.77 2.29
C LYS C 259 -10.49 -80.35 2.43
N SER C 260 -9.58 -81.31 2.33
CA SER C 260 -8.16 -81.04 2.52
C SER C 260 -7.40 -81.12 1.20
N LEU C 261 -6.45 -80.21 1.04
CA LEU C 261 -5.35 -80.38 0.08
C LEU C 261 -4.39 -81.43 0.62
N SER C 262 -4.50 -82.66 0.09
CA SER C 262 -3.71 -83.78 0.58
C SER C 262 -3.78 -84.93 -0.43
N GLU C 263 -2.80 -85.83 -0.35
CA GLU C 263 -2.45 -86.71 -1.46
C GLU C 263 -3.61 -87.55 -1.96
N ASN C 264 -4.49 -88.02 -1.07
CA ASN C 264 -5.61 -88.83 -1.54
C ASN C 264 -6.93 -88.07 -1.43
N GLU C 265 -6.87 -86.76 -1.27
CA GLU C 265 -8.07 -85.93 -1.27
C GLU C 265 -7.97 -84.95 -2.42
N ILE C 266 -7.72 -83.67 -2.13
CA ILE C 266 -7.58 -82.64 -3.15
C ILE C 266 -6.11 -82.43 -3.48
N THR C 267 -5.77 -82.44 -4.76
CA THR C 267 -4.44 -82.12 -5.22
C THR C 267 -4.54 -81.18 -6.43
N LEU C 268 -3.41 -80.56 -6.75
CA LEU C 268 -3.39 -79.74 -7.95
C LEU C 268 -3.82 -80.58 -9.16
N ASN C 269 -3.35 -81.83 -9.24
CA ASN C 269 -3.71 -82.72 -10.34
C ASN C 269 -5.22 -82.91 -10.43
N THR C 270 -5.88 -83.23 -9.31
CA THR C 270 -7.31 -83.51 -9.36
C THR C 270 -8.10 -82.25 -9.68
N LEU C 271 -7.66 -81.09 -9.17
CA LEU C 271 -8.32 -79.85 -9.56
C LEU C 271 -8.25 -79.62 -11.07
N LYS C 272 -7.08 -79.87 -11.67
CA LYS C 272 -6.95 -79.71 -13.11
C LYS C 272 -7.83 -80.69 -13.88
N GLU C 273 -7.86 -81.95 -13.46
CA GLU C 273 -8.68 -82.91 -14.18
C GLU C 273 -10.17 -82.59 -14.03
N GLU C 274 -10.56 -81.94 -12.92
CA GLU C 274 -11.96 -81.53 -12.70
C GLU C 274 -12.36 -80.24 -13.41
N GLY C 275 -11.45 -79.57 -14.12
CA GLY C 275 -11.82 -78.41 -14.88
C GLY C 275 -11.58 -77.08 -14.20
N TYR C 276 -11.00 -77.08 -13.01
CA TYR C 276 -10.63 -75.83 -12.36
C TYR C 276 -9.58 -75.10 -13.19
N LYS C 277 -9.78 -73.78 -13.34
CA LYS C 277 -8.89 -73.00 -14.20
C LYS C 277 -7.77 -72.28 -13.46
N ALA C 278 -7.94 -72.04 -12.17
CA ALA C 278 -6.89 -71.42 -11.35
C ALA C 278 -7.04 -71.90 -9.91
N ALA C 279 -5.95 -71.84 -9.17
CA ALA C 279 -5.97 -72.25 -7.75
C ALA C 279 -5.12 -71.29 -6.94
N PHE C 280 -5.61 -70.93 -5.77
CA PHE C 280 -4.86 -70.11 -4.81
C PHE C 280 -4.60 -70.94 -3.56
N ILE C 281 -3.34 -71.03 -3.15
CA ILE C 281 -2.92 -71.80 -2.00
C ILE C 281 -2.77 -70.83 -0.83
N GLY C 282 -3.65 -70.97 0.17
CA GLY C 282 -3.63 -70.12 1.34
C GLY C 282 -3.79 -70.92 2.61
N ILE C 283 -3.06 -72.04 2.71
CA ILE C 283 -3.23 -72.97 3.82
C ILE C 283 -2.37 -72.64 5.03
N GLY C 284 -1.61 -71.55 4.98
CA GLY C 284 -0.82 -71.17 6.14
C GLY C 284 0.25 -72.20 6.48
N LEU C 285 0.66 -72.19 7.75
CA LEU C 285 1.69 -73.09 8.29
C LEU C 285 1.01 -73.96 9.35
N PRO C 286 0.52 -75.13 8.97
CA PRO C 286 -0.47 -75.83 9.82
C PRO C 286 0.10 -76.66 10.97
N GLU C 287 1.42 -76.79 11.11
CA GLU C 287 1.94 -77.70 12.12
C GLU C 287 2.97 -76.98 13.00
N PRO C 288 3.10 -77.36 14.28
CA PRO C 288 4.02 -76.65 15.17
C PRO C 288 5.48 -76.96 14.85
N LYS C 289 6.35 -75.94 15.00
CA LYS C 289 7.78 -76.23 15.14
C LYS C 289 8.02 -76.94 16.46
N THR C 290 8.80 -78.00 16.44
CA THR C 290 8.99 -78.84 17.60
C THR C 290 10.45 -78.87 18.03
N ASP C 291 10.68 -79.47 19.20
CA ASP C 291 12.00 -79.71 19.76
C ASP C 291 12.04 -81.15 20.21
N ASP C 292 13.13 -81.86 19.89
CA ASP C 292 13.21 -83.27 20.19
C ASP C 292 13.17 -83.56 21.69
N ILE C 293 13.54 -82.60 22.55
CA ILE C 293 13.51 -82.86 23.98
C ILE C 293 12.10 -82.97 24.55
N PHE C 294 11.07 -82.70 23.74
CA PHE C 294 9.69 -82.83 24.19
C PHE C 294 9.00 -84.06 23.62
N GLN C 295 9.74 -84.95 22.97
CA GLN C 295 9.11 -86.10 22.34
C GLN C 295 8.50 -87.04 23.37
N GLY C 296 7.27 -87.48 23.11
CA GLY C 296 6.58 -88.40 23.98
C GLY C 296 5.79 -87.75 25.10
N LEU C 297 5.94 -86.45 25.30
CA LEU C 297 5.17 -85.75 26.32
C LEU C 297 3.77 -85.49 25.82
N THR C 298 2.79 -85.59 26.71
CA THR C 298 1.38 -85.54 26.35
C THR C 298 0.66 -84.43 27.09
N GLN C 299 -0.53 -84.12 26.59
CA GLN C 299 -1.40 -83.15 27.26
C GLN C 299 -1.78 -83.64 28.65
N ASP C 300 -1.88 -84.95 28.83
CA ASP C 300 -2.21 -85.46 30.15
C ASP C 300 -1.12 -85.12 31.15
N GLN C 301 0.13 -85.00 30.70
CA GLN C 301 1.26 -84.71 31.57
C GLN C 301 1.50 -83.22 31.80
N GLY C 302 0.88 -82.35 30.99
CA GLY C 302 1.07 -80.92 31.10
C GLY C 302 1.76 -80.27 29.92
N PHE C 303 2.00 -81.01 28.83
CA PHE C 303 2.74 -80.44 27.70
C PHE C 303 1.79 -80.10 26.56
N TYR C 304 1.96 -78.91 26.00
CA TYR C 304 1.27 -78.44 24.80
C TYR C 304 2.26 -77.76 23.88
N THR C 305 2.02 -77.87 22.57
CA THR C 305 2.51 -76.82 21.68
C THR C 305 1.48 -75.71 21.67
N SER C 306 1.86 -74.55 21.11
CA SER C 306 0.85 -73.51 20.89
C SER C 306 -0.21 -73.95 19.90
N LYS C 307 0.10 -74.90 19.02
CA LYS C 307 -0.92 -75.42 18.11
C LYS C 307 -1.92 -76.31 18.84
N ASP C 308 -1.55 -76.92 19.96
CA ASP C 308 -2.48 -77.68 20.78
C ASP C 308 -3.27 -76.77 21.72
N PHE C 309 -2.59 -75.82 22.37
CA PHE C 309 -3.14 -75.08 23.49
C PHE C 309 -4.16 -74.04 23.03
N LEU C 310 -3.73 -73.10 22.17
CA LEU C 310 -4.59 -71.98 21.83
C LEU C 310 -5.91 -72.39 21.16
N PRO C 311 -5.95 -73.38 20.25
CA PRO C 311 -7.27 -73.83 19.76
C PRO C 311 -8.18 -74.32 20.86
N LEU C 312 -7.62 -74.94 21.91
CA LEU C 312 -8.44 -75.45 23.02
C LEU C 312 -9.04 -74.30 23.82
N VAL C 313 -8.25 -73.26 24.10
CA VAL C 313 -8.76 -72.08 24.80
C VAL C 313 -9.81 -71.39 23.94
N ALA C 314 -9.50 -71.20 22.65
CA ALA C 314 -10.43 -70.50 21.77
C ALA C 314 -11.75 -71.27 21.68
N LYS C 315 -11.66 -72.59 21.59
CA LYS C 315 -12.82 -73.47 21.52
C LYS C 315 -13.61 -73.47 22.82
N SER C 316 -13.11 -72.83 23.87
CA SER C 316 -13.88 -72.63 25.09
C SER C 316 -14.50 -71.24 25.18
N SER C 317 -13.91 -70.23 24.52
CA SER C 317 -14.28 -68.84 24.73
C SER C 317 -14.94 -68.19 23.54
N LYS C 318 -15.11 -68.90 22.42
CA LYS C 318 -15.69 -68.32 21.22
C LYS C 318 -17.01 -69.04 20.93
N ALA C 319 -18.13 -68.34 21.16
CA ALA C 319 -19.44 -68.96 21.01
C ALA C 319 -19.70 -69.28 19.55
N GLY C 320 -20.09 -70.53 19.28
CA GLY C 320 -20.38 -70.97 17.93
C GLY C 320 -19.17 -71.13 17.03
N MET C 321 -17.96 -70.80 17.49
CA MET C 321 -16.76 -71.01 16.68
C MET C 321 -16.48 -72.49 16.40
N CYS C 322 -16.24 -73.26 17.45
CA CYS C 322 -16.30 -74.72 17.42
C CYS C 322 -17.46 -75.03 18.36
N ALA C 323 -18.67 -75.06 17.81
CA ALA C 323 -19.90 -75.29 18.58
C ALA C 323 -19.75 -76.33 19.68
N CYS C 324 -19.04 -77.43 19.37
CA CYS C 324 -18.75 -78.48 20.35
C CYS C 324 -18.21 -77.92 21.66
N HIS C 325 -17.14 -77.12 21.59
CA HIS C 325 -16.58 -76.39 22.72
C HIS C 325 -16.05 -77.31 23.81
N SER C 326 -15.35 -76.73 24.78
CA SER C 326 -14.56 -77.53 25.70
C SER C 326 -14.54 -76.83 27.05
N PRO C 327 -14.42 -77.59 28.14
CA PRO C 327 -14.03 -76.96 29.40
C PRO C 327 -12.63 -76.36 29.24
N LEU C 328 -12.42 -75.23 29.89
CA LEU C 328 -11.13 -74.57 29.83
C LEU C 328 -10.06 -75.53 30.34
N PRO C 329 -8.93 -75.68 29.64
CA PRO C 329 -7.92 -76.66 30.07
C PRO C 329 -7.45 -76.38 31.49
N SER C 330 -7.36 -77.45 32.29
CA SER C 330 -7.02 -77.36 33.71
C SER C 330 -5.54 -77.04 33.84
N ILE C 331 -5.22 -75.77 34.07
CA ILE C 331 -3.89 -75.23 33.83
C ILE C 331 -3.48 -74.47 35.08
N ARG C 332 -4.10 -74.79 36.22
CA ARG C 332 -3.61 -74.31 37.50
C ARG C 332 -2.19 -74.78 37.76
N GLY C 333 -1.43 -73.94 38.47
CA GLY C 333 -0.05 -74.24 38.80
C GLY C 333 0.87 -73.24 38.15
N ALA C 334 2.17 -73.55 38.09
CA ALA C 334 3.13 -72.68 37.45
C ALA C 334 3.28 -73.10 35.98
N VAL C 335 3.10 -72.15 35.08
CA VAL C 335 3.13 -72.41 33.64
C VAL C 335 4.40 -71.80 33.06
N ILE C 336 5.10 -72.59 32.24
CA ILE C 336 6.27 -72.16 31.48
C ILE C 336 5.90 -72.06 30.01
N VAL C 337 6.06 -70.88 29.41
CA VAL C 337 5.89 -70.70 27.97
C VAL C 337 7.27 -70.46 27.38
N LEU C 338 7.62 -71.25 26.37
CA LEU C 338 8.94 -71.22 25.75
C LEU C 338 8.89 -70.48 24.42
N GLY C 339 9.77 -69.50 24.26
CA GLY C 339 9.80 -68.68 23.08
C GLY C 339 9.37 -67.25 23.39
N ALA C 340 9.67 -66.37 22.46
CA ALA C 340 9.36 -64.97 22.70
C ALA C 340 8.82 -64.28 21.47
N GLY C 341 8.33 -65.02 20.48
CA GLY C 341 7.58 -64.40 19.42
C GLY C 341 6.22 -63.99 19.94
N ASP C 342 5.44 -63.37 19.07
CA ASP C 342 4.14 -62.91 19.52
C ASP C 342 3.21 -64.04 19.92
N THR C 343 3.39 -65.26 19.40
CA THR C 343 2.55 -66.38 19.84
C THR C 343 2.78 -66.70 21.31
N ALA C 344 4.03 -66.63 21.77
CA ALA C 344 4.34 -66.94 23.16
C ALA C 344 3.61 -66.01 24.12
N PHE C 345 3.54 -64.71 23.79
CA PHE C 345 2.83 -63.79 24.65
C PHE C 345 1.33 -64.10 24.69
N ASP C 346 0.76 -64.56 23.58
CA ASP C 346 -0.64 -64.93 23.58
C ASP C 346 -0.85 -66.19 24.41
N CYS C 347 0.13 -67.11 24.40
CA CYS C 347 0.10 -68.29 25.24
C CYS C 347 0.13 -67.92 26.72
N ALA C 348 0.92 -66.90 27.08
CA ALA C 348 1.03 -66.50 28.48
C ALA C 348 -0.27 -65.89 29.00
N THR C 349 -0.83 -64.94 28.24
CA THR C 349 -2.06 -64.31 28.68
C THR C 349 -3.25 -65.28 28.62
N SER C 350 -3.26 -66.20 27.66
CA SER C 350 -4.33 -67.19 27.63
C SER C 350 -4.25 -68.13 28.84
N ALA C 351 -3.03 -68.50 29.25
CA ALA C 351 -2.88 -69.37 30.41
C ALA C 351 -3.49 -68.74 31.65
N LEU C 352 -3.32 -67.43 31.82
CA LEU C 352 -3.93 -66.73 32.96
C LEU C 352 -5.45 -66.91 32.98
N ARG C 353 -6.09 -66.92 31.80
CA ARG C 353 -7.54 -67.10 31.75
C ARG C 353 -7.94 -68.54 32.07
N CYS C 354 -7.00 -69.48 32.03
CA CYS C 354 -7.25 -70.84 32.42
C CYS C 354 -7.05 -71.07 33.91
N GLY C 355 -6.65 -70.06 34.66
CA GLY C 355 -6.46 -70.19 36.08
C GLY C 355 -5.03 -70.40 36.53
N ALA C 356 -4.03 -70.10 35.69
CA ALA C 356 -2.65 -70.28 36.11
C ALA C 356 -2.31 -69.38 37.30
N ARG C 357 -1.46 -69.90 38.19
CA ARG C 357 -0.94 -69.11 39.31
C ARG C 357 0.17 -68.15 38.89
N ARG C 358 1.09 -68.64 38.07
CA ARG C 358 2.24 -67.87 37.60
C ARG C 358 2.50 -68.30 36.17
N VAL C 359 3.00 -67.35 35.38
CA VAL C 359 3.46 -67.64 34.04
C VAL C 359 4.88 -67.12 33.89
N PHE C 360 5.76 -67.98 33.39
CA PHE C 360 7.12 -67.61 33.04
C PHE C 360 7.25 -67.72 31.54
N LEU C 361 7.60 -66.61 30.88
CA LEU C 361 8.09 -66.67 29.51
C LEU C 361 9.60 -66.86 29.55
N VAL C 362 10.05 -67.99 29.03
CA VAL C 362 11.46 -68.35 29.01
C VAL C 362 11.89 -68.48 27.56
N PHE C 363 13.12 -68.09 27.29
CA PHE C 363 13.48 -67.68 25.95
C PHE C 363 14.98 -67.52 25.85
N ARG C 364 15.53 -68.01 24.74
CA ARG C 364 16.94 -68.40 24.73
C ARG C 364 17.88 -67.26 24.42
N LYS C 365 17.38 -66.09 24.02
CA LYS C 365 18.22 -64.92 23.84
C LYS C 365 17.90 -63.90 24.93
N GLY C 366 18.21 -62.63 24.69
CA GLY C 366 17.98 -61.58 25.66
C GLY C 366 16.72 -60.78 25.41
N PHE C 367 16.53 -59.76 26.24
CA PHE C 367 15.43 -58.83 26.04
C PHE C 367 15.59 -58.02 24.78
N VAL C 368 16.82 -57.58 24.48
CA VAL C 368 17.03 -56.78 23.27
C VAL C 368 16.67 -57.57 22.02
N ASN C 369 16.63 -58.90 22.11
CA ASN C 369 16.40 -59.77 20.97
C ASN C 369 14.95 -60.22 20.83
N ILE C 370 14.04 -59.74 21.68
CA ILE C 370 12.63 -60.05 21.48
C ILE C 370 12.14 -59.30 20.25
N ARG C 371 11.54 -60.02 19.30
CA ARG C 371 10.98 -59.42 18.09
C ARG C 371 9.46 -59.30 18.16
N ALA C 372 8.87 -59.69 19.29
CA ALA C 372 7.48 -59.38 19.54
C ALA C 372 7.26 -57.87 19.58
N VAL C 373 6.10 -57.44 19.09
CA VAL C 373 5.79 -56.03 18.94
C VAL C 373 5.47 -55.48 20.33
N PRO C 374 5.80 -54.22 20.65
CA PRO C 374 5.64 -53.75 22.03
C PRO C 374 4.23 -53.91 22.58
N GLU C 375 3.20 -53.91 21.72
CA GLU C 375 1.84 -53.93 22.25
C GLU C 375 1.41 -55.33 22.68
N GLU C 376 1.92 -56.40 22.03
CA GLU C 376 1.80 -57.73 22.63
C GLU C 376 2.52 -57.79 23.96
N VAL C 377 3.75 -57.27 24.02
CA VAL C 377 4.58 -57.48 25.21
C VAL C 377 3.96 -56.80 26.42
N GLU C 378 3.45 -55.58 26.24
CA GLU C 378 2.93 -54.82 27.37
C GLU C 378 1.73 -55.52 27.98
N LEU C 379 0.94 -56.21 27.16
CA LEU C 379 -0.22 -56.96 27.63
C LEU C 379 0.19 -58.03 28.64
N ALA C 380 1.16 -58.89 28.28
CA ALA C 380 1.68 -59.86 29.23
C ALA C 380 2.35 -59.19 30.42
N LYS C 381 2.87 -57.98 30.23
CA LYS C 381 3.62 -57.28 31.25
C LYS C 381 2.69 -56.71 32.32
N GLU C 382 1.62 -56.03 31.91
CA GLU C 382 0.66 -55.50 32.87
C GLU C 382 -0.13 -56.59 33.60
N GLU C 383 -0.17 -57.81 33.06
CA GLU C 383 -0.84 -58.93 33.71
C GLU C 383 0.12 -59.77 34.54
N LYS C 384 1.31 -59.25 34.80
CA LYS C 384 2.27 -59.80 35.78
C LYS C 384 2.83 -61.15 35.36
N CYS C 385 3.07 -61.31 34.06
CA CYS C 385 3.90 -62.42 33.65
C CYS C 385 5.35 -62.15 33.99
N GLU C 386 6.11 -63.21 34.20
CA GLU C 386 7.54 -63.09 34.48
C GLU C 386 8.32 -63.49 33.24
N PHE C 387 9.50 -62.91 33.07
CA PHE C 387 10.33 -63.11 31.88
C PHE C 387 11.71 -63.57 32.29
N LEU C 388 12.13 -64.73 31.75
CA LEU C 388 13.45 -65.30 32.00
C LEU C 388 14.27 -65.34 30.72
N PRO C 389 15.30 -64.51 30.58
CA PRO C 389 16.12 -64.51 29.36
C PRO C 389 17.31 -65.45 29.48
N PHE C 390 17.89 -65.75 28.32
CA PHE C 390 19.20 -66.43 28.21
C PHE C 390 19.14 -67.87 28.73
N LEU C 391 18.06 -68.58 28.42
CA LEU C 391 17.87 -69.94 28.90
C LEU C 391 17.40 -70.84 27.76
N SER C 392 18.08 -71.96 27.59
CA SER C 392 17.69 -72.90 26.56
C SER C 392 17.25 -74.20 27.22
N PRO C 393 16.06 -74.71 26.88
CA PRO C 393 15.53 -75.89 27.58
C PRO C 393 16.32 -77.14 27.26
N ARG C 394 16.46 -78.00 28.25
CA ARG C 394 17.29 -79.19 28.10
C ARG C 394 16.55 -80.47 28.47
N LYS C 395 15.82 -80.46 29.59
CA LYS C 395 15.12 -81.65 30.07
C LYS C 395 13.80 -81.23 30.70
N VAL C 396 12.80 -82.10 30.58
CA VAL C 396 11.50 -81.93 31.22
C VAL C 396 11.33 -83.08 32.20
N ILE C 397 11.13 -82.76 33.47
CA ILE C 397 11.08 -83.76 34.54
C ILE C 397 9.63 -84.12 34.82
N VAL C 398 9.32 -85.42 34.77
CA VAL C 398 7.97 -85.94 34.99
C VAL C 398 7.99 -86.84 36.22
N LYS C 399 7.07 -86.59 37.14
CA LYS C 399 6.94 -87.41 38.35
C LYS C 399 5.47 -87.58 38.69
N GLY C 400 5.06 -88.82 38.91
CA GLY C 400 3.68 -89.08 39.26
C GLY C 400 2.72 -88.80 38.14
N GLY C 401 3.15 -88.99 36.89
CA GLY C 401 2.33 -88.78 35.73
C GLY C 401 2.18 -87.34 35.28
N ARG C 402 2.92 -86.41 35.89
CA ARG C 402 2.75 -84.98 35.64
C ARG C 402 4.13 -84.34 35.51
N ILE C 403 4.22 -83.31 34.65
CA ILE C 403 5.42 -82.47 34.66
C ILE C 403 5.57 -81.81 36.02
N VAL C 404 6.79 -81.79 36.53
CA VAL C 404 7.11 -81.14 37.80
C VAL C 404 8.20 -80.08 37.66
N ALA C 405 8.96 -80.07 36.57
CA ALA C 405 10.08 -79.15 36.46
C ALA C 405 10.64 -79.20 35.04
N VAL C 406 11.32 -78.12 34.66
CA VAL C 406 12.10 -78.05 33.42
C VAL C 406 13.52 -77.62 33.75
N GLN C 407 14.49 -78.24 33.10
CA GLN C 407 15.89 -77.93 33.33
C GLN C 407 16.48 -77.27 32.09
N PHE C 408 17.08 -76.10 32.29
CA PHE C 408 17.66 -75.26 31.25
C PHE C 408 19.17 -75.14 31.47
N VAL C 409 19.86 -74.63 30.43
CA VAL C 409 21.24 -74.15 30.51
C VAL C 409 21.25 -72.69 30.08
N ARG C 410 22.18 -71.92 30.64
CA ARG C 410 22.31 -70.51 30.26
C ARG C 410 22.91 -70.39 28.86
N THR C 411 22.54 -69.29 28.18
CA THR C 411 23.07 -68.96 26.86
C THR C 411 23.79 -67.61 26.92
N GLU C 412 24.68 -67.39 25.98
CA GLU C 412 25.42 -66.12 25.91
C GLU C 412 26.02 -65.93 24.53
N GLN C 413 26.16 -64.67 24.13
CA GLN C 413 26.90 -64.30 22.92
C GLN C 413 28.34 -64.01 23.27
N ASP C 414 29.26 -64.59 22.50
CA ASP C 414 30.67 -64.23 22.61
C ASP C 414 30.90 -62.83 22.06
N GLU C 415 31.88 -62.66 21.18
CA GLU C 415 32.03 -61.41 20.47
C GLU C 415 32.27 -61.62 18.99
N THR C 416 31.72 -62.70 18.45
CA THR C 416 31.43 -62.79 17.02
C THR C 416 29.93 -62.85 16.79
N GLY C 417 29.13 -62.61 17.84
CA GLY C 417 27.68 -62.73 17.76
C GLY C 417 27.18 -64.15 17.86
N LYS C 418 28.07 -65.12 17.97
CA LYS C 418 27.67 -66.51 18.07
C LYS C 418 27.03 -66.77 19.44
N TRP C 419 25.96 -67.56 19.44
CA TRP C 419 25.24 -67.89 20.66
C TRP C 419 25.73 -69.23 21.20
N ASN C 420 26.18 -69.22 22.44
CA ASN C 420 26.78 -70.38 23.07
C ASN C 420 25.90 -70.86 24.23
N GLU C 421 26.00 -72.13 24.54
CA GLU C 421 25.33 -72.72 25.69
C GLU C 421 26.37 -73.12 26.73
N ASP C 422 26.17 -72.67 27.96
CA ASP C 422 27.11 -72.95 29.05
C ASP C 422 26.60 -74.17 29.82
N GLU C 423 27.28 -75.29 29.64
CA GLU C 423 26.79 -76.55 30.20
C GLU C 423 26.95 -76.62 31.71
N ASP C 424 27.82 -75.79 32.29
CA ASP C 424 27.99 -75.76 33.73
C ASP C 424 27.07 -74.76 34.42
N GLN C 425 26.16 -74.12 33.68
CA GLN C 425 25.28 -73.07 34.21
C GLN C 425 23.83 -73.50 34.00
N ILE C 426 23.22 -74.04 35.05
CA ILE C 426 21.95 -74.77 34.96
C ILE C 426 20.87 -74.02 35.73
N VAL C 427 19.63 -74.15 35.26
CA VAL C 427 18.45 -73.71 36.01
C VAL C 427 17.48 -74.88 36.09
N HIS C 428 16.99 -75.15 37.31
CA HIS C 428 15.94 -76.13 37.58
C HIS C 428 14.70 -75.32 37.96
N LEU C 429 13.73 -75.21 37.06
CA LEU C 429 12.59 -74.35 37.31
C LEU C 429 11.34 -75.21 37.48
N LYS C 430 10.74 -75.14 38.67
CA LYS C 430 9.55 -75.93 38.97
C LYS C 430 8.38 -75.43 38.16
N ALA C 431 7.56 -76.38 37.69
CA ALA C 431 6.48 -76.06 36.76
C ALA C 431 5.52 -77.24 36.67
N ASP C 432 4.24 -76.93 36.47
CA ASP C 432 3.20 -77.95 36.27
C ASP C 432 2.76 -78.08 34.81
N VAL C 433 2.95 -77.05 33.99
CA VAL C 433 2.51 -77.03 32.60
C VAL C 433 3.60 -76.36 31.76
N VAL C 434 3.87 -76.92 30.58
CA VAL C 434 4.83 -76.36 29.63
C VAL C 434 4.13 -76.19 28.27
N ILE C 435 4.34 -75.02 27.66
CA ILE C 435 3.78 -74.68 26.34
C ILE C 435 4.91 -74.16 25.45
N SER C 436 5.25 -74.90 24.41
CA SER C 436 6.24 -74.43 23.45
C SER C 436 5.58 -73.52 22.41
N ALA C 437 6.16 -72.35 22.21
CA ALA C 437 5.69 -71.41 21.20
C ALA C 437 6.83 -71.12 20.25
N PHE C 438 7.34 -72.17 19.61
CA PHE C 438 8.51 -72.09 18.76
C PHE C 438 8.19 -71.69 17.32
N GLY C 439 6.94 -71.37 17.02
CA GLY C 439 6.56 -71.03 15.66
C GLY C 439 5.81 -72.16 14.99
N SER C 440 5.64 -72.01 13.67
CA SER C 440 4.87 -72.98 12.89
C SER C 440 5.61 -73.33 11.61
N VAL C 441 5.28 -74.51 11.07
CA VAL C 441 5.89 -75.06 9.86
C VAL C 441 4.84 -75.73 8.99
N LEU C 442 5.24 -75.97 7.74
CA LEU C 442 4.55 -76.92 6.86
C LEU C 442 5.48 -78.12 6.67
N ARG C 443 5.10 -79.28 7.25
CA ARG C 443 5.92 -80.47 7.20
C ARG C 443 5.24 -81.72 6.65
N ASP C 444 3.93 -81.77 6.63
CA ASP C 444 3.18 -82.98 6.28
C ASP C 444 3.50 -83.41 4.85
N PRO C 445 4.14 -84.57 4.67
CA PRO C 445 4.51 -85.00 3.30
C PRO C 445 3.32 -85.13 2.35
N LYS C 446 2.16 -85.54 2.86
CA LYS C 446 1.01 -85.78 1.99
C LYS C 446 0.48 -84.47 1.43
N VAL C 447 0.62 -83.38 2.20
CA VAL C 447 0.17 -82.06 1.76
C VAL C 447 1.14 -81.47 0.73
N LYS C 448 2.46 -81.55 0.98
CA LYS C 448 3.41 -81.08 -0.03
C LYS C 448 3.29 -81.91 -1.31
N GLU C 449 3.02 -83.21 -1.18
CA GLU C 449 2.85 -84.05 -2.35
C GLU C 449 1.69 -83.57 -3.20
N ALA C 450 0.64 -83.03 -2.55
CA ALA C 450 -0.55 -82.56 -3.26
C ALA C 450 -0.29 -81.30 -4.08
N LEU C 451 0.82 -80.61 -3.81
CA LEU C 451 1.20 -79.40 -4.51
C LEU C 451 2.13 -79.68 -5.67
N SER C 452 2.30 -80.95 -6.02
CA SER C 452 3.13 -81.33 -7.15
C SER C 452 2.53 -80.79 -8.45
N PRO C 453 3.34 -80.26 -9.36
CA PRO C 453 4.80 -80.23 -9.21
C PRO C 453 5.38 -78.84 -8.95
N ILE C 454 4.78 -78.02 -8.11
CA ILE C 454 5.34 -76.66 -8.01
C ILE C 454 6.71 -76.71 -7.33
N LYS C 455 7.52 -75.69 -7.59
CA LYS C 455 8.84 -75.62 -6.98
C LYS C 455 8.78 -75.08 -5.56
N PHE C 456 9.61 -75.63 -4.68
CA PHE C 456 9.77 -75.19 -3.31
C PHE C 456 11.18 -74.65 -3.11
N ASN C 457 11.32 -73.68 -2.21
CA ASN C 457 12.61 -73.03 -1.95
C ASN C 457 13.35 -73.67 -0.77
N ARG C 458 14.48 -73.06 -0.40
CA ARG C 458 15.28 -73.30 0.80
C ARG C 458 14.46 -73.77 2.00
N TRP C 459 13.43 -73.00 2.32
CA TRP C 459 12.65 -73.17 3.53
C TRP C 459 11.54 -74.19 3.37
N ASP C 460 11.51 -74.91 2.25
CA ASP C 460 10.45 -75.87 1.93
C ASP C 460 9.08 -75.22 2.00
N LEU C 461 8.98 -74.06 1.37
CA LEU C 461 7.76 -73.33 1.11
C LEU C 461 7.63 -73.11 -0.39
N PRO C 462 6.41 -73.05 -0.92
CA PRO C 462 6.24 -72.75 -2.35
C PRO C 462 6.91 -71.43 -2.71
N GLU C 463 7.64 -71.43 -3.83
CA GLU C 463 8.18 -70.20 -4.40
C GLU C 463 7.14 -69.46 -5.21
N VAL C 464 7.07 -68.15 -5.03
CA VAL C 464 6.26 -67.30 -5.89
C VAL C 464 7.10 -66.16 -6.45
N ASP C 465 6.69 -65.69 -7.62
CA ASP C 465 7.03 -64.33 -8.05
C ASP C 465 6.43 -63.35 -7.04
N PRO C 466 7.25 -62.53 -6.38
CA PRO C 466 6.69 -61.69 -5.30
C PRO C 466 5.80 -60.56 -5.78
N GLU C 467 5.85 -60.24 -7.08
CA GLU C 467 4.97 -59.25 -7.68
C GLU C 467 3.60 -59.85 -8.05
N THR C 468 3.57 -61.09 -8.54
CA THR C 468 2.34 -61.65 -9.06
C THR C 468 1.73 -62.74 -8.18
N MET C 469 2.46 -63.29 -7.21
CA MET C 469 2.06 -64.45 -6.40
C MET C 469 1.96 -65.76 -7.19
N GLN C 470 2.41 -65.81 -8.43
CA GLN C 470 2.34 -67.03 -9.22
C GLN C 470 3.43 -68.01 -8.79
N THR C 471 3.07 -69.29 -8.62
CA THR C 471 4.05 -70.36 -8.44
C THR C 471 4.71 -70.69 -9.78
N SER C 472 5.59 -71.71 -9.78
CA SER C 472 6.20 -72.14 -11.03
C SER C 472 5.18 -72.72 -11.99
N GLU C 473 3.99 -73.11 -11.51
CA GLU C 473 2.89 -73.51 -12.39
C GLU C 473 1.98 -72.32 -12.65
N PRO C 474 1.80 -71.88 -13.90
CA PRO C 474 1.19 -70.56 -14.14
C PRO C 474 -0.28 -70.46 -13.73
N TRP C 475 -0.97 -71.57 -13.56
CA TRP C 475 -2.36 -71.50 -13.12
C TRP C 475 -2.53 -71.60 -11.60
N VAL C 476 -1.44 -71.72 -10.84
CA VAL C 476 -1.46 -71.90 -9.38
C VAL C 476 -0.73 -70.73 -8.72
N PHE C 477 -1.40 -70.07 -7.79
CA PHE C 477 -0.87 -68.94 -7.04
C PHE C 477 -0.85 -69.27 -5.55
N ALA C 478 -0.15 -68.46 -4.74
CA ALA C 478 -0.04 -68.77 -3.32
C ALA C 478 0.21 -67.49 -2.53
N GLY C 479 -0.22 -67.49 -1.26
CA GLY C 479 -0.09 -66.27 -0.48
C GLY C 479 -0.41 -66.49 0.98
N GLY C 480 -0.08 -65.47 1.77
CA GLY C 480 -0.24 -65.55 3.22
C GLY C 480 0.91 -66.28 3.87
N ASP C 481 0.63 -66.89 5.03
CA ASP C 481 1.69 -67.51 5.81
C ASP C 481 2.46 -68.57 5.03
N ILE C 482 1.82 -69.24 4.07
CA ILE C 482 2.47 -70.37 3.39
C ILE C 482 3.67 -69.91 2.55
N VAL C 483 3.68 -68.66 2.08
CA VAL C 483 4.80 -68.17 1.29
C VAL C 483 5.95 -67.69 2.17
N GLY C 484 5.69 -67.42 3.45
CA GLY C 484 6.75 -67.11 4.38
C GLY C 484 7.20 -65.67 4.40
N MET C 485 6.46 -64.78 3.75
CA MET C 485 6.80 -63.36 3.71
C MET C 485 5.92 -62.55 4.64
N ALA C 486 4.61 -62.68 4.49
CA ALA C 486 3.66 -62.09 5.42
C ALA C 486 3.89 -62.63 6.85
N ASN C 487 3.82 -61.70 7.81
CA ASN C 487 3.90 -62.00 9.24
C ASN C 487 2.61 -61.64 9.98
N THR C 488 1.60 -61.13 9.26
CA THR C 488 0.47 -60.45 9.86
C THR C 488 -0.79 -60.79 9.10
N THR C 489 -1.94 -60.53 9.74
CA THR C 489 -3.21 -60.65 9.04
C THR C 489 -3.24 -59.72 7.84
N VAL C 490 -2.84 -58.45 8.01
CA VAL C 490 -2.98 -57.48 6.92
C VAL C 490 -2.04 -57.80 5.75
N GLU C 491 -0.85 -58.33 6.03
CA GLU C 491 0.01 -58.77 4.92
C GLU C 491 -0.54 -60.01 4.23
N SER C 492 -1.25 -60.88 4.97
CA SER C 492 -1.89 -62.03 4.33
C SER C 492 -3.02 -61.58 3.43
N VAL C 493 -3.85 -60.65 3.90
CA VAL C 493 -4.92 -60.11 3.08
C VAL C 493 -4.35 -59.47 1.82
N ASN C 494 -3.22 -58.76 1.95
CA ASN C 494 -2.59 -58.13 0.79
C ASN C 494 -2.08 -59.17 -0.21
N ASP C 495 -1.51 -60.27 0.29
CA ASP C 495 -1.08 -61.35 -0.60
C ASP C 495 -2.24 -61.83 -1.47
N GLY C 496 -3.41 -62.02 -0.86
CA GLY C 496 -4.55 -62.47 -1.62
C GLY C 496 -5.05 -61.42 -2.58
N LYS C 497 -5.01 -60.16 -2.14
CA LYS C 497 -5.35 -59.02 -3.00
C LYS C 497 -4.44 -58.98 -4.22
N GLN C 498 -3.12 -59.00 -3.99
CA GLN C 498 -2.16 -58.98 -5.10
C GLN C 498 -2.40 -60.15 -6.05
N ALA C 499 -2.65 -61.33 -5.50
CA ALA C 499 -2.86 -62.51 -6.35
C ALA C 499 -4.10 -62.36 -7.21
N SER C 500 -5.16 -61.77 -6.65
CA SER C 500 -6.43 -61.69 -7.39
C SER C 500 -6.25 -61.01 -8.74
N TRP C 501 -5.45 -59.94 -8.81
CA TRP C 501 -5.31 -59.25 -10.09
C TRP C 501 -4.62 -60.14 -11.12
N TYR C 502 -3.62 -60.92 -10.71
CA TYR C 502 -2.89 -61.70 -11.70
C TYR C 502 -3.57 -63.02 -12.04
N ILE C 503 -4.34 -63.59 -11.11
CA ILE C 503 -5.24 -64.68 -11.46
C ILE C 503 -6.21 -64.23 -12.55
N HIS C 504 -6.76 -63.04 -12.38
CA HIS C 504 -7.68 -62.45 -13.35
C HIS C 504 -7.01 -62.31 -14.72
N LYS C 505 -5.84 -61.68 -14.75
CA LYS C 505 -4.98 -61.69 -15.93
C LYS C 505 -4.82 -63.08 -16.52
N TYR C 506 -4.43 -64.05 -15.69
CA TYR C 506 -4.14 -65.39 -16.20
C TYR C 506 -5.38 -66.00 -16.85
N ILE C 507 -6.53 -65.90 -16.18
CA ILE C 507 -7.75 -66.55 -16.68
C ILE C 507 -8.22 -65.87 -17.97
N GLN C 508 -8.27 -64.55 -17.97
CA GLN C 508 -8.71 -63.84 -19.16
C GLN C 508 -7.85 -64.22 -20.35
N ALA C 509 -6.53 -64.28 -20.15
CA ALA C 509 -5.66 -64.71 -21.25
C ALA C 509 -6.00 -66.13 -21.70
N GLN C 510 -6.35 -67.00 -20.75
CA GLN C 510 -6.70 -68.37 -21.15
C GLN C 510 -7.93 -68.38 -22.05
N TYR C 511 -8.81 -67.40 -21.93
CA TYR C 511 -9.99 -67.37 -22.80
C TYR C 511 -9.80 -66.44 -24.01
N GLY C 512 -8.56 -66.00 -24.28
CA GLY C 512 -8.30 -65.16 -25.42
C GLY C 512 -8.56 -63.69 -25.21
N ALA C 513 -8.65 -63.22 -23.97
CA ALA C 513 -8.91 -61.81 -23.72
C ALA C 513 -7.77 -61.18 -22.93
N SER C 514 -7.54 -59.89 -23.18
CA SER C 514 -6.51 -59.14 -22.48
C SER C 514 -7.14 -58.39 -21.30
N VAL C 515 -6.29 -57.85 -20.43
CA VAL C 515 -6.76 -56.94 -19.39
C VAL C 515 -5.87 -55.71 -19.38
N SER C 516 -6.40 -54.63 -18.82
CA SER C 516 -5.71 -53.34 -18.82
C SER C 516 -4.30 -53.47 -18.25
N ALA C 517 -3.39 -52.68 -18.81
CA ALA C 517 -2.03 -52.67 -18.30
C ALA C 517 -1.96 -52.13 -16.88
N LYS C 518 -2.89 -51.27 -16.47
CA LYS C 518 -2.90 -50.80 -15.10
C LYS C 518 -3.89 -51.57 -14.26
N PRO C 519 -3.43 -52.27 -13.22
CA PRO C 519 -4.34 -52.96 -12.29
C PRO C 519 -5.51 -52.12 -11.84
N GLU C 520 -6.72 -52.71 -11.90
CA GLU C 520 -7.97 -52.00 -11.64
C GLU C 520 -8.88 -52.89 -10.77
N LEU C 521 -8.47 -53.10 -9.52
CA LEU C 521 -9.32 -53.84 -8.58
C LEU C 521 -10.48 -52.97 -8.15
N PRO C 522 -11.71 -53.49 -8.13
CA PRO C 522 -12.85 -52.63 -7.81
C PRO C 522 -12.93 -52.34 -6.32
N LEU C 523 -13.62 -51.25 -6.00
CA LEU C 523 -13.87 -50.87 -4.63
C LEU C 523 -14.96 -51.75 -4.02
N PHE C 524 -15.30 -51.46 -2.76
CA PHE C 524 -16.33 -52.15 -1.99
C PHE C 524 -17.62 -51.35 -2.06
N TYR C 525 -18.74 -52.02 -2.37
CA TYR C 525 -20.02 -51.35 -2.58
C TYR C 525 -21.14 -52.00 -1.76
N THR C 526 -22.13 -51.17 -1.39
CA THR C 526 -23.34 -51.65 -0.71
C THR C 526 -24.55 -50.97 -1.35
N PRO C 527 -25.79 -51.37 -1.01
CA PRO C 527 -26.96 -50.64 -1.52
C PRO C 527 -26.95 -49.16 -1.17
N VAL C 528 -26.21 -48.74 -0.14
CA VAL C 528 -26.13 -47.31 0.19
C VAL C 528 -25.64 -46.51 -1.01
N ASP C 529 -24.67 -47.05 -1.75
CA ASP C 529 -24.09 -46.33 -2.89
C ASP C 529 -25.06 -46.13 -4.03
N LEU C 530 -26.19 -46.85 -4.06
CA LEU C 530 -27.16 -46.64 -5.11
C LEU C 530 -28.14 -45.51 -4.82
N VAL C 531 -28.12 -44.93 -3.61
CA VAL C 531 -29.08 -43.88 -3.26
C VAL C 531 -28.88 -42.64 -4.13
N ASP C 532 -30.00 -42.06 -4.58
CA ASP C 532 -30.00 -40.89 -5.45
C ASP C 532 -29.90 -39.63 -4.60
N ILE C 533 -28.82 -38.84 -4.75
CA ILE C 533 -28.78 -37.56 -4.05
C ILE C 533 -28.83 -36.39 -5.04
N SER C 534 -29.56 -36.54 -6.15
CA SER C 534 -29.72 -35.37 -7.00
C SER C 534 -30.85 -34.49 -6.46
N VAL C 535 -30.91 -33.25 -6.94
CA VAL C 535 -31.95 -32.31 -6.52
C VAL C 535 -32.11 -31.29 -7.63
N GLU C 536 -33.36 -30.85 -7.84
CA GLU C 536 -33.65 -29.77 -8.77
C GLU C 536 -33.99 -28.51 -7.99
N MET C 537 -33.49 -27.38 -8.46
CA MET C 537 -33.81 -26.12 -7.82
C MET C 537 -33.83 -25.02 -8.86
N ALA C 538 -34.91 -24.23 -8.88
CA ALA C 538 -35.05 -23.10 -9.80
C ALA C 538 -34.89 -23.54 -11.26
N GLY C 539 -35.27 -24.78 -11.56
CA GLY C 539 -35.18 -25.31 -12.91
C GLY C 539 -33.84 -25.92 -13.28
N LEU C 540 -32.86 -25.89 -12.38
CA LEU C 540 -31.55 -26.50 -12.61
C LEU C 540 -31.52 -27.87 -11.96
N LYS C 541 -30.92 -28.84 -12.65
CA LYS C 541 -30.64 -30.15 -12.05
C LYS C 541 -29.22 -30.20 -11.51
N PHE C 542 -29.09 -30.52 -10.23
CA PHE C 542 -27.79 -30.72 -9.61
C PHE C 542 -27.60 -32.22 -9.43
N ILE C 543 -26.42 -32.74 -9.82
CA ILE C 543 -26.23 -34.17 -9.62
C ILE C 543 -26.02 -34.53 -8.16
N ASN C 544 -25.57 -33.60 -7.33
CA ASN C 544 -25.61 -33.72 -5.88
C ASN C 544 -25.70 -32.30 -5.33
N PRO C 545 -26.09 -32.13 -4.07
CA PRO C 545 -26.37 -30.77 -3.57
C PRO C 545 -25.15 -29.99 -3.09
N PHE C 546 -23.93 -30.49 -3.28
CA PHE C 546 -22.75 -29.87 -2.69
C PHE C 546 -21.98 -29.07 -3.74
N GLY C 547 -21.59 -27.85 -3.38
CA GLY C 547 -20.92 -26.97 -4.32
C GLY C 547 -19.92 -26.08 -3.62
N LEU C 548 -18.98 -25.58 -4.42
CA LEU C 548 -17.98 -24.66 -3.90
C LEU C 548 -18.57 -23.27 -3.83
N ALA C 549 -18.43 -22.61 -2.68
CA ALA C 549 -18.84 -21.21 -2.60
C ALA C 549 -17.92 -20.33 -3.46
N SER C 550 -18.38 -19.12 -3.73
CA SER C 550 -17.51 -18.10 -4.34
C SER C 550 -16.50 -17.65 -3.32
N ALA C 551 -15.24 -18.09 -3.45
CA ALA C 551 -14.26 -17.89 -2.37
C ALA C 551 -12.90 -18.36 -2.84
N ALA C 552 -11.96 -18.44 -1.89
CA ALA C 552 -10.59 -18.85 -2.22
C ALA C 552 -10.49 -20.20 -2.93
N PRO C 553 -11.28 -21.22 -2.60
CA PRO C 553 -11.18 -22.48 -3.38
C PRO C 553 -11.62 -22.33 -4.82
N THR C 554 -12.28 -21.23 -5.21
CA THR C 554 -12.57 -20.97 -6.61
C THR C 554 -11.75 -19.78 -7.13
N THR C 555 -10.54 -19.60 -6.61
CA THR C 555 -9.65 -18.54 -7.06
C THR C 555 -9.38 -18.60 -8.56
N SER C 556 -9.24 -19.82 -9.12
CA SER C 556 -8.88 -20.06 -10.51
C SER C 556 -9.84 -21.10 -11.10
N SER C 557 -10.16 -20.96 -12.40
CA SER C 557 -11.06 -21.91 -13.03
C SER C 557 -10.42 -23.30 -13.16
N SER C 558 -9.08 -23.37 -13.22
CA SER C 558 -8.41 -24.65 -13.20
C SER C 558 -8.74 -25.44 -11.93
N MET C 559 -9.04 -24.75 -10.82
CA MET C 559 -9.37 -25.49 -9.61
C MET C 559 -10.81 -25.97 -9.60
N ILE C 560 -11.75 -25.20 -10.19
CA ILE C 560 -13.11 -25.70 -10.37
C ILE C 560 -13.10 -26.99 -11.18
N ARG C 561 -12.30 -27.03 -12.24
CA ARG C 561 -12.19 -28.23 -13.06
C ARG C 561 -11.81 -29.44 -12.22
N ARG C 562 -10.74 -29.32 -11.43
CA ARG C 562 -10.33 -30.45 -10.58
C ARG C 562 -11.40 -30.78 -9.55
N ALA C 563 -12.09 -29.77 -9.03
CA ALA C 563 -13.23 -30.01 -8.15
C ALA C 563 -14.32 -30.80 -8.87
N PHE C 564 -14.65 -30.45 -10.12
CA PHE C 564 -15.66 -31.24 -10.83
C PHE C 564 -15.18 -32.68 -11.07
N GLU C 565 -13.89 -32.85 -11.38
CA GLU C 565 -13.33 -34.19 -11.54
C GLU C 565 -13.31 -34.96 -10.23
N ALA C 566 -13.27 -34.27 -9.09
CA ALA C 566 -13.34 -34.99 -7.82
C ALA C 566 -14.76 -35.40 -7.47
N GLY C 567 -15.77 -34.69 -7.99
CA GLY C 567 -17.16 -35.05 -7.78
C GLY C 567 -18.09 -33.93 -7.33
N TRP C 568 -17.60 -32.70 -7.20
CA TRP C 568 -18.47 -31.63 -6.73
C TRP C 568 -19.63 -31.42 -7.71
N GLY C 569 -20.83 -31.21 -7.17
CA GLY C 569 -22.02 -31.04 -7.99
C GLY C 569 -22.11 -29.71 -8.71
N PHE C 570 -21.57 -28.64 -8.11
CA PHE C 570 -21.64 -27.34 -8.75
C PHE C 570 -20.53 -26.46 -8.21
N ALA C 571 -20.34 -25.30 -8.83
CA ALA C 571 -19.34 -24.39 -8.32
C ALA C 571 -19.70 -22.97 -8.69
N LEU C 572 -19.29 -22.05 -7.81
CA LEU C 572 -19.39 -20.63 -8.05
C LEU C 572 -18.07 -20.15 -8.60
N THR C 573 -18.10 -19.13 -9.45
CA THR C 573 -16.84 -18.47 -9.71
C THR C 573 -16.54 -17.54 -8.53
N LYS C 574 -15.26 -17.23 -8.33
CA LYS C 574 -14.95 -16.06 -7.51
C LYS C 574 -15.70 -14.86 -8.09
N THR C 575 -16.08 -13.93 -7.21
CA THR C 575 -16.81 -12.76 -7.70
C THR C 575 -15.92 -11.95 -8.62
N PHE C 576 -16.47 -11.58 -9.79
CA PHE C 576 -15.73 -10.79 -10.77
C PHE C 576 -16.59 -9.61 -11.22
N SER C 577 -15.92 -8.56 -11.71
CA SER C 577 -16.62 -7.33 -12.08
C SER C 577 -16.15 -6.88 -13.46
N LEU C 578 -16.64 -5.71 -13.88
CA LEU C 578 -16.17 -5.10 -15.12
C LEU C 578 -14.76 -4.55 -14.91
N ASP C 579 -14.05 -4.36 -16.02
CA ASP C 579 -12.65 -3.95 -15.97
C ASP C 579 -12.43 -2.69 -15.17
N LYS C 580 -13.32 -1.70 -15.29
CA LYS C 580 -13.13 -0.43 -14.59
C LYS C 580 -13.21 -0.60 -13.07
N ASP C 581 -13.72 -1.73 -12.62
CA ASP C 581 -13.99 -2.00 -11.22
C ASP C 581 -12.95 -2.94 -10.62
N ILE C 582 -11.90 -3.26 -11.38
CA ILE C 582 -10.91 -4.26 -10.97
C ILE C 582 -10.16 -3.84 -9.70
N VAL C 583 -9.72 -4.83 -8.94
CA VAL C 583 -9.16 -4.60 -7.61
C VAL C 583 -7.73 -5.11 -7.56
N THR C 584 -7.07 -4.83 -6.44
CA THR C 584 -5.74 -5.33 -6.12
C THR C 584 -5.75 -5.71 -4.64
N ASN C 585 -5.46 -6.97 -4.33
CA ASN C 585 -5.50 -7.51 -2.97
C ASN C 585 -4.29 -7.10 -2.15
N VAL C 586 -4.44 -7.13 -0.83
CA VAL C 586 -3.35 -6.91 0.07
C VAL C 586 -2.93 -8.26 0.65
N SER C 587 -1.79 -8.27 1.35
CA SER C 587 -1.39 -9.45 2.10
C SER C 587 -0.70 -9.01 3.39
N PRO C 588 -0.83 -9.78 4.49
CA PRO C 588 -1.66 -10.99 4.70
C PRO C 588 -3.17 -10.70 4.64
N ARG C 589 -4.00 -11.69 4.30
CA ARG C 589 -5.43 -11.40 4.24
C ARG C 589 -6.36 -12.53 4.66
N ILE C 590 -5.86 -13.73 4.95
CA ILE C 590 -6.71 -14.80 5.47
C ILE C 590 -6.01 -15.38 6.68
N VAL C 591 -6.65 -15.28 7.85
CA VAL C 591 -6.06 -15.74 9.10
C VAL C 591 -6.98 -16.77 9.74
N ARG C 592 -6.39 -17.62 10.57
CA ARG C 592 -7.15 -18.59 11.32
C ARG C 592 -7.96 -17.88 12.42
N GLY C 593 -9.10 -18.47 12.75
CA GLY C 593 -9.91 -17.95 13.84
C GLY C 593 -9.34 -18.28 15.21
N THR C 594 -9.61 -17.40 16.17
CA THR C 594 -9.28 -17.64 17.57
C THR C 594 -10.52 -18.04 18.37
N THR C 595 -11.57 -18.46 17.68
CA THR C 595 -12.90 -18.78 18.21
C THR C 595 -12.95 -20.07 19.00
N SER C 596 -11.89 -20.87 18.99
CA SER C 596 -11.89 -22.11 19.77
C SER C 596 -10.54 -22.32 20.45
N GLY C 597 -9.80 -21.24 20.69
CA GLY C 597 -8.57 -21.32 21.45
C GLY C 597 -7.33 -21.65 20.64
N PRO C 598 -6.19 -21.80 21.34
CA PRO C 598 -4.89 -22.08 20.68
C PRO C 598 -4.77 -23.54 20.25
N MET C 599 -5.73 -23.96 19.43
CA MET C 599 -5.76 -25.22 18.72
C MET C 599 -5.33 -24.98 17.27
N TYR C 600 -4.23 -25.60 16.85
CA TYR C 600 -3.65 -25.34 15.54
C TYR C 600 -3.72 -26.59 14.67
N GLY C 601 -3.69 -26.40 13.36
CA GLY C 601 -3.77 -27.52 12.46
C GLY C 601 -5.17 -27.79 11.97
N PRO C 602 -5.56 -29.06 11.87
CA PRO C 602 -6.83 -29.41 11.22
C PRO C 602 -8.04 -28.84 11.95
N GLY C 603 -9.11 -28.61 11.19
CA GLY C 603 -10.39 -28.25 11.78
C GLY C 603 -10.44 -26.90 12.47
N GLN C 604 -9.86 -25.88 11.86
CA GLN C 604 -10.01 -24.53 12.39
C GLN C 604 -11.50 -24.19 12.47
N SER C 605 -11.92 -23.59 13.58
CA SER C 605 -13.32 -23.29 13.82
C SER C 605 -13.79 -22.02 13.13
N SER C 606 -12.87 -21.22 12.60
CA SER C 606 -13.26 -20.13 11.70
C SER C 606 -12.03 -19.66 10.94
N PHE C 607 -12.29 -18.82 9.94
CA PHE C 607 -11.29 -17.95 9.34
C PHE C 607 -11.85 -16.53 9.31
N LEU C 608 -10.95 -15.55 9.23
CA LEU C 608 -11.31 -14.18 8.91
C LEU C 608 -10.55 -13.76 7.66
N ASN C 609 -11.23 -13.09 6.72
CA ASN C 609 -10.53 -12.66 5.52
C ASN C 609 -10.82 -11.20 5.23
N ILE C 610 -9.80 -10.51 4.72
CA ILE C 610 -9.95 -9.15 4.18
C ILE C 610 -9.67 -9.19 2.68
N GLU C 611 -10.13 -10.23 2.02
CA GLU C 611 -9.98 -10.35 0.56
C GLU C 611 -11.12 -9.67 -0.17
N LEU C 612 -10.81 -9.19 -1.38
CA LEU C 612 -11.75 -8.52 -2.26
C LEU C 612 -12.26 -9.51 -3.30
N ILE C 613 -12.87 -8.99 -4.37
CA ILE C 613 -13.28 -9.78 -5.52
C ILE C 613 -12.06 -10.31 -6.24
N SER C 614 -12.29 -11.12 -7.27
CA SER C 614 -11.21 -11.70 -8.06
C SER C 614 -10.31 -10.63 -8.66
N GLU C 615 -9.00 -10.85 -8.56
CA GLU C 615 -8.08 -10.04 -9.34
C GLU C 615 -8.08 -10.43 -10.81
N LYS C 616 -8.82 -11.47 -11.21
CA LYS C 616 -8.86 -11.90 -12.60
C LYS C 616 -10.03 -11.25 -13.33
N THR C 617 -9.83 -10.98 -14.62
CA THR C 617 -10.77 -10.15 -15.37
C THR C 617 -12.05 -10.89 -15.73
N ALA C 618 -13.07 -10.10 -16.05
CA ALA C 618 -14.32 -10.65 -16.58
C ALA C 618 -14.08 -11.53 -17.80
N ALA C 619 -13.06 -11.22 -18.60
CA ALA C 619 -12.85 -12.00 -19.82
C ALA C 619 -12.28 -13.38 -19.53
N TYR C 620 -11.34 -13.47 -18.61
CA TYR C 620 -10.86 -14.77 -18.13
C TYR C 620 -12.01 -15.61 -17.60
N TRP C 621 -12.84 -15.01 -16.72
CA TRP C 621 -13.94 -15.77 -16.12
C TRP C 621 -15.01 -16.18 -17.14
N CYS C 622 -15.44 -15.27 -18.02
CA CYS C 622 -16.39 -15.72 -19.05
C CYS C 622 -15.80 -16.79 -19.95
N GLN C 623 -14.57 -16.58 -20.44
CA GLN C 623 -13.97 -17.65 -21.24
C GLN C 623 -13.93 -18.95 -20.46
N SER C 624 -13.53 -18.87 -19.18
CA SER C 624 -13.44 -20.05 -18.34
C SER C 624 -14.80 -20.72 -18.19
N VAL C 625 -15.86 -19.94 -18.00
CA VAL C 625 -17.18 -20.53 -17.84
C VAL C 625 -17.55 -21.34 -19.08
N THR C 626 -17.31 -20.77 -20.27
CA THR C 626 -17.56 -21.49 -21.52
C THR C 626 -16.80 -22.80 -21.57
N GLU C 627 -15.50 -22.78 -21.20
CA GLU C 627 -14.70 -24.00 -21.19
C GLU C 627 -15.26 -25.04 -20.23
N LEU C 628 -15.61 -24.60 -19.01
CA LEU C 628 -16.10 -25.54 -17.99
C LEU C 628 -17.43 -26.17 -18.40
N LYS C 629 -18.33 -25.38 -18.97
CA LYS C 629 -19.61 -25.92 -19.38
C LYS C 629 -19.46 -26.84 -20.59
N ALA C 630 -18.50 -26.58 -21.46
CA ALA C 630 -18.28 -27.51 -22.56
C ALA C 630 -17.82 -28.86 -22.04
N ASP C 631 -16.91 -28.87 -21.08
CA ASP C 631 -16.32 -30.12 -20.63
C ASP C 631 -17.09 -30.80 -19.50
N PHE C 632 -17.96 -30.06 -18.80
CA PHE C 632 -18.72 -30.59 -17.66
C PHE C 632 -20.16 -30.11 -17.78
N PRO C 633 -20.88 -30.59 -18.81
CA PRO C 633 -22.24 -30.09 -19.05
C PRO C 633 -23.21 -30.43 -17.94
N ASP C 634 -22.95 -31.49 -17.17
CA ASP C 634 -23.87 -31.87 -16.10
C ASP C 634 -23.52 -31.25 -14.76
N ASN C 635 -22.40 -30.54 -14.66
CA ASN C 635 -22.04 -29.78 -13.46
C ASN C 635 -22.51 -28.35 -13.61
N ILE C 636 -23.10 -27.81 -12.55
CA ILE C 636 -23.71 -26.48 -12.60
C ILE C 636 -22.64 -25.45 -12.32
N VAL C 637 -22.57 -24.40 -13.15
CA VAL C 637 -21.62 -23.31 -12.97
C VAL C 637 -22.42 -22.04 -12.77
N ILE C 638 -22.15 -21.35 -11.65
CA ILE C 638 -22.85 -20.13 -11.32
C ILE C 638 -21.83 -19.00 -11.34
N ALA C 639 -22.08 -17.97 -12.15
CA ALA C 639 -21.16 -16.84 -12.24
C ALA C 639 -21.50 -15.83 -11.16
N SER C 640 -20.54 -15.57 -10.28
CA SER C 640 -20.75 -14.60 -9.20
C SER C 640 -20.27 -13.24 -9.68
N ILE C 641 -21.14 -12.22 -9.64
CA ILE C 641 -20.78 -10.93 -10.21
C ILE C 641 -21.11 -9.79 -9.25
N MET C 642 -20.43 -8.65 -9.46
CA MET C 642 -20.52 -7.46 -8.61
C MET C 642 -20.38 -6.21 -9.46
N CYS C 643 -21.31 -5.28 -9.32
CA CYS C 643 -21.19 -3.91 -9.83
C CYS C 643 -21.54 -2.93 -8.72
N SER C 644 -21.29 -1.65 -8.97
CA SER C 644 -21.80 -0.60 -8.09
C SER C 644 -23.26 -0.33 -8.43
N TYR C 645 -23.87 0.64 -7.76
CA TYR C 645 -25.30 0.88 -7.91
C TYR C 645 -25.54 1.61 -9.24
N ASN C 646 -25.32 0.87 -10.32
CA ASN C 646 -25.36 1.42 -11.67
C ASN C 646 -26.11 0.44 -12.56
N LYS C 647 -27.24 0.88 -13.09
CA LYS C 647 -28.11 -0.01 -13.87
C LYS C 647 -27.39 -0.56 -15.09
N ASN C 648 -26.71 0.31 -15.85
CA ASN C 648 -26.06 -0.13 -17.09
C ASN C 648 -24.98 -1.17 -16.80
N ASP C 649 -24.21 -0.97 -15.73
CA ASP C 649 -23.14 -1.91 -15.38
C ASP C 649 -23.70 -3.30 -15.08
N TRP C 650 -24.72 -3.38 -14.21
CA TRP C 650 -25.28 -4.68 -13.86
C TRP C 650 -25.86 -5.38 -15.10
N MET C 651 -26.57 -4.65 -15.96
CA MET C 651 -27.15 -5.28 -17.15
C MET C 651 -26.06 -5.79 -18.08
N GLU C 652 -25.04 -4.95 -18.36
CA GLU C 652 -23.89 -5.36 -19.16
C GLU C 652 -23.21 -6.61 -18.61
N LEU C 653 -22.88 -6.61 -17.33
CA LEU C 653 -22.04 -7.70 -16.82
C LEU C 653 -22.83 -8.99 -16.73
N SER C 654 -24.09 -8.92 -16.34
CA SER C 654 -24.91 -10.12 -16.24
C SER C 654 -25.16 -10.72 -17.62
N ARG C 655 -25.40 -9.87 -18.64
CA ARG C 655 -25.57 -10.36 -20.01
C ARG C 655 -24.29 -11.01 -20.52
N LYS C 656 -23.14 -10.47 -20.12
CA LYS C 656 -21.88 -11.08 -20.55
C LYS C 656 -21.67 -12.44 -19.88
N ALA C 657 -22.06 -12.60 -18.61
CA ALA C 657 -21.89 -13.92 -17.97
C ALA C 657 -22.89 -14.93 -18.52
N GLU C 658 -24.13 -14.49 -18.75
CA GLU C 658 -25.14 -15.36 -19.38
C GLU C 658 -24.66 -15.86 -20.75
N ALA C 659 -24.17 -14.94 -21.58
CA ALA C 659 -23.74 -15.32 -22.93
C ALA C 659 -22.59 -16.30 -22.88
N SER C 660 -21.74 -16.24 -21.86
CA SER C 660 -20.64 -17.19 -21.69
C SER C 660 -21.11 -18.62 -21.42
N GLY C 661 -22.37 -18.80 -21.05
CA GLY C 661 -22.90 -20.11 -20.77
C GLY C 661 -23.18 -20.42 -19.31
N ALA C 662 -23.12 -19.43 -18.42
CA ALA C 662 -23.40 -19.69 -17.01
C ALA C 662 -24.79 -20.31 -16.84
N ASP C 663 -24.89 -21.31 -15.95
CA ASP C 663 -26.21 -21.92 -15.68
C ASP C 663 -27.10 -20.94 -14.95
N ALA C 664 -26.50 -20.05 -14.17
CA ALA C 664 -27.21 -19.09 -13.34
C ALA C 664 -26.19 -18.05 -12.92
N LEU C 665 -26.67 -16.96 -12.33
CA LEU C 665 -25.81 -15.94 -11.74
C LEU C 665 -26.03 -15.86 -10.23
N GLU C 666 -25.01 -15.40 -9.52
CA GLU C 666 -25.14 -14.99 -8.14
C GLU C 666 -24.69 -13.54 -8.00
N LEU C 667 -25.53 -12.71 -7.40
CA LEU C 667 -25.26 -11.29 -7.26
C LEU C 667 -24.65 -11.07 -5.89
N ASN C 668 -23.38 -10.65 -5.87
CA ASN C 668 -22.71 -10.36 -4.59
C ASN C 668 -23.20 -9.01 -4.11
N LEU C 669 -24.16 -9.01 -3.20
CA LEU C 669 -24.60 -7.82 -2.48
C LEU C 669 -24.14 -7.85 -1.04
N SER C 670 -23.02 -8.53 -0.76
CA SER C 670 -22.73 -8.88 0.62
C SER C 670 -21.27 -8.90 1.02
N CYS C 671 -20.33 -8.45 0.19
CA CYS C 671 -18.93 -8.25 0.62
C CYS C 671 -18.86 -7.34 1.84
N PRO C 672 -18.39 -7.81 2.99
CA PRO C 672 -18.40 -6.97 4.20
C PRO C 672 -17.20 -6.03 4.39
N HIS C 673 -16.35 -5.85 3.38
CA HIS C 673 -15.17 -5.01 3.53
C HIS C 673 -14.63 -4.65 2.16
N GLY C 674 -13.82 -3.59 2.13
CA GLY C 674 -13.17 -3.18 0.90
C GLY C 674 -14.10 -2.66 -0.18
N MET C 675 -14.84 -3.56 -0.84
CA MET C 675 -15.73 -3.19 -1.94
C MET C 675 -16.71 -2.09 -1.56
N GLY C 676 -16.96 -1.90 -0.25
CA GLY C 676 -17.88 -0.90 0.28
C GLY C 676 -17.88 0.51 -0.31
N GLU C 677 -16.82 0.90 -1.01
CA GLU C 677 -16.84 2.17 -1.72
C GLU C 677 -17.75 2.08 -2.95
N ARG C 678 -17.22 2.43 -4.11
CA ARG C 678 -18.06 2.56 -5.29
C ARG C 678 -17.26 2.24 -6.54
N GLY C 679 -15.95 2.07 -6.37
CA GLY C 679 -15.18 1.29 -7.31
C GLY C 679 -15.68 -0.13 -7.11
N MET C 680 -16.49 -0.61 -8.06
CA MET C 680 -16.88 -2.02 -8.18
C MET C 680 -18.03 -2.49 -7.32
N GLY C 681 -18.31 -1.86 -6.18
CA GLY C 681 -19.37 -2.42 -5.38
C GLY C 681 -19.97 -1.67 -4.21
N LEU C 682 -20.00 -2.39 -3.08
CA LEU C 682 -21.14 -2.46 -2.16
C LEU C 682 -21.42 -1.45 -1.05
N ALA C 683 -22.29 -1.95 -0.14
CA ALA C 683 -23.11 -1.33 0.90
C ALA C 683 -24.56 -1.67 0.54
N CYS C 684 -24.79 -1.95 -0.74
CA CYS C 684 -26.14 -2.15 -1.27
C CYS C 684 -26.90 -3.27 -0.59
N GLY C 685 -26.22 -4.28 -0.07
CA GLY C 685 -26.99 -5.40 0.43
C GLY C 685 -27.66 -5.22 1.77
N GLN C 686 -27.52 -4.05 2.38
CA GLN C 686 -28.17 -3.79 3.66
C GLN C 686 -29.45 -2.98 3.50
N ASP C 687 -29.79 -2.59 2.27
CA ASP C 687 -30.96 -1.76 2.01
C ASP C 687 -31.91 -2.53 1.08
N PRO C 688 -33.14 -2.81 1.51
CA PRO C 688 -34.09 -3.52 0.65
C PRO C 688 -34.37 -2.81 -0.66
N GLU C 689 -34.38 -1.47 -0.68
CA GLU C 689 -34.68 -0.76 -1.91
C GLU C 689 -33.57 -0.93 -2.93
N LEU C 690 -32.32 -0.90 -2.47
CA LEU C 690 -31.20 -1.14 -3.37
C LEU C 690 -31.20 -2.58 -3.88
N VAL C 691 -31.48 -3.54 -3.01
CA VAL C 691 -31.49 -4.95 -3.40
C VAL C 691 -32.57 -5.22 -4.43
N ARG C 692 -33.76 -4.64 -4.22
CA ARG C 692 -34.86 -4.83 -5.16
C ARG C 692 -34.55 -4.24 -6.53
N ASN C 693 -33.91 -3.06 -6.54
CA ASN C 693 -33.62 -2.41 -7.81
C ASN C 693 -32.59 -3.18 -8.62
N ILE C 694 -31.49 -3.60 -7.96
CA ILE C 694 -30.46 -4.34 -8.68
C ILE C 694 -31.05 -5.63 -9.24
N CYS C 695 -31.88 -6.31 -8.44
CA CYS C 695 -32.50 -7.55 -8.91
C CYS C 695 -33.39 -7.31 -10.14
N ARG C 696 -34.19 -6.25 -10.13
CA ARG C 696 -34.99 -5.96 -11.33
C ARG C 696 -34.12 -5.68 -12.55
N TRP C 697 -33.03 -4.92 -12.38
CA TRP C 697 -32.14 -4.64 -13.51
C TRP C 697 -31.64 -5.93 -14.14
N VAL C 698 -31.10 -6.82 -13.32
CA VAL C 698 -30.56 -8.08 -13.82
C VAL C 698 -31.68 -8.91 -14.45
N ARG C 699 -32.86 -8.93 -13.80
CA ARG C 699 -33.97 -9.74 -14.28
C ARG C 699 -34.38 -9.32 -15.70
N GLN C 700 -34.32 -8.02 -15.99
CA GLN C 700 -34.63 -7.58 -17.34
C GLN C 700 -33.51 -7.82 -18.32
N ALA C 701 -32.30 -8.08 -17.82
CA ALA C 701 -31.17 -8.23 -18.71
C ALA C 701 -30.94 -9.67 -19.14
N VAL C 702 -31.35 -10.66 -18.34
CA VAL C 702 -31.00 -12.04 -18.61
C VAL C 702 -32.22 -12.96 -18.43
N GLN C 703 -32.21 -14.07 -19.18
CA GLN C 703 -33.25 -15.09 -19.08
C GLN C 703 -32.91 -16.20 -18.09
N ILE C 704 -31.66 -16.33 -17.67
CA ILE C 704 -31.25 -17.46 -16.84
C ILE C 704 -31.59 -17.19 -15.38
N PRO C 705 -31.64 -18.21 -14.51
CA PRO C 705 -31.95 -17.96 -13.10
C PRO C 705 -30.86 -17.12 -12.44
N PHE C 706 -31.25 -16.33 -11.44
CA PHE C 706 -30.22 -15.66 -10.66
C PHE C 706 -30.62 -15.58 -9.19
N PHE C 707 -29.61 -15.53 -8.32
CA PHE C 707 -29.78 -15.54 -6.88
C PHE C 707 -29.03 -14.36 -6.28
N ALA C 708 -29.61 -13.75 -5.25
CA ALA C 708 -28.96 -12.67 -4.54
C ALA C 708 -28.27 -13.24 -3.30
N LYS C 709 -26.98 -12.99 -3.17
CA LYS C 709 -26.24 -13.42 -1.98
C LYS C 709 -26.37 -12.37 -0.87
N LEU C 710 -26.99 -12.76 0.23
CA LEU C 710 -27.33 -11.85 1.30
C LEU C 710 -26.24 -11.84 2.37
N THR C 711 -26.10 -10.69 3.03
CA THR C 711 -25.23 -10.50 4.17
C THR C 711 -25.98 -10.88 5.46
N PRO C 712 -25.29 -11.48 6.43
CA PRO C 712 -25.91 -11.67 7.75
C PRO C 712 -25.81 -10.43 8.62
N ASN C 713 -25.10 -9.40 8.15
CA ASN C 713 -24.89 -8.17 8.91
C ASN C 713 -26.01 -7.17 8.64
N VAL C 714 -27.24 -7.60 8.95
CA VAL C 714 -28.41 -6.74 8.87
C VAL C 714 -29.32 -7.01 10.06
N THR C 715 -30.11 -6.00 10.42
CA THR C 715 -31.13 -6.22 11.45
C THR C 715 -32.10 -7.32 11.03
N ASP C 716 -32.50 -7.33 9.74
CA ASP C 716 -33.69 -8.07 9.29
C ASP C 716 -33.45 -8.74 7.92
N ILE C 717 -32.76 -9.90 7.93
CA ILE C 717 -32.40 -10.53 6.66
C ILE C 717 -33.64 -10.95 5.86
N VAL C 718 -34.77 -11.17 6.53
CA VAL C 718 -35.98 -11.52 5.81
C VAL C 718 -36.38 -10.39 4.85
N SER C 719 -36.20 -9.15 5.27
CA SER C 719 -36.63 -8.04 4.42
C SER C 719 -35.75 -7.91 3.18
N ILE C 720 -34.45 -8.24 3.28
CA ILE C 720 -33.65 -8.18 2.07
C ILE C 720 -33.91 -9.40 1.19
N ALA C 721 -34.24 -10.55 1.77
CA ALA C 721 -34.62 -11.69 0.93
C ALA C 721 -35.94 -11.43 0.22
N ARG C 722 -36.94 -10.90 0.93
CA ARG C 722 -38.20 -10.52 0.31
C ARG C 722 -37.99 -9.51 -0.81
N ALA C 723 -37.13 -8.52 -0.59
CA ALA C 723 -36.84 -7.52 -1.62
C ALA C 723 -36.24 -8.15 -2.87
N ALA C 724 -35.32 -9.10 -2.70
CA ALA C 724 -34.74 -9.79 -3.85
C ALA C 724 -35.82 -10.53 -4.63
N LYS C 725 -36.71 -11.23 -3.91
CA LYS C 725 -37.81 -11.92 -4.57
C LYS C 725 -38.73 -10.94 -5.32
N GLU C 726 -39.05 -9.81 -4.70
CA GLU C 726 -39.90 -8.80 -5.33
C GLU C 726 -39.24 -8.23 -6.58
N GLY C 727 -37.91 -8.16 -6.59
CA GLY C 727 -37.18 -7.68 -7.74
C GLY C 727 -37.02 -8.68 -8.85
N GLY C 728 -37.36 -9.94 -8.61
CA GLY C 728 -37.31 -10.96 -9.63
C GLY C 728 -36.23 -12.02 -9.48
N ALA C 729 -35.54 -12.07 -8.34
CA ALA C 729 -34.56 -13.13 -8.11
C ALA C 729 -35.24 -14.49 -8.05
N ASP C 730 -34.52 -15.52 -8.49
CA ASP C 730 -35.06 -16.87 -8.44
C ASP C 730 -34.74 -17.59 -7.14
N GLY C 731 -33.93 -16.99 -6.29
CA GLY C 731 -33.63 -17.56 -4.99
C GLY C 731 -32.64 -16.65 -4.31
N VAL C 732 -32.23 -17.04 -3.10
CA VAL C 732 -31.20 -16.29 -2.40
C VAL C 732 -30.14 -17.23 -1.87
N THR C 733 -28.91 -16.73 -1.78
CA THR C 733 -27.83 -17.44 -1.11
C THR C 733 -27.65 -16.86 0.29
N ALA C 734 -27.76 -17.71 1.30
CA ALA C 734 -27.69 -17.31 2.72
C ALA C 734 -26.65 -18.18 3.42
N THR C 735 -25.55 -17.58 3.89
CA THR C 735 -25.25 -16.15 3.81
C THR C 735 -23.76 -15.95 3.53
N ASN C 736 -23.39 -14.69 3.33
CA ASN C 736 -21.98 -14.31 3.21
C ASN C 736 -21.36 -14.27 4.61
N THR C 737 -20.12 -13.81 4.71
CA THR C 737 -19.40 -13.85 5.99
C THR C 737 -19.92 -12.79 6.97
N VAL C 738 -19.56 -12.99 8.23
CA VAL C 738 -19.96 -12.12 9.33
C VAL C 738 -18.85 -11.11 9.59
N SER C 739 -19.22 -9.84 9.74
CA SER C 739 -18.25 -8.79 9.96
C SER C 739 -17.65 -8.90 11.37
N GLY C 740 -16.33 -8.79 11.46
CA GLY C 740 -15.65 -9.09 12.70
C GLY C 740 -14.21 -8.62 12.70
N LEU C 741 -13.62 -8.67 13.89
CA LEU C 741 -12.20 -8.40 14.10
C LEU C 741 -11.67 -9.56 14.93
N MET C 742 -10.69 -10.30 14.38
CA MET C 742 -10.46 -11.64 14.92
C MET C 742 -9.63 -11.59 16.21
N GLY C 743 -8.70 -10.65 16.35
CA GLY C 743 -8.01 -10.50 17.61
C GLY C 743 -6.83 -9.57 17.49
N LEU C 744 -6.22 -9.32 18.66
CA LEU C 744 -5.02 -8.49 18.72
C LEU C 744 -3.94 -9.29 19.44
N LYS C 745 -2.68 -8.99 19.10
CA LYS C 745 -1.55 -9.47 19.90
C LYS C 745 -1.51 -8.71 21.21
N ALA C 746 -0.75 -9.23 22.17
CA ALA C 746 -0.65 -8.55 23.46
C ALA C 746 -0.11 -7.13 23.34
N ASP C 747 0.61 -6.80 22.27
CA ASP C 747 1.09 -5.43 22.15
C ASP C 747 0.05 -4.50 21.51
N GLY C 748 -1.16 -4.99 21.25
CA GLY C 748 -2.19 -4.17 20.66
C GLY C 748 -2.29 -4.22 19.14
N THR C 749 -1.30 -4.79 18.44
CA THR C 749 -1.38 -4.80 16.98
C THR C 749 -2.31 -5.91 16.48
N PRO C 750 -2.95 -5.72 15.33
CA PRO C 750 -3.94 -6.70 14.85
C PRO C 750 -3.32 -7.88 14.09
N TRP C 751 -4.18 -8.88 13.81
CA TRP C 751 -3.87 -9.96 12.88
C TRP C 751 -5.09 -10.31 12.05
N PRO C 752 -5.07 -10.13 10.71
CA PRO C 752 -3.94 -9.75 9.85
C PRO C 752 -3.43 -8.33 10.11
N ALA C 753 -2.12 -8.09 9.97
CA ALA C 753 -1.53 -6.76 10.03
C ALA C 753 -0.82 -6.51 8.72
N VAL C 754 -1.12 -5.39 8.07
CA VAL C 754 -0.61 -5.10 6.74
C VAL C 754 0.40 -3.98 6.83
N GLY C 755 1.61 -4.23 6.33
CA GLY C 755 2.63 -3.20 6.23
C GLY C 755 3.39 -2.94 7.51
N ALA C 756 4.38 -2.05 7.38
CA ALA C 756 5.17 -1.63 8.54
C ALA C 756 4.29 -1.00 9.60
N GLY C 757 3.19 -0.36 9.20
CA GLY C 757 2.25 0.27 10.12
C GLY C 757 1.37 -0.69 10.91
N LYS C 758 1.38 -2.00 10.56
CA LYS C 758 0.59 -3.01 11.28
C LYS C 758 -0.91 -2.71 11.23
N ARG C 759 -1.40 -2.35 10.04
CA ARG C 759 -2.78 -1.89 9.90
C ARG C 759 -3.72 -3.04 9.55
N THR C 760 -4.99 -2.86 9.89
CA THR C 760 -6.00 -3.84 9.48
C THR C 760 -7.32 -3.10 9.23
N THR C 761 -8.29 -3.85 8.73
CA THR C 761 -9.65 -3.37 8.60
C THR C 761 -10.55 -4.52 8.99
N TYR C 762 -11.84 -4.21 9.20
CA TYR C 762 -12.78 -5.26 9.56
C TYR C 762 -12.86 -6.30 8.44
N GLY C 763 -12.83 -7.58 8.84
CA GLY C 763 -12.88 -8.69 7.91
C GLY C 763 -14.17 -9.48 8.02
N GLY C 764 -14.26 -10.53 7.20
CA GLY C 764 -15.40 -11.43 7.22
C GLY C 764 -15.03 -12.73 7.91
N VAL C 765 -15.86 -13.13 8.88
CA VAL C 765 -15.69 -14.41 9.58
C VAL C 765 -16.48 -15.49 8.85
N SER C 766 -15.83 -16.65 8.65
CA SER C 766 -16.37 -17.80 7.93
C SER C 766 -16.17 -19.07 8.76
N GLY C 767 -16.78 -20.18 8.36
CA GLY C 767 -16.53 -21.47 9.03
C GLY C 767 -17.58 -21.84 10.08
N THR C 768 -17.21 -22.80 10.94
CA THR C 768 -18.23 -23.41 11.78
C THR C 768 -18.66 -22.47 12.90
N ALA C 769 -17.84 -21.48 13.24
CA ALA C 769 -18.22 -20.53 14.29
C ALA C 769 -19.44 -19.71 13.92
N ILE C 770 -19.71 -19.50 12.63
CA ILE C 770 -20.85 -18.71 12.17
C ILE C 770 -22.01 -19.58 11.69
N ARG C 771 -21.90 -20.90 11.84
CA ARG C 771 -23.02 -21.76 11.45
C ARG C 771 -24.33 -21.46 12.19
N PRO C 772 -24.35 -21.15 13.49
CA PRO C 772 -25.62 -20.74 14.12
C PRO C 772 -26.23 -19.51 13.50
N ILE C 773 -25.40 -18.58 13.02
CA ILE C 773 -25.93 -17.39 12.38
C ILE C 773 -26.50 -17.73 11.01
N ALA C 774 -25.79 -18.56 10.25
CA ALA C 774 -26.27 -18.96 8.93
C ALA C 774 -27.53 -19.81 9.03
N LEU C 775 -27.54 -20.81 9.95
CA LEU C 775 -28.73 -21.65 10.15
C LEU C 775 -29.94 -20.80 10.50
N ARG C 776 -29.74 -19.86 11.42
CA ARG C 776 -30.83 -18.97 11.77
C ARG C 776 -31.36 -18.23 10.55
N ALA C 777 -30.46 -17.73 9.71
CA ALA C 777 -30.91 -16.93 8.58
C ALA C 777 -31.68 -17.78 7.58
N VAL C 778 -31.16 -18.98 7.28
CA VAL C 778 -31.82 -19.85 6.31
C VAL C 778 -33.21 -20.25 6.81
N THR C 779 -33.35 -20.51 8.12
CA THR C 779 -34.64 -20.95 8.62
C THR C 779 -35.65 -19.80 8.69
N THR C 780 -35.23 -18.59 9.08
CA THR C 780 -36.20 -17.48 9.11
C THR C 780 -36.68 -17.16 7.70
N ILE C 781 -35.78 -17.19 6.71
CA ILE C 781 -36.18 -16.97 5.32
C ILE C 781 -37.11 -18.08 4.83
N ALA C 782 -36.77 -19.34 5.12
CA ALA C 782 -37.59 -20.45 4.65
C ALA C 782 -38.98 -20.40 5.26
N ARG C 783 -39.09 -19.97 6.52
CA ARG C 783 -40.40 -19.83 7.17
C ARG C 783 -41.19 -18.66 6.60
N ALA C 784 -40.53 -17.53 6.32
CA ALA C 784 -41.24 -16.34 5.87
C ALA C 784 -41.60 -16.38 4.38
N LEU C 785 -40.82 -17.08 3.57
CA LEU C 785 -41.03 -17.12 2.12
C LEU C 785 -41.10 -18.59 1.70
N PRO C 786 -42.16 -19.29 2.07
CA PRO C 786 -42.18 -20.76 1.88
C PRO C 786 -42.03 -21.13 0.41
N GLY C 787 -41.07 -22.03 0.14
CA GLY C 787 -40.85 -22.49 -1.21
C GLY C 787 -39.79 -21.73 -1.99
N PHE C 788 -39.38 -20.56 -1.51
CA PHE C 788 -38.37 -19.78 -2.23
C PHE C 788 -37.01 -20.48 -2.13
N PRO C 789 -36.35 -20.74 -3.26
CA PRO C 789 -35.10 -21.52 -3.20
C PRO C 789 -34.01 -20.81 -2.42
N ILE C 790 -33.31 -21.59 -1.58
CA ILE C 790 -32.25 -21.06 -0.73
C ILE C 790 -31.00 -21.88 -0.98
N LEU C 791 -29.89 -21.19 -1.31
CA LEU C 791 -28.56 -21.79 -1.36
C LEU C 791 -27.88 -21.46 -0.03
N ALA C 792 -27.57 -22.48 0.76
CA ALA C 792 -27.02 -22.25 2.09
C ALA C 792 -25.50 -22.21 2.07
N THR C 793 -24.91 -21.31 2.87
CA THR C 793 -23.45 -21.30 3.08
C THR C 793 -23.22 -20.79 4.50
N GLY C 794 -22.24 -21.37 5.17
CA GLY C 794 -21.91 -20.91 6.50
C GLY C 794 -21.64 -22.09 7.39
N GLY C 795 -20.41 -22.58 7.35
CA GLY C 795 -19.98 -23.63 8.27
C GLY C 795 -20.38 -25.04 7.91
N ILE C 796 -20.75 -25.29 6.66
CA ILE C 796 -21.09 -26.65 6.24
C ILE C 796 -19.80 -27.43 6.03
N ASP C 797 -19.65 -28.55 6.76
CA ASP C 797 -18.40 -29.29 6.69
C ASP C 797 -18.56 -30.81 6.75
N SER C 798 -19.73 -31.33 6.41
CA SER C 798 -20.05 -32.73 6.61
C SER C 798 -21.42 -32.98 6.02
N ALA C 799 -21.66 -34.24 5.66
CA ALA C 799 -23.00 -34.64 5.24
C ALA C 799 -24.04 -34.28 6.31
N GLU C 800 -23.76 -34.58 7.59
CA GLU C 800 -24.81 -34.33 8.58
C GLU C 800 -25.06 -32.84 8.77
N SER C 801 -24.02 -31.99 8.70
CA SER C 801 -24.31 -30.56 8.84
C SER C 801 -25.04 -30.03 7.63
N GLY C 802 -24.67 -30.49 6.42
CA GLY C 802 -25.42 -30.16 5.23
C GLY C 802 -26.89 -30.56 5.34
N LEU C 803 -27.16 -31.74 5.89
CA LEU C 803 -28.57 -32.15 6.06
C LEU C 803 -29.30 -31.25 7.05
N GLN C 804 -28.62 -30.74 8.08
CA GLN C 804 -29.22 -29.70 8.92
C GLN C 804 -29.73 -28.52 8.10
N PHE C 805 -28.92 -28.04 7.14
CA PHE C 805 -29.36 -26.92 6.31
C PHE C 805 -30.47 -27.33 5.34
N LEU C 806 -30.48 -28.58 4.87
CA LEU C 806 -31.56 -29.03 3.99
C LEU C 806 -32.87 -29.09 4.75
N HIS C 807 -32.86 -29.74 5.92
CA HIS C 807 -34.01 -29.76 6.83
C HIS C 807 -34.51 -28.35 7.14
N SER C 808 -33.60 -27.37 7.12
CA SER C 808 -33.92 -25.99 7.47
C SER C 808 -34.44 -25.16 6.30
N GLY C 809 -34.55 -25.72 5.10
CA GLY C 809 -35.12 -25.00 3.96
C GLY C 809 -34.20 -24.81 2.77
N ALA C 810 -32.90 -25.04 2.91
CA ALA C 810 -31.99 -24.95 1.78
C ALA C 810 -32.19 -26.13 0.82
N SER C 811 -31.97 -25.86 -0.48
CA SER C 811 -31.95 -26.92 -1.49
C SER C 811 -30.55 -27.38 -1.85
N VAL C 812 -29.57 -26.48 -1.83
CA VAL C 812 -28.18 -26.83 -2.12
C VAL C 812 -27.26 -26.14 -1.10
N LEU C 813 -26.02 -26.63 -1.06
CA LEU C 813 -25.12 -26.41 0.06
C LEU C 813 -23.76 -25.96 -0.48
N GLN C 814 -23.39 -24.72 -0.20
CA GLN C 814 -22.11 -24.18 -0.64
C GLN C 814 -21.06 -24.31 0.46
N VAL C 815 -19.82 -24.63 0.09
CA VAL C 815 -18.76 -24.89 1.05
C VAL C 815 -17.53 -24.05 0.69
N CYS C 816 -16.88 -23.48 1.72
CA CYS C 816 -15.56 -22.87 1.54
C CYS C 816 -14.60 -23.31 2.63
N SER C 817 -14.91 -22.95 3.88
CA SER C 817 -13.92 -23.11 4.96
C SER C 817 -13.52 -24.56 5.14
N ALA C 818 -14.45 -25.50 4.94
CA ALA C 818 -14.13 -26.93 5.05
C ALA C 818 -13.07 -27.35 4.04
N VAL C 819 -13.06 -26.72 2.86
CA VAL C 819 -12.05 -27.08 1.88
C VAL C 819 -10.71 -26.42 2.21
N GLN C 820 -10.74 -25.16 2.70
CA GLN C 820 -9.52 -24.53 3.18
C GLN C 820 -8.87 -25.31 4.32
N ASN C 821 -9.69 -25.98 5.16
CA ASN C 821 -9.19 -26.85 6.21
C ASN C 821 -8.68 -28.18 5.68
N GLN C 822 -8.91 -28.50 4.40
CA GLN C 822 -8.59 -29.82 3.86
C GLN C 822 -8.26 -29.73 2.38
N ASP C 823 -9.16 -30.22 1.51
CA ASP C 823 -8.85 -30.30 0.09
C ASP C 823 -10.14 -30.75 -0.59
N PHE C 824 -10.13 -30.73 -1.93
CA PHE C 824 -11.36 -31.03 -2.68
C PHE C 824 -11.92 -32.42 -2.44
N THR C 825 -11.11 -33.39 -2.00
CA THR C 825 -11.65 -34.74 -1.91
C THR C 825 -12.65 -34.93 -0.77
N VAL C 826 -12.92 -33.92 0.07
CA VAL C 826 -13.99 -34.08 1.05
C VAL C 826 -15.34 -34.38 0.38
N ILE C 827 -15.49 -34.04 -0.91
CA ILE C 827 -16.77 -34.25 -1.57
C ILE C 827 -17.19 -35.72 -1.49
N GLN C 828 -16.23 -36.64 -1.61
CA GLN C 828 -16.57 -38.05 -1.59
C GLN C 828 -17.06 -38.46 -0.20
N ASP C 829 -16.54 -37.82 0.84
CA ASP C 829 -17.12 -38.00 2.16
C ASP C 829 -18.54 -37.46 2.21
N TYR C 830 -18.76 -36.27 1.64
CA TYR C 830 -20.07 -35.64 1.73
C TYR C 830 -21.13 -36.46 0.99
N CYS C 831 -20.78 -37.02 -0.18
CA CYS C 831 -21.80 -37.79 -0.89
C CYS C 831 -22.10 -39.13 -0.21
N THR C 832 -21.07 -39.87 0.22
CA THR C 832 -21.36 -41.15 0.84
C THR C 832 -22.08 -40.97 2.18
N GLY C 833 -21.74 -39.91 2.91
CA GLY C 833 -22.43 -39.63 4.16
C GLY C 833 -23.89 -39.26 3.95
N LEU C 834 -24.18 -38.48 2.90
CA LEU C 834 -25.57 -38.10 2.66
C LEU C 834 -26.39 -39.28 2.18
N LYS C 835 -25.81 -40.12 1.32
CA LYS C 835 -26.47 -41.35 0.90
C LYS C 835 -26.80 -42.23 2.11
N ALA C 836 -25.83 -42.37 3.02
CA ALA C 836 -26.04 -43.20 4.21
C ALA C 836 -27.13 -42.61 5.09
N LEU C 837 -27.09 -41.30 5.34
CA LEU C 837 -28.11 -40.68 6.18
C LEU C 837 -29.51 -40.89 5.59
N LEU C 838 -29.66 -40.74 4.27
CA LEU C 838 -30.95 -40.98 3.64
C LEU C 838 -31.33 -42.46 3.72
N TYR C 839 -30.38 -43.35 3.43
CA TYR C 839 -30.65 -44.78 3.48
C TYR C 839 -31.16 -45.22 4.86
N LEU C 840 -30.50 -44.75 5.93
CA LEU C 840 -30.87 -45.20 7.28
C LEU C 840 -32.27 -44.77 7.70
N LYS C 841 -32.83 -43.73 7.08
CA LYS C 841 -34.18 -43.31 7.38
C LYS C 841 -35.23 -44.33 6.93
N SER C 842 -34.82 -45.40 6.22
CA SER C 842 -35.76 -46.43 5.80
C SER C 842 -35.67 -47.70 6.62
N ILE C 843 -34.70 -47.80 7.53
CA ILE C 843 -34.45 -49.00 8.31
C ILE C 843 -35.18 -48.87 9.64
N GLU C 844 -36.23 -49.68 9.84
CA GLU C 844 -37.00 -49.63 11.10
C GLU C 844 -36.13 -49.96 12.30
N GLU C 845 -35.26 -50.95 12.16
CA GLU C 845 -34.51 -51.49 13.29
C GLU C 845 -33.52 -50.49 13.87
N LEU C 846 -33.24 -49.38 13.18
CA LEU C 846 -32.23 -48.44 13.61
C LEU C 846 -32.79 -47.07 13.93
N GLN C 847 -34.08 -46.98 14.26
CA GLN C 847 -34.64 -45.67 14.56
C GLN C 847 -34.13 -45.09 15.87
N GLY C 848 -33.68 -45.92 16.82
CA GLY C 848 -33.03 -45.41 18.02
C GLY C 848 -31.71 -44.69 17.78
N TRP C 849 -31.15 -44.79 16.57
CA TRP C 849 -29.91 -44.10 16.25
C TRP C 849 -30.18 -42.63 15.94
N ASP C 850 -29.14 -41.82 16.07
CA ASP C 850 -29.16 -40.44 15.61
C ASP C 850 -28.23 -40.39 14.39
N GLY C 851 -28.83 -40.45 13.20
CA GLY C 851 -28.03 -40.49 11.99
C GLY C 851 -27.24 -41.79 11.95
N GLN C 852 -25.94 -41.68 11.79
CA GLN C 852 -25.07 -42.85 11.78
C GLN C 852 -24.54 -43.21 13.17
N SER C 853 -24.98 -42.48 14.20
CA SER C 853 -24.52 -42.69 15.58
C SER C 853 -25.44 -43.68 16.29
N PRO C 854 -24.93 -44.82 16.76
CA PRO C 854 -25.73 -45.70 17.60
C PRO C 854 -26.14 -45.01 18.89
N GLY C 855 -27.19 -45.54 19.52
CA GLY C 855 -27.50 -45.11 20.86
C GLY C 855 -26.34 -45.39 21.79
N THR C 856 -26.06 -44.44 22.68
CA THR C 856 -24.94 -44.57 23.61
C THR C 856 -25.24 -45.62 24.68
N GLU C 857 -24.38 -46.63 24.76
CA GLU C 857 -24.45 -47.67 25.78
C GLU C 857 -23.53 -47.30 26.94
N SER C 858 -23.89 -47.74 28.15
CA SER C 858 -23.06 -47.49 29.33
C SER C 858 -21.68 -48.11 29.15
N HIS C 859 -20.64 -47.31 29.38
CA HIS C 859 -19.29 -47.70 29.02
C HIS C 859 -18.28 -46.92 29.86
N GLN C 860 -17.11 -47.53 30.03
CA GLN C 860 -15.91 -46.82 30.44
C GLN C 860 -14.85 -47.05 29.38
N LYS C 861 -14.29 -45.95 28.86
CA LYS C 861 -13.23 -46.04 27.86
C LYS C 861 -13.70 -46.76 26.59
N GLY C 862 -15.00 -46.64 26.27
CA GLY C 862 -15.55 -47.23 25.06
C GLY C 862 -15.83 -48.72 25.19
N LYS C 863 -15.65 -49.32 26.37
CA LYS C 863 -16.02 -50.71 26.58
C LYS C 863 -17.22 -50.81 27.46
N PRO C 864 -18.25 -51.47 27.00
CA PRO C 864 -19.47 -51.59 27.81
C PRO C 864 -19.26 -52.13 29.23
N VAL C 865 -20.02 -51.55 30.14
CA VAL C 865 -19.92 -51.94 31.55
C VAL C 865 -20.67 -53.26 31.73
N PRO C 866 -20.09 -54.26 32.44
CA PRO C 866 -20.83 -55.51 32.66
C PRO C 866 -22.11 -55.25 33.43
N ARG C 867 -23.22 -55.69 32.86
CA ARG C 867 -24.51 -55.67 33.56
C ARG C 867 -24.52 -56.82 34.57
N ILE C 868 -23.96 -56.57 35.74
CA ILE C 868 -23.99 -57.49 36.87
C ILE C 868 -24.77 -56.83 37.99
N ALA C 869 -25.66 -57.58 38.62
CA ALA C 869 -26.52 -57.00 39.66
C ALA C 869 -25.71 -56.42 40.80
N GLU C 870 -24.64 -57.11 41.20
CA GLU C 870 -23.85 -56.67 42.34
C GLU C 870 -23.06 -55.39 42.04
N LEU C 871 -22.76 -55.09 40.77
CA LEU C 871 -22.08 -53.83 40.48
C LEU C 871 -23.03 -52.65 40.44
N MET C 872 -24.26 -52.84 39.95
CA MET C 872 -25.13 -51.72 39.64
C MET C 872 -25.64 -51.06 40.92
N GLY C 873 -25.50 -49.73 40.97
CA GLY C 873 -26.06 -48.90 42.02
C GLY C 873 -25.41 -49.03 43.38
N LYS C 874 -24.28 -49.73 43.49
CA LYS C 874 -23.61 -49.93 44.77
C LYS C 874 -22.57 -48.84 45.09
N LYS C 875 -22.60 -47.71 44.39
CA LYS C 875 -21.68 -46.58 44.59
C LYS C 875 -20.22 -47.04 44.60
N LEU C 876 -19.81 -47.63 43.49
CA LEU C 876 -18.43 -48.09 43.32
C LEU C 876 -17.85 -47.36 42.11
N PRO C 877 -17.19 -46.23 42.32
CA PRO C 877 -16.49 -45.58 41.21
C PRO C 877 -15.30 -46.43 40.76
N ASN C 878 -14.73 -46.06 39.62
CA ASN C 878 -13.64 -46.80 39.01
C ASN C 878 -12.26 -46.33 39.49
N PHE C 879 -12.05 -46.29 40.82
CA PHE C 879 -10.73 -45.94 41.32
C PHE C 879 -10.58 -46.43 42.76
N GLY C 880 -9.35 -46.44 43.23
CA GLY C 880 -9.00 -46.78 44.59
C GLY C 880 -9.57 -48.12 45.03
N PRO C 881 -9.98 -48.20 46.29
CA PRO C 881 -10.51 -49.47 46.80
C PRO C 881 -11.86 -49.82 46.20
N TYR C 882 -12.58 -48.84 45.67
CA TYR C 882 -13.84 -49.12 44.95
C TYR C 882 -13.59 -49.93 43.71
N LEU C 883 -12.47 -49.67 43.03
CA LEU C 883 -12.16 -50.41 41.82
C LEU C 883 -11.67 -51.81 42.16
N GLU C 884 -10.91 -51.95 43.25
CA GLU C 884 -10.53 -53.29 43.68
C GLU C 884 -11.76 -54.12 44.04
N GLN C 885 -12.81 -53.48 44.55
CA GLN C 885 -14.01 -54.23 44.88
C GLN C 885 -14.76 -54.59 43.61
N ARG C 886 -14.76 -53.69 42.62
CA ARG C 886 -15.34 -54.00 41.32
C ARG C 886 -14.64 -55.20 40.68
N LYS C 887 -13.31 -55.23 40.76
CA LYS C 887 -12.58 -56.31 40.11
C LYS C 887 -12.90 -57.65 40.75
N LYS C 888 -13.06 -57.66 42.08
CA LYS C 888 -13.44 -58.88 42.79
C LYS C 888 -14.82 -59.37 42.33
N ILE C 889 -15.79 -58.45 42.24
CA ILE C 889 -17.14 -58.81 41.84
C ILE C 889 -17.12 -59.42 40.44
N ILE C 890 -16.40 -58.77 39.51
CA ILE C 890 -16.35 -59.26 38.15
C ILE C 890 -15.67 -60.62 38.09
N ALA C 891 -14.55 -60.79 38.80
CA ALA C 891 -13.86 -62.08 38.78
C ALA C 891 -14.72 -63.19 39.34
N GLU C 892 -15.49 -62.90 40.39
CA GLU C 892 -16.40 -63.89 40.96
C GLU C 892 -17.53 -64.23 39.99
N GLU C 893 -17.97 -63.28 39.16
CA GLU C 893 -19.02 -63.56 38.19
C GLU C 893 -18.51 -64.45 37.06
N LYS C 894 -17.27 -64.24 36.61
CA LYS C 894 -16.73 -65.08 35.54
C LYS C 894 -16.53 -66.51 36.02
N MET C 895 -16.13 -66.68 37.28
CA MET C 895 -16.02 -68.01 37.87
C MET C 895 -17.38 -68.70 37.87
N ARG C 896 -18.44 -67.91 38.11
CA ARG C 896 -19.78 -68.44 38.17
C ARG C 896 -20.31 -68.73 36.76
N LEU C 897 -19.94 -67.90 35.78
CA LEU C 897 -20.30 -68.15 34.38
C LEU C 897 -19.64 -69.41 33.82
N LYS C 898 -18.50 -69.84 34.37
CA LYS C 898 -17.85 -71.06 33.87
C LYS C 898 -18.84 -72.22 33.74
N GLU C 899 -19.87 -72.22 34.58
CA GLU C 899 -20.77 -73.36 34.75
C GLU C 899 -22.03 -73.28 33.91
N GLN C 900 -22.25 -72.17 33.18
CA GLN C 900 -23.51 -72.00 32.45
C GLN C 900 -23.28 -71.97 30.94
N ASN C 901 -24.34 -72.32 30.21
CA ASN C 901 -24.34 -72.23 28.75
C ASN C 901 -24.28 -70.77 28.31
N ALA C 902 -23.68 -70.56 27.14
CA ALA C 902 -23.78 -69.30 26.43
C ALA C 902 -24.51 -69.56 25.12
N ALA C 903 -25.28 -68.57 24.67
CA ALA C 903 -26.11 -68.78 23.49
C ALA C 903 -25.25 -68.81 22.23
N PHE C 904 -25.83 -69.32 21.17
CA PHE C 904 -25.14 -69.12 19.91
C PHE C 904 -25.61 -67.81 19.27
N PRO C 905 -24.77 -67.16 18.47
CA PRO C 905 -25.30 -66.17 17.52
C PRO C 905 -26.00 -66.89 16.39
N PRO C 906 -26.83 -66.19 15.61
CA PRO C 906 -27.47 -66.84 14.46
C PRO C 906 -26.39 -67.38 13.52
N LEU C 907 -26.63 -68.59 12.98
CA LEU C 907 -25.70 -69.28 12.10
C LEU C 907 -24.99 -68.29 11.19
N GLU C 908 -25.76 -67.35 10.66
CA GLU C 908 -25.25 -66.07 10.20
C GLU C 908 -26.44 -65.14 9.89
N ARG C 909 -26.22 -63.86 10.18
CA ARG C 909 -27.24 -62.82 10.31
C ARG C 909 -28.00 -62.59 8.99
N LYS C 910 -29.04 -61.76 9.07
CA LYS C 910 -29.85 -61.34 7.94
C LYS C 910 -29.86 -59.82 7.88
N PRO C 911 -29.64 -59.22 6.71
CA PRO C 911 -29.51 -57.75 6.65
C PRO C 911 -30.85 -57.06 6.85
N PHE C 912 -30.80 -55.85 7.41
CA PHE C 912 -32.02 -55.08 7.55
C PHE C 912 -32.55 -54.67 6.17
N ILE C 913 -33.86 -54.63 6.02
CA ILE C 913 -34.50 -54.40 4.73
C ILE C 913 -35.21 -53.05 4.77
N PRO C 914 -34.93 -52.14 3.84
CA PRO C 914 -35.67 -50.86 3.81
C PRO C 914 -37.18 -51.10 3.74
N LYS C 915 -37.92 -50.39 4.59
CA LYS C 915 -39.36 -50.55 4.77
C LYS C 915 -40.17 -49.56 3.97
N LYS C 916 -39.54 -48.54 3.41
CA LYS C 916 -40.17 -47.55 2.54
C LYS C 916 -39.12 -47.11 1.55
N PRO C 917 -39.52 -46.46 0.45
CA PRO C 917 -38.51 -45.93 -0.47
C PRO C 917 -37.59 -44.97 0.25
N ILE C 918 -36.31 -45.05 -0.10
CA ILE C 918 -35.28 -44.12 0.38
C ILE C 918 -35.73 -42.70 0.09
N PRO C 919 -35.79 -41.81 1.08
CA PRO C 919 -36.17 -40.42 0.81
C PRO C 919 -35.20 -39.75 -0.18
N ALA C 920 -35.77 -39.06 -1.15
CA ALA C 920 -35.00 -38.15 -1.99
C ALA C 920 -34.73 -36.84 -1.23
N ILE C 921 -33.77 -36.04 -1.74
CA ILE C 921 -33.48 -34.73 -1.16
C ILE C 921 -34.77 -33.93 -0.96
N LYS C 922 -35.62 -33.90 -2.00
CA LYS C 922 -36.84 -33.13 -1.98
C LYS C 922 -37.79 -33.54 -0.86
N ASP C 923 -37.66 -34.77 -0.34
CA ASP C 923 -38.50 -35.21 0.76
C ASP C 923 -37.98 -34.75 2.13
N VAL C 924 -36.77 -34.21 2.22
CA VAL C 924 -36.25 -33.74 3.51
C VAL C 924 -36.24 -32.22 3.60
N ILE C 925 -36.30 -31.50 2.48
CA ILE C 925 -36.12 -30.04 2.53
C ILE C 925 -37.23 -29.41 3.36
N GLY C 926 -36.84 -28.64 4.37
CA GLY C 926 -37.79 -27.93 5.21
C GLY C 926 -38.48 -28.74 6.29
N LYS C 927 -38.10 -30.00 6.49
CA LYS C 927 -38.81 -30.82 7.49
C LYS C 927 -38.64 -30.32 8.91
N ALA C 928 -37.56 -29.60 9.22
CA ALA C 928 -37.36 -29.18 10.61
C ALA C 928 -38.18 -27.93 10.95
N LEU C 929 -38.69 -27.22 9.94
CA LEU C 929 -39.34 -25.94 10.18
C LEU C 929 -40.56 -26.09 11.09
N GLN C 930 -41.22 -27.25 11.06
CA GLN C 930 -42.38 -27.51 11.90
C GLN C 930 -42.08 -27.36 13.40
N TYR C 931 -40.81 -27.45 13.81
CA TYR C 931 -40.46 -27.40 15.22
C TYR C 931 -40.13 -26.00 15.70
N LEU C 932 -39.81 -25.09 14.78
CA LEU C 932 -39.44 -23.73 15.13
C LEU C 932 -40.70 -22.91 15.37
N GLY C 933 -40.65 -22.03 16.35
CA GLY C 933 -41.73 -21.10 16.50
C GLY C 933 -41.33 -19.95 17.41
N THR C 934 -42.33 -19.18 17.83
CA THR C 934 -42.02 -18.15 18.81
C THR C 934 -41.78 -18.78 20.17
N PHE C 935 -41.21 -17.98 21.07
CA PHE C 935 -41.03 -18.42 22.44
C PHE C 935 -42.36 -18.76 23.10
N GLY C 936 -43.43 -18.06 22.73
CA GLY C 936 -44.74 -18.31 23.34
C GLY C 936 -45.33 -19.66 22.98
N GLU C 937 -44.88 -20.27 21.89
CA GLU C 937 -45.31 -21.62 21.52
C GLU C 937 -44.49 -22.71 22.20
N LEU C 938 -43.58 -22.37 23.10
CA LEU C 938 -42.87 -23.37 23.90
C LEU C 938 -43.60 -23.63 25.20
N SER C 939 -43.67 -24.89 25.59
CA SER C 939 -44.34 -25.25 26.83
C SER C 939 -43.45 -24.92 28.02
N ASN C 940 -43.98 -24.14 28.96
CA ASN C 940 -43.28 -23.91 30.21
C ASN C 940 -43.79 -24.77 31.37
N ILE C 941 -44.70 -25.72 31.09
CA ILE C 941 -45.11 -26.69 32.11
C ILE C 941 -44.54 -28.09 31.86
N GLU C 942 -44.04 -28.39 30.66
CA GLU C 942 -43.42 -29.68 30.39
C GLU C 942 -41.91 -29.57 30.62
N GLN C 943 -41.52 -29.66 31.89
CA GLN C 943 -40.15 -29.36 32.29
C GLN C 943 -39.32 -30.63 32.35
N VAL C 944 -38.00 -30.45 32.39
CA VAL C 944 -37.06 -31.56 32.50
C VAL C 944 -36.12 -31.35 33.69
N VAL C 945 -35.47 -32.44 34.09
CA VAL C 945 -34.38 -32.41 35.05
C VAL C 945 -33.26 -33.31 34.53
N ALA C 946 -32.04 -33.04 35.01
CA ALA C 946 -30.88 -33.84 34.67
C ALA C 946 -30.81 -35.10 35.53
N VAL C 947 -30.35 -36.20 34.92
CA VAL C 947 -30.11 -37.42 35.66
C VAL C 947 -28.82 -38.01 35.14
N ILE C 948 -27.99 -38.52 36.05
CA ILE C 948 -26.62 -38.90 35.74
C ILE C 948 -26.50 -40.41 35.85
N ASP C 949 -25.85 -41.01 34.84
CA ASP C 949 -25.52 -42.43 34.83
C ASP C 949 -24.17 -42.58 35.53
N GLU C 950 -24.21 -43.09 36.77
CA GLU C 950 -22.99 -43.20 37.56
C GLU C 950 -21.98 -44.15 36.94
N GLU C 951 -22.43 -45.10 36.12
CA GLU C 951 -21.51 -46.04 35.50
C GLU C 951 -20.71 -45.41 34.36
N MET C 952 -21.15 -44.26 33.84
CA MET C 952 -20.51 -43.57 32.73
C MET C 952 -19.61 -42.44 33.20
N CYS C 953 -19.79 -42.01 34.44
CA CYS C 953 -19.16 -40.81 34.98
C CYS C 953 -17.67 -41.04 35.17
N ILE C 954 -16.87 -40.02 34.87
CA ILE C 954 -15.44 -40.07 35.17
C ILE C 954 -15.05 -39.07 36.26
N ASN C 955 -16.02 -38.63 37.07
CA ASN C 955 -15.80 -38.12 38.43
C ASN C 955 -15.14 -36.76 38.48
N CYS C 956 -15.24 -35.98 37.41
CA CYS C 956 -14.54 -34.71 37.32
C CYS C 956 -15.20 -33.58 38.09
N GLY C 957 -16.49 -33.68 38.38
CA GLY C 957 -17.20 -32.61 39.06
C GLY C 957 -17.49 -31.36 38.25
N LYS C 958 -17.42 -31.41 36.92
CA LYS C 958 -17.70 -30.20 36.15
C LYS C 958 -19.18 -29.86 36.24
N CYS C 959 -20.05 -30.88 36.25
CA CYS C 959 -21.47 -30.63 36.43
C CYS C 959 -21.73 -29.89 37.73
N TYR C 960 -21.15 -30.38 38.84
CA TYR C 960 -21.29 -29.76 40.15
C TYR C 960 -20.83 -28.30 40.13
N MET C 961 -19.72 -28.05 39.47
CA MET C 961 -19.05 -26.76 39.52
C MET C 961 -19.84 -25.74 38.69
N THR C 962 -20.36 -26.20 37.53
CA THR C 962 -21.23 -25.39 36.68
C THR C 962 -22.56 -25.05 37.38
N CYS C 963 -23.21 -26.04 38.01
CA CYS C 963 -24.46 -25.73 38.72
C CYS C 963 -24.21 -24.83 39.94
N ASN C 964 -23.07 -24.99 40.61
CA ASN C 964 -22.70 -24.16 41.76
C ASN C 964 -22.50 -22.69 41.36
N ASP C 965 -21.75 -22.42 40.29
CA ASP C 965 -21.38 -21.06 39.96
C ASP C 965 -22.09 -20.53 38.72
N SER C 966 -22.94 -21.33 38.08
CA SER C 966 -23.73 -20.88 36.94
C SER C 966 -25.17 -21.39 36.97
N GLY C 967 -25.60 -22.02 38.06
CA GLY C 967 -26.90 -22.66 38.13
C GLY C 967 -27.59 -22.52 39.49
N TYR C 968 -27.99 -23.65 40.08
CA TYR C 968 -29.01 -23.68 41.13
C TYR C 968 -28.57 -24.48 42.35
N GLN C 969 -27.26 -24.75 42.47
CA GLN C 969 -26.65 -25.47 43.59
C GLN C 969 -27.40 -26.77 43.86
N ALA C 970 -27.69 -27.51 42.79
CA ALA C 970 -28.61 -28.63 42.84
C ALA C 970 -27.94 -30.00 42.77
N ILE C 971 -26.61 -30.07 42.66
CA ILE C 971 -25.89 -31.34 42.55
C ILE C 971 -25.11 -31.60 43.85
N GLN C 972 -25.29 -32.79 44.43
CA GLN C 972 -24.41 -33.26 45.50
C GLN C 972 -23.22 -33.98 44.88
N PHE C 973 -22.01 -33.67 45.37
CA PHE C 973 -20.79 -34.29 44.84
C PHE C 973 -20.12 -35.01 46.00
N ASP C 974 -20.13 -36.35 45.98
CA ASP C 974 -19.73 -37.11 47.17
C ASP C 974 -18.23 -36.98 47.42
N PRO C 975 -17.81 -36.62 48.64
CA PRO C 975 -16.36 -36.40 48.87
C PRO C 975 -15.51 -37.68 48.89
N GLU C 976 -16.10 -38.86 49.02
CA GLU C 976 -15.31 -40.10 49.03
C GLU C 976 -15.24 -40.74 47.66
N THR C 977 -16.39 -40.80 46.96
CA THR C 977 -16.51 -41.47 45.67
C THR C 977 -16.44 -40.51 44.47
N HIS C 978 -16.61 -39.20 44.68
CA HIS C 978 -16.60 -38.25 43.57
C HIS C 978 -17.68 -38.62 42.53
N LEU C 979 -18.75 -39.14 43.00
CA LEU C 979 -19.95 -39.34 42.20
C LEU C 979 -20.92 -38.20 42.45
N PRO C 980 -21.47 -37.60 41.41
CA PRO C 980 -22.53 -36.59 41.56
C PRO C 980 -23.93 -37.19 41.57
N THR C 981 -24.85 -36.47 42.22
CA THR C 981 -26.27 -36.80 42.16
C THR C 981 -27.07 -35.51 42.02
N VAL C 982 -27.85 -35.39 40.95
CA VAL C 982 -28.80 -34.29 40.81
C VAL C 982 -29.94 -34.45 41.83
N THR C 983 -30.28 -33.35 42.53
CA THR C 983 -31.36 -33.37 43.52
C THR C 983 -32.63 -32.71 42.96
N ASP C 984 -33.66 -32.61 43.80
CA ASP C 984 -34.95 -32.15 43.29
C ASP C 984 -35.02 -30.64 43.13
N THR C 985 -33.95 -29.92 43.44
CA THR C 985 -33.91 -28.49 43.18
C THR C 985 -33.47 -28.16 41.77
N CYS C 986 -33.11 -29.17 40.97
CA CYS C 986 -32.78 -28.98 39.56
C CYS C 986 -33.91 -28.25 38.84
N THR C 987 -33.55 -27.35 37.92
CA THR C 987 -34.52 -26.63 37.11
C THR C 987 -34.43 -26.97 35.62
N GLY C 988 -33.61 -27.94 35.24
CA GLY C 988 -33.53 -28.30 33.84
C GLY C 988 -32.84 -27.31 32.92
N CYS C 989 -32.04 -26.39 33.47
CA CYS C 989 -31.38 -25.40 32.63
C CYS C 989 -30.51 -26.05 31.56
N THR C 990 -29.90 -27.22 31.88
CA THR C 990 -29.20 -28.14 30.98
C THR C 990 -27.70 -27.77 30.87
N LEU C 991 -27.20 -26.86 31.72
CA LEU C 991 -25.78 -26.52 31.68
C LEU C 991 -24.88 -27.70 32.03
N CYS C 992 -25.25 -28.49 33.04
CA CYS C 992 -24.38 -29.60 33.44
C CYS C 992 -24.19 -30.59 32.29
N LEU C 993 -25.29 -30.97 31.63
CA LEU C 993 -25.19 -31.81 30.44
C LEU C 993 -24.24 -31.18 29.41
N SER C 994 -24.31 -29.86 29.25
CA SER C 994 -23.56 -29.18 28.20
C SER C 994 -22.06 -29.09 28.46
N VAL C 995 -21.60 -29.21 29.73
CA VAL C 995 -20.16 -29.20 30.03
C VAL C 995 -19.61 -30.59 30.27
N CYS C 996 -20.46 -31.62 30.33
CA CYS C 996 -19.97 -32.94 30.75
C CYS C 996 -19.09 -33.56 29.66
N PRO C 997 -17.92 -34.09 30.02
CA PRO C 997 -17.01 -34.63 29.00
C PRO C 997 -17.50 -35.92 28.35
N ILE C 998 -18.36 -36.70 29.01
CA ILE C 998 -18.80 -37.99 28.50
C ILE C 998 -20.15 -37.80 27.79
N ILE C 999 -20.20 -38.20 26.52
CA ILE C 999 -21.42 -38.05 25.72
C ILE C 999 -22.52 -38.94 26.30
N ASP C 1000 -23.68 -38.33 26.59
CA ASP C 1000 -24.87 -39.01 27.09
C ASP C 1000 -24.70 -39.66 28.46
N CYS C 1001 -23.69 -39.23 29.23
CA CYS C 1001 -23.64 -39.61 30.63
C CYS C 1001 -24.74 -38.89 31.42
N ILE C 1002 -24.94 -37.61 31.14
CA ILE C 1002 -26.05 -36.83 31.67
C ILE C 1002 -27.17 -36.83 30.64
N ARG C 1003 -28.40 -37.07 31.09
CA ARG C 1003 -29.55 -37.01 30.20
C ARG C 1003 -30.63 -36.14 30.83
N MET C 1004 -31.34 -35.41 29.98
CA MET C 1004 -32.48 -34.59 30.39
C MET C 1004 -33.71 -35.49 30.30
N VAL C 1005 -34.42 -35.66 31.41
CA VAL C 1005 -35.61 -36.49 31.43
C VAL C 1005 -36.80 -35.69 31.94
N SER C 1006 -38.01 -36.17 31.63
CA SER C 1006 -39.24 -35.48 32.02
C SER C 1006 -39.35 -35.40 33.54
N ARG C 1007 -39.66 -34.21 34.04
CA ARG C 1007 -39.69 -33.97 35.48
C ARG C 1007 -40.94 -34.61 36.08
N THR C 1008 -40.75 -35.40 37.14
CA THR C 1008 -41.86 -36.11 37.76
C THR C 1008 -42.41 -35.46 39.02
N THR C 1009 -41.67 -34.53 39.62
CA THR C 1009 -42.08 -33.90 40.87
C THR C 1009 -42.68 -32.54 40.58
N PRO C 1010 -43.45 -31.98 41.53
CA PRO C 1010 -43.98 -30.63 41.32
C PRO C 1010 -42.86 -29.62 41.12
N TYR C 1011 -43.06 -28.74 40.14
CA TYR C 1011 -42.07 -27.74 39.75
C TYR C 1011 -42.59 -26.35 40.13
N GLU C 1012 -41.71 -25.55 40.70
CA GLU C 1012 -42.06 -24.29 41.32
C GLU C 1012 -40.86 -23.38 41.03
N PRO C 1013 -41.02 -22.33 40.21
CA PRO C 1013 -39.89 -21.44 39.94
C PRO C 1013 -39.48 -20.70 41.20
N LYS C 1014 -38.17 -20.61 41.45
CA LYS C 1014 -37.70 -19.96 42.68
C LYS C 1014 -37.82 -18.45 42.48
N ARG C 1015 -38.68 -17.81 43.26
CA ARG C 1015 -38.91 -16.38 43.09
C ARG C 1015 -38.11 -15.52 44.05
N GLY C 1016 -37.35 -16.14 44.96
CA GLY C 1016 -36.58 -15.44 45.97
C GLY C 1016 -37.44 -14.65 46.94
N LEU C 1017 -38.64 -14.29 46.50
CA LEU C 1017 -39.32 -13.04 46.81
C LEU C 1017 -39.07 -12.54 48.20
N PRO D 3 -5.20 -20.07 -25.29
CA PRO D 3 -4.95 -21.22 -24.43
C PRO D 3 -6.20 -21.65 -23.69
N VAL D 4 -6.20 -22.84 -23.12
CA VAL D 4 -7.29 -23.27 -22.24
C VAL D 4 -7.00 -22.68 -20.87
N LEU D 5 -7.81 -21.70 -20.45
CA LEU D 5 -7.56 -20.99 -19.20
C LEU D 5 -7.92 -21.84 -17.98
N SER D 6 -8.95 -22.68 -18.08
CA SER D 6 -9.41 -23.48 -16.95
C SER D 6 -8.61 -24.76 -16.78
N LYS D 7 -7.42 -24.81 -17.35
CA LYS D 7 -6.63 -26.03 -17.45
C LYS D 7 -5.21 -25.72 -16.97
N ASP D 8 -4.72 -26.51 -16.03
CA ASP D 8 -3.36 -26.31 -15.53
C ASP D 8 -2.33 -26.61 -16.62
N VAL D 9 -1.32 -25.75 -16.73
CA VAL D 9 -0.19 -26.02 -17.63
C VAL D 9 0.71 -27.10 -17.01
N ALA D 10 1.66 -27.59 -17.80
CA ALA D 10 2.44 -28.77 -17.43
C ALA D 10 3.12 -28.61 -16.08
N ASP D 11 3.78 -27.48 -15.84
CA ASP D 11 4.56 -27.44 -14.62
C ASP D 11 3.70 -27.23 -13.37
N ILE D 12 2.45 -26.76 -13.52
CA ILE D 12 1.53 -26.76 -12.38
C ILE D 12 0.96 -28.15 -12.15
N GLU D 13 0.69 -28.89 -13.23
CA GLU D 13 0.35 -30.31 -13.06
C GLU D 13 1.48 -31.04 -12.34
N SER D 14 2.73 -30.63 -12.56
CA SER D 14 3.83 -31.28 -11.88
C SER D 14 3.89 -30.89 -10.41
N ILE D 15 3.57 -29.64 -10.09
CA ILE D 15 3.59 -29.24 -8.69
C ILE D 15 2.42 -29.87 -7.94
N LEU D 16 1.33 -30.22 -8.63
CA LEU D 16 0.18 -30.87 -8.02
C LEU D 16 0.31 -32.39 -7.92
N ALA D 17 1.48 -32.95 -8.22
CA ALA D 17 1.61 -34.40 -8.33
C ALA D 17 1.20 -35.14 -7.05
N LEU D 18 1.43 -34.56 -5.87
CA LEU D 18 1.09 -35.25 -4.63
C LEU D 18 -0.24 -34.80 -4.05
N ASN D 19 -0.96 -33.90 -4.74
CA ASN D 19 -2.25 -33.43 -4.24
C ASN D 19 -3.25 -34.57 -4.18
N PRO D 20 -4.02 -34.69 -3.09
CA PRO D 20 -4.98 -35.80 -2.98
C PRO D 20 -6.02 -35.77 -4.08
N ARG D 21 -6.40 -36.97 -4.53
CA ARG D 21 -7.40 -37.11 -5.57
C ARG D 21 -8.35 -38.24 -5.19
N THR D 22 -9.58 -38.12 -5.66
CA THR D 22 -10.56 -39.17 -5.44
C THR D 22 -10.20 -40.41 -6.26
N GLN D 23 -10.28 -41.57 -5.64
CA GLN D 23 -9.90 -42.82 -6.32
C GLN D 23 -11.14 -43.64 -6.65
N SER D 24 -11.02 -44.42 -7.73
CA SER D 24 -12.11 -45.23 -8.25
C SER D 24 -11.80 -46.73 -8.23
N HIS D 25 -10.62 -47.13 -7.78
CA HIS D 25 -10.21 -48.52 -7.77
C HIS D 25 -9.42 -48.78 -6.50
N ALA D 26 -9.38 -50.04 -6.09
CA ALA D 26 -8.45 -50.39 -5.02
C ALA D 26 -7.02 -50.35 -5.56
N ALA D 27 -6.06 -50.14 -4.66
CA ALA D 27 -4.67 -49.97 -5.06
C ALA D 27 -3.91 -51.29 -4.93
N LEU D 28 -3.04 -51.57 -5.90
CA LEU D 28 -2.25 -52.79 -5.90
C LEU D 28 -0.81 -52.47 -5.49
N HIS D 29 -0.34 -53.06 -4.38
CA HIS D 29 1.06 -53.01 -3.97
C HIS D 29 1.44 -54.34 -3.34
N SER D 30 2.51 -54.97 -3.83
CA SER D 30 2.93 -56.26 -3.30
C SER D 30 3.39 -56.15 -1.84
N THR D 31 3.36 -57.29 -1.13
CA THR D 31 3.81 -57.31 0.26
C THR D 31 5.30 -57.07 0.37
N LEU D 32 6.08 -57.61 -0.59
CA LEU D 32 7.52 -57.35 -0.59
C LEU D 32 7.81 -55.87 -0.80
N ALA D 33 7.17 -55.27 -1.81
CA ALA D 33 7.35 -53.84 -2.05
C ALA D 33 6.93 -53.01 -0.84
N LYS D 34 5.90 -53.44 -0.10
CA LYS D 34 5.50 -52.69 1.08
C LYS D 34 6.53 -52.83 2.20
N LYS D 35 7.08 -54.04 2.39
CA LYS D 35 8.15 -54.22 3.37
C LYS D 35 9.30 -53.26 3.11
N LEU D 36 9.66 -53.09 1.83
CA LEU D 36 10.79 -52.22 1.48
C LEU D 36 10.45 -50.76 1.70
N ASP D 37 9.25 -50.32 1.32
CA ASP D 37 8.95 -48.91 1.49
C ASP D 37 8.70 -48.50 2.93
N LYS D 38 8.30 -49.43 3.80
CA LYS D 38 7.97 -49.05 5.17
C LYS D 38 9.15 -48.34 5.84
N LYS D 39 10.38 -48.79 5.54
CA LYS D 39 11.57 -48.25 6.18
C LYS D 39 11.82 -46.80 5.80
N HIS D 40 11.35 -46.35 4.62
CA HIS D 40 11.65 -45.00 4.18
C HIS D 40 10.96 -43.96 5.06
N TRP D 41 9.81 -44.29 5.64
CA TRP D 41 8.99 -43.33 6.35
C TRP D 41 9.02 -43.48 7.87
N LYS D 42 9.80 -44.43 8.40
CA LYS D 42 9.70 -44.85 9.79
C LYS D 42 10.05 -43.72 10.75
N ARG D 43 9.16 -43.45 11.70
CA ARG D 43 9.39 -42.42 12.72
C ARG D 43 9.79 -42.98 14.07
N ASN D 44 9.23 -44.13 14.49
CA ASN D 44 9.36 -44.59 15.86
C ASN D 44 10.44 -45.66 15.92
N PRO D 45 10.79 -46.22 17.09
CA PRO D 45 11.84 -47.24 17.11
C PRO D 45 11.44 -48.49 16.34
N ASP D 46 12.44 -49.12 15.71
CA ASP D 46 12.28 -50.34 14.93
C ASP D 46 12.42 -51.54 15.85
N LYS D 47 11.33 -52.30 16.04
CA LYS D 47 11.40 -53.40 16.99
C LYS D 47 12.32 -54.53 16.53
N ASN D 48 12.83 -54.46 15.30
CA ASN D 48 13.80 -55.39 14.78
C ASN D 48 15.25 -54.99 15.07
N CYS D 49 15.47 -53.81 15.63
CA CYS D 49 16.83 -53.32 15.83
C CYS D 49 17.29 -53.71 17.23
N PHE D 50 18.42 -54.39 17.31
CA PHE D 50 18.95 -54.85 18.59
C PHE D 50 19.99 -53.90 19.18
N HIS D 51 20.17 -52.71 18.58
CA HIS D 51 21.25 -51.80 18.98
C HIS D 51 20.88 -50.38 18.53
N CYS D 52 20.65 -49.48 19.49
CA CYS D 52 20.36 -48.07 19.22
C CYS D 52 21.66 -47.27 19.06
N GLU D 53 21.53 -46.06 18.52
CA GLU D 53 22.71 -45.30 18.10
C GLU D 53 23.60 -45.00 19.30
N LYS D 54 24.78 -44.46 19.01
CA LYS D 54 25.70 -44.10 20.08
C LYS D 54 25.09 -43.01 20.95
N LEU D 55 25.33 -43.10 22.25
CA LEU D 55 24.92 -42.06 23.19
C LEU D 55 26.10 -41.46 23.95
N GLU D 56 27.34 -41.80 23.56
CA GLU D 56 28.51 -41.33 24.29
C GLU D 56 28.58 -39.81 24.27
N ASN D 57 28.71 -39.23 25.46
CA ASN D 57 28.77 -37.78 25.70
C ASN D 57 27.54 -37.04 25.17
N ASN D 58 26.39 -37.71 25.08
CA ASN D 58 25.14 -37.06 24.71
C ASN D 58 24.29 -36.87 25.95
N PHE D 59 24.28 -35.66 26.50
CA PHE D 59 23.47 -35.36 27.67
C PHE D 59 22.25 -34.51 27.33
N ASP D 60 21.77 -34.59 26.09
CA ASP D 60 20.52 -33.93 25.72
C ASP D 60 19.32 -34.56 26.41
N ASP D 61 18.25 -33.77 26.48
CA ASP D 61 17.09 -34.07 27.33
C ASP D 61 16.38 -35.32 26.77
N ILE D 62 16.21 -36.35 27.60
CA ILE D 62 15.57 -37.59 27.16
C ILE D 62 14.12 -37.70 27.58
N LYS D 63 13.59 -36.72 28.32
CA LYS D 63 12.29 -36.90 28.93
C LYS D 63 11.19 -36.98 27.87
N HIS D 64 10.30 -37.95 28.03
CA HIS D 64 9.12 -38.04 27.19
C HIS D 64 8.07 -36.99 27.52
N THR D 65 8.22 -36.24 28.61
CA THR D 65 7.18 -35.35 29.08
C THR D 65 7.47 -33.88 28.83
N THR D 66 8.65 -33.55 28.32
CA THR D 66 8.96 -32.16 27.97
C THR D 66 7.98 -31.65 26.92
N LEU D 67 7.49 -30.42 27.13
CA LEU D 67 6.53 -29.78 26.24
C LEU D 67 7.07 -28.41 25.84
N GLY D 68 6.85 -28.04 24.57
CA GLY D 68 6.92 -26.65 24.14
C GLY D 68 5.54 -25.98 24.21
N GLU D 69 5.49 -24.71 23.75
CA GLU D 69 4.24 -23.95 23.95
C GLU D 69 3.05 -24.60 23.24
N ARG D 70 3.23 -25.04 21.99
CA ARG D 70 2.13 -25.65 21.26
C ARG D 70 1.62 -26.88 21.98
N GLY D 71 2.53 -27.75 22.43
CA GLY D 71 2.11 -28.94 23.16
C GLY D 71 1.48 -28.64 24.51
N ALA D 72 2.05 -27.69 25.26
CA ALA D 72 1.51 -27.33 26.58
C ALA D 72 0.10 -26.78 26.49
N LEU D 73 -0.15 -25.91 25.49
CA LEU D 73 -1.46 -25.31 25.32
C LEU D 73 -2.51 -26.36 24.98
N ARG D 74 -2.18 -27.27 24.08
CA ARG D 74 -3.13 -28.32 23.72
C ARG D 74 -3.43 -29.25 24.91
N GLU D 75 -2.40 -29.60 25.68
CA GLU D 75 -2.64 -30.50 26.81
C GLU D 75 -3.38 -29.80 27.96
N ALA D 76 -3.05 -28.54 28.24
CA ALA D 76 -3.75 -27.81 29.29
C ALA D 76 -5.22 -27.61 28.93
N MET D 77 -5.53 -27.35 27.65
CA MET D 77 -6.92 -27.31 27.21
C MET D 77 -7.59 -28.67 27.40
N ARG D 78 -6.83 -29.75 27.34
CA ARG D 78 -7.45 -31.07 27.43
C ARG D 78 -7.91 -31.37 28.85
N CYS D 79 -7.20 -30.84 29.85
CA CYS D 79 -7.44 -31.14 31.25
C CYS D 79 -8.84 -30.67 31.67
N LEU D 80 -9.56 -31.54 32.38
CA LEU D 80 -10.93 -31.27 32.81
C LEU D 80 -11.00 -30.25 33.96
N LYS D 81 -9.88 -29.94 34.62
CA LYS D 81 -9.83 -28.88 35.61
C LYS D 81 -10.87 -29.13 36.70
N CYS D 82 -10.71 -30.30 37.33
CA CYS D 82 -11.73 -31.01 38.07
C CYS D 82 -11.92 -30.39 39.45
N ALA D 83 -13.12 -30.58 40.02
CA ALA D 83 -13.34 -30.17 41.40
C ALA D 83 -12.74 -31.21 42.35
N ASP D 84 -12.23 -30.73 43.48
CA ASP D 84 -11.66 -31.57 44.55
C ASP D 84 -10.68 -32.57 43.95
N ALA D 85 -9.76 -32.06 43.15
CA ALA D 85 -9.13 -32.87 42.11
C ALA D 85 -8.29 -33.99 42.71
N PRO D 86 -8.45 -35.24 42.24
CA PRO D 86 -7.66 -36.34 42.81
C PRO D 86 -6.18 -36.25 42.46
N CYS D 87 -5.83 -35.58 41.36
CA CYS D 87 -4.42 -35.34 41.06
C CYS D 87 -3.77 -34.54 42.18
N GLN D 88 -4.47 -33.51 42.69
CA GLN D 88 -3.93 -32.72 43.80
C GLN D 88 -3.90 -33.53 45.10
N LYS D 89 -4.95 -34.32 45.36
CA LYS D 89 -4.91 -35.23 46.50
C LYS D 89 -3.67 -36.09 46.47
N SER D 90 -3.25 -36.49 45.27
CA SER D 90 -2.14 -37.41 45.09
C SER D 90 -0.80 -36.70 44.96
N CYS D 91 -0.79 -35.37 45.03
CA CYS D 91 0.46 -34.63 45.00
C CYS D 91 0.98 -34.45 46.42
N PRO D 92 2.18 -34.90 46.74
CA PRO D 92 2.73 -34.72 48.10
C PRO D 92 2.81 -33.28 48.58
N THR D 93 2.96 -32.28 47.70
CA THR D 93 2.95 -30.88 48.12
C THR D 93 1.60 -30.20 47.93
N HIS D 94 0.56 -30.96 47.59
CA HIS D 94 -0.81 -30.46 47.44
C HIS D 94 -0.92 -29.31 46.42
N LEU D 95 -0.18 -29.40 45.32
CA LEU D 95 -0.29 -28.37 44.28
C LEU D 95 -1.71 -28.20 43.78
N ASP D 96 -2.13 -26.96 43.57
CA ASP D 96 -3.46 -26.73 43.02
C ASP D 96 -3.34 -26.89 41.51
N ILE D 97 -3.42 -28.16 41.09
CA ILE D 97 -3.14 -28.51 39.69
C ILE D 97 -4.21 -27.95 38.77
N LYS D 98 -5.48 -28.07 39.17
CA LYS D 98 -6.58 -27.45 38.43
C LYS D 98 -6.29 -25.98 38.10
N SER D 99 -5.85 -25.22 39.11
CA SER D 99 -5.68 -23.78 38.89
C SER D 99 -4.47 -23.50 38.01
N PHE D 100 -3.33 -24.15 38.26
CA PHE D 100 -2.19 -23.83 37.44
C PHE D 100 -2.36 -24.31 36.00
N ILE D 101 -3.06 -25.43 35.77
CA ILE D 101 -3.28 -25.83 34.38
C ILE D 101 -4.28 -24.90 33.69
N THR D 102 -5.27 -24.39 34.44
CA THR D 102 -6.19 -23.40 33.87
C THR D 102 -5.44 -22.16 33.39
N SER D 103 -4.56 -21.61 34.24
CA SER D 103 -3.70 -20.50 33.85
C SER D 103 -2.93 -20.83 32.56
N ILE D 104 -2.34 -22.02 32.47
CA ILE D 104 -1.60 -22.35 31.26
C ILE D 104 -2.53 -22.28 30.05
N SER D 105 -3.73 -22.85 30.19
CA SER D 105 -4.68 -22.90 29.08
C SER D 105 -5.14 -21.50 28.67
N ASN D 106 -5.08 -20.55 29.60
CA ASN D 106 -5.37 -19.13 29.39
C ASN D 106 -4.13 -18.33 29.00
N LYS D 107 -3.02 -19.01 28.69
CA LYS D 107 -1.72 -18.41 28.34
C LYS D 107 -1.12 -17.56 29.46
N ASN D 108 -1.49 -17.83 30.72
CA ASN D 108 -1.01 -17.05 31.85
C ASN D 108 0.07 -17.84 32.59
N TYR D 109 1.24 -17.92 31.95
CA TYR D 109 2.33 -18.75 32.46
C TYR D 109 2.87 -18.21 33.80
N TYR D 110 2.89 -16.89 33.99
CA TYR D 110 3.28 -16.36 35.29
C TYR D 110 2.36 -16.89 36.39
N GLY D 111 1.04 -16.74 36.19
CA GLY D 111 0.09 -17.20 37.19
C GLY D 111 0.22 -18.68 37.50
N ALA D 112 0.47 -19.49 36.47
CA ALA D 112 0.69 -20.91 36.70
C ALA D 112 1.93 -21.15 37.58
N ALA D 113 3.06 -20.54 37.18
CA ALA D 113 4.29 -20.71 37.96
C ALA D 113 4.11 -20.26 39.40
N LYS D 114 3.45 -19.13 39.61
CA LYS D 114 3.21 -18.62 40.97
C LYS D 114 2.46 -19.64 41.80
N MET D 115 1.40 -20.24 41.24
CA MET D 115 0.65 -21.26 41.96
C MET D 115 1.52 -22.49 42.24
N ILE D 116 2.37 -22.86 41.27
CA ILE D 116 3.26 -23.99 41.46
C ILE D 116 4.24 -23.72 42.59
N PHE D 117 4.92 -22.57 42.55
CA PHE D 117 5.95 -22.31 43.55
C PHE D 117 5.36 -21.94 44.90
N SER D 118 4.09 -21.56 44.94
CA SER D 118 3.44 -21.28 46.22
C SER D 118 3.47 -22.51 47.14
N ASP D 119 3.21 -23.70 46.59
CA ASP D 119 3.20 -24.92 47.39
C ASP D 119 4.45 -25.78 47.19
N ASN D 120 5.31 -25.47 46.21
CA ASN D 120 6.52 -26.26 45.97
C ASN D 120 7.64 -25.34 45.49
N PRO D 121 8.56 -24.97 46.38
CA PRO D 121 9.66 -24.07 45.99
C PRO D 121 10.67 -24.70 45.02
N LEU D 122 10.62 -26.00 44.80
CA LEU D 122 11.44 -26.67 43.79
C LEU D 122 10.58 -27.11 42.62
N GLY D 123 9.65 -26.22 42.20
CA GLY D 123 8.59 -26.64 41.31
C GLY D 123 9.06 -27.03 39.92
N LEU D 124 10.13 -26.39 39.43
CA LEU D 124 10.66 -26.79 38.12
C LEU D 124 11.38 -28.13 38.21
N THR D 125 12.18 -28.32 39.24
CA THR D 125 12.83 -29.62 39.44
C THR D 125 11.78 -30.72 39.47
N CYS D 126 10.74 -30.55 40.28
CA CYS D 126 9.73 -31.60 40.39
C CYS D 126 8.97 -31.79 39.08
N GLY D 127 8.68 -30.70 38.37
CA GLY D 127 8.14 -30.84 37.02
C GLY D 127 8.93 -31.83 36.17
N MET D 128 10.27 -31.73 36.19
CA MET D 128 11.02 -32.68 35.37
C MET D 128 11.26 -34.05 35.99
N VAL D 129 11.28 -34.20 37.32
CA VAL D 129 11.68 -35.50 37.90
C VAL D 129 10.58 -36.22 38.67
N CYS D 130 9.41 -35.62 38.92
CA CYS D 130 8.44 -36.36 39.74
C CYS D 130 8.06 -37.66 39.01
N PRO D 131 8.05 -38.79 39.70
CA PRO D 131 7.49 -40.02 39.10
C PRO D 131 5.97 -39.99 39.15
N THR D 132 5.39 -39.17 38.28
CA THR D 132 3.97 -38.81 38.34
C THR D 132 3.05 -40.02 38.25
N SER D 133 3.46 -41.09 37.59
CA SER D 133 2.59 -42.26 37.50
C SER D 133 2.31 -42.86 38.86
N ASP D 134 3.17 -42.60 39.85
CA ASP D 134 2.96 -43.07 41.21
C ASP D 134 2.54 -41.91 42.14
N LEU D 135 2.28 -40.73 41.56
CA LEU D 135 1.86 -39.56 42.33
C LEU D 135 0.62 -38.92 41.69
N CYS D 136 0.73 -37.66 41.25
CA CYS D 136 -0.44 -36.91 40.80
C CYS D 136 -1.14 -37.61 39.62
N VAL D 137 -0.38 -37.98 38.59
CA VAL D 137 -0.97 -38.55 37.39
C VAL D 137 -1.64 -39.90 37.68
N GLY D 138 -1.17 -40.60 38.73
CA GLY D 138 -1.79 -41.86 39.10
C GLY D 138 -3.23 -41.72 39.55
N GLY D 139 -3.61 -40.53 40.02
CA GLY D 139 -4.96 -40.22 40.41
C GLY D 139 -5.82 -39.52 39.38
N CYS D 140 -5.29 -39.23 38.18
CA CYS D 140 -5.96 -38.36 37.22
C CYS D 140 -7.25 -39.00 36.68
N ASN D 141 -8.33 -38.21 36.68
CA ASN D 141 -9.62 -38.72 36.19
C ASN D 141 -9.59 -39.06 34.71
N LEU D 142 -8.74 -38.39 33.94
CA LEU D 142 -8.73 -38.70 32.51
C LEU D 142 -8.07 -40.03 32.21
N TYR D 143 -7.50 -40.70 33.22
CA TYR D 143 -7.16 -42.11 33.06
C TYR D 143 -8.33 -42.93 32.54
N ALA D 144 -9.54 -42.54 32.91
CA ALA D 144 -10.74 -43.24 32.49
C ALA D 144 -11.19 -42.89 31.07
N THR D 145 -10.35 -42.25 30.26
CA THR D 145 -10.62 -42.07 28.84
C THR D 145 -9.54 -42.75 28.00
N GLU D 146 -9.91 -43.10 26.76
CA GLU D 146 -8.96 -43.80 25.89
C GLU D 146 -7.68 -43.00 25.71
N GLU D 147 -7.79 -41.68 25.51
CA GLU D 147 -6.62 -40.83 25.32
C GLU D 147 -5.76 -40.70 26.57
N GLY D 148 -6.29 -40.96 27.77
CA GLY D 148 -5.45 -41.12 28.93
C GLY D 148 -5.22 -39.87 29.79
N SER D 149 -4.39 -40.05 30.83
CA SER D 149 -4.15 -39.05 31.86
C SER D 149 -3.39 -37.85 31.33
N ILE D 150 -3.50 -36.73 32.06
CA ILE D 150 -2.83 -35.50 31.70
C ILE D 150 -1.33 -35.57 32.00
N ASN D 151 -0.51 -34.96 31.15
CA ASN D 151 0.93 -34.83 31.38
C ASN D 151 1.16 -33.66 32.33
N ILE D 152 0.97 -33.92 33.62
CA ILE D 152 1.00 -32.84 34.61
C ILE D 152 2.41 -32.31 34.79
N GLY D 153 3.39 -33.20 34.87
CA GLY D 153 4.74 -32.75 35.16
C GLY D 153 5.32 -31.92 34.03
N GLY D 154 5.03 -32.33 32.79
CA GLY D 154 5.44 -31.53 31.64
C GLY D 154 4.79 -30.16 31.60
N LEU D 155 3.51 -30.07 31.98
CA LEU D 155 2.87 -28.76 32.05
C LEU D 155 3.52 -27.89 33.12
N GLN D 156 3.72 -28.47 34.32
CA GLN D 156 4.41 -27.77 35.40
C GLN D 156 5.79 -27.31 34.95
N GLN D 157 6.52 -28.19 34.29
CA GLN D 157 7.82 -27.84 33.74
C GLN D 157 7.72 -26.69 32.76
N PHE D 158 6.73 -26.73 31.84
CA PHE D 158 6.64 -25.68 30.82
C PHE D 158 6.43 -24.32 31.46
N ALA D 159 5.44 -24.21 32.36
CA ALA D 159 5.16 -22.91 32.98
C ALA D 159 6.33 -22.43 33.82
N SER D 160 7.04 -23.35 34.45
CA SER D 160 8.14 -22.94 35.32
C SER D 160 9.34 -22.49 34.50
N GLU D 161 9.57 -23.12 33.33
CA GLU D 161 10.60 -22.66 32.41
C GLU D 161 10.30 -21.27 31.88
N VAL D 162 9.05 -21.00 31.51
CA VAL D 162 8.73 -19.67 31.02
C VAL D 162 9.01 -18.64 32.11
N PHE D 163 8.56 -18.90 33.35
CA PHE D 163 8.83 -17.98 34.45
C PHE D 163 10.32 -17.80 34.67
N LYS D 164 11.09 -18.88 34.56
CA LYS D 164 12.54 -18.78 34.66
C LYS D 164 13.10 -17.83 33.59
N ALA D 165 12.68 -18.01 32.33
CA ALA D 165 13.12 -17.12 31.27
C ALA D 165 12.75 -15.67 31.53
N MET D 166 11.71 -15.45 32.32
CA MET D 166 11.21 -14.10 32.59
C MET D 166 12.19 -13.31 33.45
N ASN D 167 13.01 -14.00 34.24
CA ASN D 167 14.02 -13.38 35.12
C ASN D 167 13.40 -12.34 36.06
N ILE D 168 12.38 -12.80 36.77
CA ILE D 168 11.70 -12.03 37.82
C ILE D 168 12.11 -12.61 39.17
N PRO D 169 12.48 -11.78 40.14
CA PRO D 169 12.89 -12.32 41.45
C PRO D 169 11.70 -12.62 42.36
N GLN D 170 11.95 -13.50 43.33
CA GLN D 170 11.07 -13.59 44.48
C GLN D 170 11.23 -12.34 45.33
N ILE D 171 10.15 -11.93 46.01
CA ILE D 171 10.24 -10.87 46.99
C ILE D 171 9.78 -11.40 48.33
N ARG D 172 10.24 -10.72 49.37
CA ARG D 172 9.72 -10.89 50.71
C ARG D 172 8.21 -10.74 50.71
N ASN D 173 7.55 -11.61 51.47
CA ASN D 173 6.12 -11.63 51.71
C ASN D 173 5.59 -10.20 51.91
N PRO D 174 4.79 -9.68 50.98
CA PRO D 174 4.37 -8.27 51.05
C PRO D 174 3.32 -7.99 52.11
N CYS D 175 2.75 -9.02 52.73
CA CYS D 175 1.86 -8.84 53.86
C CYS D 175 2.61 -8.62 55.17
N LEU D 176 3.91 -8.89 55.21
CA LEU D 176 4.67 -8.72 56.43
C LEU D 176 4.90 -7.25 56.72
N PRO D 177 4.95 -6.86 57.99
CA PRO D 177 5.43 -5.53 58.35
C PRO D 177 6.86 -5.31 57.88
N SER D 178 7.31 -4.07 58.02
CA SER D 178 8.69 -3.70 57.77
C SER D 178 9.63 -4.50 58.65
N GLN D 179 10.84 -4.77 58.13
CA GLN D 179 11.77 -5.60 58.88
C GLN D 179 12.06 -5.04 60.27
N GLU D 180 12.14 -3.71 60.42
CA GLU D 180 12.38 -3.12 61.74
C GLU D 180 11.21 -3.39 62.68
N LYS D 181 10.01 -3.57 62.12
CA LYS D 181 8.77 -3.76 62.89
C LYS D 181 8.48 -5.21 63.25
N MET D 182 9.20 -6.17 62.69
CA MET D 182 9.05 -7.56 63.12
C MET D 182 9.37 -7.73 64.61
N PRO D 183 8.58 -8.55 65.31
CA PRO D 183 8.88 -8.88 66.71
C PRO D 183 10.22 -9.60 66.84
N GLU D 184 10.76 -9.54 68.06
CA GLU D 184 12.11 -10.05 68.29
C GLU D 184 12.26 -11.52 67.88
N ALA D 185 11.19 -12.31 68.01
CA ALA D 185 11.28 -13.75 67.75
C ALA D 185 11.77 -14.07 66.34
N TYR D 186 11.44 -13.22 65.36
CA TYR D 186 11.80 -13.52 63.99
C TYR D 186 13.29 -13.33 63.71
N SER D 187 14.04 -12.78 64.66
CA SER D 187 15.50 -12.67 64.60
C SER D 187 16.20 -13.89 65.18
N ALA D 188 15.46 -14.90 65.61
CA ALA D 188 16.08 -16.08 66.21
C ALA D 188 16.99 -16.76 65.20
N LYS D 189 18.13 -17.26 65.69
CA LYS D 189 19.10 -17.91 64.81
C LYS D 189 18.62 -19.33 64.47
N ILE D 190 18.53 -19.63 63.19
CA ILE D 190 18.03 -20.92 62.71
C ILE D 190 19.12 -21.59 61.87
N ALA D 191 19.37 -22.87 62.14
CA ALA D 191 20.35 -23.63 61.40
C ALA D 191 19.66 -24.76 60.66
N LEU D 192 20.10 -24.98 59.42
CA LEU D 192 19.71 -26.13 58.63
C LEU D 192 20.99 -26.82 58.14
N LEU D 193 20.98 -28.14 58.20
CA LEU D 193 22.12 -28.97 57.84
C LEU D 193 21.83 -29.68 56.52
N GLY D 194 22.65 -29.39 55.50
CA GLY D 194 22.50 -29.99 54.18
C GLY D 194 21.69 -29.13 53.23
N ALA D 195 22.24 -28.81 52.07
CA ALA D 195 21.56 -27.95 51.10
C ALA D 195 20.83 -28.78 50.04
N GLY D 196 19.92 -29.64 50.50
CA GLY D 196 19.13 -30.42 49.59
C GLY D 196 17.70 -29.93 49.53
N PRO D 197 16.87 -30.61 48.75
CA PRO D 197 15.45 -30.20 48.64
C PRO D 197 14.75 -30.02 49.97
N ALA D 198 15.04 -30.86 50.96
CA ALA D 198 14.34 -30.75 52.23
C ALA D 198 14.67 -29.42 52.90
N SER D 199 15.96 -29.09 52.98
CA SER D 199 16.37 -27.86 53.67
C SER D 199 16.05 -26.62 52.85
N ILE D 200 16.27 -26.68 51.53
CA ILE D 200 15.92 -25.57 50.66
C ILE D 200 14.47 -25.21 50.85
N SER D 201 13.61 -26.23 50.89
CA SER D 201 12.19 -26.01 51.09
C SER D 201 11.93 -25.42 52.48
N CYS D 202 12.48 -26.05 53.52
CA CYS D 202 12.22 -25.58 54.88
C CYS D 202 12.64 -24.11 55.04
N ALA D 203 13.87 -23.80 54.63
CA ALA D 203 14.40 -22.44 54.77
C ALA D 203 13.56 -21.44 53.97
N SER D 204 13.12 -21.81 52.76
CA SER D 204 12.23 -20.97 51.97
C SER D 204 10.97 -20.59 52.75
N PHE D 205 10.29 -21.59 53.31
CA PHE D 205 9.03 -21.29 53.98
C PHE D 205 9.25 -20.52 55.29
N LEU D 206 10.33 -20.82 56.01
CA LEU D 206 10.63 -20.06 57.21
C LEU D 206 10.88 -18.60 56.88
N ALA D 207 11.58 -18.35 55.77
CA ALA D 207 11.83 -16.97 55.36
C ALA D 207 10.55 -16.28 54.90
N ARG D 208 9.64 -17.03 54.25
CA ARG D 208 8.34 -16.44 53.89
C ARG D 208 7.58 -15.95 55.12
N LEU D 209 7.70 -16.67 56.24
CA LEU D 209 7.05 -16.28 57.48
C LEU D 209 7.69 -15.06 58.14
N GLY D 210 8.88 -14.65 57.71
CA GLY D 210 9.50 -13.44 58.21
C GLY D 210 10.80 -13.63 58.96
N TYR D 211 11.31 -14.85 59.12
CA TYR D 211 12.54 -15.06 59.86
C TYR D 211 13.73 -14.56 59.06
N SER D 212 14.60 -13.79 59.73
CA SER D 212 15.64 -13.01 59.07
C SER D 212 17.04 -13.57 59.26
N ASP D 213 17.22 -14.71 59.95
CA ASP D 213 18.57 -15.22 60.25
C ASP D 213 18.55 -16.74 60.04
N ILE D 214 18.62 -17.15 58.78
CA ILE D 214 18.52 -18.54 58.40
C ILE D 214 19.82 -18.94 57.69
N THR D 215 20.44 -20.03 58.15
CA THR D 215 21.69 -20.47 57.55
C THR D 215 21.62 -21.96 57.22
N ILE D 216 21.87 -22.30 55.95
CA ILE D 216 22.07 -23.69 55.54
C ILE D 216 23.56 -23.99 55.56
N PHE D 217 23.96 -24.97 56.35
CA PHE D 217 25.34 -25.45 56.38
C PHE D 217 25.43 -26.69 55.49
N GLU D 218 26.26 -26.61 54.44
CA GLU D 218 26.39 -27.69 53.46
C GLU D 218 27.79 -28.26 53.48
N LYS D 219 27.89 -29.58 53.57
CA LYS D 219 29.20 -30.23 53.65
C LYS D 219 30.01 -30.03 52.37
N GLN D 220 29.36 -30.17 51.22
CA GLN D 220 30.09 -30.14 49.97
C GLN D 220 30.32 -28.70 49.52
N GLU D 221 31.04 -28.55 48.40
CA GLU D 221 31.29 -27.27 47.78
C GLU D 221 30.21 -26.90 46.78
N TYR D 222 29.22 -27.77 46.58
CA TYR D 222 28.14 -27.55 45.63
C TYR D 222 26.82 -27.67 46.40
N VAL D 223 25.76 -27.11 45.85
CA VAL D 223 24.46 -27.08 46.50
C VAL D 223 23.45 -27.83 45.65
N GLY D 224 22.37 -28.27 46.31
CA GLY D 224 21.27 -28.93 45.63
C GLY D 224 21.08 -30.39 45.99
N GLY D 225 21.98 -30.98 46.78
CA GLY D 225 21.83 -32.37 47.17
C GLY D 225 21.86 -33.31 45.97
N LEU D 226 21.04 -34.36 46.03
CA LEU D 226 21.03 -35.35 44.94
C LEU D 226 20.63 -34.74 43.60
N SER D 227 19.85 -33.66 43.60
CA SER D 227 19.46 -33.03 42.33
C SER D 227 20.69 -32.64 41.53
N THR D 228 21.75 -32.22 42.23
CA THR D 228 23.00 -31.80 41.63
C THR D 228 23.99 -32.95 41.49
N SER D 229 24.15 -33.76 42.54
CA SER D 229 25.24 -34.71 42.59
C SER D 229 24.92 -36.04 41.91
N GLU D 230 23.65 -36.40 41.72
CA GLU D 230 23.40 -37.72 41.14
C GLU D 230 22.35 -37.74 40.03
N ILE D 231 21.27 -36.96 40.13
CA ILE D 231 20.27 -37.05 39.06
C ILE D 231 20.90 -36.62 37.73
N PRO D 232 20.79 -37.40 36.67
CA PRO D 232 21.53 -37.09 35.44
C PRO D 232 21.10 -35.79 34.77
N GLN D 233 22.08 -35.12 34.18
CA GLN D 233 21.84 -33.90 33.42
C GLN D 233 20.81 -34.12 32.31
N PHE D 234 20.74 -35.32 31.72
CA PHE D 234 19.76 -35.53 30.66
C PHE D 234 18.34 -35.70 31.20
N ARG D 235 18.14 -35.70 32.52
CA ARG D 235 16.81 -35.59 33.11
C ARG D 235 16.58 -34.27 33.83
N LEU D 236 17.59 -33.75 34.54
CA LEU D 236 17.51 -32.48 35.26
C LEU D 236 18.73 -31.61 34.97
N PRO D 237 18.63 -30.63 34.07
CA PRO D 237 19.76 -29.72 33.83
C PRO D 237 20.11 -28.95 35.10
N TYR D 238 21.41 -28.78 35.34
CA TYR D 238 21.84 -28.08 36.54
C TYR D 238 21.32 -26.64 36.61
N ASP D 239 21.15 -25.96 35.48
CA ASP D 239 20.70 -24.57 35.58
C ASP D 239 19.31 -24.49 36.22
N VAL D 240 18.57 -25.59 36.25
CA VAL D 240 17.31 -25.59 36.98
C VAL D 240 17.57 -25.47 38.48
N VAL D 241 18.53 -26.25 39.00
CA VAL D 241 18.87 -26.18 40.42
C VAL D 241 19.35 -24.77 40.79
N ASN D 242 20.22 -24.20 39.96
CA ASN D 242 20.74 -22.85 40.25
C ASN D 242 19.60 -21.82 40.28
N PHE D 243 18.59 -21.99 39.42
CA PHE D 243 17.46 -21.07 39.40
C PHE D 243 16.68 -21.15 40.71
N GLU D 244 16.36 -22.35 41.18
CA GLU D 244 15.58 -22.50 42.40
C GLU D 244 16.35 -22.04 43.63
N ILE D 245 17.65 -22.34 43.72
CA ILE D 245 18.47 -21.85 44.83
C ILE D 245 18.49 -20.32 44.84
N GLU D 246 18.65 -19.69 43.67
CA GLU D 246 18.69 -18.22 43.61
C GLU D 246 17.36 -17.60 44.01
N LEU D 247 16.22 -18.27 43.75
CA LEU D 247 14.94 -17.74 44.22
C LEU D 247 14.87 -17.75 45.74
N MET D 248 15.41 -18.80 46.35
CA MET D 248 15.47 -18.84 47.82
C MET D 248 16.41 -17.76 48.34
N LYS D 249 17.52 -17.50 47.64
CA LYS D 249 18.43 -16.47 48.10
C LYS D 249 17.81 -15.08 48.05
N ASP D 250 16.86 -14.84 47.13
CA ASP D 250 16.13 -13.58 47.13
C ASP D 250 15.49 -13.28 48.48
N LEU D 251 15.16 -14.31 49.26
CA LEU D 251 14.52 -14.13 50.57
C LEU D 251 15.51 -13.91 51.71
N GLY D 252 16.81 -13.88 51.45
CA GLY D 252 17.80 -13.63 52.47
C GLY D 252 18.45 -14.85 53.12
N VAL D 253 18.07 -16.06 52.70
CA VAL D 253 18.64 -17.27 53.26
C VAL D 253 20.12 -17.34 52.92
N LYS D 254 20.95 -17.68 53.92
CA LYS D 254 22.38 -17.78 53.69
C LYS D 254 22.77 -19.25 53.56
N ILE D 255 23.70 -19.54 52.67
CA ILE D 255 24.26 -20.87 52.50
C ILE D 255 25.76 -20.78 52.72
N ILE D 256 26.28 -21.64 53.61
CA ILE D 256 27.71 -21.75 53.85
C ILE D 256 28.14 -23.16 53.49
N CYS D 257 29.00 -23.25 52.50
CA CYS D 257 29.48 -24.52 51.95
C CYS D 257 30.73 -24.96 52.71
N GLY D 258 31.07 -26.23 52.57
CA GLY D 258 32.25 -26.75 53.23
C GLY D 258 32.15 -26.91 54.73
N LYS D 259 30.93 -26.96 55.26
CA LYS D 259 30.64 -27.06 56.70
C LYS D 259 29.82 -28.32 56.95
N SER D 260 30.30 -29.18 57.84
CA SER D 260 29.68 -30.48 58.07
C SER D 260 29.07 -30.58 59.48
N LEU D 261 27.91 -31.19 59.58
CA LEU D 261 27.48 -31.79 60.84
C LEU D 261 28.33 -33.02 61.08
N SER D 262 29.20 -32.97 62.09
CA SER D 262 30.09 -34.07 62.42
C SER D 262 30.70 -33.81 63.79
N GLU D 263 31.01 -34.89 64.52
CA GLU D 263 31.72 -34.72 65.78
C GLU D 263 33.01 -33.95 65.51
N ASN D 264 33.36 -33.04 66.42
CA ASN D 264 34.52 -32.16 66.25
C ASN D 264 34.38 -31.23 65.05
N GLU D 265 33.15 -31.03 64.56
CA GLU D 265 32.86 -29.94 63.63
C GLU D 265 31.56 -29.30 64.12
N ILE D 266 30.47 -29.33 63.35
CA ILE D 266 29.19 -28.83 63.83
C ILE D 266 28.43 -29.95 64.51
N THR D 267 27.96 -29.70 65.74
CA THR D 267 27.09 -30.63 66.45
C THR D 267 25.89 -29.87 67.00
N LEU D 268 24.87 -30.65 67.43
CA LEU D 268 23.74 -30.04 68.11
C LEU D 268 24.20 -29.29 69.34
N ASN D 269 25.22 -29.83 70.03
CA ASN D 269 25.79 -29.15 71.18
C ASN D 269 26.42 -27.81 70.78
N THR D 270 27.26 -27.80 69.73
CA THR D 270 27.92 -26.54 69.35
C THR D 270 26.88 -25.52 68.87
N LEU D 271 25.90 -25.97 68.07
CA LEU D 271 24.80 -25.10 67.63
C LEU D 271 24.06 -24.48 68.83
N LYS D 272 23.70 -25.30 69.82
CA LYS D 272 23.07 -24.76 71.02
C LYS D 272 23.96 -23.76 71.73
N GLU D 273 25.25 -24.06 71.87
CA GLU D 273 26.16 -23.16 72.59
C GLU D 273 26.24 -21.78 71.98
N GLU D 274 26.14 -21.69 70.64
CA GLU D 274 26.24 -20.45 69.87
C GLU D 274 24.92 -19.70 69.77
N GLY D 275 23.86 -20.18 70.41
CA GLY D 275 22.62 -19.44 70.45
C GLY D 275 21.62 -19.74 69.37
N TYR D 276 21.84 -20.79 68.57
CA TYR D 276 20.82 -21.19 67.59
C TYR D 276 19.58 -21.69 68.32
N LYS D 277 18.40 -21.27 67.85
CA LYS D 277 17.17 -21.56 68.56
C LYS D 277 16.46 -22.81 68.03
N ALA D 278 16.70 -23.15 66.77
CA ALA D 278 16.08 -24.29 66.12
C ALA D 278 17.07 -24.85 65.10
N ALA D 279 17.04 -26.17 64.93
CA ALA D 279 17.82 -26.83 63.90
C ALA D 279 16.95 -27.78 63.11
N PHE D 280 17.18 -27.82 61.79
CA PHE D 280 16.52 -28.76 60.89
C PHE D 280 17.58 -29.67 60.28
N ILE D 281 17.38 -30.98 60.38
CA ILE D 281 18.36 -31.94 59.87
C ILE D 281 17.90 -32.40 58.49
N GLY D 282 18.61 -31.98 57.45
CA GLY D 282 18.26 -32.45 56.11
C GLY D 282 19.45 -33.01 55.33
N ILE D 283 20.27 -33.85 55.97
CA ILE D 283 21.53 -34.29 55.38
C ILE D 283 21.38 -35.48 54.44
N GLY D 284 20.16 -35.96 54.20
CA GLY D 284 19.94 -37.12 53.35
C GLY D 284 20.60 -38.41 53.88
N LEU D 285 20.87 -39.33 52.94
CA LEU D 285 21.53 -40.60 53.22
C LEU D 285 22.90 -40.57 52.54
N PRO D 286 23.95 -40.11 53.21
CA PRO D 286 25.16 -39.69 52.50
C PRO D 286 26.10 -40.82 52.08
N GLU D 287 25.84 -42.07 52.44
CA GLU D 287 26.82 -43.11 52.15
C GLU D 287 26.16 -44.28 51.44
N PRO D 288 26.92 -45.02 50.62
CA PRO D 288 26.32 -46.13 49.88
C PRO D 288 26.02 -47.32 50.78
N LYS D 289 24.99 -48.07 50.41
CA LYS D 289 24.76 -49.36 51.04
C LYS D 289 25.68 -50.37 50.36
N THR D 290 26.46 -51.11 51.15
CA THR D 290 27.50 -51.96 50.59
C THR D 290 27.28 -53.42 50.94
N ASP D 291 28.00 -54.27 50.20
CA ASP D 291 27.99 -55.72 50.37
C ASP D 291 29.43 -56.22 50.57
N ASP D 292 29.59 -57.12 51.54
CA ASP D 292 30.92 -57.62 51.89
C ASP D 292 31.65 -58.21 50.70
N ILE D 293 30.94 -58.76 49.71
CA ILE D 293 31.67 -59.39 48.62
C ILE D 293 32.37 -58.38 47.75
N PHE D 294 32.12 -57.08 47.92
CA PHE D 294 32.87 -56.11 47.13
C PHE D 294 33.95 -55.41 47.92
N GLN D 295 34.24 -55.84 49.14
CA GLN D 295 35.15 -55.05 49.95
C GLN D 295 36.55 -55.17 49.36
N GLY D 296 37.22 -54.03 49.23
CA GLY D 296 38.56 -53.98 48.69
C GLY D 296 38.63 -53.53 47.26
N LEU D 297 37.52 -53.54 46.53
CA LEU D 297 37.54 -53.30 45.09
C LEU D 297 37.64 -51.81 44.83
N THR D 298 38.50 -51.43 43.89
CA THR D 298 38.77 -50.02 43.58
C THR D 298 38.16 -49.65 42.23
N GLN D 299 38.07 -48.34 41.98
CA GLN D 299 37.58 -47.91 40.66
C GLN D 299 38.51 -48.32 39.54
N ASP D 300 39.82 -48.41 39.79
CA ASP D 300 40.67 -48.80 38.67
C ASP D 300 40.59 -50.29 38.37
N GLN D 301 40.09 -51.11 39.30
CA GLN D 301 39.71 -52.47 38.93
C GLN D 301 38.38 -52.50 38.20
N GLY D 302 37.62 -51.42 38.29
CA GLY D 302 36.35 -51.30 37.61
C GLY D 302 35.13 -51.36 38.48
N PHE D 303 35.26 -51.21 39.80
CA PHE D 303 34.10 -51.28 40.70
C PHE D 303 33.71 -49.89 41.19
N TYR D 304 32.41 -49.61 41.15
CA TYR D 304 31.84 -48.41 41.74
C TYR D 304 30.59 -48.79 42.52
N THR D 305 30.31 -48.02 43.57
CA THR D 305 28.94 -47.89 44.03
C THR D 305 28.33 -46.71 43.31
N SER D 306 26.99 -46.62 43.34
CA SER D 306 26.32 -45.47 42.73
C SER D 306 26.81 -44.14 43.32
N LYS D 307 27.17 -44.14 44.60
CA LYS D 307 27.71 -42.92 45.20
C LYS D 307 29.08 -42.56 44.66
N ASP D 308 29.79 -43.53 44.09
CA ASP D 308 31.05 -43.25 43.41
C ASP D 308 30.82 -42.80 41.97
N PHE D 309 29.89 -43.44 41.27
CA PHE D 309 29.79 -43.30 39.82
C PHE D 309 28.98 -42.07 39.40
N LEU D 310 27.79 -41.90 39.97
CA LEU D 310 26.90 -40.85 39.52
C LEU D 310 27.45 -39.45 39.82
N PRO D 311 28.08 -39.20 40.98
CA PRO D 311 28.75 -37.90 41.14
C PRO D 311 29.87 -37.65 40.15
N LEU D 312 30.61 -38.68 39.71
CA LEU D 312 31.65 -38.44 38.72
C LEU D 312 31.05 -37.96 37.39
N VAL D 313 29.99 -38.60 36.94
CA VAL D 313 29.32 -38.20 35.72
C VAL D 313 28.65 -36.84 35.90
N ALA D 314 28.03 -36.61 37.05
CA ALA D 314 27.48 -35.29 37.35
C ALA D 314 28.55 -34.22 37.25
N LYS D 315 29.66 -34.38 37.97
CA LYS D 315 30.68 -33.33 37.94
C LYS D 315 31.20 -33.11 36.53
N SER D 316 31.21 -34.17 35.72
CA SER D 316 31.73 -34.02 34.37
C SER D 316 30.75 -33.30 33.46
N SER D 317 29.45 -33.56 33.60
CA SER D 317 28.46 -33.13 32.63
C SER D 317 27.69 -31.88 33.02
N LYS D 318 27.86 -31.37 34.23
CA LYS D 318 27.09 -30.22 34.72
C LYS D 318 28.01 -29.02 34.94
N ALA D 319 28.13 -28.17 33.94
CA ALA D 319 28.92 -26.95 34.09
C ALA D 319 28.34 -26.04 35.16
N GLY D 320 29.21 -25.50 36.01
CA GLY D 320 28.78 -24.62 37.09
C GLY D 320 28.38 -25.34 38.36
N MET D 321 28.39 -26.66 38.35
CA MET D 321 28.23 -27.44 39.58
C MET D 321 29.44 -27.27 40.48
N CYS D 322 30.62 -27.47 39.92
CA CYS D 322 31.82 -27.82 40.64
C CYS D 322 32.96 -26.92 40.17
N ALA D 323 33.93 -26.67 41.08
CA ALA D 323 35.07 -25.82 40.72
C ALA D 323 35.97 -26.49 39.69
N CYS D 324 36.01 -27.81 39.68
CA CYS D 324 36.93 -28.57 38.85
C CYS D 324 36.15 -29.18 37.69
N HIS D 325 36.58 -28.88 36.46
CA HIS D 325 36.06 -29.56 35.28
C HIS D 325 36.72 -30.93 35.14
N SER D 326 36.05 -31.85 34.44
CA SER D 326 36.60 -33.18 34.31
C SER D 326 35.96 -33.91 33.14
N PRO D 327 36.70 -34.80 32.48
CA PRO D 327 36.09 -35.69 31.48
C PRO D 327 35.20 -36.74 32.12
N LEU D 328 34.45 -37.43 31.27
CA LEU D 328 33.62 -38.53 31.72
C LEU D 328 34.48 -39.72 32.14
N PRO D 329 33.99 -40.56 33.05
CA PRO D 329 34.71 -41.79 33.40
C PRO D 329 34.89 -42.71 32.19
N SER D 330 36.03 -43.41 32.14
CA SER D 330 36.33 -44.29 31.01
C SER D 330 35.71 -45.66 31.27
N ILE D 331 34.44 -45.76 30.90
CA ILE D 331 33.58 -46.92 31.12
C ILE D 331 33.55 -47.68 29.79
N ARG D 332 34.62 -48.40 29.47
CA ARG D 332 34.68 -49.12 28.21
C ARG D 332 34.49 -50.61 28.46
N GLY D 333 33.75 -51.26 27.57
CA GLY D 333 33.45 -52.68 27.76
C GLY D 333 32.05 -52.94 28.28
N ALA D 334 31.89 -54.12 28.88
CA ALA D 334 30.59 -54.58 29.38
C ALA D 334 30.41 -54.13 30.82
N VAL D 335 29.25 -53.54 31.10
CA VAL D 335 28.97 -52.92 32.40
C VAL D 335 27.84 -53.68 33.07
N ILE D 336 28.09 -54.11 34.31
CA ILE D 336 27.08 -54.73 35.16
C ILE D 336 26.61 -53.70 36.18
N VAL D 337 25.32 -53.44 36.22
CA VAL D 337 24.68 -52.64 37.25
C VAL D 337 23.86 -53.58 38.13
N LEU D 338 24.09 -53.53 39.43
CA LEU D 338 23.45 -54.45 40.37
C LEU D 338 22.32 -53.73 41.10
N GLY D 339 21.11 -54.23 40.94
CA GLY D 339 19.97 -53.66 41.62
C GLY D 339 18.91 -53.20 40.63
N ALA D 340 17.77 -52.82 41.20
CA ALA D 340 16.61 -52.53 40.37
C ALA D 340 15.74 -51.41 40.94
N GLY D 341 16.27 -50.57 41.81
CA GLY D 341 15.64 -49.32 42.12
C GLY D 341 15.93 -48.30 41.04
N ASP D 342 15.43 -47.09 41.26
CA ASP D 342 15.58 -46.08 40.23
C ASP D 342 17.01 -45.57 40.11
N THR D 343 17.83 -45.73 41.15
CA THR D 343 19.26 -45.42 41.02
C THR D 343 19.94 -46.32 39.99
N ALA D 344 19.65 -47.63 40.02
CA ALA D 344 20.25 -48.55 39.05
C ALA D 344 19.97 -48.12 37.61
N PHE D 345 18.75 -47.66 37.34
CA PHE D 345 18.42 -47.33 35.96
C PHE D 345 19.13 -46.06 35.51
N ASP D 346 19.33 -45.12 36.43
CA ASP D 346 20.14 -43.94 36.11
C ASP D 346 21.62 -44.31 35.95
N CYS D 347 22.11 -45.29 36.71
CA CYS D 347 23.48 -45.75 36.48
C CYS D 347 23.63 -46.35 35.09
N ALA D 348 22.63 -47.08 34.63
CA ALA D 348 22.71 -47.78 33.36
C ALA D 348 22.77 -46.80 32.20
N THR D 349 21.78 -45.90 32.11
CA THR D 349 21.76 -44.92 31.03
C THR D 349 22.97 -44.00 31.10
N SER D 350 23.45 -43.71 32.32
CA SER D 350 24.67 -42.92 32.47
C SER D 350 25.90 -43.69 32.00
N ALA D 351 25.92 -45.00 32.19
CA ALA D 351 27.06 -45.77 31.68
C ALA D 351 27.15 -45.67 30.15
N LEU D 352 26.01 -45.54 29.47
CA LEU D 352 26.04 -45.44 28.01
C LEU D 352 26.63 -44.12 27.54
N ARG D 353 26.37 -43.03 28.29
CA ARG D 353 27.00 -41.74 27.95
C ARG D 353 28.50 -41.79 28.11
N CYS D 354 29.01 -42.68 28.97
CA CYS D 354 30.44 -42.84 29.18
C CYS D 354 31.09 -43.76 28.16
N GLY D 355 30.36 -44.24 27.17
CA GLY D 355 30.92 -45.11 26.15
C GLY D 355 30.77 -46.60 26.39
N ALA D 356 29.92 -47.02 27.33
CA ALA D 356 29.73 -48.46 27.55
C ALA D 356 29.32 -49.17 26.26
N ARG D 357 29.92 -50.35 26.04
CA ARG D 357 29.56 -51.16 24.87
C ARG D 357 28.24 -51.91 25.11
N ARG D 358 28.01 -52.37 26.33
CA ARG D 358 26.84 -53.15 26.69
C ARG D 358 26.58 -52.92 28.18
N VAL D 359 25.30 -52.83 28.56
CA VAL D 359 24.93 -52.66 29.95
C VAL D 359 23.95 -53.75 30.36
N PHE D 360 24.23 -54.40 31.48
CA PHE D 360 23.37 -55.43 32.04
C PHE D 360 22.85 -54.93 33.38
N LEU D 361 21.54 -54.79 33.50
CA LEU D 361 20.90 -54.61 34.80
C LEU D 361 20.62 -56.00 35.38
N VAL D 362 21.18 -56.28 36.56
CA VAL D 362 21.08 -57.61 37.17
C VAL D 362 20.53 -57.47 38.58
N PHE D 363 19.45 -58.20 38.87
CA PHE D 363 18.75 -58.03 40.12
C PHE D 363 18.26 -59.37 40.65
N ARG D 364 18.10 -59.43 41.98
CA ARG D 364 17.92 -60.69 42.70
C ARG D 364 16.48 -61.15 42.78
N LYS D 365 15.51 -60.34 42.33
CA LYS D 365 14.13 -60.80 42.26
C LYS D 365 13.66 -60.76 40.80
N GLY D 366 12.34 -60.83 40.60
CA GLY D 366 11.79 -60.92 39.26
C GLY D 366 11.44 -59.56 38.70
N PHE D 367 10.88 -59.59 37.49
CA PHE D 367 10.45 -58.33 36.86
C PHE D 367 9.30 -57.68 37.63
N VAL D 368 8.36 -58.49 38.14
CA VAL D 368 7.24 -57.94 38.89
C VAL D 368 7.67 -57.26 40.18
N ASN D 369 8.92 -57.45 40.60
CA ASN D 369 9.39 -56.93 41.88
C ASN D 369 10.19 -55.64 41.76
N ILE D 370 10.29 -55.06 40.56
CA ILE D 370 11.16 -53.91 40.31
C ILE D 370 10.61 -52.67 41.02
N ARG D 371 11.50 -51.94 41.74
CA ARG D 371 11.09 -50.72 42.44
C ARG D 371 10.70 -49.62 41.49
N ALA D 372 11.55 -49.35 40.51
CA ALA D 372 11.50 -48.07 39.85
C ALA D 372 10.20 -47.92 39.08
N VAL D 373 9.77 -46.67 38.95
CA VAL D 373 8.57 -46.35 38.18
C VAL D 373 8.80 -46.74 36.72
N PRO D 374 7.75 -47.16 36.01
CA PRO D 374 7.93 -47.70 34.66
C PRO D 374 8.50 -46.71 33.68
N GLU D 375 8.35 -45.42 33.92
CA GLU D 375 8.92 -44.45 33.00
C GLU D 375 10.42 -44.25 33.23
N GLU D 376 10.94 -44.55 34.42
CA GLU D 376 12.38 -44.68 34.58
C GLU D 376 12.87 -45.95 33.90
N VAL D 377 12.17 -47.06 34.12
CA VAL D 377 12.53 -48.32 33.47
C VAL D 377 12.52 -48.16 31.95
N GLU D 378 11.52 -47.46 31.41
CA GLU D 378 11.37 -47.33 29.95
C GLU D 378 12.57 -46.63 29.32
N LEU D 379 13.14 -45.64 29.99
CA LEU D 379 14.33 -44.98 29.43
C LEU D 379 15.47 -45.97 29.22
N ALA D 380 15.72 -46.84 30.21
CA ALA D 380 16.79 -47.83 30.04
C ALA D 380 16.43 -48.87 28.98
N LYS D 381 15.16 -49.27 28.93
CA LYS D 381 14.71 -50.25 27.95
C LYS D 381 14.91 -49.73 26.53
N GLU D 382 14.52 -48.48 26.27
CA GLU D 382 14.56 -48.03 24.89
C GLU D 382 15.99 -47.77 24.43
N GLU D 383 16.93 -47.66 25.36
CA GLU D 383 18.34 -47.49 25.01
C GLU D 383 19.06 -48.83 25.00
N LYS D 384 18.29 -49.94 24.96
CA LYS D 384 18.77 -51.31 24.72
C LYS D 384 19.64 -51.84 25.85
N CYS D 385 19.29 -51.49 27.08
CA CYS D 385 19.90 -52.16 28.22
C CYS D 385 19.34 -53.57 28.34
N GLU D 386 20.18 -54.48 28.79
CA GLU D 386 19.78 -55.86 28.97
C GLU D 386 19.41 -56.08 30.43
N PHE D 387 18.45 -56.97 30.68
CA PHE D 387 17.89 -57.20 32.02
C PHE D 387 18.00 -58.67 32.39
N LEU D 388 18.53 -58.95 33.58
CA LEU D 388 18.73 -60.32 34.07
C LEU D 388 18.13 -60.46 35.46
N PRO D 389 16.99 -61.13 35.61
CA PRO D 389 16.36 -61.28 36.94
C PRO D 389 16.78 -62.56 37.65
N PHE D 390 16.38 -62.64 38.92
CA PHE D 390 16.54 -63.85 39.73
C PHE D 390 18.01 -64.24 39.89
N LEU D 391 18.89 -63.24 39.99
CA LEU D 391 20.32 -63.47 40.16
C LEU D 391 20.85 -62.70 41.35
N SER D 392 21.60 -63.38 42.20
CA SER D 392 22.16 -62.81 43.40
C SER D 392 23.68 -62.94 43.36
N PRO D 393 24.44 -61.86 43.56
CA PRO D 393 25.89 -61.94 43.38
C PRO D 393 26.55 -62.71 44.50
N ARG D 394 27.59 -63.48 44.13
CA ARG D 394 28.42 -64.25 45.04
C ARG D 394 29.89 -63.84 45.06
N LYS D 395 30.43 -63.38 43.94
CA LYS D 395 31.87 -63.21 43.82
C LYS D 395 32.24 -62.42 42.57
N VAL D 396 33.15 -61.45 42.73
CA VAL D 396 33.73 -60.73 41.61
C VAL D 396 35.05 -61.41 41.26
N ILE D 397 35.24 -61.72 39.99
CA ILE D 397 36.46 -62.35 39.50
C ILE D 397 37.42 -61.25 39.06
N VAL D 398 38.63 -61.24 39.62
CA VAL D 398 39.64 -60.23 39.33
C VAL D 398 40.88 -60.92 38.79
N LYS D 399 41.28 -60.56 37.58
CA LYS D 399 42.47 -61.10 36.92
C LYS D 399 43.28 -59.93 36.35
N GLY D 400 44.59 -59.97 36.58
CA GLY D 400 45.45 -58.92 36.06
C GLY D 400 45.18 -57.56 36.64
N GLY D 401 44.65 -57.51 37.85
CA GLY D 401 44.34 -56.24 38.45
C GLY D 401 43.06 -55.58 37.99
N ARG D 402 42.16 -56.30 37.33
CA ARG D 402 40.83 -55.72 37.16
C ARG D 402 39.78 -56.80 36.93
N ILE D 403 38.53 -56.38 37.06
CA ILE D 403 37.40 -57.28 36.98
C ILE D 403 37.27 -57.88 35.57
N VAL D 404 37.03 -59.19 35.51
CA VAL D 404 36.72 -59.85 34.26
C VAL D 404 35.34 -60.51 34.25
N ALA D 405 34.72 -60.76 35.41
CA ALA D 405 33.46 -61.48 35.45
C ALA D 405 32.89 -61.38 36.86
N VAL D 406 31.57 -61.58 36.96
CA VAL D 406 30.89 -61.67 38.24
C VAL D 406 30.11 -62.97 38.29
N GLN D 407 30.24 -63.71 39.38
CA GLN D 407 29.54 -64.98 39.54
C GLN D 407 28.33 -64.80 40.45
N PHE D 408 27.17 -65.29 39.99
CA PHE D 408 25.88 -65.19 40.67
C PHE D 408 25.35 -66.58 40.99
N VAL D 409 24.32 -66.62 41.86
CA VAL D 409 23.48 -67.80 42.06
C VAL D 409 22.02 -67.42 41.81
N ARG D 410 21.25 -68.38 41.31
CA ARG D 410 19.83 -68.11 41.03
C ARG D 410 19.04 -68.06 42.33
N THR D 411 18.02 -67.20 42.34
CA THR D 411 17.12 -67.02 43.47
C THR D 411 15.69 -67.37 43.06
N GLU D 412 14.88 -67.78 44.05
CA GLU D 412 13.49 -68.14 43.78
C GLU D 412 12.71 -68.06 45.10
N GLN D 413 11.40 -67.84 44.99
CA GLN D 413 10.54 -67.57 46.15
C GLN D 413 9.85 -68.86 46.60
N ASP D 414 9.97 -69.21 47.89
CA ASP D 414 9.44 -70.50 48.31
C ASP D 414 7.91 -70.44 48.41
N GLU D 415 7.32 -71.60 48.67
CA GLU D 415 5.88 -71.79 48.44
C GLU D 415 5.04 -70.74 49.16
N THR D 416 5.44 -70.40 50.40
CA THR D 416 4.78 -69.34 51.14
C THR D 416 5.05 -67.99 50.48
N GLY D 417 6.31 -67.53 50.55
CA GLY D 417 6.70 -66.32 49.83
C GLY D 417 8.06 -65.76 50.18
N LYS D 418 8.96 -66.58 50.68
CA LYS D 418 10.30 -66.14 51.04
C LYS D 418 11.31 -66.60 49.99
N TRP D 419 12.45 -65.92 49.96
CA TRP D 419 13.39 -66.00 48.84
C TRP D 419 14.59 -66.85 49.22
N ASN D 420 14.79 -67.95 48.49
CA ASN D 420 15.94 -68.81 48.65
C ASN D 420 17.03 -68.46 47.66
N GLU D 421 18.10 -69.23 47.71
CA GLU D 421 19.22 -69.11 46.79
C GLU D 421 19.72 -70.52 46.49
N ASP D 422 19.91 -70.80 45.21
CA ASP D 422 20.22 -72.15 44.75
C ASP D 422 21.73 -72.19 44.51
N GLU D 423 22.47 -72.80 45.45
CA GLU D 423 23.93 -72.72 45.47
C GLU D 423 24.56 -73.35 44.25
N ASP D 424 23.88 -74.31 43.64
CA ASP D 424 24.42 -75.08 42.53
C ASP D 424 23.92 -74.60 41.17
N GLN D 425 23.16 -73.51 41.13
CA GLN D 425 22.70 -72.90 39.89
C GLN D 425 23.34 -71.52 39.76
N ILE D 426 24.46 -71.46 39.01
CA ILE D 426 25.36 -70.31 38.99
C ILE D 426 25.41 -69.69 37.60
N VAL D 427 25.76 -68.40 37.56
CA VAL D 427 25.96 -67.68 36.31
C VAL D 427 27.32 -66.98 36.37
N HIS D 428 28.15 -67.25 35.36
CA HIS D 428 29.44 -66.60 35.22
C HIS D 428 29.32 -65.54 34.13
N LEU D 429 29.06 -64.30 34.54
CA LEU D 429 28.82 -63.20 33.61
C LEU D 429 30.08 -62.38 33.40
N LYS D 430 30.58 -62.36 32.15
CA LYS D 430 31.72 -61.52 31.78
C LYS D 430 31.37 -60.05 31.99
N ALA D 431 32.36 -59.28 32.44
CA ALA D 431 32.13 -57.86 32.71
C ALA D 431 33.47 -57.17 32.88
N ASP D 432 33.47 -55.87 32.58
CA ASP D 432 34.63 -55.03 32.78
C ASP D 432 34.42 -54.01 33.88
N VAL D 433 33.17 -53.65 34.13
CA VAL D 433 32.80 -52.64 35.12
C VAL D 433 31.61 -53.18 35.90
N VAL D 434 31.62 -52.94 37.22
CA VAL D 434 30.55 -53.36 38.11
C VAL D 434 30.13 -52.13 38.89
N ILE D 435 28.85 -51.76 38.79
CA ILE D 435 28.30 -50.64 39.56
C ILE D 435 27.21 -51.21 40.45
N SER D 436 27.36 -51.02 41.77
CA SER D 436 26.34 -51.48 42.71
C SER D 436 25.40 -50.32 43.03
N ALA D 437 24.10 -50.60 42.97
CA ALA D 437 23.04 -49.62 43.19
C ALA D 437 22.07 -50.15 44.26
N PHE D 438 22.64 -50.49 45.42
CA PHE D 438 21.90 -51.15 46.50
C PHE D 438 21.14 -50.18 47.40
N GLY D 439 21.21 -48.88 47.15
CA GLY D 439 20.60 -47.87 48.00
C GLY D 439 21.65 -47.13 48.80
N SER D 440 21.18 -46.36 49.78
CA SER D 440 22.04 -45.51 50.57
C SER D 440 21.62 -45.56 52.05
N VAL D 441 22.56 -45.20 52.93
CA VAL D 441 22.38 -45.28 54.38
C VAL D 441 23.09 -44.12 55.05
N LEU D 442 22.80 -43.92 56.33
CA LEU D 442 23.62 -43.07 57.19
C LEU D 442 24.42 -43.99 58.10
N ARG D 443 25.72 -43.89 58.03
CA ARG D 443 26.57 -44.86 58.72
C ARG D 443 27.71 -44.24 59.50
N ASP D 444 28.32 -43.16 58.97
CA ASP D 444 29.50 -42.54 59.59
C ASP D 444 29.20 -42.25 61.05
N PRO D 445 29.90 -42.90 61.98
CA PRO D 445 29.63 -42.67 63.41
C PRO D 445 29.93 -41.25 63.87
N LYS D 446 30.80 -40.53 63.16
CA LYS D 446 31.07 -39.15 63.56
C LYS D 446 29.87 -38.25 63.28
N VAL D 447 29.14 -38.55 62.19
CA VAL D 447 27.95 -37.77 61.88
C VAL D 447 26.83 -38.16 62.83
N LYS D 448 26.69 -39.46 63.09
CA LYS D 448 25.68 -39.93 64.01
C LYS D 448 25.89 -39.34 65.40
N GLU D 449 27.14 -39.31 65.88
CA GLU D 449 27.42 -38.81 67.22
C GLU D 449 27.17 -37.31 67.33
N ALA D 450 27.29 -36.57 66.23
CA ALA D 450 26.95 -35.15 66.24
C ALA D 450 25.46 -34.90 66.42
N LEU D 451 24.62 -35.93 66.25
CA LEU D 451 23.18 -35.84 66.50
C LEU D 451 22.79 -36.27 67.91
N SER D 452 23.76 -36.52 68.79
CA SER D 452 23.43 -36.85 70.16
C SER D 452 22.71 -35.68 70.82
N PRO D 453 21.71 -35.93 71.69
CA PRO D 453 21.14 -37.21 72.10
C PRO D 453 19.77 -37.55 71.47
N ILE D 454 19.47 -37.10 70.24
CA ILE D 454 18.18 -37.45 69.61
C ILE D 454 18.09 -38.96 69.48
N LYS D 455 16.87 -39.48 69.43
CA LYS D 455 16.70 -40.92 69.51
C LYS D 455 16.56 -41.45 68.07
N PHE D 456 17.15 -42.63 67.82
CA PHE D 456 17.12 -43.30 66.53
C PHE D 456 16.20 -44.53 66.56
N ASN D 457 15.62 -44.89 65.41
CA ASN D 457 14.67 -45.99 65.36
C ASN D 457 15.32 -47.29 64.88
N ARG D 458 14.49 -48.31 64.64
CA ARG D 458 14.94 -49.60 64.11
C ARG D 458 15.68 -49.46 62.79
N TRP D 459 15.42 -48.40 62.04
CA TRP D 459 16.04 -48.21 60.73
C TRP D 459 17.36 -47.47 60.81
N ASP D 460 17.89 -47.26 62.01
CA ASP D 460 19.12 -46.50 62.23
C ASP D 460 18.97 -45.06 61.72
N LEU D 461 17.79 -44.48 61.91
CA LEU D 461 17.43 -43.15 61.43
C LEU D 461 16.80 -42.35 62.57
N PRO D 462 16.87 -41.02 62.52
CA PRO D 462 16.22 -40.23 63.57
C PRO D 462 14.70 -40.40 63.53
N GLU D 463 14.08 -40.68 64.68
CA GLU D 463 12.62 -40.62 64.62
C GLU D 463 12.11 -39.20 64.77
N VAL D 464 10.98 -38.95 64.11
CA VAL D 464 10.25 -37.71 64.20
C VAL D 464 8.79 -38.07 64.48
N ASP D 465 8.09 -37.16 65.13
CA ASP D 465 6.67 -37.06 64.96
C ASP D 465 6.34 -36.80 63.48
N PRO D 466 5.63 -37.71 62.80
CA PRO D 466 5.40 -37.53 61.35
C PRO D 466 4.46 -36.40 61.01
N GLU D 467 3.76 -35.81 61.98
CA GLU D 467 2.95 -34.62 61.75
C GLU D 467 3.73 -33.32 61.95
N THR D 468 4.62 -33.27 62.93
CA THR D 468 5.36 -32.04 63.20
C THR D 468 6.79 -32.06 62.69
N MET D 469 7.35 -33.23 62.38
CA MET D 469 8.74 -33.43 61.98
C MET D 469 9.74 -33.20 63.14
N GLN D 470 9.25 -33.14 64.38
CA GLN D 470 10.11 -32.89 65.54
C GLN D 470 10.81 -34.16 65.99
N THR D 471 12.11 -34.06 66.28
CA THR D 471 12.83 -35.19 66.87
C THR D 471 12.51 -35.26 68.36
N SER D 472 13.22 -36.13 69.09
CA SER D 472 12.98 -36.22 70.53
C SER D 472 13.50 -34.98 71.26
N GLU D 473 14.43 -34.23 70.67
CA GLU D 473 14.79 -32.91 71.15
C GLU D 473 13.82 -31.89 70.60
N PRO D 474 13.16 -31.09 71.45
CA PRO D 474 12.11 -30.19 70.95
C PRO D 474 12.57 -29.17 69.93
N TRP D 475 13.83 -28.73 70.00
CA TRP D 475 14.32 -27.70 69.10
C TRP D 475 14.93 -28.26 67.82
N VAL D 476 14.92 -29.58 67.62
CA VAL D 476 15.55 -30.19 66.45
C VAL D 476 14.49 -30.89 65.62
N PHE D 477 14.45 -30.57 64.34
CA PHE D 477 13.52 -31.14 63.39
C PHE D 477 14.31 -31.86 62.30
N ALA D 478 13.63 -32.72 61.54
CA ALA D 478 14.33 -33.40 60.46
C ALA D 478 13.33 -33.84 59.40
N GLY D 479 13.84 -34.04 58.19
CA GLY D 479 12.99 -34.41 57.06
C GLY D 479 13.82 -34.75 55.86
N GLY D 480 13.15 -35.27 54.83
CA GLY D 480 13.82 -35.72 53.63
C GLY D 480 14.25 -37.17 53.75
N ASP D 481 15.23 -37.55 52.91
CA ASP D 481 15.72 -38.92 52.92
C ASP D 481 16.19 -39.38 54.31
N ILE D 482 16.74 -38.49 55.13
CA ILE D 482 17.31 -38.89 56.42
C ILE D 482 16.23 -39.49 57.34
N VAL D 483 14.97 -39.14 57.13
CA VAL D 483 13.89 -39.69 57.94
C VAL D 483 13.36 -41.01 57.38
N GLY D 484 13.63 -41.32 56.12
CA GLY D 484 13.33 -42.63 55.57
C GLY D 484 11.92 -42.80 55.08
N MET D 485 11.12 -41.75 55.10
CA MET D 485 9.72 -41.74 54.67
C MET D 485 9.62 -41.28 53.21
N ALA D 486 10.23 -40.14 52.90
CA ALA D 486 10.23 -39.62 51.53
C ALA D 486 11.03 -40.53 50.59
N ASN D 487 10.45 -40.82 49.44
CA ASN D 487 11.12 -41.54 48.35
C ASN D 487 11.43 -40.66 47.16
N THR D 488 11.10 -39.37 47.23
CA THR D 488 11.06 -38.53 46.03
C THR D 488 11.50 -37.14 46.43
N THR D 489 11.84 -36.35 45.40
CA THR D 489 12.18 -34.94 45.60
C THR D 489 11.00 -34.17 46.18
N VAL D 490 9.79 -34.45 45.69
CA VAL D 490 8.62 -33.68 46.10
C VAL D 490 8.25 -34.00 47.55
N GLU D 491 8.36 -35.27 47.95
CA GLU D 491 8.11 -35.60 49.36
C GLU D 491 9.13 -34.95 50.29
N SER D 492 10.40 -34.94 49.89
CA SER D 492 11.41 -34.25 50.69
C SER D 492 11.12 -32.76 50.79
N VAL D 493 10.71 -32.13 49.68
CA VAL D 493 10.25 -30.75 49.73
C VAL D 493 9.10 -30.61 50.72
N ASN D 494 8.19 -31.59 50.71
CA ASN D 494 7.05 -31.55 51.62
C ASN D 494 7.47 -31.73 53.07
N ASP D 495 8.45 -32.60 53.36
CA ASP D 495 8.96 -32.71 54.73
C ASP D 495 9.48 -31.35 55.24
N GLY D 496 10.26 -30.65 54.41
CA GLY D 496 10.75 -29.34 54.82
C GLY D 496 9.63 -28.35 55.09
N LYS D 497 8.62 -28.35 54.20
CA LYS D 497 7.46 -27.46 54.33
C LYS D 497 6.68 -27.75 55.61
N GLN D 498 6.36 -29.02 55.85
CA GLN D 498 5.69 -29.41 57.09
C GLN D 498 6.48 -28.95 58.31
N ALA D 499 7.80 -29.19 58.29
CA ALA D 499 8.64 -28.81 59.42
C ALA D 499 8.60 -27.30 59.66
N SER D 500 8.53 -26.51 58.58
CA SER D 500 8.67 -25.07 58.75
C SER D 500 7.59 -24.51 59.65
N TRP D 501 6.35 -25.00 59.52
CA TRP D 501 5.29 -24.49 60.38
C TRP D 501 5.56 -24.81 61.85
N TYR D 502 5.95 -26.04 62.14
CA TYR D 502 6.12 -26.39 63.56
C TYR D 502 7.44 -25.91 64.13
N ILE D 503 8.45 -25.64 63.29
CA ILE D 503 9.60 -24.87 63.76
C ILE D 503 9.15 -23.48 64.18
N HIS D 504 8.33 -22.85 63.32
CA HIS D 504 7.74 -21.55 63.61
C HIS D 504 6.98 -21.56 64.94
N LYS D 505 6.14 -22.57 65.15
CA LYS D 505 5.36 -22.63 66.38
C LYS D 505 6.28 -22.77 67.59
N TYR D 506 7.33 -23.59 67.46
CA TYR D 506 8.24 -23.81 68.57
C TYR D 506 9.00 -22.53 68.91
N ILE D 507 9.53 -21.84 67.90
CA ILE D 507 10.32 -20.64 68.17
C ILE D 507 9.45 -19.58 68.84
N GLN D 508 8.29 -19.30 68.25
CA GLN D 508 7.42 -18.26 68.82
C GLN D 508 7.08 -18.57 70.27
N ALA D 509 6.78 -19.83 70.58
CA ALA D 509 6.50 -20.19 71.97
C ALA D 509 7.72 -19.95 72.86
N GLN D 510 8.93 -20.22 72.34
CA GLN D 510 10.14 -19.96 73.12
C GLN D 510 10.26 -18.48 73.44
N TYR D 511 9.67 -17.61 72.62
CA TYR D 511 9.67 -16.18 72.85
C TYR D 511 8.41 -15.69 73.56
N GLY D 512 7.55 -16.60 73.99
CA GLY D 512 6.34 -16.21 74.68
C GLY D 512 5.22 -15.74 73.76
N ALA D 513 5.17 -16.22 72.52
CA ALA D 513 4.10 -15.87 71.59
C ALA D 513 3.41 -17.12 71.09
N SER D 514 2.10 -17.01 70.87
CA SER D 514 1.35 -18.13 70.31
C SER D 514 1.19 -17.95 68.82
N VAL D 515 1.00 -19.07 68.14
CA VAL D 515 0.60 -19.04 66.75
C VAL D 515 -0.82 -19.55 66.70
N SER D 516 -1.41 -19.45 65.54
CA SER D 516 -2.82 -19.81 65.45
C SER D 516 -2.96 -21.30 65.13
N ALA D 517 -4.09 -21.89 65.53
CA ALA D 517 -4.14 -23.35 65.51
C ALA D 517 -4.49 -23.89 64.13
N LYS D 518 -4.65 -23.01 63.13
CA LYS D 518 -4.78 -23.34 61.71
C LYS D 518 -3.49 -22.94 61.02
N PRO D 519 -2.74 -23.87 60.47
CA PRO D 519 -1.47 -23.54 59.82
C PRO D 519 -1.66 -22.63 58.62
N GLU D 520 -0.88 -21.52 58.58
CA GLU D 520 -1.03 -20.45 57.58
C GLU D 520 0.31 -20.21 56.88
N LEU D 521 0.72 -21.11 55.93
CA LEU D 521 1.99 -20.76 55.31
C LEU D 521 1.76 -19.77 54.17
N PRO D 522 2.65 -18.79 54.00
CA PRO D 522 2.48 -17.82 52.91
C PRO D 522 2.69 -18.45 51.54
N LEU D 523 2.07 -17.81 50.55
CA LEU D 523 2.25 -18.11 49.14
C LEU D 523 3.57 -17.52 48.65
N PHE D 524 3.84 -17.72 47.36
CA PHE D 524 5.04 -17.23 46.70
C PHE D 524 4.69 -15.92 46.01
N TYR D 525 5.52 -14.88 46.21
CA TYR D 525 5.26 -13.53 45.68
C TYR D 525 6.45 -13.03 44.88
N THR D 526 6.15 -12.19 43.81
CA THR D 526 7.18 -11.48 43.03
C THR D 526 6.79 -10.01 42.87
N PRO D 527 7.61 -9.14 42.25
CA PRO D 527 7.15 -7.76 42.03
C PRO D 527 5.91 -7.65 41.17
N VAL D 528 5.60 -8.69 40.37
CA VAL D 528 4.42 -8.66 39.51
C VAL D 528 3.17 -8.50 40.36
N ASP D 529 3.14 -9.14 41.52
CA ASP D 529 1.93 -9.12 42.33
C ASP D 529 1.62 -7.75 42.87
N LEU D 530 2.55 -6.80 42.80
CA LEU D 530 2.30 -5.46 43.32
C LEU D 530 1.71 -4.52 42.29
N VAL D 531 1.50 -4.98 41.06
CA VAL D 531 1.03 -4.10 39.99
C VAL D 531 -0.44 -3.76 40.17
N ASP D 532 -0.79 -2.49 39.95
CA ASP D 532 -2.12 -1.95 40.19
C ASP D 532 -2.98 -2.16 38.94
N ILE D 533 -4.07 -2.93 39.08
CA ILE D 533 -4.97 -3.16 37.97
C ILE D 533 -6.34 -2.53 38.20
N SER D 534 -6.44 -1.51 39.06
CA SER D 534 -7.69 -0.79 39.25
C SER D 534 -7.94 0.13 38.06
N VAL D 535 -9.21 0.48 37.86
CA VAL D 535 -9.61 1.34 36.74
C VAL D 535 -10.81 2.18 37.17
N GLU D 536 -10.89 3.38 36.65
CA GLU D 536 -12.00 4.31 36.87
C GLU D 536 -12.81 4.45 35.59
N MET D 537 -14.14 4.33 35.71
CA MET D 537 -15.08 4.44 34.59
C MET D 537 -16.32 5.19 35.03
N ALA D 538 -16.64 6.27 34.34
CA ALA D 538 -17.93 6.94 34.53
C ALA D 538 -18.14 7.27 36.01
N GLY D 539 -17.07 7.66 36.69
CA GLY D 539 -17.13 8.04 38.10
C GLY D 539 -17.03 6.91 39.11
N LEU D 540 -16.89 5.66 38.67
CA LEU D 540 -16.86 4.50 39.57
C LEU D 540 -15.44 3.97 39.66
N LYS D 541 -15.03 3.56 40.86
CA LYS D 541 -13.73 2.92 41.09
C LYS D 541 -13.90 1.40 41.08
N PHE D 542 -13.23 0.73 40.15
CA PHE D 542 -13.23 -0.73 40.07
C PHE D 542 -11.89 -1.24 40.57
N ILE D 543 -11.91 -2.16 41.56
CA ILE D 543 -10.63 -2.63 42.09
C ILE D 543 -9.88 -3.49 41.07
N ASN D 544 -10.62 -4.16 40.20
CA ASN D 544 -10.03 -4.77 39.01
C ASN D 544 -11.09 -4.69 37.92
N PRO D 545 -10.71 -4.90 36.66
CA PRO D 545 -11.68 -4.65 35.59
C PRO D 545 -12.55 -5.83 35.23
N PHE D 546 -12.52 -6.92 36.01
CA PHE D 546 -13.25 -8.14 35.65
C PHE D 546 -14.54 -8.24 36.46
N GLY D 547 -15.65 -8.48 35.78
CA GLY D 547 -16.93 -8.62 36.43
C GLY D 547 -17.80 -9.67 35.78
N LEU D 548 -18.81 -10.10 36.53
CA LEU D 548 -19.78 -11.06 36.06
C LEU D 548 -20.85 -10.36 35.23
N ALA D 549 -21.06 -10.85 34.02
CA ALA D 549 -22.15 -10.37 33.18
C ALA D 549 -23.50 -10.71 33.81
N SER D 550 -24.53 -9.99 33.39
CA SER D 550 -25.92 -10.32 33.75
C SER D 550 -26.32 -11.60 33.04
N ALA D 551 -26.32 -12.73 33.75
CA ALA D 551 -26.39 -14.04 33.10
C ALA D 551 -26.53 -15.14 34.16
N ALA D 552 -26.38 -16.40 33.73
CA ALA D 552 -26.61 -17.52 34.64
C ALA D 552 -25.66 -17.50 35.84
N PRO D 553 -24.40 -17.11 35.72
CA PRO D 553 -23.57 -16.99 36.92
C PRO D 553 -24.06 -15.94 37.92
N THR D 554 -25.03 -15.09 37.57
CA THR D 554 -25.63 -14.19 38.55
C THR D 554 -27.11 -14.48 38.75
N THR D 555 -27.47 -15.75 38.59
CA THR D 555 -28.82 -16.23 38.87
C THR D 555 -29.30 -15.85 40.27
N SER D 556 -28.41 -15.92 41.28
CA SER D 556 -28.76 -15.64 42.66
C SER D 556 -27.76 -14.66 43.30
N SER D 557 -28.28 -13.82 44.21
CA SER D 557 -27.42 -12.86 44.90
C SER D 557 -26.37 -13.57 45.76
N SER D 558 -26.69 -14.77 46.25
CA SER D 558 -25.72 -15.56 46.98
C SER D 558 -24.54 -15.95 46.11
N MET D 559 -24.72 -16.13 44.79
CA MET D 559 -23.57 -16.43 43.94
C MET D 559 -22.69 -15.20 43.74
N ILE D 560 -23.30 -14.02 43.53
CA ILE D 560 -22.51 -12.78 43.47
C ILE D 560 -21.65 -12.62 44.72
N ARG D 561 -22.23 -12.91 45.89
CA ARG D 561 -21.48 -12.81 47.15
C ARG D 561 -20.24 -13.68 47.11
N ARG D 562 -20.39 -14.94 46.68
CA ARG D 562 -19.23 -15.82 46.61
C ARG D 562 -18.23 -15.34 45.56
N ALA D 563 -18.72 -14.72 44.48
CA ALA D 563 -17.81 -14.21 43.46
C ALA D 563 -16.99 -13.04 43.98
N PHE D 564 -17.61 -12.12 44.72
CA PHE D 564 -16.84 -11.06 45.36
C PHE D 564 -15.84 -11.64 46.37
N GLU D 565 -16.26 -12.65 47.12
CA GLU D 565 -15.33 -13.29 48.06
C GLU D 565 -14.14 -13.90 47.33
N ALA D 566 -14.35 -14.35 46.08
CA ALA D 566 -13.29 -14.91 45.25
C ALA D 566 -12.36 -13.85 44.65
N GLY D 567 -12.84 -12.62 44.47
CA GLY D 567 -11.99 -11.56 43.96
C GLY D 567 -12.56 -10.73 42.82
N TRP D 568 -13.75 -11.11 42.33
CA TRP D 568 -14.32 -10.41 41.19
C TRP D 568 -14.49 -8.93 41.49
N GLY D 569 -14.12 -8.09 40.51
CA GLY D 569 -14.14 -6.66 40.75
C GLY D 569 -15.54 -6.09 40.82
N PHE D 570 -16.45 -6.59 40.00
CA PHE D 570 -17.81 -6.09 39.95
C PHE D 570 -18.76 -7.18 39.50
N ALA D 571 -20.06 -6.90 39.57
CA ALA D 571 -21.03 -7.90 39.18
C ALA D 571 -22.32 -7.23 38.76
N LEU D 572 -22.97 -7.84 37.77
CA LEU D 572 -24.30 -7.48 37.30
C LEU D 572 -25.31 -8.38 37.97
N THR D 573 -26.46 -7.83 38.38
CA THR D 573 -27.56 -8.73 38.67
C THR D 573 -28.05 -9.35 37.36
N LYS D 574 -28.62 -10.53 37.49
CA LYS D 574 -29.47 -11.04 36.42
C LYS D 574 -30.56 -9.99 36.14
N THR D 575 -30.95 -9.84 34.87
CA THR D 575 -31.93 -8.81 34.53
C THR D 575 -33.25 -9.10 35.22
N PHE D 576 -33.80 -8.11 35.93
CA PHE D 576 -35.09 -8.27 36.60
C PHE D 576 -36.07 -7.18 36.17
N SER D 577 -37.35 -7.40 36.48
CA SER D 577 -38.43 -6.52 36.02
C SER D 577 -39.43 -6.27 37.15
N LEU D 578 -40.40 -5.40 36.86
CA LEU D 578 -41.52 -5.19 37.76
C LEU D 578 -42.38 -6.46 37.83
N ASP D 579 -43.21 -6.53 38.87
CA ASP D 579 -44.01 -7.73 39.15
C ASP D 579 -44.95 -8.08 38.00
N LYS D 580 -45.56 -7.08 37.37
CA LYS D 580 -46.49 -7.37 36.28
C LYS D 580 -45.80 -8.05 35.09
N ASP D 581 -44.48 -7.95 35.00
CA ASP D 581 -43.73 -8.46 33.87
C ASP D 581 -43.09 -9.82 34.16
N ILE D 582 -43.50 -10.49 35.24
CA ILE D 582 -42.87 -11.74 35.65
C ILE D 582 -42.97 -12.82 34.56
N VAL D 583 -41.94 -13.66 34.48
CA VAL D 583 -41.81 -14.71 33.46
C VAL D 583 -41.63 -16.05 34.15
N THR D 584 -41.71 -17.10 33.33
CA THR D 584 -41.43 -18.49 33.73
C THR D 584 -40.54 -19.09 32.65
N ASN D 585 -39.36 -19.57 33.04
CA ASN D 585 -38.45 -20.17 32.07
C ASN D 585 -38.98 -21.54 31.63
N VAL D 586 -38.55 -21.96 30.43
CA VAL D 586 -38.77 -23.32 29.96
C VAL D 586 -37.49 -24.11 30.19
N SER D 587 -37.54 -25.41 29.90
CA SER D 587 -36.36 -26.25 30.01
C SER D 587 -36.50 -27.41 29.04
N PRO D 588 -35.40 -27.86 28.41
CA PRO D 588 -34.00 -27.37 28.43
C PRO D 588 -33.86 -25.95 27.86
N ARG D 589 -32.81 -25.20 28.23
CA ARG D 589 -32.70 -23.84 27.71
C ARG D 589 -31.27 -23.35 27.52
N ILE D 590 -30.27 -24.12 27.96
CA ILE D 590 -28.87 -23.76 27.75
C ILE D 590 -28.15 -24.98 27.22
N VAL D 591 -27.62 -24.88 26.00
CA VAL D 591 -26.98 -26.02 25.36
C VAL D 591 -25.58 -25.63 24.94
N ARG D 592 -24.74 -26.64 24.73
CA ARG D 592 -23.38 -26.39 24.28
C ARG D 592 -23.37 -26.00 22.81
N GLY D 593 -22.32 -25.27 22.43
CA GLY D 593 -22.15 -24.91 21.03
C GLY D 593 -21.60 -26.05 20.18
N THR D 594 -22.00 -26.03 18.91
CA THR D 594 -21.46 -26.94 17.93
C THR D 594 -20.44 -26.24 17.04
N THR D 595 -20.00 -25.06 17.44
CA THR D 595 -19.19 -24.14 16.66
C THR D 595 -17.75 -24.60 16.48
N SER D 596 -17.29 -25.60 17.26
CA SER D 596 -15.94 -26.15 17.08
C SER D 596 -15.95 -27.68 17.05
N GLY D 597 -17.03 -28.30 16.59
CA GLY D 597 -17.07 -29.72 16.39
C GLY D 597 -17.47 -30.49 17.64
N PRO D 598 -17.46 -31.83 17.53
CA PRO D 598 -17.81 -32.70 18.68
C PRO D 598 -16.67 -32.86 19.69
N MET D 599 -16.27 -31.75 20.31
CA MET D 599 -15.40 -31.78 21.47
C MET D 599 -16.20 -31.41 22.70
N TYR D 600 -16.20 -32.30 23.68
CA TYR D 600 -17.02 -32.20 24.89
C TYR D 600 -16.14 -31.90 26.08
N GLY D 601 -16.74 -31.32 27.11
CA GLY D 601 -16.02 -31.02 28.31
C GLY D 601 -15.52 -29.60 28.34
N PRO D 602 -14.29 -29.42 28.80
CA PRO D 602 -13.78 -28.07 29.06
C PRO D 602 -13.73 -27.23 27.79
N GLY D 603 -13.75 -25.92 27.97
CA GLY D 603 -13.51 -25.01 26.86
C GLY D 603 -14.51 -25.11 25.72
N GLN D 604 -15.81 -25.20 26.04
CA GLN D 604 -16.79 -25.07 24.96
C GLN D 604 -16.61 -23.74 24.26
N SER D 605 -16.57 -23.78 22.92
CA SER D 605 -16.38 -22.61 22.08
C SER D 605 -17.60 -21.67 22.06
N SER D 606 -18.78 -22.15 22.48
CA SER D 606 -19.95 -21.29 22.63
C SER D 606 -20.99 -22.03 23.46
N PHE D 607 -22.04 -21.29 23.85
CA PHE D 607 -23.32 -21.84 24.26
C PHE D 607 -24.42 -21.11 23.51
N LEU D 608 -25.61 -21.70 23.54
CA LEU D 608 -26.83 -21.04 23.06
C LEU D 608 -27.86 -21.11 24.19
N ASN D 609 -28.58 -20.01 24.41
CA ASN D 609 -29.60 -19.99 25.45
C ASN D 609 -30.91 -19.38 24.93
N ILE D 610 -32.01 -19.88 25.51
CA ILE D 610 -33.34 -19.32 25.32
C ILE D 610 -33.91 -18.96 26.70
N GLU D 611 -33.03 -18.47 27.58
CA GLU D 611 -33.42 -18.07 28.93
C GLU D 611 -34.09 -16.69 28.87
N LEU D 612 -34.99 -16.42 29.81
CA LEU D 612 -35.61 -15.10 29.88
C LEU D 612 -34.92 -14.24 30.94
N ILE D 613 -35.59 -13.18 31.39
CA ILE D 613 -35.13 -12.40 32.54
C ILE D 613 -35.14 -13.29 33.77
N SER D 614 -34.63 -12.75 34.88
CA SER D 614 -34.66 -13.47 36.15
C SER D 614 -36.10 -13.82 36.53
N GLU D 615 -36.30 -15.01 37.05
CA GLU D 615 -37.58 -15.33 37.66
C GLU D 615 -37.73 -14.79 39.07
N LYS D 616 -36.69 -14.19 39.63
CA LYS D 616 -36.77 -13.64 40.99
C LYS D 616 -37.30 -12.21 40.90
N THR D 617 -38.03 -11.80 41.95
CA THR D 617 -38.77 -10.55 41.92
C THR D 617 -37.84 -9.34 42.08
N ALA D 618 -38.37 -8.16 41.71
CA ALA D 618 -37.63 -6.92 41.95
C ALA D 618 -37.38 -6.70 43.44
N ALA D 619 -38.29 -7.19 44.30
CA ALA D 619 -38.09 -7.10 45.74
C ALA D 619 -36.87 -7.90 46.19
N TYR D 620 -36.75 -9.15 45.71
CA TYR D 620 -35.57 -9.95 46.02
C TYR D 620 -34.29 -9.24 45.59
N TRP D 621 -34.27 -8.71 44.36
CA TRP D 621 -33.03 -8.14 43.84
C TRP D 621 -32.67 -6.84 44.54
N CYS D 622 -33.67 -5.99 44.81
CA CYS D 622 -33.35 -4.73 45.47
C CYS D 622 -32.87 -4.97 46.90
N GLN D 623 -33.52 -5.90 47.61
CA GLN D 623 -33.01 -6.26 48.95
C GLN D 623 -31.60 -6.83 48.84
N SER D 624 -31.35 -7.64 47.80
CA SER D 624 -30.04 -8.23 47.60
C SER D 624 -28.97 -7.17 47.33
N VAL D 625 -29.29 -6.18 46.51
CA VAL D 625 -28.30 -5.14 46.22
C VAL D 625 -27.92 -4.39 47.48
N THR D 626 -28.91 -4.09 48.34
CA THR D 626 -28.61 -3.43 49.60
C THR D 626 -27.67 -4.28 50.46
N GLU D 627 -27.95 -5.58 50.55
CA GLU D 627 -27.12 -6.48 51.34
C GLU D 627 -25.71 -6.54 50.79
N LEU D 628 -25.58 -6.70 49.48
CA LEU D 628 -24.27 -6.85 48.85
C LEU D 628 -23.44 -5.59 49.01
N LYS D 629 -24.08 -4.42 48.89
CA LYS D 629 -23.34 -3.17 49.01
C LYS D 629 -23.00 -2.86 50.45
N ALA D 630 -23.74 -3.41 51.42
CA ALA D 630 -23.40 -3.22 52.83
C ALA D 630 -22.17 -4.04 53.21
N ASP D 631 -22.03 -5.25 52.66
CA ASP D 631 -20.92 -6.13 53.00
C ASP D 631 -19.73 -6.02 52.05
N PHE D 632 -19.90 -5.42 50.87
CA PHE D 632 -18.83 -5.34 49.87
C PHE D 632 -18.80 -3.94 49.27
N PRO D 633 -18.57 -2.91 50.08
CA PRO D 633 -18.65 -1.53 49.56
C PRO D 633 -17.61 -1.22 48.47
N ASP D 634 -16.48 -1.91 48.42
CA ASP D 634 -15.49 -1.65 47.38
C ASP D 634 -15.76 -2.41 46.07
N ASN D 635 -16.72 -3.34 46.05
CA ASN D 635 -17.07 -4.04 44.82
C ASN D 635 -18.27 -3.36 44.18
N ILE D 636 -18.19 -3.11 42.87
CA ILE D 636 -19.24 -2.39 42.17
C ILE D 636 -20.39 -3.36 41.91
N VAL D 637 -21.63 -2.92 42.18
CA VAL D 637 -22.80 -3.71 41.86
C VAL D 637 -23.68 -2.92 40.91
N ILE D 638 -23.98 -3.51 39.76
CA ILE D 638 -24.72 -2.85 38.69
C ILE D 638 -26.03 -3.60 38.52
N ALA D 639 -27.14 -2.89 38.65
CA ALA D 639 -28.46 -3.51 38.53
C ALA D 639 -28.89 -3.53 37.07
N SER D 640 -29.11 -4.71 36.52
CA SER D 640 -29.64 -4.85 35.17
C SER D 640 -31.16 -4.93 35.23
N ILE D 641 -31.83 -4.10 34.42
CA ILE D 641 -33.29 -3.99 34.46
C ILE D 641 -33.88 -3.94 33.04
N MET D 642 -35.13 -4.41 32.93
CA MET D 642 -35.94 -4.42 31.71
C MET D 642 -37.37 -3.97 31.98
N CYS D 643 -37.88 -3.09 31.13
CA CYS D 643 -39.30 -2.78 31.06
C CYS D 643 -39.74 -2.83 29.61
N SER D 644 -41.05 -2.87 29.39
CA SER D 644 -41.55 -2.62 28.05
C SER D 644 -41.36 -1.15 27.69
N TYR D 645 -41.76 -0.78 26.47
CA TYR D 645 -41.54 0.58 25.99
C TYR D 645 -42.56 1.52 26.63
N ASN D 646 -42.34 1.78 27.92
CA ASN D 646 -43.29 2.57 28.73
C ASN D 646 -42.51 3.46 29.68
N LYS D 647 -42.74 4.78 29.58
CA LYS D 647 -41.95 5.75 30.37
C LYS D 647 -42.07 5.50 31.87
N ASN D 648 -43.31 5.52 32.40
CA ASN D 648 -43.52 5.34 33.84
C ASN D 648 -42.88 4.07 34.38
N ASP D 649 -42.92 2.97 33.60
CA ASP D 649 -42.32 1.72 34.05
C ASP D 649 -40.81 1.86 34.22
N TRP D 650 -40.12 2.37 33.18
CA TRP D 650 -38.68 2.53 33.26
C TRP D 650 -38.30 3.49 34.39
N MET D 651 -39.04 4.59 34.57
CA MET D 651 -38.75 5.48 35.67
C MET D 651 -38.95 4.80 37.03
N GLU D 652 -40.06 4.05 37.18
CA GLU D 652 -40.33 3.35 38.44
C GLU D 652 -39.26 2.34 38.76
N LEU D 653 -38.95 1.44 37.83
CA LEU D 653 -38.00 0.37 38.12
C LEU D 653 -36.58 0.91 38.33
N SER D 654 -36.16 1.90 37.55
CA SER D 654 -34.81 2.43 37.74
C SER D 654 -34.69 3.23 39.05
N ARG D 655 -35.76 3.92 39.48
CA ARG D 655 -35.70 4.57 40.80
C ARG D 655 -35.68 3.54 41.92
N LYS D 656 -36.37 2.41 41.74
CA LYS D 656 -36.34 1.34 42.73
C LYS D 656 -34.93 0.77 42.88
N ALA D 657 -34.25 0.52 41.77
CA ALA D 657 -32.91 -0.05 41.86
C ALA D 657 -31.90 0.99 42.38
N GLU D 658 -32.11 2.27 42.09
CA GLU D 658 -31.24 3.30 42.65
C GLU D 658 -31.32 3.31 44.18
N ALA D 659 -32.55 3.28 44.72
CA ALA D 659 -32.75 3.40 46.16
C ALA D 659 -32.18 2.21 46.92
N SER D 660 -32.06 1.06 46.27
CA SER D 660 -31.46 -0.12 46.89
C SER D 660 -29.95 0.02 47.06
N GLY D 661 -29.34 1.04 46.48
CA GLY D 661 -27.92 1.27 46.58
C GLY D 661 -27.08 0.76 45.43
N ALA D 662 -27.69 0.42 44.29
CA ALA D 662 -26.91 0.05 43.12
C ALA D 662 -25.95 1.18 42.73
N ASP D 663 -24.70 0.79 42.38
CA ASP D 663 -23.71 1.79 41.95
C ASP D 663 -24.04 2.35 40.57
N ALA D 664 -24.71 1.55 39.75
CA ALA D 664 -25.06 1.94 38.39
C ALA D 664 -26.16 0.99 37.95
N LEU D 665 -26.78 1.32 36.82
CA LEU D 665 -27.79 0.49 36.19
C LEU D 665 -27.33 0.06 34.80
N GLU D 666 -27.78 -1.10 34.38
CA GLU D 666 -27.62 -1.56 33.00
C GLU D 666 -29.01 -1.79 32.43
N LEU D 667 -29.32 -1.15 31.32
CA LEU D 667 -30.63 -1.24 30.71
C LEU D 667 -30.62 -2.36 29.69
N ASN D 668 -31.38 -3.43 29.95
CA ASN D 668 -31.45 -4.56 29.02
C ASN D 668 -32.47 -4.22 27.94
N LEU D 669 -32.00 -4.03 26.71
CA LEU D 669 -32.81 -3.53 25.60
C LEU D 669 -33.44 -4.64 24.75
N SER D 670 -33.59 -5.83 25.29
CA SER D 670 -34.04 -6.98 24.52
C SER D 670 -35.56 -7.13 24.49
N CYS D 671 -36.30 -6.24 25.13
CA CYS D 671 -37.75 -6.39 25.18
C CYS D 671 -38.35 -6.13 23.80
N PRO D 672 -39.22 -7.01 23.31
CA PRO D 672 -39.86 -6.76 22.02
C PRO D 672 -40.75 -5.53 22.13
N HIS D 673 -40.71 -4.67 21.10
CA HIS D 673 -41.45 -3.42 21.19
C HIS D 673 -42.89 -3.58 20.70
N GLY D 674 -43.18 -4.63 19.94
CA GLY D 674 -44.53 -4.87 19.50
C GLY D 674 -45.05 -3.90 18.46
N MET D 675 -44.19 -3.41 17.57
CA MET D 675 -44.61 -2.39 16.62
C MET D 675 -44.58 -2.87 15.18
N GLY D 676 -44.45 -4.17 14.94
CA GLY D 676 -44.62 -4.76 13.62
C GLY D 676 -43.82 -4.13 12.50
N GLU D 677 -44.45 -3.24 11.74
CA GLU D 677 -43.79 -2.58 10.62
C GLU D 677 -43.12 -1.28 11.00
N ARG D 678 -43.48 -0.69 12.14
CA ARG D 678 -43.08 0.67 12.48
C ARG D 678 -41.78 0.76 13.28
N GLY D 679 -41.30 -0.33 13.84
CA GLY D 679 -40.01 -0.37 14.53
C GLY D 679 -39.07 -1.32 13.79
N MET D 680 -37.81 -0.90 13.66
CA MET D 680 -36.83 -1.78 13.02
C MET D 680 -36.57 -2.98 13.92
N GLY D 681 -36.44 -4.16 13.30
CA GLY D 681 -36.26 -5.37 14.08
C GLY D 681 -37.49 -5.64 14.95
N LEU D 682 -37.27 -6.35 16.06
CA LEU D 682 -38.35 -6.65 16.98
C LEU D 682 -38.11 -6.14 18.40
N ALA D 683 -36.85 -5.99 18.81
CA ALA D 683 -36.55 -5.56 20.18
C ALA D 683 -36.19 -4.08 20.22
N CYS D 684 -36.35 -3.50 21.41
CA CYS D 684 -36.12 -2.07 21.56
C CYS D 684 -34.69 -1.67 21.15
N GLY D 685 -33.71 -2.49 21.48
CA GLY D 685 -32.33 -2.16 21.18
C GLY D 685 -31.97 -2.16 19.70
N GLN D 686 -32.92 -2.44 18.83
CA GLN D 686 -32.66 -2.48 17.40
C GLN D 686 -33.10 -1.21 16.70
N ASP D 687 -33.63 -0.24 17.43
CA ASP D 687 -34.17 0.97 16.85
C ASP D 687 -33.58 2.17 17.60
N PRO D 688 -32.78 3.02 16.93
CA PRO D 688 -32.15 4.16 17.64
C PRO D 688 -33.15 5.04 18.34
N GLU D 689 -34.33 5.25 17.75
CA GLU D 689 -35.29 6.18 18.32
C GLU D 689 -35.85 5.65 19.64
N LEU D 690 -36.02 4.34 19.75
CA LEU D 690 -36.51 3.77 21.00
C LEU D 690 -35.45 3.82 22.08
N VAL D 691 -34.20 3.57 21.70
CA VAL D 691 -33.11 3.59 22.67
C VAL D 691 -32.90 5.00 23.21
N ARG D 692 -32.92 6.00 22.33
CA ARG D 692 -32.75 7.37 22.78
C ARG D 692 -33.83 7.76 23.80
N ASN D 693 -35.07 7.33 23.56
CA ASN D 693 -36.15 7.72 24.46
C ASN D 693 -36.06 6.99 25.80
N ILE D 694 -35.72 5.69 25.79
CA ILE D 694 -35.57 4.94 27.04
C ILE D 694 -34.47 5.57 27.91
N CYS D 695 -33.35 5.96 27.30
CA CYS D 695 -32.26 6.60 28.03
C CYS D 695 -32.67 7.97 28.57
N ARG D 696 -33.55 8.69 27.86
CA ARG D 696 -34.02 9.98 28.35
C ARG D 696 -34.96 9.81 29.55
N TRP D 697 -35.78 8.75 29.54
CA TRP D 697 -36.66 8.48 30.66
C TRP D 697 -35.85 8.13 31.90
N VAL D 698 -34.85 7.25 31.74
CA VAL D 698 -34.04 6.82 32.85
C VAL D 698 -33.18 7.96 33.38
N ARG D 699 -32.59 8.76 32.47
CA ARG D 699 -31.75 9.86 32.91
C ARG D 699 -32.54 10.87 33.73
N GLN D 700 -33.77 11.13 33.29
CA GLN D 700 -34.69 11.96 34.05
C GLN D 700 -34.96 11.41 35.44
N ALA D 701 -34.83 10.09 35.63
CA ALA D 701 -35.34 9.43 36.82
C ALA D 701 -34.30 9.22 37.91
N VAL D 702 -33.03 8.97 37.56
CA VAL D 702 -32.01 8.66 38.54
C VAL D 702 -30.80 9.57 38.37
N GLN D 703 -30.02 9.68 39.45
CA GLN D 703 -28.77 10.42 39.42
C GLN D 703 -27.54 9.54 39.33
N ILE D 704 -27.67 8.22 39.47
CA ILE D 704 -26.49 7.35 39.36
C ILE D 704 -26.18 7.15 37.87
N PRO D 705 -24.99 6.67 37.52
CA PRO D 705 -24.70 6.40 36.11
C PRO D 705 -25.49 5.21 35.62
N PHE D 706 -25.82 5.22 34.33
CA PHE D 706 -26.41 4.04 33.72
C PHE D 706 -25.84 3.81 32.32
N PHE D 707 -25.95 2.56 31.87
CA PHE D 707 -25.35 2.08 30.65
C PHE D 707 -26.40 1.29 29.88
N ALA D 708 -26.46 1.51 28.57
CA ALA D 708 -27.34 0.78 27.68
C ALA D 708 -26.64 -0.46 27.15
N LYS D 709 -27.27 -1.63 27.28
CA LYS D 709 -26.70 -2.86 26.76
C LYS D 709 -27.16 -3.09 25.32
N LEU D 710 -26.21 -3.08 24.39
CA LEU D 710 -26.53 -3.14 22.97
C LEU D 710 -26.62 -4.57 22.47
N THR D 711 -27.60 -4.83 21.58
CA THR D 711 -27.56 -6.09 20.85
C THR D 711 -26.64 -5.94 19.64
N PRO D 712 -25.87 -6.99 19.30
CA PRO D 712 -25.11 -6.99 18.04
C PRO D 712 -25.97 -7.32 16.83
N ASN D 713 -27.23 -7.71 17.05
CA ASN D 713 -28.13 -8.11 15.98
C ASN D 713 -28.75 -6.90 15.27
N VAL D 714 -27.88 -6.02 14.78
CA VAL D 714 -28.33 -4.81 14.08
C VAL D 714 -27.41 -4.52 12.91
N THR D 715 -27.94 -3.76 11.97
CA THR D 715 -27.14 -3.31 10.83
C THR D 715 -26.01 -2.39 11.29
N ASP D 716 -26.30 -1.44 12.19
CA ASP D 716 -25.30 -0.40 12.53
C ASP D 716 -25.34 -0.16 14.04
N ILE D 717 -24.49 -0.87 14.77
CA ILE D 717 -24.49 -0.71 16.21
C ILE D 717 -24.02 0.68 16.64
N VAL D 718 -23.29 1.42 15.80
CA VAL D 718 -22.85 2.75 16.20
C VAL D 718 -24.05 3.68 16.34
N SER D 719 -25.00 3.57 15.40
CA SER D 719 -26.18 4.43 15.47
C SER D 719 -26.93 4.22 16.78
N ILE D 720 -27.00 2.99 17.27
CA ILE D 720 -27.71 2.73 18.51
C ILE D 720 -26.94 3.29 19.70
N ALA D 721 -25.61 3.09 19.71
CA ALA D 721 -24.77 3.64 20.77
C ALA D 721 -24.85 5.15 20.80
N ARG D 722 -24.82 5.79 19.63
CA ARG D 722 -24.96 7.24 19.56
C ARG D 722 -26.30 7.71 20.11
N ALA D 723 -27.37 6.94 19.89
CA ALA D 723 -28.67 7.38 20.37
C ALA D 723 -28.78 7.25 21.89
N ALA D 724 -28.15 6.22 22.46
CA ALA D 724 -28.08 6.11 23.91
C ALA D 724 -27.32 7.28 24.53
N LYS D 725 -26.15 7.61 23.97
CA LYS D 725 -25.40 8.77 24.43
C LYS D 725 -26.23 10.04 24.30
N GLU D 726 -26.89 10.21 23.15
CA GLU D 726 -27.70 11.40 22.94
C GLU D 726 -28.80 11.50 23.97
N GLY D 727 -29.34 10.37 24.43
CA GLY D 727 -30.40 10.33 25.42
C GLY D 727 -29.95 10.44 26.85
N GLY D 728 -28.64 10.48 27.10
CA GLY D 728 -28.13 10.71 28.43
C GLY D 728 -27.48 9.52 29.12
N ALA D 729 -27.20 8.44 28.40
CA ALA D 729 -26.52 7.29 29.00
C ALA D 729 -25.05 7.63 29.28
N ASP D 730 -24.49 7.00 30.32
CA ASP D 730 -23.11 7.26 30.74
C ASP D 730 -22.11 6.29 30.12
N GLY D 731 -22.58 5.32 29.36
CA GLY D 731 -21.74 4.34 28.71
C GLY D 731 -22.64 3.34 28.01
N VAL D 732 -22.02 2.36 27.36
CA VAL D 732 -22.76 1.28 26.73
C VAL D 732 -22.05 -0.03 27.00
N THR D 733 -22.84 -1.10 27.06
CA THR D 733 -22.34 -2.46 27.18
C THR D 733 -22.44 -3.13 25.81
N ALA D 734 -21.31 -3.59 25.30
CA ALA D 734 -21.23 -4.23 24.00
C ALA D 734 -20.49 -5.54 24.16
N THR D 735 -21.16 -6.67 23.88
CA THR D 735 -22.53 -6.70 23.37
C THR D 735 -23.31 -7.83 24.02
N ASN D 736 -24.63 -7.84 23.79
CA ASN D 736 -25.44 -8.99 24.17
C ASN D 736 -25.12 -10.16 23.21
N THR D 737 -25.94 -11.22 23.26
CA THR D 737 -25.68 -12.42 22.48
C THR D 737 -26.17 -12.27 21.03
N VAL D 738 -25.61 -13.11 20.18
CA VAL D 738 -25.91 -13.15 18.75
C VAL D 738 -27.05 -14.15 18.52
N SER D 739 -28.01 -13.74 17.69
CA SER D 739 -29.14 -14.60 17.37
C SER D 739 -28.71 -15.78 16.50
N GLY D 740 -29.06 -16.99 16.93
CA GLY D 740 -28.65 -18.18 16.19
C GLY D 740 -29.52 -19.37 16.51
N LEU D 741 -29.28 -20.44 15.75
CA LEU D 741 -29.83 -21.77 16.01
C LEU D 741 -28.66 -22.74 16.03
N MET D 742 -28.49 -23.49 17.14
CA MET D 742 -27.31 -24.32 17.27
C MET D 742 -27.37 -25.61 16.48
N GLY D 743 -28.51 -25.97 15.94
CA GLY D 743 -28.54 -27.05 15.00
C GLY D 743 -29.55 -28.11 15.37
N LEU D 744 -29.57 -29.15 14.57
CA LEU D 744 -30.62 -30.16 14.55
C LEU D 744 -30.00 -31.53 14.54
N LYS D 745 -30.72 -32.47 15.14
CA LYS D 745 -30.40 -33.88 15.04
C LYS D 745 -30.71 -34.38 13.63
N ALA D 746 -30.19 -35.56 13.29
CA ALA D 746 -30.36 -36.10 11.95
C ALA D 746 -31.82 -36.35 11.60
N ASP D 747 -32.71 -36.52 12.59
CA ASP D 747 -34.13 -36.63 12.31
C ASP D 747 -34.81 -35.26 12.20
N GLY D 748 -34.04 -34.18 12.27
CA GLY D 748 -34.61 -32.87 12.07
C GLY D 748 -35.10 -32.17 13.32
N THR D 749 -35.05 -32.83 14.49
CA THR D 749 -35.46 -32.17 15.70
C THR D 749 -34.37 -31.26 16.28
N PRO D 750 -34.76 -30.18 16.93
CA PRO D 750 -33.79 -29.20 17.42
C PRO D 750 -33.20 -29.56 18.78
N TRP D 751 -32.18 -28.81 19.14
CA TRP D 751 -31.59 -28.86 20.48
C TRP D 751 -31.24 -27.43 20.85
N PRO D 752 -31.89 -26.83 21.86
CA PRO D 752 -32.82 -27.47 22.81
C PRO D 752 -34.18 -27.81 22.19
N ALA D 753 -34.75 -28.92 22.62
CA ALA D 753 -36.09 -29.34 22.24
C ALA D 753 -36.95 -29.28 23.50
N VAL D 754 -38.04 -28.52 23.44
CA VAL D 754 -38.88 -28.23 24.59
C VAL D 754 -40.21 -28.96 24.42
N GLY D 755 -40.60 -29.70 25.45
CA GLY D 755 -41.94 -30.26 25.52
C GLY D 755 -42.18 -31.44 24.60
N ALA D 756 -43.44 -31.88 24.58
CA ALA D 756 -43.81 -33.06 23.81
C ALA D 756 -43.58 -32.86 22.32
N GLY D 757 -43.80 -31.64 21.83
CA GLY D 757 -43.57 -31.28 20.43
C GLY D 757 -42.14 -31.03 20.02
N LYS D 758 -41.18 -31.13 20.95
CA LYS D 758 -39.75 -30.94 20.65
C LYS D 758 -39.51 -29.61 19.94
N ARG D 759 -40.15 -28.57 20.44
CA ARG D 759 -40.14 -27.26 19.82
C ARG D 759 -38.90 -26.47 20.23
N THR D 760 -38.57 -25.45 19.43
CA THR D 760 -37.53 -24.53 19.84
C THR D 760 -37.86 -23.14 19.29
N THR D 761 -37.07 -22.16 19.72
CA THR D 761 -37.08 -20.84 19.13
C THR D 761 -35.64 -20.36 18.99
N TYR D 762 -35.44 -19.29 18.20
CA TYR D 762 -34.10 -18.75 18.03
C TYR D 762 -33.58 -18.30 19.39
N GLY D 763 -32.30 -18.58 19.64
CA GLY D 763 -31.64 -18.24 20.89
C GLY D 763 -30.45 -17.32 20.73
N GLY D 764 -29.74 -17.10 21.82
CA GLY D 764 -28.57 -16.23 21.85
C GLY D 764 -27.29 -17.04 21.98
N VAL D 765 -26.33 -16.74 21.07
CA VAL D 765 -25.02 -17.38 21.04
C VAL D 765 -24.07 -16.52 21.85
N SER D 766 -23.41 -17.14 22.85
CA SER D 766 -22.40 -16.51 23.68
C SER D 766 -21.09 -17.27 23.57
N GLY D 767 -20.02 -16.67 24.11
CA GLY D 767 -18.76 -17.39 24.25
C GLY D 767 -17.71 -16.98 23.22
N THR D 768 -16.66 -17.78 23.10
CA THR D 768 -15.57 -17.34 22.25
C THR D 768 -15.96 -17.33 20.77
N ALA D 769 -17.01 -18.05 20.38
CA ALA D 769 -17.40 -18.02 18.98
C ALA D 769 -17.92 -16.65 18.56
N ILE D 770 -18.39 -15.83 19.51
CA ILE D 770 -18.86 -14.50 19.13
C ILE D 770 -17.83 -13.41 19.41
N ARG D 771 -16.67 -13.74 19.96
CA ARG D 771 -15.67 -12.70 20.23
C ARG D 771 -15.35 -11.81 19.03
N PRO D 772 -15.19 -12.32 17.80
CA PRO D 772 -14.91 -11.39 16.68
C PRO D 772 -16.01 -10.38 16.46
N ILE D 773 -17.27 -10.75 16.76
CA ILE D 773 -18.39 -9.84 16.58
C ILE D 773 -18.36 -8.73 17.62
N ALA D 774 -18.01 -9.08 18.87
CA ALA D 774 -17.96 -8.10 19.95
C ALA D 774 -16.74 -7.19 19.82
N LEU D 775 -15.60 -7.76 19.43
CA LEU D 775 -14.41 -6.93 19.22
C LEU D 775 -14.65 -5.88 18.15
N ARG D 776 -15.33 -6.26 17.08
CA ARG D 776 -15.63 -5.29 16.06
C ARG D 776 -16.54 -4.20 16.59
N ALA D 777 -17.53 -4.59 17.38
CA ALA D 777 -18.50 -3.63 17.90
C ALA D 777 -17.87 -2.70 18.94
N VAL D 778 -16.99 -3.23 19.81
CA VAL D 778 -16.31 -2.35 20.76
C VAL D 778 -15.41 -1.35 20.03
N THR D 779 -14.63 -1.82 19.05
CA THR D 779 -13.70 -0.91 18.36
C THR D 779 -14.45 0.13 17.53
N THR D 780 -15.56 -0.26 16.90
CA THR D 780 -16.27 0.67 16.03
C THR D 780 -16.95 1.77 16.84
N ILE D 781 -17.47 1.41 18.02
CA ILE D 781 -18.02 2.40 18.92
C ILE D 781 -16.92 3.29 19.49
N ALA D 782 -15.79 2.68 19.87
CA ALA D 782 -14.74 3.47 20.49
C ALA D 782 -14.12 4.44 19.48
N ARG D 783 -14.14 4.09 18.20
CA ARG D 783 -13.68 5.02 17.19
C ARG D 783 -14.72 6.10 16.91
N ALA D 784 -16.00 5.73 16.88
CA ALA D 784 -17.04 6.70 16.54
C ALA D 784 -17.33 7.67 17.67
N LEU D 785 -17.23 7.22 18.94
CA LEU D 785 -17.53 8.06 20.10
C LEU D 785 -16.29 8.04 21.00
N PRO D 786 -15.25 8.82 20.67
CA PRO D 786 -14.01 8.74 21.45
C PRO D 786 -14.24 9.17 22.89
N GLY D 787 -13.82 8.31 23.82
CA GLY D 787 -13.96 8.61 25.24
C GLY D 787 -15.24 8.10 25.90
N PHE D 788 -16.25 7.72 25.12
CA PHE D 788 -17.50 7.19 25.67
C PHE D 788 -17.25 5.85 26.35
N PRO D 789 -17.56 5.70 27.64
CA PRO D 789 -17.23 4.44 28.33
C PRO D 789 -17.94 3.24 27.71
N ILE D 790 -17.18 2.16 27.53
CA ILE D 790 -17.68 0.89 26.98
C ILE D 790 -17.37 -0.23 27.98
N LEU D 791 -18.39 -0.97 28.37
CA LEU D 791 -18.24 -2.23 29.08
C LEU D 791 -18.30 -3.35 28.05
N ALA D 792 -17.29 -4.20 28.00
CA ALA D 792 -17.20 -5.22 26.97
C ALA D 792 -17.75 -6.56 27.47
N THR D 793 -18.51 -7.26 26.62
CA THR D 793 -18.78 -8.68 26.90
C THR D 793 -18.85 -9.42 25.58
N GLY D 794 -18.43 -10.67 25.59
CA GLY D 794 -18.50 -11.53 24.43
C GLY D 794 -17.20 -12.27 24.18
N GLY D 795 -17.05 -13.46 24.77
CA GLY D 795 -15.88 -14.27 24.53
C GLY D 795 -14.66 -14.00 25.40
N ILE D 796 -14.80 -13.25 26.49
CA ILE D 796 -13.67 -12.92 27.34
C ILE D 796 -13.42 -14.09 28.29
N ASP D 797 -12.24 -14.71 28.18
CA ASP D 797 -11.98 -15.93 28.95
C ASP D 797 -10.55 -16.00 29.51
N SER D 798 -9.87 -14.87 29.67
CA SER D 798 -8.45 -14.82 29.99
C SER D 798 -8.04 -13.36 30.10
N ALA D 799 -6.95 -13.12 30.82
CA ALA D 799 -6.40 -11.78 30.88
C ALA D 799 -5.97 -11.32 29.49
N GLU D 800 -5.34 -12.21 28.72
CA GLU D 800 -4.93 -11.89 27.35
C GLU D 800 -6.11 -11.38 26.53
N SER D 801 -7.22 -12.12 26.54
CA SER D 801 -8.37 -11.71 25.74
C SER D 801 -9.00 -10.45 26.33
N GLY D 802 -9.05 -10.36 27.67
CA GLY D 802 -9.49 -9.12 28.30
C GLY D 802 -8.69 -7.92 27.84
N LEU D 803 -7.37 -8.05 27.75
CA LEU D 803 -6.52 -6.94 27.30
C LEU D 803 -6.82 -6.55 25.84
N GLN D 804 -7.22 -7.51 25.01
CA GLN D 804 -7.61 -7.17 23.64
C GLN D 804 -8.80 -6.20 23.63
N PHE D 805 -9.79 -6.44 24.50
CA PHE D 805 -10.95 -5.55 24.59
C PHE D 805 -10.58 -4.20 25.20
N LEU D 806 -9.69 -4.19 26.20
CA LEU D 806 -9.20 -2.92 26.74
C LEU D 806 -8.43 -2.13 25.68
N HIS D 807 -7.55 -2.81 24.93
CA HIS D 807 -6.86 -2.16 23.82
C HIS D 807 -7.86 -1.63 22.78
N SER D 808 -9.00 -2.29 22.64
CA SER D 808 -10.05 -1.88 21.70
C SER D 808 -10.91 -0.72 22.19
N GLY D 809 -10.70 -0.21 23.41
CA GLY D 809 -11.43 0.95 23.89
C GLY D 809 -12.37 0.69 25.04
N ALA D 810 -12.54 -0.55 25.47
CA ALA D 810 -13.35 -0.82 26.65
C ALA D 810 -12.57 -0.53 27.93
N SER D 811 -13.29 -0.12 28.97
CA SER D 811 -12.68 0.13 30.27
C SER D 811 -12.83 -1.03 31.24
N VAL D 812 -13.92 -1.81 31.17
CA VAL D 812 -14.13 -2.96 32.05
C VAL D 812 -14.64 -4.12 31.21
N LEU D 813 -14.59 -5.31 31.82
CA LEU D 813 -14.68 -6.58 31.11
C LEU D 813 -15.69 -7.51 31.79
N GLN D 814 -16.82 -7.77 31.15
CA GLN D 814 -17.82 -8.66 31.71
C GLN D 814 -17.62 -10.08 31.15
N VAL D 815 -17.98 -11.08 31.96
CA VAL D 815 -17.71 -12.50 31.67
C VAL D 815 -18.94 -13.33 32.02
N CYS D 816 -19.32 -14.25 31.14
CA CYS D 816 -20.31 -15.27 31.47
C CYS D 816 -19.85 -16.67 31.13
N SER D 817 -19.57 -16.90 29.84
CA SER D 817 -19.41 -18.26 29.34
C SER D 817 -18.15 -18.93 29.89
N ALA D 818 -17.10 -18.14 30.18
CA ALA D 818 -15.89 -18.73 30.76
C ALA D 818 -16.13 -19.23 32.18
N VAL D 819 -17.09 -18.65 32.91
CA VAL D 819 -17.42 -19.19 34.24
C VAL D 819 -18.32 -20.41 34.10
N GLN D 820 -19.26 -20.37 33.13
CA GLN D 820 -20.06 -21.54 32.78
C GLN D 820 -19.17 -22.73 32.43
N ASN D 821 -18.07 -22.48 31.72
CA ASN D 821 -17.12 -23.53 31.37
C ASN D 821 -16.28 -23.96 32.56
N GLN D 822 -16.33 -23.25 33.69
CA GLN D 822 -15.41 -23.49 34.78
C GLN D 822 -16.04 -23.16 36.14
N ASP D 823 -15.59 -22.07 36.78
CA ASP D 823 -16.10 -21.69 38.09
C ASP D 823 -15.57 -20.29 38.42
N PHE D 824 -15.99 -19.76 39.59
CA PHE D 824 -15.68 -18.39 39.94
C PHE D 824 -14.19 -18.14 40.18
N THR D 825 -13.42 -19.17 40.52
CA THR D 825 -12.04 -18.88 40.89
C THR D 825 -11.17 -18.46 39.72
N VAL D 826 -11.66 -18.53 38.48
CA VAL D 826 -10.90 -18.01 37.34
C VAL D 826 -10.51 -16.54 37.51
N ILE D 827 -11.16 -15.81 38.44
CA ILE D 827 -10.77 -14.41 38.65
C ILE D 827 -9.31 -14.30 39.04
N GLN D 828 -8.79 -15.28 39.78
CA GLN D 828 -7.41 -15.15 40.23
C GLN D 828 -6.45 -15.29 39.05
N ASP D 829 -6.81 -16.13 38.09
CA ASP D 829 -6.03 -16.24 36.85
C ASP D 829 -6.07 -14.94 36.05
N TYR D 830 -7.25 -14.35 35.90
CA TYR D 830 -7.34 -13.12 35.11
C TYR D 830 -6.57 -11.99 35.78
N CYS D 831 -6.58 -11.93 37.12
CA CYS D 831 -5.91 -10.83 37.81
C CYS D 831 -4.39 -10.99 37.77
N THR D 832 -3.88 -12.16 38.11
CA THR D 832 -2.43 -12.32 37.98
C THR D 832 -2.00 -12.22 36.53
N GLY D 833 -2.85 -12.68 35.60
CA GLY D 833 -2.50 -12.62 34.18
C GLY D 833 -2.40 -11.19 33.67
N LEU D 834 -3.30 -10.33 34.10
CA LEU D 834 -3.25 -8.93 33.68
C LEU D 834 -2.07 -8.20 34.32
N LYS D 835 -1.81 -8.48 35.61
CA LYS D 835 -0.65 -7.90 36.29
C LYS D 835 0.64 -8.23 35.54
N ALA D 836 0.77 -9.48 35.11
CA ALA D 836 1.99 -9.91 34.45
C ALA D 836 2.11 -9.32 33.06
N LEU D 837 1.00 -9.26 32.31
CA LEU D 837 1.01 -8.61 31.00
C LEU D 837 1.44 -7.15 31.12
N LEU D 838 0.93 -6.43 32.12
CA LEU D 838 1.34 -5.04 32.31
C LEU D 838 2.80 -4.94 32.78
N TYR D 839 3.23 -5.85 33.66
CA TYR D 839 4.61 -5.79 34.14
C TYR D 839 5.61 -5.95 33.00
N LEU D 840 5.38 -6.95 32.14
CA LEU D 840 6.35 -7.26 31.08
C LEU D 840 6.49 -6.13 30.07
N LYS D 841 5.48 -5.28 29.93
CA LYS D 841 5.59 -4.15 29.01
C LYS D 841 6.70 -3.19 29.41
N SER D 842 7.18 -3.27 30.66
CA SER D 842 8.28 -2.43 31.12
C SER D 842 9.64 -3.10 31.01
N ILE D 843 9.72 -4.31 30.47
CA ILE D 843 10.95 -5.09 30.46
C ILE D 843 11.54 -5.07 29.05
N GLU D 844 12.67 -4.37 28.87
CA GLU D 844 13.26 -4.21 27.55
C GLU D 844 13.87 -5.51 27.02
N GLU D 845 14.45 -6.33 27.89
CA GLU D 845 15.03 -7.59 27.44
C GLU D 845 13.98 -8.55 26.87
N LEU D 846 12.70 -8.29 27.09
CA LEU D 846 11.65 -9.20 26.65
C LEU D 846 10.76 -8.57 25.58
N GLN D 847 11.28 -7.58 24.86
CA GLN D 847 10.49 -6.87 23.85
C GLN D 847 9.99 -7.82 22.77
N GLY D 848 10.75 -8.87 22.46
CA GLY D 848 10.45 -9.81 21.39
C GLY D 848 9.41 -10.85 21.71
N TRP D 849 9.00 -10.96 22.97
CA TRP D 849 7.91 -11.86 23.32
C TRP D 849 6.58 -11.25 22.93
N ASP D 850 5.58 -12.09 22.76
CA ASP D 850 4.20 -11.67 22.59
C ASP D 850 3.47 -11.91 23.91
N GLY D 851 3.33 -10.87 24.71
CA GLY D 851 2.78 -11.06 26.03
C GLY D 851 3.69 -11.98 26.83
N GLN D 852 3.13 -13.06 27.33
CA GLN D 852 3.87 -14.01 28.15
C GLN D 852 4.47 -15.15 27.34
N SER D 853 4.33 -15.11 26.00
CA SER D 853 4.86 -16.17 25.14
C SER D 853 6.25 -15.81 24.64
N PRO D 854 7.28 -16.61 24.93
CA PRO D 854 8.59 -16.35 24.32
C PRO D 854 8.54 -16.51 22.81
N GLY D 855 9.47 -15.85 22.13
CA GLY D 855 9.62 -16.09 20.71
C GLY D 855 9.86 -17.57 20.44
N THR D 856 9.17 -18.09 19.44
CA THR D 856 9.30 -19.51 19.10
C THR D 856 10.63 -19.77 18.42
N GLU D 857 11.39 -20.74 18.94
CA GLU D 857 12.63 -21.14 18.30
C GLU D 857 12.53 -22.56 17.76
N SER D 858 13.47 -22.90 16.87
CA SER D 858 13.41 -24.16 16.12
C SER D 858 13.41 -25.35 17.05
N HIS D 859 12.39 -26.20 16.91
CA HIS D 859 12.24 -27.32 17.82
C HIS D 859 11.50 -28.45 17.11
N GLN D 860 11.68 -29.65 17.66
CA GLN D 860 10.85 -30.81 17.40
C GLN D 860 10.39 -31.37 18.73
N LYS D 861 9.08 -31.53 18.92
CA LYS D 861 8.50 -31.93 20.21
C LYS D 861 8.94 -30.99 21.33
N GLY D 862 9.01 -29.69 21.04
CA GLY D 862 9.33 -28.75 22.09
C GLY D 862 10.74 -28.85 22.65
N LYS D 863 11.61 -29.57 21.97
CA LYS D 863 13.02 -29.62 22.29
C LYS D 863 13.80 -28.94 21.18
N PRO D 864 14.64 -27.96 21.51
CA PRO D 864 15.36 -27.21 20.47
C PRO D 864 16.17 -28.10 19.55
N VAL D 865 16.08 -27.83 18.25
CA VAL D 865 16.90 -28.53 17.26
C VAL D 865 18.36 -28.23 17.54
N PRO D 866 19.30 -29.17 17.34
CA PRO D 866 20.72 -28.82 17.54
C PRO D 866 21.21 -27.89 16.44
N ARG D 867 22.05 -26.93 16.83
CA ARG D 867 22.66 -25.99 15.88
C ARG D 867 23.98 -26.61 15.43
N ILE D 868 23.93 -27.29 14.30
CA ILE D 868 25.06 -28.03 13.76
C ILE D 868 25.05 -27.77 12.26
N ALA D 869 26.21 -27.43 11.69
CA ALA D 869 26.25 -27.02 10.29
C ALA D 869 26.04 -28.18 9.34
N GLU D 870 26.39 -29.39 9.77
CA GLU D 870 26.22 -30.57 8.92
C GLU D 870 24.77 -31.07 8.89
N LEU D 871 23.90 -30.60 9.80
CA LEU D 871 22.47 -30.95 9.76
C LEU D 871 21.62 -30.02 8.91
N MET D 872 22.00 -28.75 8.79
CA MET D 872 21.03 -27.73 8.41
C MET D 872 21.22 -27.29 6.96
N GLY D 873 20.09 -26.99 6.31
CA GLY D 873 20.15 -26.80 4.86
C GLY D 873 20.61 -28.04 4.14
N LYS D 874 20.42 -29.22 4.75
CA LYS D 874 20.80 -30.47 4.12
C LYS D 874 19.58 -31.29 3.73
N LYS D 875 18.39 -30.80 4.05
CA LYS D 875 17.13 -31.48 3.79
C LYS D 875 17.19 -32.92 4.34
N LEU D 876 17.23 -32.96 5.67
CA LEU D 876 17.15 -34.22 6.42
C LEU D 876 15.91 -34.14 7.30
N PRO D 877 14.77 -34.64 6.83
CA PRO D 877 13.58 -34.72 7.67
C PRO D 877 13.77 -35.76 8.78
N ASN D 878 12.86 -35.71 9.75
CA ASN D 878 13.03 -36.50 10.98
C ASN D 878 12.37 -37.88 10.89
N PHE D 879 12.70 -38.64 9.85
CA PHE D 879 12.15 -39.98 9.69
C PHE D 879 13.04 -40.79 8.76
N GLY D 880 12.84 -42.11 8.78
CA GLY D 880 13.47 -43.01 7.84
C GLY D 880 14.99 -42.93 7.79
N PRO D 881 15.57 -43.17 6.61
CA PRO D 881 17.03 -43.05 6.47
C PRO D 881 17.57 -41.66 6.79
N TYR D 882 16.74 -40.62 6.61
CA TYR D 882 17.20 -39.28 6.94
C TYR D 882 17.43 -39.12 8.43
N LEU D 883 16.49 -39.63 9.24
CA LEU D 883 16.66 -39.62 10.69
C LEU D 883 17.91 -40.38 11.11
N GLU D 884 18.17 -41.52 10.48
CA GLU D 884 19.35 -42.29 10.80
C GLU D 884 20.62 -41.47 10.55
N GLN D 885 20.65 -40.72 9.44
CA GLN D 885 21.79 -39.86 9.16
C GLN D 885 21.89 -38.73 10.18
N ARG D 886 20.75 -38.18 10.61
CA ARG D 886 20.75 -37.14 11.63
C ARG D 886 21.36 -37.65 12.94
N LYS D 887 21.00 -38.87 13.34
CA LYS D 887 21.54 -39.40 14.58
C LYS D 887 23.04 -39.64 14.46
N LYS D 888 23.51 -40.00 13.26
CA LYS D 888 24.94 -40.18 13.04
C LYS D 888 25.69 -38.85 13.16
N ILE D 889 25.11 -37.79 12.60
CA ILE D 889 25.76 -36.47 12.65
C ILE D 889 25.77 -35.93 14.07
N ILE D 890 24.63 -36.03 14.77
CA ILE D 890 24.56 -35.58 16.16
C ILE D 890 25.59 -36.33 17.00
N ALA D 891 25.67 -37.66 16.84
CA ALA D 891 26.58 -38.46 17.66
C ALA D 891 28.03 -38.09 17.41
N GLU D 892 28.39 -37.91 16.14
CA GLU D 892 29.73 -37.48 15.77
C GLU D 892 30.06 -36.12 16.35
N GLU D 893 29.05 -35.24 16.46
CA GLU D 893 29.26 -33.91 17.04
C GLU D 893 29.50 -33.99 18.54
N LYS D 894 28.71 -34.80 19.27
CA LYS D 894 28.94 -34.98 20.70
C LYS D 894 30.34 -35.49 20.98
N MET D 895 30.89 -36.32 20.09
CA MET D 895 32.27 -36.77 20.23
C MET D 895 33.24 -35.61 20.05
N ARG D 896 32.94 -34.69 19.13
CA ARG D 896 33.76 -33.50 18.97
C ARG D 896 33.73 -32.63 20.21
N LEU D 897 32.54 -32.44 20.79
CA LEU D 897 32.39 -31.60 21.98
C LEU D 897 33.11 -32.19 23.18
N LYS D 898 33.32 -33.51 23.20
CA LYS D 898 34.25 -34.10 24.15
C LYS D 898 35.68 -33.67 23.87
N GLU D 899 36.01 -33.48 22.59
CA GLU D 899 37.37 -33.25 22.12
C GLU D 899 37.60 -31.79 21.71
N GLN D 900 36.91 -30.85 22.34
CA GLN D 900 37.24 -29.44 22.19
C GLN D 900 37.03 -28.77 23.55
N ASN D 901 37.19 -27.44 23.56
CA ASN D 901 37.33 -26.52 24.70
C ASN D 901 36.05 -26.41 25.59
N ALA D 902 34.98 -27.19 25.39
CA ALA D 902 33.72 -26.98 26.10
C ALA D 902 33.94 -26.92 27.61
N ALA D 903 33.70 -25.75 28.20
CA ALA D 903 33.73 -25.53 29.65
C ALA D 903 33.53 -24.06 30.01
N PHE D 904 32.29 -23.64 30.16
CA PHE D 904 32.00 -22.32 30.70
C PHE D 904 30.70 -22.35 31.49
N PRO D 905 30.76 -22.22 32.81
CA PRO D 905 29.52 -22.20 33.60
C PRO D 905 28.64 -21.08 33.16
N PRO D 906 27.32 -21.21 33.32
CA PRO D 906 26.41 -20.19 32.82
C PRO D 906 26.60 -18.86 33.52
N LEU D 907 26.47 -17.79 32.75
CA LEU D 907 26.15 -16.47 33.30
C LEU D 907 25.16 -16.62 34.45
N GLU D 908 25.51 -16.06 35.60
CA GLU D 908 24.60 -16.15 36.74
C GLU D 908 23.49 -15.13 36.59
N ARG D 909 22.35 -15.42 37.22
CA ARG D 909 21.12 -14.68 36.94
C ARG D 909 21.15 -13.31 37.58
N LYS D 910 20.84 -12.27 36.79
CA LYS D 910 20.42 -11.03 37.39
C LYS D 910 19.01 -10.71 36.90
N PRO D 911 18.11 -10.29 37.78
CA PRO D 911 16.73 -10.03 37.33
C PRO D 911 16.69 -8.84 36.39
N PHE D 912 15.74 -8.87 35.45
CA PHE D 912 15.52 -7.69 34.63
C PHE D 912 14.88 -6.59 35.48
N ILE D 913 15.36 -5.37 35.29
CA ILE D 913 14.83 -4.17 35.96
C ILE D 913 13.83 -3.51 35.01
N PRO D 914 12.65 -3.12 35.48
CA PRO D 914 11.76 -2.32 34.62
C PRO D 914 12.43 -1.01 34.23
N LYS D 915 12.40 -0.70 32.93
CA LYS D 915 13.10 0.47 32.42
C LYS D 915 12.18 1.64 32.11
N LYS D 916 10.88 1.49 32.35
CA LYS D 916 9.93 2.59 32.33
C LYS D 916 8.81 2.20 33.27
N PRO D 917 8.03 3.16 33.78
CA PRO D 917 6.95 2.81 34.72
C PRO D 917 5.96 1.81 34.12
N ILE D 918 5.38 1.01 35.00
CA ILE D 918 4.42 -0.01 34.59
C ILE D 918 3.17 0.70 34.08
N PRO D 919 2.62 0.33 32.92
CA PRO D 919 1.36 0.95 32.48
C PRO D 919 0.23 0.61 33.45
N ALA D 920 -0.62 1.59 33.73
CA ALA D 920 -1.89 1.33 34.38
C ALA D 920 -2.94 1.04 33.32
N ILE D 921 -4.13 0.60 33.77
CA ILE D 921 -5.18 0.25 32.83
C ILE D 921 -5.49 1.43 31.93
N LYS D 922 -5.61 2.62 32.53
CA LYS D 922 -5.94 3.81 31.75
C LYS D 922 -4.93 4.07 30.65
N ASP D 923 -3.71 3.56 30.79
CA ASP D 923 -2.65 3.79 29.82
C ASP D 923 -2.75 2.89 28.60
N VAL D 924 -3.52 1.81 28.66
CA VAL D 924 -3.63 0.89 27.52
C VAL D 924 -4.97 1.00 26.81
N ILE D 925 -5.96 1.66 27.40
CA ILE D 925 -7.30 1.71 26.84
C ILE D 925 -7.27 2.39 25.47
N GLY D 926 -7.69 1.66 24.45
CA GLY D 926 -7.86 2.24 23.13
C GLY D 926 -6.61 2.28 22.28
N LYS D 927 -5.47 1.77 22.79
CA LYS D 927 -4.21 1.87 22.05
C LYS D 927 -4.23 1.18 20.70
N ALA D 928 -5.10 0.18 20.51
CA ALA D 928 -5.13 -0.52 19.23
C ALA D 928 -5.91 0.25 18.16
N LEU D 929 -6.62 1.31 18.53
CA LEU D 929 -7.49 1.96 17.55
C LEU D 929 -6.69 2.62 16.44
N GLN D 930 -5.44 3.01 16.71
CA GLN D 930 -4.61 3.63 15.68
C GLN D 930 -4.34 2.70 14.50
N TYR D 931 -4.46 1.38 14.69
CA TYR D 931 -4.17 0.41 13.65
C TYR D 931 -5.39 0.11 12.77
N LEU D 932 -6.57 0.61 13.14
CA LEU D 932 -7.82 0.26 12.49
C LEU D 932 -8.27 1.38 11.60
N GLY D 933 -8.70 1.02 10.40
CA GLY D 933 -9.15 1.99 9.42
C GLY D 933 -9.85 1.30 8.28
N THR D 934 -10.03 2.08 7.20
CA THR D 934 -10.65 1.58 6.00
C THR D 934 -9.70 0.62 5.28
N PHE D 935 -10.25 -0.12 4.32
CA PHE D 935 -9.39 -0.97 3.47
C PHE D 935 -8.46 -0.13 2.60
N GLY D 936 -8.91 1.07 2.21
CA GLY D 936 -8.06 1.92 1.39
C GLY D 936 -6.82 2.40 2.10
N GLU D 937 -6.84 2.44 3.43
CA GLU D 937 -5.65 2.83 4.18
C GLU D 937 -4.66 1.68 4.33
N LEU D 938 -4.93 0.53 3.73
CA LEU D 938 -4.02 -0.60 3.78
C LEU D 938 -3.09 -0.51 2.58
N SER D 939 -1.85 -0.96 2.76
CA SER D 939 -0.85 -0.83 1.71
C SER D 939 -0.91 -2.04 0.78
N ASN D 940 -0.83 -1.80 -0.53
CA ASN D 940 -0.74 -2.93 -1.46
C ASN D 940 0.60 -2.98 -2.19
N ILE D 941 1.56 -2.15 -1.79
CA ILE D 941 2.95 -2.42 -2.15
C ILE D 941 3.62 -3.30 -1.11
N GLU D 942 3.25 -3.16 0.18
CA GLU D 942 3.87 -3.91 1.27
C GLU D 942 3.29 -5.32 1.34
N GLN D 943 3.61 -6.10 0.31
CA GLN D 943 3.17 -7.49 0.19
C GLN D 943 4.13 -8.44 0.91
N VAL D 944 3.62 -9.63 1.25
CA VAL D 944 4.38 -10.63 1.98
C VAL D 944 4.27 -11.98 1.26
N VAL D 945 5.26 -12.84 1.54
CA VAL D 945 5.30 -14.24 1.11
C VAL D 945 5.53 -15.09 2.35
N ALA D 946 5.11 -16.36 2.26
CA ALA D 946 5.34 -17.34 3.32
C ALA D 946 6.69 -18.02 3.16
N VAL D 947 7.32 -18.35 4.28
CA VAL D 947 8.58 -19.09 4.30
C VAL D 947 8.54 -20.11 5.42
N ILE D 948 9.01 -21.32 5.14
CA ILE D 948 8.86 -22.46 6.01
C ILE D 948 10.21 -22.80 6.64
N ASP D 949 10.22 -22.96 7.97
CA ASP D 949 11.39 -23.43 8.71
C ASP D 949 11.38 -24.95 8.64
N GLU D 950 12.25 -25.47 7.77
CA GLU D 950 12.31 -26.91 7.53
C GLU D 950 12.55 -27.71 8.81
N GLU D 951 13.24 -27.13 9.79
CA GLU D 951 13.59 -27.91 10.97
C GLU D 951 12.46 -28.02 11.99
N MET D 952 11.40 -27.20 11.85
CA MET D 952 10.21 -27.28 12.66
C MET D 952 9.09 -28.09 12.02
N CYS D 953 9.21 -28.37 10.72
CA CYS D 953 8.11 -28.96 9.96
C CYS D 953 7.88 -30.41 10.36
N ILE D 954 6.62 -30.82 10.44
CA ILE D 954 6.32 -32.23 10.72
C ILE D 954 5.72 -32.94 9.50
N ASN D 955 5.92 -32.36 8.31
CA ASN D 955 5.83 -33.08 7.04
C ASN D 955 4.40 -33.46 6.66
N CYS D 956 3.41 -32.72 7.17
CA CYS D 956 2.02 -33.13 6.96
C CYS D 956 1.49 -32.76 5.58
N GLY D 957 2.05 -31.74 4.93
CA GLY D 957 1.55 -31.30 3.65
C GLY D 957 0.26 -30.50 3.70
N LYS D 958 -0.20 -30.05 4.89
CA LYS D 958 -1.43 -29.25 4.93
C LYS D 958 -1.26 -27.92 4.24
N CYS D 959 -0.08 -27.31 4.36
CA CYS D 959 0.20 -26.08 3.63
C CYS D 959 0.06 -26.31 2.13
N TYR D 960 0.62 -27.41 1.63
CA TYR D 960 0.53 -27.80 0.22
C TYR D 960 -0.93 -27.97 -0.23
N MET D 961 -1.71 -28.75 0.53
CA MET D 961 -3.12 -29.00 0.20
C MET D 961 -3.95 -27.71 0.22
N THR D 962 -3.68 -26.81 1.16
CA THR D 962 -4.43 -25.57 1.24
C THR D 962 -4.08 -24.65 0.08
N CYS D 963 -2.79 -24.46 -0.20
CA CYS D 963 -2.43 -23.65 -1.36
C CYS D 963 -2.94 -24.28 -2.66
N ASN D 964 -3.00 -25.61 -2.73
CA ASN D 964 -3.42 -26.29 -3.96
C ASN D 964 -4.92 -26.12 -4.23
N ASP D 965 -5.76 -26.34 -3.22
CA ASP D 965 -7.19 -26.33 -3.44
C ASP D 965 -7.86 -25.09 -2.88
N SER D 966 -7.09 -24.15 -2.31
CA SER D 966 -7.67 -22.90 -1.82
C SER D 966 -6.75 -21.73 -2.12
N GLY D 967 -5.76 -21.89 -2.98
CA GLY D 967 -4.85 -20.81 -3.22
C GLY D 967 -4.24 -20.78 -4.59
N TYR D 968 -2.91 -20.88 -4.66
CA TYR D 968 -2.23 -20.46 -5.87
C TYR D 968 -1.23 -21.48 -6.38
N GLN D 969 -1.27 -22.70 -5.86
CA GLN D 969 -0.42 -23.79 -6.33
C GLN D 969 1.06 -23.38 -6.27
N ALA D 970 1.44 -22.76 -5.15
CA ALA D 970 2.72 -22.08 -5.03
C ALA D 970 3.76 -22.86 -4.23
N ILE D 971 3.43 -24.04 -3.71
CA ILE D 971 4.32 -24.81 -2.84
C ILE D 971 4.75 -26.10 -3.55
N GLN D 972 6.04 -26.41 -3.51
CA GLN D 972 6.54 -27.71 -3.93
C GLN D 972 6.62 -28.59 -2.70
N PHE D 973 6.13 -29.83 -2.81
CA PHE D 973 6.13 -30.79 -1.69
C PHE D 973 6.95 -32.00 -2.13
N ASP D 974 8.16 -32.14 -1.60
CA ASP D 974 9.08 -33.14 -2.13
C ASP D 974 8.53 -34.55 -1.91
N PRO D 975 8.55 -35.41 -2.94
CA PRO D 975 8.02 -36.77 -2.76
C PRO D 975 8.86 -37.69 -1.87
N GLU D 976 10.14 -37.39 -1.62
CA GLU D 976 11.01 -38.26 -0.82
C GLU D 976 11.08 -37.83 0.63
N THR D 977 11.27 -36.53 0.87
CA THR D 977 11.45 -35.97 2.21
C THR D 977 10.16 -35.43 2.82
N HIS D 978 9.11 -35.22 2.00
CA HIS D 978 7.88 -34.58 2.45
C HIS D 978 8.15 -33.23 3.10
N LEU D 979 9.05 -32.45 2.50
CA LEU D 979 9.30 -31.08 2.91
C LEU D 979 8.70 -30.11 1.92
N PRO D 980 7.96 -29.10 2.38
CA PRO D 980 7.44 -28.07 1.48
C PRO D 980 8.44 -26.93 1.29
N THR D 981 8.36 -26.30 0.12
CA THR D 981 9.08 -25.06 -0.18
C THR D 981 8.14 -24.09 -0.89
N VAL D 982 8.00 -22.88 -0.35
CA VAL D 982 7.20 -21.84 -0.99
C VAL D 982 7.98 -21.24 -2.17
N THR D 983 7.34 -21.18 -3.33
CA THR D 983 7.98 -20.64 -4.52
C THR D 983 7.61 -19.16 -4.70
N ASP D 984 8.10 -18.57 -5.78
CA ASP D 984 7.88 -17.14 -5.99
C ASP D 984 6.45 -16.81 -6.47
N THR D 985 5.64 -17.80 -6.86
CA THR D 985 4.24 -17.52 -7.17
C THR D 985 3.36 -17.23 -5.95
N CYS D 986 3.90 -17.33 -4.73
CA CYS D 986 3.12 -17.02 -3.54
C CYS D 986 2.55 -15.60 -3.59
N THR D 987 1.28 -15.46 -3.20
CA THR D 987 0.66 -14.13 -3.14
C THR D 987 0.55 -13.61 -1.72
N GLY D 988 0.97 -14.37 -0.71
CA GLY D 988 0.88 -13.93 0.67
C GLY D 988 -0.49 -14.04 1.30
N CYS D 989 -1.42 -14.75 0.65
CA CYS D 989 -2.79 -14.85 1.15
C CYS D 989 -2.80 -15.23 2.64
N THR D 990 -1.85 -16.09 3.06
CA THR D 990 -1.56 -16.49 4.44
C THR D 990 -2.41 -17.69 4.90
N LEU D 991 -3.05 -18.40 3.96
CA LEU D 991 -3.80 -19.60 4.36
C LEU D 991 -2.89 -20.72 4.86
N CYS D 992 -1.72 -20.90 4.24
CA CYS D 992 -0.86 -22.00 4.65
C CYS D 992 -0.43 -21.84 6.11
N LEU D 993 0.03 -20.65 6.50
CA LEU D 993 0.37 -20.41 7.90
C LEU D 993 -0.83 -20.71 8.80
N SER D 994 -2.03 -20.35 8.35
CA SER D 994 -3.24 -20.44 9.14
C SER D 994 -3.67 -21.88 9.40
N VAL D 995 -3.20 -22.85 8.60
CA VAL D 995 -3.57 -24.24 8.80
C VAL D 995 -2.43 -25.11 9.31
N CYS D 996 -1.22 -24.58 9.37
CA CYS D 996 -0.07 -25.38 9.78
C CYS D 996 -0.17 -25.78 11.26
N PRO D 997 0.09 -27.04 11.62
CA PRO D 997 -0.09 -27.45 13.03
C PRO D 997 0.98 -26.93 13.95
N ILE D 998 2.12 -26.47 13.43
CA ILE D 998 3.26 -26.07 14.26
C ILE D 998 3.30 -24.56 14.30
N ILE D 999 3.07 -24.00 15.50
CA ILE D 999 3.12 -22.56 15.73
C ILE D 999 4.44 -21.98 15.27
N ASP D 1000 4.38 -21.02 14.34
CA ASP D 1000 5.53 -20.26 13.85
C ASP D 1000 6.49 -21.10 13.03
N CYS D 1001 6.03 -22.22 12.49
CA CYS D 1001 6.85 -22.93 11.52
C CYS D 1001 6.88 -22.16 10.20
N ILE D 1002 5.72 -21.64 9.79
CA ILE D 1002 5.59 -20.73 8.66
C ILE D 1002 5.49 -19.31 9.19
N ARG D 1003 6.22 -18.39 8.55
CA ARG D 1003 6.19 -16.98 8.89
C ARG D 1003 6.00 -16.14 7.64
N MET D 1004 5.26 -15.04 7.75
CA MET D 1004 5.09 -14.13 6.62
C MET D 1004 6.20 -13.08 6.66
N VAL D 1005 6.94 -12.95 5.55
CA VAL D 1005 8.05 -12.02 5.46
C VAL D 1005 7.84 -11.14 4.23
N SER D 1006 8.50 -9.98 4.24
CA SER D 1006 8.36 -9.07 3.13
C SER D 1006 8.80 -9.71 1.82
N ARG D 1007 8.02 -9.47 0.76
CA ARG D 1007 8.47 -9.78 -0.60
C ARG D 1007 9.81 -9.12 -0.89
N THR D 1008 10.65 -9.82 -1.65
CA THR D 1008 11.88 -9.23 -2.16
C THR D 1008 11.87 -9.10 -3.68
N THR D 1009 10.85 -9.61 -4.35
CA THR D 1009 10.67 -9.50 -5.79
C THR D 1009 9.40 -8.71 -6.09
N PRO D 1010 9.17 -8.31 -7.35
CA PRO D 1010 7.98 -7.48 -7.64
C PRO D 1010 6.68 -8.24 -7.43
N TYR D 1011 5.64 -7.52 -6.97
CA TYR D 1011 4.30 -8.08 -6.88
C TYR D 1011 3.57 -7.88 -8.21
N GLU D 1012 3.29 -8.97 -8.91
CA GLU D 1012 2.46 -8.94 -10.11
C GLU D 1012 1.11 -9.56 -9.81
N PRO D 1013 0.02 -8.80 -9.83
CA PRO D 1013 -1.30 -9.39 -9.56
C PRO D 1013 -1.67 -10.37 -10.67
N LYS D 1014 -2.29 -11.47 -10.28
CA LYS D 1014 -2.63 -12.54 -11.19
C LYS D 1014 -4.00 -12.22 -11.82
N ARG D 1015 -4.00 -11.88 -13.11
CA ARG D 1015 -5.23 -11.38 -13.72
C ARG D 1015 -5.83 -12.31 -14.77
N GLY D 1016 -5.25 -13.48 -15.00
CA GLY D 1016 -5.92 -14.51 -15.77
C GLY D 1016 -5.88 -14.36 -17.28
N LEU D 1017 -6.34 -13.21 -17.79
CA LEU D 1017 -6.15 -12.71 -19.13
C LEU D 1017 -5.80 -11.24 -18.99
N PRO D 1018 -5.01 -10.68 -19.91
CA PRO D 1018 -4.65 -9.26 -19.80
C PRO D 1018 -5.88 -8.36 -19.86
N LEU D 1019 -5.85 -7.29 -19.07
CA LEU D 1019 -6.85 -6.23 -19.20
C LEU D 1019 -6.83 -5.65 -20.62
#